data_7JW0
#
_entry.id   7JW0
#
loop_
_entity.id
_entity.type
_entity.pdbx_description
1 polymer 'Spike glycoprotein'
2 polymer 'S304 Fab light chain'
3 polymer 'S304 Fab heavy chain'
4 branched 2-acetamido-2-deoxy-beta-D-glucopyranose-(1-4)-2-acetamido-2-deoxy-beta-D-glucopyranose
5 branched beta-D-mannopyranose-(1-4)-2-acetamido-2-deoxy-beta-D-glucopyranose-(1-4)-2-acetamido-2-deoxy-beta-D-glucopyranose
6 non-polymer 2-acetamido-2-deoxy-beta-D-glucopyranose
#
loop_
_entity_poly.entity_id
_entity_poly.type
_entity_poly.pdbx_seq_one_letter_code
_entity_poly.pdbx_strand_id
1 'polypeptide(L)'
;MGILPSPGMPALLSLVSLLSVLLMGCVAETGTQCVNLTTRTQLPPAYTNSFTRGVYYPDKVFRSSVLHSTQDLFLPFFSN
VTWFHAIHVSGTNGTKRFDNPVLPFNDGVYFASTEKSNIIRGWIFGTTLDSKTQSLLIVNNATNVVIKVCEFQFCNDPFL
GVYYHKNNKSWMESEFRVYSSANNCTFEYVSQPFLMDLEGKQGNFKNLREFVFKNIDGYFKIYSKHTPINLVRDLPQGFS
ALEPLVDLPIGINITRFQTLLALHRSYLTPGDSSSGWTAGAAAYYVGYLQPRTFLLKYNENGTITDAVDCALDPLSETKC
TLKSFTVEKGIYQTSNFRVQPTESIVRFPNITNLCPFGEVFNATRFASVYAWNRKRISNCVADYSVLYNSASFSTFKCYG
VSPTKLNDLCFTNVYADSFVIRGDEVRQIAPGQTGKIADYNYKLPDDFTGCVIAWNSNNLDSKVGGNYNYLYRLFRKSNL
KPFERDISTEIYQAGSTPCNGVEGFNCYFPLQSYGFQPTNGVGYQPYRVVVLSFELLHAPATVCGPKKSTNLVKNKCVNF
NFNGLTGTGVLTESNKKFLPFQQFGRDIADTTDAVRDPQTLEILDITPCSFGGVSVITPGTNTSNQVAVLYQDVNCTEVP
VAIHADQLTPTWRVYSTGSNVFQTRAGCLIGAEHVNNSYECDIPIGAGICASYQTQTNSPSGAGSVASQSIIAYTMSLGA
ENSVAYSNNSIAIPTNFTISVTTEILPVSMTKTSVDCTMYICGDSTECSNLLLQYGSFCTQLNRALTGIAVEQDKNTQEV
FAQVKQIYKTPPIKDFGGFNFSQILPDPSKPSKRSFIEDLLFNKVTLADAGFIKQYGDCLGDIAARDLICAQKFNGLTVL
PPLLTDEMIAQYTSALLAGTITSGWTFGAGAALQIPFAMQMAYRFNGIGVTQNVLYENQKLIANQFNSAIGKIQDSLSST
ASALGKLQDVVNQNAQALNTLVKQLSSNFGAISSVLNDILSRLDPPEAEVQIDRLITGRLQSLQTYVTQQLIRAAEIRAS
ANLAATKMSECVLGQSKRVDFCGKGYHLMSFPQSAPHGVVFLHVTYVPAQEKNFTTAPAICHDGKAHFPREGVFVSNGTH
WFVTQRNFYEPQIITTDNTFVSGNCDVVIGIVNNTVYDPLQPELDSFKEELDKYFKNHTSPDVDLGDISGINASVVNIQK
EIDRLNEVAKNLNESLIDLQELGKYEQYIKGSGRENLYFQGGGGSGYIPEAPRDGQAYVRKDGEWVLLSTFLGHHHHHHH
H
;
A,B,E
2 'polypeptide(L)'
;DIEMTQSPSSLSAAVGDRVTITCRASQSIGSYLNWYQQKPGKAPKLLIYAASSLQSGVPSRFSGSGSGTDFTLTISSLQP
EDFAIYYCQQSYVSPTYTFGPGTKVDIKRTVAAPSVFIFPPSDEQLKSGTASVVCLLNNFYPREAKVQWKVDNALQSGNS
QESVTEQDSKDSTYSLSSTLTLSKADYEKHKVYACEVTHQGLSSPVTKSFNRGEC
;
L,C,F
3 'polypeptide(L)'
;VQLVESGGGLVQPGGSLRLSCAASGFTFSSYDMHWVRQTTGKGLEWVSTIGTAGDTYYPDSVKGRFTISREDAKNSLYLQ
MNSLRAGDTAVYYCARGDSSGYYYYFDYWGQGTLLTVSSASTKGPSVFPLAPSSKSTSGGTAALGCLVKDYFPEPVTVSW
NSGALTSGVHTFPAVLQSSGLYSLSSVVTVPSSSLGTQTYICNVNHKPSNTKVDKKVEPKSC
;
H,D,G
#
loop_
_chem_comp.id
_chem_comp.type
_chem_comp.name
_chem_comp.formula
BMA D-saccharide, beta linking beta-D-mannopyranose 'C6 H12 O6'
NAG D-saccharide, beta linking 2-acetamido-2-deoxy-beta-D-glucopyranose 'C8 H15 N O6'
#
# COMPACT_ATOMS: atom_id res chain seq x y z
N CYS A 34 -41.20 31.73 43.53
CA CYS A 34 -40.83 32.51 42.37
C CYS A 34 -41.75 33.71 42.19
N VAL A 35 -41.20 34.81 41.70
CA VAL A 35 -41.94 36.04 41.50
C VAL A 35 -41.82 36.54 40.05
N ASN A 36 -42.97 36.83 39.42
CA ASN A 36 -43.06 37.38 38.06
C ASN A 36 -43.08 38.91 38.11
N LEU A 37 -42.00 39.57 37.65
CA LEU A 37 -41.89 41.04 37.65
C LEU A 37 -42.54 41.63 36.40
N THR A 38 -43.49 42.53 36.59
CA THR A 38 -44.23 43.09 35.47
C THR A 38 -43.91 44.55 35.16
N THR A 39 -43.28 45.26 36.09
CA THR A 39 -43.03 46.69 35.91
C THR A 39 -41.79 46.95 35.06
N ARG A 40 -41.87 46.56 33.78
CA ARG A 40 -40.73 46.70 32.87
C ARG A 40 -41.14 47.30 31.53
N THR A 41 -40.37 48.29 31.09
CA THR A 41 -40.59 48.96 29.81
C THR A 41 -40.19 48.01 28.68
N GLN A 42 -41.02 47.92 27.65
CA GLN A 42 -40.76 47.02 26.54
C GLN A 42 -40.13 47.72 25.34
N LEU A 43 -38.83 47.51 25.17
CA LEU A 43 -38.04 48.13 24.11
C LEU A 43 -37.35 47.06 23.27
N PRO A 44 -37.05 47.33 22.00
CA PRO A 44 -36.28 46.48 21.10
C PRO A 44 -34.83 46.42 21.57
N PRO A 45 -34.08 45.38 21.19
CA PRO A 45 -32.67 45.18 21.50
C PRO A 45 -31.79 46.18 20.76
N ALA A 46 -30.67 46.53 21.37
CA ALA A 46 -29.68 47.39 20.75
C ALA A 46 -28.50 46.53 20.36
N TYR A 47 -27.67 47.01 19.44
CA TYR A 47 -26.48 46.25 19.06
C TYR A 47 -25.25 47.13 19.12
N THR A 48 -24.11 46.55 19.47
CA THR A 48 -22.87 47.33 19.47
C THR A 48 -21.72 46.60 18.79
N ASN A 49 -20.62 47.31 18.65
CA ASN A 49 -19.40 46.85 17.99
C ASN A 49 -18.48 46.10 18.96
N SER A 50 -18.23 44.82 18.69
CA SER A 50 -17.39 43.99 19.56
C SER A 50 -15.89 44.28 19.39
N PHE A 51 -15.54 44.98 18.33
CA PHE A 51 -14.17 45.31 17.99
C PHE A 51 -13.27 44.07 17.95
N THR A 52 -12.28 44.00 18.83
CA THR A 52 -11.34 42.88 18.83
C THR A 52 -11.46 42.04 20.09
N ARG A 53 -12.58 42.19 20.79
CA ARG A 53 -12.84 41.43 22.01
C ARG A 53 -13.23 39.99 21.68
N GLY A 54 -13.06 39.09 22.64
CA GLY A 54 -13.45 37.70 22.44
C GLY A 54 -12.25 36.80 22.18
N VAL A 55 -11.06 37.36 22.42
CA VAL A 55 -9.79 36.67 22.33
C VAL A 55 -9.45 36.06 23.67
N TYR A 56 -8.94 34.85 23.66
CA TYR A 56 -8.55 34.16 24.87
C TYR A 56 -7.44 33.17 24.55
N TYR A 57 -6.76 32.69 25.59
CA TYR A 57 -5.72 31.69 25.40
C TYR A 57 -6.40 30.35 25.12
N PRO A 58 -6.23 29.76 23.91
CA PRO A 58 -6.92 28.56 23.46
C PRO A 58 -6.51 27.33 24.26
N ASP A 59 -5.35 27.41 24.91
CA ASP A 59 -4.83 26.31 25.68
C ASP A 59 -4.02 26.82 26.88
N LYS A 60 -3.22 25.93 27.46
CA LYS A 60 -2.43 26.24 28.63
C LYS A 60 -0.95 26.17 28.30
N VAL A 61 -0.61 26.52 27.05
CA VAL A 61 0.76 26.44 26.58
C VAL A 61 1.44 27.80 26.50
N PHE A 62 2.63 27.89 27.09
CA PHE A 62 3.42 29.09 27.07
C PHE A 62 4.12 29.27 25.73
N ARG A 63 3.97 30.46 25.18
CA ARG A 63 4.61 30.84 23.94
C ARG A 63 5.12 32.24 24.17
N SER A 64 6.23 32.61 23.55
CA SER A 64 6.72 33.98 23.72
C SER A 64 7.45 34.48 22.49
N SER A 65 7.44 35.79 22.32
CA SER A 65 8.13 36.45 21.21
C SER A 65 7.80 35.76 19.89
N VAL A 66 6.52 35.48 19.68
CA VAL A 66 6.09 34.72 18.51
C VAL A 66 4.69 35.08 18.05
N LEU A 67 4.49 35.03 16.75
CA LEU A 67 3.16 35.16 16.20
C LEU A 67 2.66 33.76 15.85
N HIS A 68 1.62 33.31 16.54
CA HIS A 68 1.12 31.96 16.36
C HIS A 68 -0.24 31.90 15.68
N SER A 69 -0.37 31.02 14.70
CA SER A 69 -1.65 30.84 14.01
C SER A 69 -2.42 29.66 14.57
N THR A 70 -3.64 29.92 15.02
CA THR A 70 -4.49 28.89 15.60
C THR A 70 -5.92 28.97 15.09
N GLN A 71 -6.72 27.95 15.37
CA GLN A 71 -8.13 27.96 15.03
C GLN A 71 -8.95 27.33 16.13
N ASP A 72 -9.93 28.08 16.61
CA ASP A 72 -10.81 27.69 17.71
C ASP A 72 -12.04 28.57 17.64
N LEU A 73 -12.96 28.38 18.55
CA LEU A 73 -14.14 29.23 18.58
C LEU A 73 -13.83 30.57 19.25
N PHE A 74 -13.87 31.64 18.48
CA PHE A 74 -13.58 32.98 18.99
C PHE A 74 -14.65 33.94 18.49
N LEU A 75 -14.82 35.06 19.16
CA LEU A 75 -15.78 36.04 18.67
C LEU A 75 -15.19 36.70 17.41
N PRO A 76 -15.88 36.71 16.25
CA PRO A 76 -15.42 37.30 15.01
C PRO A 76 -15.15 38.78 15.24
N PHE A 77 -14.10 39.31 14.64
CA PHE A 77 -13.79 40.72 14.89
C PHE A 77 -14.81 41.64 14.24
N PHE A 78 -15.13 42.70 14.96
CA PHE A 78 -16.07 43.75 14.57
C PHE A 78 -17.49 43.23 14.33
N SER A 79 -17.81 42.10 14.94
CA SER A 79 -19.14 41.52 14.87
C SER A 79 -20.15 42.30 15.72
N ASN A 80 -21.45 42.05 15.46
CA ASN A 80 -22.56 42.59 16.25
C ASN A 80 -22.81 41.73 17.49
N VAL A 81 -22.93 42.38 18.65
CA VAL A 81 -23.30 41.71 19.91
C VAL A 81 -24.55 42.39 20.42
N THR A 82 -25.47 41.60 20.97
CA THR A 82 -26.73 42.16 21.41
C THR A 82 -26.58 42.79 22.78
N TRP A 83 -27.04 44.02 22.87
CA TRP A 83 -26.96 44.85 24.06
C TRP A 83 -28.27 44.84 24.83
N PHE A 84 -28.19 44.29 26.04
CA PHE A 84 -29.33 44.11 26.92
C PHE A 84 -29.27 45.09 28.09
N HIS A 85 -30.46 45.56 28.53
CA HIS A 85 -30.61 46.46 29.67
C HIS A 85 -32.06 46.39 30.17
N ASN A 100 -32.27 39.92 30.38
CA ASN A 100 -33.50 39.44 31.03
C ASN A 100 -34.06 38.10 30.42
N PRO A 101 -34.16 37.90 29.07
CA PRO A 101 -34.66 36.68 28.41
C PRO A 101 -33.62 35.56 28.39
N VAL A 102 -34.09 34.34 28.09
CA VAL A 102 -33.18 33.21 27.85
C VAL A 102 -32.60 33.32 26.45
N LEU A 103 -31.29 33.18 26.35
CA LEU A 103 -30.61 33.32 25.07
C LEU A 103 -30.04 31.98 24.61
N PRO A 104 -29.89 31.76 23.29
CA PRO A 104 -29.22 30.60 22.70
C PRO A 104 -27.77 30.52 23.16
N PHE A 105 -27.25 29.31 23.26
CA PHE A 105 -25.84 29.10 23.58
C PHE A 105 -25.07 28.83 22.30
N ASN A 106 -25.68 28.02 21.44
CA ASN A 106 -25.11 27.57 20.16
C ASN A 106 -23.76 26.87 20.32
N ASP A 107 -22.72 27.38 19.65
CA ASP A 107 -21.39 26.75 19.67
C ASP A 107 -20.58 27.16 20.88
N GLY A 108 -20.85 28.36 21.38
CA GLY A 108 -20.17 28.93 22.52
C GLY A 108 -20.57 30.38 22.65
N VAL A 109 -20.40 30.93 23.85
CA VAL A 109 -20.88 32.28 24.13
C VAL A 109 -19.83 33.25 24.65
N TYR A 110 -19.85 34.44 24.04
CA TYR A 110 -19.05 35.55 24.55
C TYR A 110 -19.95 36.44 25.37
N PHE A 111 -19.59 36.63 26.63
CA PHE A 111 -20.42 37.43 27.52
C PHE A 111 -19.62 38.56 28.15
N ALA A 112 -20.18 39.75 28.19
CA ALA A 112 -19.49 40.85 28.86
C ALA A 112 -20.48 41.77 29.53
N SER A 113 -20.09 42.38 30.64
CA SER A 113 -20.96 43.35 31.31
C SER A 113 -20.20 44.49 31.96
N THR A 114 -20.89 45.62 32.13
CA THR A 114 -20.33 46.80 32.77
C THR A 114 -21.21 47.24 33.92
N GLU A 115 -20.71 47.17 35.15
CA GLU A 115 -21.56 47.46 36.30
C GLU A 115 -20.95 48.34 37.37
N LYS A 116 -21.82 49.06 38.07
CA LYS A 116 -21.44 49.83 39.25
C LYS A 116 -21.89 49.15 40.53
N SER A 117 -23.02 48.44 40.45
CA SER A 117 -23.65 47.85 41.64
C SER A 117 -23.68 46.32 41.65
N ASN A 118 -22.91 45.68 40.78
CA ASN A 118 -22.84 44.21 40.74
C ASN A 118 -24.21 43.54 40.62
N ILE A 119 -25.00 43.99 39.65
CA ILE A 119 -26.36 43.46 39.42
C ILE A 119 -26.37 42.00 38.99
N ILE A 120 -25.48 41.64 38.06
CA ILE A 120 -25.42 40.28 37.56
C ILE A 120 -24.65 39.40 38.53
N ARG A 121 -25.30 38.33 38.95
CA ARG A 121 -24.73 37.44 39.95
C ARG A 121 -24.37 36.08 39.37
N GLY A 122 -25.02 35.68 38.29
CA GLY A 122 -24.73 34.34 37.80
C GLY A 122 -25.41 33.96 36.51
N TRP A 123 -25.26 32.69 36.15
CA TRP A 123 -25.81 32.14 34.93
C TRP A 123 -26.39 30.74 35.12
N ILE A 124 -27.37 30.40 34.29
CA ILE A 124 -27.87 29.03 34.20
C ILE A 124 -27.56 28.46 32.82
N PHE A 125 -26.86 27.34 32.74
CA PHE A 125 -26.56 26.74 31.45
C PHE A 125 -27.20 25.36 31.30
N GLY A 126 -27.98 25.15 30.24
CA GLY A 126 -28.65 23.86 30.06
C GLY A 126 -29.53 23.79 28.81
N THR A 127 -30.43 22.80 28.78
CA THR A 127 -31.37 22.60 27.68
C THR A 127 -32.71 23.20 28.07
N THR A 128 -33.46 22.47 28.88
CA THR A 128 -34.68 22.97 29.44
C THR A 128 -34.34 23.51 30.82
N LEU A 129 -34.31 24.83 30.94
CA LEU A 129 -33.91 25.47 32.19
C LEU A 129 -35.15 25.54 33.07
N ASP A 130 -35.65 24.36 33.42
CA ASP A 130 -36.86 24.16 34.17
C ASP A 130 -36.96 22.70 34.62
N SER A 131 -36.32 22.40 35.76
CA SER A 131 -36.26 21.05 36.30
C SER A 131 -35.91 20.02 35.23
N LYS A 132 -36.51 18.84 35.33
CA LYS A 132 -36.39 17.74 34.36
C LYS A 132 -35.00 17.12 34.24
N THR A 133 -34.02 17.90 33.80
CA THR A 133 -32.67 17.35 33.60
C THR A 133 -31.58 18.25 34.16
N GLN A 134 -30.34 17.79 34.00
CA GLN A 134 -29.17 18.45 34.57
C GLN A 134 -28.99 19.86 34.06
N SER A 135 -28.64 20.77 34.96
CA SER A 135 -28.46 22.18 34.60
C SER A 135 -27.39 22.79 35.48
N LEU A 136 -26.54 23.60 34.87
CA LEU A 136 -25.42 24.20 35.60
C LEU A 136 -25.73 25.58 36.13
N LEU A 137 -25.80 25.71 37.45
CA LEU A 137 -26.12 26.98 38.09
C LEU A 137 -24.89 27.57 38.79
N ILE A 138 -24.43 28.71 38.30
CA ILE A 138 -23.25 29.37 38.87
C ILE A 138 -23.63 30.72 39.46
N VAL A 139 -23.62 30.82 40.79
CA VAL A 139 -24.03 32.08 41.43
C VAL A 139 -23.03 32.67 42.42
N ASN A 140 -22.72 33.94 42.20
CA ASN A 140 -21.86 34.73 43.07
C ASN A 140 -22.74 35.52 44.07
N ASN A 141 -22.67 35.20 45.38
CA ASN A 141 -23.51 35.82 46.39
C ASN A 141 -22.73 36.04 47.70
N ALA A 142 -22.88 37.25 48.29
CA ALA A 142 -22.25 37.67 49.55
C ALA A 142 -20.73 37.54 49.51
N THR A 143 -20.18 36.55 50.21
CA THR A 143 -18.74 36.38 50.31
C THR A 143 -18.16 35.21 49.52
N ASN A 144 -18.99 34.48 48.76
CA ASN A 144 -18.45 33.35 48.00
C ASN A 144 -19.23 33.03 46.72
N VAL A 145 -18.75 32.02 46.00
CA VAL A 145 -19.40 31.58 44.77
C VAL A 145 -19.78 30.11 44.89
N VAL A 146 -21.04 29.81 44.58
CA VAL A 146 -21.53 28.46 44.70
C VAL A 146 -22.00 27.88 43.36
N ILE A 147 -21.46 26.71 43.02
CA ILE A 147 -21.83 26.02 41.79
C ILE A 147 -22.53 24.70 42.09
N LYS A 148 -23.74 24.54 41.53
CA LYS A 148 -24.51 23.31 41.71
C LYS A 148 -25.07 22.82 40.39
N VAL A 149 -25.23 21.50 40.26
CA VAL A 149 -25.83 20.96 39.02
C VAL A 149 -27.21 20.28 39.15
N CYS A 150 -27.86 20.37 40.34
CA CYS A 150 -29.15 19.74 40.61
C CYS A 150 -30.21 20.21 39.63
N GLU A 151 -31.13 19.34 39.28
CA GLU A 151 -32.26 19.81 38.55
C GLU A 151 -32.96 20.76 39.49
N PHE A 152 -33.27 21.96 39.02
CA PHE A 152 -33.96 22.92 39.85
C PHE A 152 -35.21 23.42 39.17
N GLN A 153 -36.23 23.71 39.95
CA GLN A 153 -37.42 24.31 39.38
C GLN A 153 -37.19 25.79 39.22
N PHE A 154 -36.56 26.14 38.12
CA PHE A 154 -36.16 27.50 37.87
C PHE A 154 -37.38 28.39 37.69
N CYS A 155 -37.23 29.66 38.07
CA CYS A 155 -38.23 30.70 37.94
C CYS A 155 -38.27 31.19 36.49
N ASN A 156 -39.44 31.65 36.04
CA ASN A 156 -39.59 32.14 34.68
C ASN A 156 -39.12 33.59 34.57
N ASP A 157 -38.74 34.13 35.71
CA ASP A 157 -38.19 35.46 35.86
C ASP A 157 -37.28 35.45 37.08
N PRO A 158 -36.12 34.77 36.99
CA PRO A 158 -35.20 34.52 38.08
C PRO A 158 -34.44 35.77 38.47
N PHE A 159 -33.99 35.83 39.74
CA PHE A 159 -33.17 36.92 40.29
C PHE A 159 -32.87 36.62 41.77
N MET A 172 -27.70 45.63 51.58
CA MET A 172 -27.51 44.25 51.98
C MET A 172 -28.36 43.32 51.09
N GLU A 173 -27.97 42.03 51.04
CA GLU A 173 -28.70 41.00 50.27
C GLU A 173 -29.88 40.47 51.08
N SER A 174 -30.92 40.04 50.39
CA SER A 174 -32.09 39.49 51.05
C SER A 174 -32.73 38.38 50.24
N GLU A 175 -33.42 38.77 49.17
CA GLU A 175 -34.14 37.82 48.34
C GLU A 175 -33.23 36.99 47.44
N PHE A 176 -33.60 35.73 47.28
CA PHE A 176 -32.98 34.82 46.33
C PHE A 176 -34.10 34.07 45.65
N ARG A 177 -34.28 34.30 44.36
CA ARG A 177 -35.41 33.72 43.65
C ARG A 177 -34.99 33.24 42.28
N VAL A 178 -34.15 32.23 42.26
CA VAL A 178 -33.66 31.67 41.00
C VAL A 178 -34.48 30.43 40.68
N TYR A 179 -34.77 29.66 41.72
CA TYR A 179 -35.49 28.40 41.62
C TYR A 179 -36.20 28.08 42.93
N SER A 180 -37.14 27.14 42.88
CA SER A 180 -37.79 26.64 44.08
C SER A 180 -37.29 25.24 44.49
N SER A 181 -37.86 24.19 43.91
CA SER A 181 -37.51 22.82 44.26
C SER A 181 -36.17 22.34 43.70
N ALA A 182 -35.67 21.23 44.25
CA ALA A 182 -34.47 20.57 43.77
C ALA A 182 -34.53 19.08 44.09
N ASN A 183 -33.90 18.26 43.24
CA ASN A 183 -33.84 16.82 43.49
C ASN A 183 -32.45 16.31 43.91
N ASN A 184 -31.53 16.02 42.96
CA ASN A 184 -30.20 15.51 43.30
C ASN A 184 -29.09 16.07 42.39
N CYS A 185 -27.94 16.43 43.02
CA CYS A 185 -26.73 16.93 42.38
C CYS A 185 -25.70 15.83 42.25
N THR A 186 -24.90 15.91 41.20
CA THR A 186 -23.76 15.03 40.99
C THR A 186 -22.47 15.82 41.14
N PHE A 187 -22.62 17.13 41.24
CA PHE A 187 -21.50 18.06 41.32
C PHE A 187 -21.86 19.25 42.21
N GLU A 188 -20.91 19.63 43.06
CA GLU A 188 -21.05 20.81 43.90
C GLU A 188 -19.68 21.39 44.21
N TYR A 189 -19.57 22.70 44.11
CA TYR A 189 -18.33 23.41 44.43
C TYR A 189 -18.57 24.77 45.07
N VAL A 190 -17.80 25.07 46.11
CA VAL A 190 -17.87 26.39 46.72
C VAL A 190 -16.48 27.05 46.82
N LYS A 206 -18.53 50.84 36.67
CA LYS A 206 -17.27 50.92 35.93
C LYS A 206 -16.40 49.65 36.06
N ASN A 207 -17.02 48.51 36.38
CA ASN A 207 -16.37 47.19 36.42
C ASN A 207 -16.69 46.40 35.17
N LEU A 208 -15.69 46.15 34.34
CA LEU A 208 -15.90 45.38 33.12
C LEU A 208 -15.49 43.95 33.31
N ARG A 209 -16.46 43.06 33.16
CA ARG A 209 -16.20 41.65 33.34
C ARG A 209 -16.48 40.93 32.04
N GLU A 210 -15.50 40.15 31.60
CA GLU A 210 -15.63 39.40 30.36
C GLU A 210 -15.49 37.91 30.61
N PHE A 211 -16.33 37.13 29.96
CA PHE A 211 -16.30 35.68 30.08
C PHE A 211 -16.45 34.97 28.73
N VAL A 212 -15.81 33.83 28.61
CA VAL A 212 -16.08 32.93 27.49
C VAL A 212 -16.53 31.59 28.02
N PHE A 213 -17.71 31.19 27.57
CA PHE A 213 -18.31 29.94 28.00
C PHE A 213 -18.39 28.95 26.85
N LYS A 214 -17.68 27.84 26.96
CA LYS A 214 -17.71 26.82 25.91
C LYS A 214 -17.74 25.42 26.51
N ASN A 215 -18.32 24.47 25.79
CA ASN A 215 -18.38 23.09 26.28
C ASN A 215 -17.76 22.11 25.29
N ILE A 216 -16.57 21.62 25.62
CA ILE A 216 -15.84 20.73 24.74
C ILE A 216 -15.68 19.34 25.34
N ASP A 217 -16.23 18.34 24.67
CA ASP A 217 -16.13 16.95 25.11
C ASP A 217 -16.57 16.73 26.55
N GLY A 218 -17.64 17.42 26.97
CA GLY A 218 -18.18 17.26 28.32
C GLY A 218 -17.62 18.24 29.34
N TYR A 219 -16.57 18.98 28.96
CA TYR A 219 -15.95 19.92 29.88
C TYR A 219 -16.44 21.33 29.64
N PHE A 220 -16.98 21.96 30.68
CA PHE A 220 -17.41 23.33 30.56
C PHE A 220 -16.26 24.20 31.00
N LYS A 221 -15.72 24.96 30.05
CA LYS A 221 -14.54 25.77 30.30
C LYS A 221 -14.90 27.22 30.47
N ILE A 222 -14.47 27.80 31.58
CA ILE A 222 -14.75 29.19 31.87
C ILE A 222 -13.48 30.03 31.81
N TYR A 223 -13.46 30.97 30.88
CA TYR A 223 -12.34 31.90 30.73
C TYR A 223 -12.81 33.25 31.23
N SER A 224 -11.93 34.03 31.84
CA SER A 224 -12.37 35.33 32.31
C SER A 224 -11.29 36.40 32.39
N LYS A 225 -11.77 37.65 32.43
CA LYS A 225 -10.95 38.85 32.63
C LYS A 225 -11.77 39.92 33.38
N HIS A 226 -11.16 40.59 34.35
CA HIS A 226 -11.82 41.69 35.07
C HIS A 226 -10.94 42.92 35.15
N THR A 227 -11.38 44.00 34.53
CA THR A 227 -10.64 45.27 34.52
C THR A 227 -11.57 46.44 34.85
N PRO A 228 -11.06 47.53 35.41
CA PRO A 228 -11.75 48.80 35.57
C PRO A 228 -11.84 49.50 34.23
N ILE A 229 -12.91 50.26 34.03
CA ILE A 229 -13.08 51.07 32.84
C ILE A 229 -13.52 52.49 33.19
N ASN A 230 -13.40 53.41 32.23
CA ASN A 230 -13.90 54.76 32.43
C ASN A 230 -15.16 55.04 31.60
N LEU A 231 -15.86 53.99 31.21
CA LEU A 231 -17.08 54.14 30.42
C LEU A 231 -18.32 53.72 31.19
N VAL A 232 -19.35 54.55 31.10
CA VAL A 232 -20.63 54.26 31.72
C VAL A 232 -21.79 54.30 30.72
N ARG A 233 -21.47 54.16 29.43
CA ARG A 233 -22.49 54.22 28.39
C ARG A 233 -22.48 53.04 27.40
N ASP A 234 -21.30 52.51 27.07
CA ASP A 234 -21.20 51.47 26.05
C ASP A 234 -19.97 50.59 26.30
N LEU A 235 -19.78 49.58 25.45
CA LEU A 235 -18.66 48.65 25.53
C LEU A 235 -17.37 49.36 25.03
N PRO A 236 -16.31 49.47 25.85
CA PRO A 236 -15.05 50.13 25.52
C PRO A 236 -14.32 49.46 24.36
N GLN A 237 -13.57 50.27 23.62
CA GLN A 237 -12.71 49.77 22.55
C GLN A 237 -11.29 49.59 23.05
N GLY A 238 -10.69 48.44 22.76
CA GLY A 238 -9.32 48.17 23.16
C GLY A 238 -9.01 46.69 23.02
N PHE A 239 -7.78 46.29 23.31
CA PHE A 239 -7.41 44.89 23.18
C PHE A 239 -7.17 44.23 24.52
N SER A 240 -7.69 43.02 24.66
CA SER A 240 -7.46 42.20 25.83
C SER A 240 -7.62 40.73 25.48
N ALA A 241 -7.16 39.85 26.35
CA ALA A 241 -7.37 38.42 26.16
C ALA A 241 -7.72 37.78 27.50
N LEU A 242 -8.62 36.81 27.46
CA LEU A 242 -9.07 36.12 28.65
C LEU A 242 -8.30 34.85 28.89
N GLU A 243 -8.19 34.44 30.16
CA GLU A 243 -7.46 33.23 30.49
C GLU A 243 -8.38 32.23 31.19
N PRO A 244 -8.13 30.92 31.07
CA PRO A 244 -8.91 29.88 31.70
C PRO A 244 -8.80 30.02 33.19
N LEU A 245 -9.94 29.96 33.87
CA LEU A 245 -9.95 30.03 35.32
C LEU A 245 -10.56 28.78 35.94
N VAL A 246 -11.70 28.36 35.41
CA VAL A 246 -12.41 27.22 36.01
C VAL A 246 -12.70 26.11 35.01
N ASP A 247 -12.28 24.91 35.36
CA ASP A 247 -12.56 23.72 34.56
C ASP A 247 -13.64 22.88 35.25
N LEU A 248 -14.82 22.75 34.62
CA LEU A 248 -15.89 21.99 35.24
C LEU A 248 -16.22 20.69 34.46
N PRO A 249 -15.67 19.53 34.87
CA PRO A 249 -15.79 18.23 34.22
C PRO A 249 -17.12 17.58 34.56
N ILE A 250 -18.19 18.19 34.06
CA ILE A 250 -19.56 17.72 34.26
C ILE A 250 -20.27 17.78 32.91
N GLY A 251 -20.54 16.62 32.34
CA GLY A 251 -21.17 16.53 31.03
C GLY A 251 -22.57 17.09 30.87
N ILE A 252 -22.78 18.36 31.21
CA ILE A 252 -24.13 18.94 31.01
C ILE A 252 -24.34 19.46 29.59
N ASN A 253 -25.50 19.10 28.99
CA ASN A 253 -25.92 19.55 27.66
C ASN A 253 -26.44 21.00 27.73
N ILE A 254 -25.72 21.92 27.06
CA ILE A 254 -26.06 23.34 27.08
C ILE A 254 -26.46 23.81 25.68
N THR A 255 -27.70 24.24 25.53
CA THR A 255 -28.19 24.74 24.25
C THR A 255 -28.65 26.18 24.40
N ARG A 256 -28.97 26.55 25.65
CA ARG A 256 -29.46 27.88 26.02
C ARG A 256 -28.89 28.30 27.37
N PHE A 257 -28.90 29.60 27.64
CA PHE A 257 -28.50 30.06 28.97
C PHE A 257 -29.30 31.27 29.44
N GLN A 258 -29.37 31.44 30.75
CA GLN A 258 -30.05 32.57 31.39
C GLN A 258 -29.10 33.41 32.21
N THR A 259 -29.11 34.72 31.99
CA THR A 259 -28.30 35.64 32.77
C THR A 259 -29.11 36.03 34.03
N LEU A 260 -28.51 35.88 35.20
CA LEU A 260 -29.18 36.16 36.47
C LEU A 260 -28.75 37.50 37.04
N LEU A 261 -29.70 38.44 37.16
CA LEU A 261 -29.49 39.82 37.60
C LEU A 261 -29.79 39.96 39.09
N ALA A 283 -26.85 45.89 32.35
CA ALA A 283 -26.12 46.32 31.16
C ALA A 283 -25.07 45.27 30.76
N TYR A 284 -25.40 44.44 29.76
CA TYR A 284 -24.51 43.36 29.28
C TYR A 284 -24.66 43.09 27.79
N TYR A 285 -23.65 42.43 27.24
CA TYR A 285 -23.59 42.14 25.82
C TYR A 285 -23.41 40.64 25.58
N VAL A 286 -24.11 40.11 24.57
CA VAL A 286 -23.94 38.71 24.20
C VAL A 286 -23.62 38.51 22.73
N GLY A 287 -22.52 37.81 22.47
CA GLY A 287 -22.10 37.48 21.13
C GLY A 287 -21.94 35.97 20.97
N TYR A 288 -21.63 35.53 19.77
CA TYR A 288 -21.45 34.11 19.52
C TYR A 288 -20.14 33.83 18.83
N LEU A 289 -19.54 32.71 19.20
CA LEU A 289 -18.24 32.33 18.70
C LEU A 289 -18.34 31.56 17.39
N GLN A 290 -17.30 31.68 16.56
CA GLN A 290 -17.20 30.96 15.30
C GLN A 290 -15.82 30.32 15.14
N PRO A 291 -15.71 29.19 14.42
CA PRO A 291 -14.47 28.47 14.15
C PRO A 291 -13.66 29.14 13.06
N ARG A 292 -13.20 30.34 13.36
CA ARG A 292 -12.43 31.16 12.43
C ARG A 292 -10.94 31.07 12.80
N THR A 293 -10.08 31.23 11.80
CA THR A 293 -8.64 31.23 12.03
C THR A 293 -8.16 32.60 12.50
N PHE A 294 -7.32 32.60 13.54
CA PHE A 294 -6.76 33.82 14.11
C PHE A 294 -5.27 33.76 14.35
N LEU A 295 -4.64 34.92 14.33
CA LEU A 295 -3.25 35.00 14.75
C LEU A 295 -3.21 35.62 16.13
N LEU A 296 -2.38 35.06 17.00
CA LEU A 296 -2.19 35.59 18.34
C LEU A 296 -0.75 36.04 18.52
N LYS A 297 -0.56 37.32 18.84
CA LYS A 297 0.79 37.85 19.01
C LYS A 297 1.20 37.82 20.47
N TYR A 298 2.24 37.03 20.76
CA TYR A 298 2.75 36.86 22.12
C TYR A 298 4.02 37.68 22.34
N ASN A 299 4.05 38.43 23.45
CA ASN A 299 5.22 39.25 23.79
C ASN A 299 6.26 38.40 24.53
N GLU A 300 7.30 39.06 25.04
CA GLU A 300 8.41 38.36 25.70
C GLU A 300 8.00 37.51 26.93
N ASN A 301 6.96 37.94 27.67
CA ASN A 301 6.45 37.24 28.86
C ASN A 301 5.30 36.27 28.52
N GLY A 302 5.00 36.08 27.22
CA GLY A 302 3.97 35.17 26.73
C GLY A 302 2.54 35.67 26.86
N THR A 303 2.37 36.97 26.98
CA THR A 303 1.04 37.54 27.08
C THR A 303 0.57 37.90 25.68
N ILE A 304 -0.70 37.62 25.38
CA ILE A 304 -1.21 37.99 24.07
C ILE A 304 -1.43 39.50 24.11
N THR A 305 -0.79 40.20 23.18
CA THR A 305 -0.89 41.66 23.16
C THR A 305 -1.68 42.15 21.96
N ASP A 306 -1.81 41.31 20.95
CA ASP A 306 -2.63 41.69 19.80
C ASP A 306 -3.14 40.45 19.06
N ALA A 307 -3.97 40.64 18.04
CA ALA A 307 -4.51 39.52 17.28
C ALA A 307 -5.05 39.93 15.91
N VAL A 308 -5.11 38.96 14.99
CA VAL A 308 -5.67 39.15 13.65
C VAL A 308 -6.77 38.14 13.31
N ASP A 309 -7.90 38.64 12.82
CA ASP A 309 -8.97 37.78 12.31
C ASP A 309 -8.74 37.55 10.83
N CYS A 310 -8.34 36.31 10.47
CA CYS A 310 -7.87 35.96 9.13
C CYS A 310 -8.97 36.01 8.08
N ALA A 311 -10.22 36.17 8.50
CA ALA A 311 -11.31 36.22 7.53
C ALA A 311 -12.09 37.53 7.64
N LEU A 312 -11.46 38.55 8.23
CA LEU A 312 -12.10 39.85 8.38
C LEU A 312 -12.06 40.68 7.09
N ASP A 313 -10.90 40.74 6.45
CA ASP A 313 -10.73 41.52 5.24
C ASP A 313 -9.46 41.02 4.50
N PRO A 314 -9.17 41.48 3.26
CA PRO A 314 -7.99 41.11 2.48
C PRO A 314 -6.64 41.51 3.08
N LEU A 315 -6.62 42.45 4.02
CA LEU A 315 -5.34 42.83 4.61
C LEU A 315 -4.96 41.80 5.65
N SER A 316 -5.96 41.37 6.41
CA SER A 316 -5.75 40.32 7.40
C SER A 316 -5.37 39.03 6.70
N GLU A 317 -5.97 38.79 5.52
CA GLU A 317 -5.62 37.59 4.75
C GLU A 317 -4.14 37.63 4.41
N THR A 318 -3.62 38.81 4.08
CA THR A 318 -2.21 38.96 3.75
C THR A 318 -1.35 38.68 4.99
N LYS A 319 -1.74 39.24 6.13
CA LYS A 319 -0.98 39.02 7.37
C LYS A 319 -0.90 37.53 7.77
N CYS A 320 -2.02 36.80 7.63
CA CYS A 320 -2.10 35.38 7.97
C CYS A 320 -1.28 34.55 6.99
N THR A 321 -1.38 34.88 5.70
CA THR A 321 -0.64 34.17 4.67
C THR A 321 0.87 34.27 4.89
N LEU A 322 1.33 35.46 5.25
CA LEU A 322 2.75 35.72 5.43
C LEU A 322 3.25 35.38 6.84
N LYS A 323 2.36 34.94 7.72
CA LYS A 323 2.71 34.67 9.10
C LYS A 323 3.45 35.84 9.72
N SER A 324 2.93 37.04 9.52
CA SER A 324 3.53 38.26 10.04
C SER A 324 2.46 39.20 10.51
N PHE A 325 2.76 39.98 11.54
CA PHE A 325 1.76 40.93 12.01
C PHE A 325 1.91 42.25 11.29
N THR A 326 3.01 42.37 10.54
CA THR A 326 3.34 43.57 9.79
C THR A 326 3.54 43.22 8.33
N VAL A 327 2.91 43.98 7.46
CA VAL A 327 3.02 43.72 6.03
C VAL A 327 3.72 44.86 5.33
N GLU A 328 4.78 44.52 4.61
CA GLU A 328 5.55 45.50 3.90
C GLU A 328 4.89 45.81 2.57
N LYS A 329 5.48 46.72 1.81
CA LYS A 329 4.92 47.15 0.55
C LYS A 329 5.09 46.05 -0.52
N GLY A 330 4.02 45.73 -1.24
CA GLY A 330 4.11 44.68 -2.27
C GLY A 330 2.79 43.96 -2.56
N ILE A 331 2.87 42.88 -3.33
CA ILE A 331 1.70 42.08 -3.71
C ILE A 331 1.88 40.65 -3.27
N TYR A 332 0.86 40.11 -2.60
CA TYR A 332 0.96 38.74 -2.11
C TYR A 332 -0.22 37.89 -2.53
N GLN A 333 0.03 36.62 -2.81
CA GLN A 333 -1.05 35.69 -3.15
C GLN A 333 -1.55 35.03 -1.87
N THR A 334 -2.82 35.28 -1.55
CA THR A 334 -3.37 34.79 -0.28
C THR A 334 -4.42 33.71 -0.48
N SER A 335 -5.03 33.68 -1.66
CA SER A 335 -6.10 32.72 -1.89
C SER A 335 -6.25 32.40 -3.36
N ASN A 336 -7.34 31.70 -3.67
CA ASN A 336 -7.68 31.27 -5.02
C ASN A 336 -9.16 31.44 -5.29
N PHE A 337 -9.47 32.10 -6.38
CA PHE A 337 -10.84 32.35 -6.79
C PHE A 337 -11.30 31.31 -7.78
N ARG A 338 -12.48 30.76 -7.55
CA ARG A 338 -13.02 29.79 -8.50
C ARG A 338 -14.52 29.92 -8.63
N VAL A 339 -14.99 29.93 -9.87
CA VAL A 339 -16.41 29.89 -10.14
C VAL A 339 -16.89 28.45 -10.02
N GLN A 340 -17.91 28.23 -9.19
CA GLN A 340 -18.41 26.89 -8.98
C GLN A 340 -19.60 26.62 -9.89
N PRO A 341 -19.78 25.39 -10.39
CA PRO A 341 -20.95 24.91 -11.09
C PRO A 341 -22.18 25.03 -10.21
N THR A 342 -23.30 25.37 -10.83
CA THR A 342 -24.57 25.47 -10.11
C THR A 342 -25.55 24.44 -10.64
N GLU A 343 -26.19 24.78 -11.73
CA GLU A 343 -27.14 23.90 -12.40
C GLU A 343 -26.41 22.83 -13.19
N SER A 344 -27.12 21.74 -13.48
CA SER A 344 -26.59 20.72 -14.38
C SER A 344 -27.50 20.64 -15.59
N ILE A 345 -26.93 20.30 -16.73
CA ILE A 345 -27.71 20.13 -17.95
C ILE A 345 -27.42 18.81 -18.65
N VAL A 346 -28.46 18.01 -18.79
CA VAL A 346 -28.35 16.73 -19.47
C VAL A 346 -29.05 16.80 -20.82
N ARG A 347 -28.33 16.46 -21.89
CA ARG A 347 -28.89 16.58 -23.22
C ARG A 347 -28.99 15.24 -23.95
N PHE A 348 -30.17 15.01 -24.50
CA PHE A 348 -30.50 13.83 -25.28
C PHE A 348 -30.90 14.28 -26.68
N PRO A 349 -30.75 13.44 -27.70
CA PRO A 349 -31.16 13.67 -29.08
C PRO A 349 -32.67 13.65 -29.17
N ASN A 350 -33.22 14.19 -30.28
CA ASN A 350 -34.66 14.19 -30.55
C ASN A 350 -35.22 12.77 -30.54
N ILE A 351 -36.35 12.59 -29.84
CA ILE A 351 -36.99 11.29 -29.70
C ILE A 351 -37.87 10.99 -30.89
N THR A 352 -37.41 10.05 -31.69
CA THR A 352 -38.04 9.66 -32.94
C THR A 352 -38.11 8.15 -32.98
N ASN A 353 -38.78 7.59 -33.99
CA ASN A 353 -38.82 6.14 -34.14
C ASN A 353 -39.29 5.45 -32.86
N LEU A 354 -40.48 5.82 -32.40
CA LEU A 354 -41.02 5.22 -31.21
C LEU A 354 -41.43 3.78 -31.52
N CYS A 355 -41.35 2.89 -30.52
CA CYS A 355 -41.79 1.50 -30.63
C CYS A 355 -43.30 1.45 -30.86
N PRO A 356 -43.77 0.61 -31.79
CA PRO A 356 -45.15 0.52 -32.25
C PRO A 356 -46.11 -0.14 -31.26
N PHE A 357 -46.19 0.43 -30.06
CA PHE A 357 -47.12 -0.11 -29.07
C PHE A 357 -48.52 0.37 -29.42
N GLY A 358 -48.61 1.55 -30.01
CA GLY A 358 -49.90 2.07 -30.43
C GLY A 358 -50.52 1.14 -31.45
N GLU A 359 -49.75 0.77 -32.46
CA GLU A 359 -50.28 -0.09 -33.52
C GLU A 359 -50.74 -1.44 -32.98
N VAL A 360 -50.03 -2.00 -31.99
CA VAL A 360 -50.43 -3.26 -31.41
C VAL A 360 -51.68 -3.17 -30.52
N PHE A 361 -51.71 -2.18 -29.64
CA PHE A 361 -52.82 -2.01 -28.68
C PHE A 361 -54.09 -1.34 -29.24
N ASN A 362 -53.93 -0.43 -30.24
CA ASN A 362 -55.03 0.29 -30.90
C ASN A 362 -55.37 -0.34 -32.26
N ALA A 363 -54.97 -1.62 -32.48
CA ALA A 363 -55.15 -2.36 -33.72
C ALA A 363 -56.61 -2.49 -34.14
N THR A 364 -56.84 -2.42 -35.44
CA THR A 364 -58.18 -2.56 -35.98
C THR A 364 -58.69 -3.97 -35.70
N ARG A 365 -57.83 -4.96 -35.91
CA ARG A 365 -58.18 -6.36 -35.69
C ARG A 365 -57.07 -7.12 -34.98
N PHE A 366 -57.50 -8.06 -34.14
CA PHE A 366 -56.65 -9.01 -33.45
C PHE A 366 -56.81 -10.39 -34.05
N ALA A 367 -55.78 -11.22 -33.90
CA ALA A 367 -55.82 -12.59 -34.38
C ALA A 367 -56.56 -13.52 -33.44
N SER A 368 -56.96 -14.64 -33.99
CA SER A 368 -57.50 -15.75 -33.21
C SER A 368 -56.41 -16.27 -32.30
N VAL A 369 -56.79 -16.77 -31.14
CA VAL A 369 -55.80 -17.28 -30.19
C VAL A 369 -55.04 -18.49 -30.73
N TYR A 370 -55.68 -19.30 -31.58
CA TYR A 370 -54.99 -20.46 -32.14
C TYR A 370 -53.90 -20.04 -33.12
N ALA A 371 -53.99 -18.82 -33.62
CA ALA A 371 -53.07 -18.29 -34.61
C ALA A 371 -52.68 -16.88 -34.23
N TRP A 372 -52.11 -16.74 -33.05
CA TRP A 372 -51.77 -15.44 -32.51
C TRP A 372 -50.74 -14.74 -33.37
N ASN A 373 -50.82 -13.41 -33.46
CA ASN A 373 -49.87 -12.67 -34.28
C ASN A 373 -48.67 -12.28 -33.46
N ARG A 374 -47.53 -12.10 -34.12
CA ARG A 374 -46.35 -11.57 -33.45
C ARG A 374 -45.69 -10.45 -34.23
N LYS A 375 -45.44 -9.35 -33.55
CA LYS A 375 -44.72 -8.22 -34.11
C LYS A 375 -43.41 -8.01 -33.37
N ARG A 376 -42.33 -7.87 -34.12
CA ARG A 376 -41.03 -7.64 -33.48
C ARG A 376 -40.77 -6.17 -33.24
N ILE A 377 -40.42 -5.87 -32.00
CA ILE A 377 -40.08 -4.54 -31.57
C ILE A 377 -38.59 -4.46 -31.26
N SER A 378 -37.86 -3.65 -32.02
CA SER A 378 -36.41 -3.52 -31.86
C SER A 378 -35.93 -2.19 -32.42
N ASN A 379 -34.74 -1.77 -32.00
CA ASN A 379 -34.12 -0.55 -32.53
C ASN A 379 -35.06 0.66 -32.47
N CYS A 380 -35.77 0.84 -31.35
CA CYS A 380 -36.78 1.88 -31.17
C CYS A 380 -36.88 2.33 -29.71
N VAL A 381 -37.58 3.42 -29.50
CA VAL A 381 -37.75 4.00 -28.18
C VAL A 381 -38.88 3.36 -27.39
N ALA A 382 -38.57 2.90 -26.18
CA ALA A 382 -39.53 2.18 -25.35
C ALA A 382 -40.46 3.13 -24.64
N ASP A 383 -41.35 3.73 -25.42
CA ASP A 383 -42.33 4.68 -24.91
C ASP A 383 -43.60 3.94 -24.49
N TYR A 384 -43.76 3.78 -23.19
CA TYR A 384 -44.89 3.04 -22.64
C TYR A 384 -45.90 4.01 -22.05
N SER A 385 -45.80 5.29 -22.38
CA SER A 385 -46.69 6.26 -21.74
C SER A 385 -48.16 5.98 -21.99
N VAL A 386 -48.46 5.40 -23.15
CA VAL A 386 -49.83 5.08 -23.50
C VAL A 386 -50.34 3.88 -22.69
N LEU A 387 -49.42 3.15 -22.08
CA LEU A 387 -49.77 1.98 -21.29
C LEU A 387 -49.70 2.27 -19.78
N TYR A 388 -49.37 3.51 -19.39
CA TYR A 388 -49.20 3.82 -17.98
C TYR A 388 -50.53 3.95 -17.25
N ASN A 389 -51.52 4.52 -17.93
CA ASN A 389 -52.84 4.72 -17.37
C ASN A 389 -53.88 4.81 -18.49
N SER A 390 -54.10 3.68 -19.16
CA SER A 390 -55.01 3.66 -20.30
C SER A 390 -56.47 3.64 -19.86
N ALA A 391 -56.70 3.34 -18.58
CA ALA A 391 -58.02 3.22 -17.96
C ALA A 391 -58.76 1.93 -18.37
N SER A 392 -58.72 1.62 -19.66
CA SER A 392 -59.42 0.47 -20.22
C SER A 392 -58.78 -0.87 -19.86
N PHE A 393 -57.54 -0.87 -19.39
CA PHE A 393 -56.90 -2.14 -19.06
C PHE A 393 -57.35 -2.61 -17.69
N SER A 394 -57.96 -3.79 -17.64
CA SER A 394 -58.43 -4.31 -16.37
C SER A 394 -57.37 -5.23 -15.79
N THR A 395 -56.58 -5.81 -16.69
CA THR A 395 -55.51 -6.72 -16.32
C THR A 395 -54.17 -6.14 -16.70
N PHE A 396 -53.31 -6.05 -15.72
CA PHE A 396 -51.95 -5.59 -15.93
C PHE A 396 -51.05 -6.29 -14.93
N LYS A 397 -50.27 -7.23 -15.42
CA LYS A 397 -49.36 -7.98 -14.55
C LYS A 397 -48.06 -8.26 -15.27
N CYS A 398 -46.93 -8.12 -14.57
CA CYS A 398 -45.59 -8.35 -15.13
C CYS A 398 -44.87 -9.46 -14.40
N TYR A 399 -44.29 -10.35 -15.20
CA TYR A 399 -43.53 -11.50 -14.74
C TYR A 399 -42.04 -11.26 -14.90
N GLY A 400 -41.69 -10.28 -15.72
CA GLY A 400 -40.30 -9.94 -15.96
C GLY A 400 -39.81 -8.96 -14.91
N VAL A 401 -40.11 -7.69 -15.12
CA VAL A 401 -39.71 -6.65 -14.19
C VAL A 401 -40.86 -5.71 -13.91
N SER A 402 -40.90 -5.16 -12.71
CA SER A 402 -41.92 -4.18 -12.37
C SER A 402 -42.03 -3.13 -13.47
N PRO A 403 -43.25 -2.72 -13.84
CA PRO A 403 -43.56 -1.76 -14.90
C PRO A 403 -42.99 -0.39 -14.61
N THR A 404 -42.59 -0.13 -13.37
CA THR A 404 -42.03 1.16 -12.99
C THR A 404 -40.54 1.22 -13.26
N LYS A 405 -39.94 0.07 -13.60
CA LYS A 405 -38.52 -0.02 -13.92
C LYS A 405 -38.39 -0.36 -15.39
N LEU A 406 -39.41 -1.03 -15.92
CA LEU A 406 -39.47 -1.47 -17.32
C LEU A 406 -39.26 -0.31 -18.27
N ASN A 407 -39.77 0.86 -17.90
CA ASN A 407 -39.71 2.06 -18.71
C ASN A 407 -38.32 2.67 -18.81
N ASP A 408 -37.40 2.27 -17.94
CA ASP A 408 -36.06 2.83 -18.00
C ASP A 408 -35.03 1.86 -18.61
N LEU A 409 -35.04 0.62 -18.13
CA LEU A 409 -34.00 -0.35 -18.52
C LEU A 409 -34.17 -0.85 -19.95
N CYS A 410 -33.03 -1.25 -20.56
CA CYS A 410 -32.94 -1.61 -21.98
C CYS A 410 -33.05 -3.12 -22.23
N PHE A 411 -33.60 -3.46 -23.40
CA PHE A 411 -33.72 -4.84 -23.89
C PHE A 411 -33.16 -5.00 -25.30
N THR A 412 -32.79 -6.24 -25.67
CA THR A 412 -32.33 -6.48 -27.03
C THR A 412 -33.51 -6.69 -27.96
N ASN A 413 -34.53 -7.39 -27.46
CA ASN A 413 -35.71 -7.67 -28.28
C ASN A 413 -36.98 -7.65 -27.45
N VAL A 414 -38.03 -7.09 -28.02
CA VAL A 414 -39.35 -7.14 -27.42
C VAL A 414 -40.34 -7.70 -28.43
N TYR A 415 -41.15 -8.66 -28.04
CA TYR A 415 -42.11 -9.21 -29.00
C TYR A 415 -43.52 -9.01 -28.53
N ALA A 416 -44.38 -8.54 -29.42
CA ALA A 416 -45.78 -8.31 -29.09
C ALA A 416 -46.68 -9.39 -29.66
N ASP A 417 -47.21 -10.23 -28.77
CA ASP A 417 -48.10 -11.32 -29.15
C ASP A 417 -49.56 -10.90 -28.98
N SER A 418 -50.29 -10.84 -30.09
CA SER A 418 -51.65 -10.28 -30.12
C SER A 418 -52.77 -11.28 -30.46
N PHE A 419 -53.73 -11.42 -29.54
CA PHE A 419 -54.84 -12.35 -29.73
C PHE A 419 -56.12 -12.05 -28.91
N VAL A 420 -57.23 -12.67 -29.29
CA VAL A 420 -58.50 -12.55 -28.55
C VAL A 420 -58.98 -13.87 -27.93
N ILE A 421 -59.31 -13.78 -26.64
CA ILE A 421 -59.81 -14.88 -25.81
C ILE A 421 -61.06 -14.49 -25.02
N ARG A 422 -61.67 -15.45 -24.33
CA ARG A 422 -62.80 -15.15 -23.45
C ARG A 422 -62.31 -14.57 -22.13
N GLY A 423 -63.18 -13.82 -21.44
CA GLY A 423 -62.82 -13.26 -20.14
C GLY A 423 -62.35 -14.28 -19.12
N ASP A 424 -62.99 -15.45 -19.10
CA ASP A 424 -62.62 -16.48 -18.12
C ASP A 424 -61.28 -17.14 -18.45
N GLU A 425 -60.77 -16.89 -19.64
CA GLU A 425 -59.51 -17.46 -20.11
C GLU A 425 -58.33 -16.53 -19.83
N VAL A 426 -58.59 -15.33 -19.33
CA VAL A 426 -57.52 -14.36 -19.08
C VAL A 426 -56.53 -14.92 -18.07
N ARG A 427 -57.04 -15.68 -17.11
CA ARG A 427 -56.24 -16.32 -16.07
C ARG A 427 -55.14 -17.20 -16.67
N GLN A 428 -55.40 -17.80 -17.84
CA GLN A 428 -54.47 -18.73 -18.45
C GLN A 428 -53.26 -18.07 -19.11
N ILE A 429 -53.30 -16.76 -19.34
CA ILE A 429 -52.16 -16.15 -20.01
C ILE A 429 -51.12 -15.79 -18.98
N ALA A 430 -50.38 -16.80 -18.55
CA ALA A 430 -49.38 -16.65 -17.52
C ALA A 430 -48.51 -17.90 -17.46
N PRO A 431 -47.32 -17.80 -16.85
CA PRO A 431 -46.48 -18.89 -16.40
C PRO A 431 -47.20 -19.77 -15.40
N GLY A 432 -46.92 -21.08 -15.44
CA GLY A 432 -47.46 -22.03 -14.47
C GLY A 432 -48.91 -22.42 -14.70
N GLN A 433 -49.50 -21.97 -15.80
CA GLN A 433 -50.90 -22.23 -16.03
C GLN A 433 -51.14 -23.38 -16.98
N THR A 434 -52.30 -24.00 -16.83
CA THR A 434 -52.78 -25.05 -17.71
C THR A 434 -54.19 -24.71 -18.18
N GLY A 435 -54.66 -25.39 -19.22
CA GLY A 435 -56.00 -25.15 -19.74
C GLY A 435 -55.98 -25.15 -21.27
N LYS A 436 -57.13 -24.97 -21.89
CA LYS A 436 -57.17 -25.06 -23.34
C LYS A 436 -56.31 -24.00 -24.02
N ILE A 437 -56.18 -22.83 -23.42
CA ILE A 437 -55.36 -21.81 -24.07
C ILE A 437 -53.91 -22.01 -23.68
N ALA A 438 -53.66 -22.16 -22.38
CA ALA A 438 -52.29 -22.31 -21.91
C ALA A 438 -51.59 -23.52 -22.54
N ASP A 439 -52.33 -24.60 -22.78
CA ASP A 439 -51.74 -25.80 -23.34
C ASP A 439 -51.83 -25.94 -24.86
N TYR A 440 -52.90 -25.45 -25.50
CA TYR A 440 -53.03 -25.70 -26.94
C TYR A 440 -53.00 -24.48 -27.84
N ASN A 441 -53.07 -23.26 -27.30
CA ASN A 441 -53.14 -22.08 -28.16
C ASN A 441 -51.99 -21.10 -27.96
N TYR A 442 -51.69 -20.80 -26.71
CA TYR A 442 -50.66 -19.82 -26.41
C TYR A 442 -49.95 -20.16 -25.12
N LYS A 443 -48.77 -20.74 -25.25
CA LYS A 443 -47.98 -21.20 -24.12
C LYS A 443 -46.83 -20.25 -23.80
N LEU A 444 -46.74 -19.85 -22.55
CA LEU A 444 -45.62 -19.04 -22.07
C LEU A 444 -44.64 -19.93 -21.32
N PRO A 445 -43.35 -19.58 -21.31
CA PRO A 445 -42.32 -20.21 -20.51
C PRO A 445 -42.69 -20.07 -19.03
N ASP A 446 -42.30 -21.05 -18.21
CA ASP A 446 -42.62 -20.95 -16.80
C ASP A 446 -41.63 -20.05 -16.08
N ASP A 447 -40.59 -19.64 -16.81
CA ASP A 447 -39.58 -18.70 -16.37
C ASP A 447 -39.66 -17.43 -17.23
N PHE A 448 -40.83 -17.21 -17.82
CA PHE A 448 -41.09 -16.09 -18.73
C PHE A 448 -40.86 -14.73 -18.12
N THR A 449 -40.26 -13.86 -18.92
CA THR A 449 -40.08 -12.48 -18.54
C THR A 449 -40.83 -11.59 -19.51
N GLY A 450 -41.61 -10.68 -18.95
CA GLY A 450 -42.43 -9.76 -19.75
C GLY A 450 -43.70 -9.36 -19.01
N CYS A 451 -44.66 -8.76 -19.76
CA CYS A 451 -45.91 -8.23 -19.21
C CYS A 451 -47.14 -8.67 -20.00
N VAL A 452 -48.19 -9.01 -19.27
CA VAL A 452 -49.47 -9.40 -19.85
C VAL A 452 -50.51 -8.33 -19.58
N ILE A 453 -51.05 -7.76 -20.65
CA ILE A 453 -52.04 -6.71 -20.56
C ILE A 453 -53.32 -7.11 -21.29
N ALA A 454 -54.47 -6.95 -20.63
CA ALA A 454 -55.73 -7.33 -21.29
C ALA A 454 -56.87 -6.39 -20.94
N TRP A 455 -57.79 -6.26 -21.90
CA TRP A 455 -58.97 -5.44 -21.69
C TRP A 455 -60.20 -5.96 -22.41
N ASN A 456 -61.35 -5.56 -21.90
CA ASN A 456 -62.63 -5.94 -22.46
C ASN A 456 -62.83 -5.29 -23.82
N SER A 457 -63.18 -6.10 -24.81
CA SER A 457 -63.40 -5.62 -26.18
C SER A 457 -64.80 -5.99 -26.64
N ASN A 458 -65.73 -6.03 -25.70
CA ASN A 458 -67.10 -6.42 -26.02
C ASN A 458 -67.72 -5.54 -27.11
N ASN A 459 -67.35 -4.27 -27.14
CA ASN A 459 -67.91 -3.35 -28.13
C ASN A 459 -67.09 -3.30 -29.41
N LEU A 460 -66.10 -4.16 -29.53
CA LEU A 460 -65.24 -4.18 -30.71
C LEU A 460 -65.27 -5.53 -31.43
N ASP A 461 -65.21 -6.61 -30.65
CA ASP A 461 -65.02 -7.96 -31.16
C ASP A 461 -66.24 -8.89 -31.04
N SER A 462 -67.45 -8.32 -30.95
CA SER A 462 -68.64 -9.17 -30.85
C SER A 462 -69.78 -8.58 -31.70
N LYS A 463 -70.85 -9.38 -31.93
CA LYS A 463 -72.02 -8.94 -32.69
C LYS A 463 -73.21 -9.85 -32.43
N GLY A 466 -73.42 -13.67 -33.84
CA GLY A 466 -72.20 -13.84 -33.09
C GLY A 466 -70.95 -13.68 -33.97
N ASN A 467 -69.86 -13.19 -33.37
CA ASN A 467 -68.57 -13.01 -34.05
C ASN A 467 -67.73 -14.26 -33.94
N TYR A 468 -67.74 -15.05 -35.01
CA TYR A 468 -67.10 -16.36 -35.05
C TYR A 468 -65.78 -16.29 -35.78
N ASN A 469 -65.23 -15.09 -35.92
CA ASN A 469 -63.95 -14.93 -36.61
C ASN A 469 -62.81 -15.26 -35.66
N TYR A 470 -63.15 -15.48 -34.40
CA TYR A 470 -62.17 -15.80 -33.38
C TYR A 470 -62.27 -17.28 -33.01
N LEU A 471 -61.19 -18.00 -33.25
CA LEU A 471 -61.15 -19.44 -33.00
C LEU A 471 -60.05 -19.83 -32.03
N TYR A 472 -60.26 -20.97 -31.40
CA TYR A 472 -59.28 -21.55 -30.49
C TYR A 472 -59.14 -23.03 -30.77
N ARG A 473 -58.00 -23.57 -30.40
CA ARG A 473 -57.77 -24.98 -30.54
C ARG A 473 -58.34 -25.72 -29.36
N LEU A 474 -59.21 -26.67 -29.68
CA LEU A 474 -59.89 -27.50 -28.71
C LEU A 474 -59.21 -28.86 -28.67
N PHE A 475 -58.70 -29.30 -29.83
CA PHE A 475 -58.08 -30.62 -29.90
C PHE A 475 -56.65 -30.61 -30.43
N ARG A 476 -55.81 -31.40 -29.78
CA ARG A 476 -54.43 -31.64 -30.16
C ARG A 476 -53.94 -32.91 -29.47
N LYS A 477 -52.92 -33.56 -30.02
CA LYS A 477 -52.36 -34.78 -29.42
C LYS A 477 -51.43 -34.52 -28.22
N SER A 478 -50.77 -33.37 -28.22
CA SER A 478 -49.83 -33.02 -27.16
C SER A 478 -49.88 -31.51 -26.92
N ASN A 479 -49.24 -31.03 -25.88
CA ASN A 479 -49.33 -29.60 -25.59
C ASN A 479 -48.31 -28.82 -26.42
N LEU A 480 -48.35 -27.50 -26.29
CA LEU A 480 -47.44 -26.62 -27.01
C LEU A 480 -46.16 -26.32 -26.27
N LYS A 481 -45.11 -26.04 -27.02
CA LYS A 481 -43.88 -25.53 -26.46
C LYS A 481 -44.06 -24.03 -26.35
N PRO A 482 -43.32 -23.33 -25.48
CA PRO A 482 -43.37 -21.91 -25.33
C PRO A 482 -43.20 -21.20 -26.66
N PHE A 483 -44.08 -20.26 -26.91
CA PHE A 483 -44.14 -19.45 -28.13
C PHE A 483 -44.36 -20.26 -29.41
N GLU A 484 -44.91 -21.46 -29.28
CA GLU A 484 -45.28 -22.25 -30.45
C GLU A 484 -46.64 -21.80 -30.97
N ARG A 485 -46.78 -21.75 -32.29
CA ARG A 485 -48.04 -21.38 -32.90
C ARG A 485 -48.52 -22.47 -33.85
N ASP A 486 -49.45 -23.29 -33.39
CA ASP A 486 -49.96 -24.40 -34.19
C ASP A 486 -51.22 -23.99 -34.94
N ILE A 487 -51.10 -23.85 -36.25
CA ILE A 487 -52.21 -23.37 -37.07
C ILE A 487 -52.72 -24.44 -38.02
N SER A 488 -52.38 -25.69 -37.73
CA SER A 488 -52.85 -26.81 -38.54
C SER A 488 -54.35 -27.00 -38.41
N THR A 489 -54.99 -27.36 -39.52
CA THR A 489 -56.42 -27.62 -39.55
C THR A 489 -56.74 -29.10 -39.76
N GLU A 490 -55.70 -29.94 -39.66
CA GLU A 490 -55.87 -31.37 -39.86
C GLU A 490 -56.83 -31.95 -38.83
N ILE A 491 -57.77 -32.77 -39.30
CA ILE A 491 -58.78 -33.34 -38.41
C ILE A 491 -58.14 -34.19 -37.32
N TYR A 492 -58.57 -33.92 -36.09
CA TYR A 492 -58.08 -34.61 -34.93
C TYR A 492 -58.77 -35.94 -34.75
N GLN A 493 -57.98 -36.99 -34.57
CA GLN A 493 -58.53 -38.31 -34.36
C GLN A 493 -58.54 -38.66 -32.88
N ALA A 494 -59.74 -38.75 -32.32
CA ALA A 494 -59.90 -39.06 -30.91
C ALA A 494 -59.94 -40.56 -30.71
N GLY A 495 -60.47 -41.26 -31.71
CA GLY A 495 -60.65 -42.69 -31.64
C GLY A 495 -59.53 -43.47 -32.34
N SER A 496 -59.82 -44.71 -32.69
CA SER A 496 -58.85 -45.60 -33.33
C SER A 496 -59.03 -45.65 -34.85
N THR A 497 -60.20 -45.24 -35.32
CA THR A 497 -60.54 -45.28 -36.73
C THR A 497 -60.00 -44.03 -37.44
N PRO A 498 -59.23 -44.18 -38.53
CA PRO A 498 -58.69 -43.08 -39.33
C PRO A 498 -59.80 -42.14 -39.77
N CYS A 499 -59.55 -40.83 -39.66
CA CYS A 499 -60.53 -39.78 -40.01
C CYS A 499 -60.53 -39.53 -41.50
N ASN A 500 -59.40 -39.79 -42.15
CA ASN A 500 -59.27 -39.62 -43.59
C ASN A 500 -59.61 -38.20 -44.06
N GLY A 501 -59.26 -37.21 -43.25
CA GLY A 501 -59.46 -35.80 -43.61
C GLY A 501 -60.83 -35.22 -43.27
N VAL A 502 -61.76 -36.02 -42.73
CA VAL A 502 -63.09 -35.48 -42.44
C VAL A 502 -63.55 -35.73 -41.01
N GLU A 503 -64.56 -34.96 -40.59
CA GLU A 503 -65.17 -35.12 -39.27
C GLU A 503 -66.08 -36.33 -39.24
N GLY A 504 -66.34 -36.85 -38.04
CA GLY A 504 -67.16 -38.04 -37.89
C GLY A 504 -67.10 -38.56 -36.46
N PHE A 505 -67.49 -39.81 -36.27
CA PHE A 505 -67.48 -40.34 -34.91
C PHE A 505 -66.03 -40.40 -34.42
N ASN A 506 -65.80 -39.73 -33.31
CA ASN A 506 -64.46 -39.57 -32.73
C ASN A 506 -63.41 -38.93 -33.67
N CYS A 507 -63.87 -37.96 -34.52
CA CYS A 507 -63.05 -37.16 -35.43
C CYS A 507 -63.57 -35.73 -35.39
N TYR A 508 -62.68 -34.78 -35.11
CA TYR A 508 -63.11 -33.40 -34.92
C TYR A 508 -62.26 -32.38 -35.65
N PHE A 509 -62.87 -31.29 -36.10
CA PHE A 509 -62.09 -30.19 -36.60
C PHE A 509 -61.47 -29.53 -35.36
N PRO A 510 -60.14 -29.42 -35.28
CA PRO A 510 -59.39 -29.04 -34.10
C PRO A 510 -59.66 -27.63 -33.60
N LEU A 511 -60.15 -26.76 -34.48
CA LEU A 511 -60.38 -25.37 -34.14
C LEU A 511 -61.85 -25.03 -34.04
N GLN A 512 -62.26 -24.50 -32.91
CA GLN A 512 -63.65 -24.15 -32.73
C GLN A 512 -63.82 -22.65 -32.58
N SER A 513 -64.95 -22.13 -33.01
CA SER A 513 -65.20 -20.71 -32.92
C SER A 513 -65.91 -20.32 -31.64
N TYR A 514 -65.74 -19.07 -31.24
CA TYR A 514 -66.43 -18.55 -30.08
C TYR A 514 -67.70 -17.81 -30.47
N GLY A 515 -68.77 -18.05 -29.75
CA GLY A 515 -70.02 -17.32 -29.97
C GLY A 515 -69.98 -15.98 -29.25
N PHE A 516 -69.12 -15.08 -29.71
CA PHE A 516 -68.98 -13.79 -29.04
C PHE A 516 -70.12 -12.85 -29.41
N GLN A 517 -70.88 -12.45 -28.39
CA GLN A 517 -72.03 -11.59 -28.55
C GLN A 517 -72.00 -10.49 -27.49
N PRO A 518 -72.52 -9.29 -27.77
CA PRO A 518 -72.54 -8.13 -26.90
C PRO A 518 -73.37 -8.36 -25.64
N THR A 519 -74.24 -9.37 -25.68
CA THR A 519 -75.14 -9.69 -24.58
C THR A 519 -74.62 -10.84 -23.72
N ASN A 520 -73.42 -11.33 -24.00
CA ASN A 520 -72.83 -12.40 -23.21
C ASN A 520 -72.47 -11.92 -21.82
N GLY A 521 -72.41 -12.85 -20.87
CA GLY A 521 -71.96 -12.52 -19.53
C GLY A 521 -70.49 -12.17 -19.62
N VAL A 522 -69.96 -11.48 -18.62
CA VAL A 522 -68.60 -10.96 -18.69
C VAL A 522 -67.54 -12.03 -18.97
N GLY A 523 -67.67 -13.19 -18.36
CA GLY A 523 -66.69 -14.27 -18.57
C GLY A 523 -66.69 -14.81 -20.00
N TYR A 524 -67.74 -14.50 -20.75
CA TYR A 524 -67.87 -14.96 -22.13
C TYR A 524 -67.74 -13.83 -23.14
N GLN A 525 -67.38 -12.64 -22.67
CA GLN A 525 -67.16 -11.53 -23.57
C GLN A 525 -65.74 -11.68 -24.08
N PRO A 526 -65.42 -11.16 -25.27
CA PRO A 526 -64.08 -11.15 -25.83
C PRO A 526 -63.19 -10.18 -25.10
N TYR A 527 -61.94 -10.57 -24.95
CA TYR A 527 -60.89 -9.74 -24.40
C TYR A 527 -59.69 -9.69 -25.32
N ARG A 528 -59.14 -8.50 -25.45
CA ARG A 528 -57.96 -8.31 -26.26
C ARG A 528 -56.74 -8.43 -25.39
N VAL A 529 -55.88 -9.36 -25.73
CA VAL A 529 -54.70 -9.60 -24.93
C VAL A 529 -53.45 -9.33 -25.71
N VAL A 530 -52.58 -8.53 -25.12
CA VAL A 530 -51.29 -8.30 -25.71
C VAL A 530 -50.23 -8.71 -24.71
N VAL A 531 -49.37 -9.62 -25.14
CA VAL A 531 -48.31 -10.05 -24.28
C VAL A 531 -47.00 -9.53 -24.82
N LEU A 532 -46.30 -8.77 -23.99
CA LEU A 532 -45.03 -8.22 -24.41
C LEU A 532 -43.92 -9.06 -23.80
N SER A 533 -43.27 -9.84 -24.65
CA SER A 533 -42.20 -10.74 -24.25
C SER A 533 -40.89 -10.01 -24.32
N PHE A 534 -40.17 -9.96 -23.22
CA PHE A 534 -38.94 -9.19 -23.16
C PHE A 534 -37.71 -10.06 -22.91
N GLU A 535 -36.64 -9.82 -23.68
CA GLU A 535 -35.41 -10.56 -23.43
C GLU A 535 -34.15 -9.68 -23.52
N LEU A 536 -33.14 -10.12 -22.76
CA LEU A 536 -31.81 -9.52 -22.79
C LEU A 536 -30.81 -10.59 -23.20
N LEU A 537 -30.10 -10.35 -24.29
CA LEU A 537 -29.13 -11.27 -24.86
C LEU A 537 -27.72 -10.74 -24.69
N HIS A 538 -26.74 -11.48 -25.22
CA HIS A 538 -25.34 -11.06 -25.21
C HIS A 538 -25.15 -9.84 -26.12
N ALA A 539 -26.11 -9.68 -27.02
CA ALA A 539 -26.13 -8.59 -27.98
C ALA A 539 -26.36 -7.30 -27.22
N PRO A 540 -25.92 -6.15 -27.72
CA PRO A 540 -26.17 -4.86 -27.15
C PRO A 540 -27.66 -4.59 -27.18
N ALA A 541 -28.19 -4.02 -26.10
CA ALA A 541 -29.60 -3.70 -26.03
C ALA A 541 -29.92 -2.56 -26.98
N THR A 542 -31.11 -2.60 -27.59
CA THR A 542 -31.48 -1.56 -28.54
C THR A 542 -32.77 -0.82 -28.16
N VAL A 543 -33.58 -1.42 -27.30
CA VAL A 543 -34.86 -0.82 -26.91
C VAL A 543 -34.79 -0.28 -25.48
N CYS A 544 -34.63 1.06 -25.37
CA CYS A 544 -34.40 1.79 -24.12
C CYS A 544 -35.48 2.83 -23.93
N GLY A 545 -35.75 3.23 -22.69
CA GLY A 545 -36.77 4.25 -22.47
C GLY A 545 -36.31 5.61 -23.00
N PRO A 546 -37.26 6.51 -23.27
CA PRO A 546 -37.05 7.90 -23.66
C PRO A 546 -36.56 8.70 -22.48
N LYS A 547 -35.73 9.70 -22.74
CA LYS A 547 -35.32 10.61 -21.68
C LYS A 547 -35.47 12.04 -22.17
N LYS A 548 -35.98 12.90 -21.29
CA LYS A 548 -36.18 14.30 -21.63
C LYS A 548 -34.92 15.11 -21.42
N SER A 549 -34.71 16.10 -22.29
CA SER A 549 -33.56 16.99 -22.19
C SER A 549 -33.81 18.17 -21.26
N THR A 550 -32.74 18.64 -20.67
CA THR A 550 -32.74 19.85 -19.86
C THR A 550 -32.44 21.03 -20.76
N ASN A 551 -33.08 22.17 -20.48
CA ASN A 551 -32.84 23.36 -21.29
C ASN A 551 -31.36 23.71 -21.34
N LEU A 552 -30.86 23.93 -22.54
CA LEU A 552 -29.45 24.23 -22.72
C LEU A 552 -29.19 25.71 -22.51
N VAL A 553 -28.29 26.01 -21.59
CA VAL A 553 -27.98 27.38 -21.22
C VAL A 553 -26.51 27.70 -21.46
N LYS A 554 -26.28 28.76 -22.21
CA LYS A 554 -24.93 29.20 -22.54
C LYS A 554 -24.43 30.29 -21.60
N ASN A 555 -23.11 30.45 -21.55
CA ASN A 555 -22.43 31.46 -20.73
C ASN A 555 -22.68 31.33 -19.22
N LYS A 556 -22.83 30.10 -18.74
CA LYS A 556 -22.99 29.80 -17.31
C LYS A 556 -22.09 28.63 -16.93
N CYS A 557 -21.66 28.57 -15.64
CA CYS A 557 -20.84 27.47 -15.13
C CYS A 557 -21.77 26.31 -14.72
N VAL A 558 -21.72 25.26 -15.52
CA VAL A 558 -22.65 24.14 -15.46
C VAL A 558 -22.00 22.76 -15.52
N ASN A 559 -22.62 21.80 -14.86
CA ASN A 559 -22.23 20.39 -14.96
C ASN A 559 -22.94 19.78 -16.16
N PHE A 560 -22.19 19.26 -17.12
CA PHE A 560 -22.81 18.80 -18.36
C PHE A 560 -22.81 17.30 -18.57
N ASN A 561 -23.84 16.83 -19.28
CA ASN A 561 -23.92 15.45 -19.72
C ASN A 561 -24.53 15.36 -21.11
N PHE A 562 -23.69 15.15 -22.12
CA PHE A 562 -24.13 15.08 -23.51
C PHE A 562 -24.04 13.64 -24.02
N ASN A 563 -25.19 13.01 -24.22
CA ASN A 563 -25.19 11.60 -24.58
C ASN A 563 -24.45 10.80 -23.50
N GLY A 564 -23.30 10.22 -23.85
CA GLY A 564 -22.53 9.43 -22.88
C GLY A 564 -21.31 10.16 -22.33
N LEU A 565 -21.15 11.45 -22.66
CA LEU A 565 -19.97 12.21 -22.25
C LEU A 565 -20.24 13.21 -21.13
N THR A 566 -19.54 13.04 -20.01
CA THR A 566 -19.67 13.95 -18.87
C THR A 566 -18.65 15.06 -18.98
N GLY A 567 -19.12 16.30 -18.84
CA GLY A 567 -18.26 17.48 -18.94
C GLY A 567 -18.58 18.53 -17.89
N THR A 568 -17.98 19.69 -18.06
CA THR A 568 -18.16 20.81 -17.13
C THR A 568 -17.82 22.09 -17.85
N GLY A 569 -17.63 23.17 -17.09
CA GLY A 569 -17.24 24.43 -17.68
C GLY A 569 -18.40 25.25 -18.20
N VAL A 570 -18.07 26.11 -19.15
CA VAL A 570 -18.99 27.07 -19.73
C VAL A 570 -19.05 26.88 -21.24
N LEU A 571 -20.25 26.81 -21.81
CA LEU A 571 -20.36 26.65 -23.25
C LEU A 571 -20.60 27.97 -23.96
N THR A 572 -19.91 28.16 -25.08
CA THR A 572 -20.06 29.34 -25.93
C THR A 572 -20.16 28.89 -27.38
N GLU A 573 -20.62 29.76 -28.27
CA GLU A 573 -20.74 29.40 -29.68
C GLU A 573 -19.40 29.05 -30.30
N SER A 574 -19.36 27.95 -31.05
CA SER A 574 -18.14 27.50 -31.73
C SER A 574 -18.11 27.94 -33.18
N ASN A 575 -16.91 28.12 -33.71
CA ASN A 575 -16.74 28.40 -35.13
C ASN A 575 -16.13 27.19 -35.84
N LYS A 576 -16.21 26.02 -35.21
CA LYS A 576 -15.68 24.80 -35.78
C LYS A 576 -16.70 24.09 -36.65
N LYS A 577 -16.20 23.33 -37.62
CA LYS A 577 -17.06 22.51 -38.45
C LYS A 577 -16.67 21.06 -38.29
N PHE A 578 -17.59 20.28 -37.73
CA PHE A 578 -17.35 18.86 -37.51
C PHE A 578 -17.78 18.06 -38.70
N LEU A 579 -17.18 16.90 -38.89
CA LEU A 579 -17.63 16.02 -39.95
C LEU A 579 -19.02 15.51 -39.54
N PRO A 580 -19.88 15.10 -40.50
CA PRO A 580 -21.26 14.67 -40.30
C PRO A 580 -21.47 13.59 -39.24
N PHE A 581 -20.44 12.79 -38.96
CA PHE A 581 -20.56 11.69 -38.00
C PHE A 581 -19.98 12.02 -36.63
N GLN A 582 -19.29 13.14 -36.50
CA GLN A 582 -18.58 13.44 -35.26
C GLN A 582 -19.50 14.07 -34.23
N GLN A 583 -19.29 13.69 -32.98
CA GLN A 583 -20.17 14.15 -31.89
C GLN A 583 -19.53 15.20 -30.99
N PHE A 584 -18.22 15.14 -30.87
CA PHE A 584 -17.47 16.08 -30.03
C PHE A 584 -16.06 16.15 -30.54
N GLY A 585 -15.32 17.18 -30.14
CA GLY A 585 -13.92 17.30 -30.52
C GLY A 585 -13.03 17.39 -29.30
N ARG A 586 -11.73 17.26 -29.54
CA ARG A 586 -10.73 17.32 -28.46
C ARG A 586 -9.54 18.22 -28.75
N ASP A 587 -8.96 18.70 -27.65
CA ASP A 587 -7.72 19.44 -27.63
C ASP A 587 -6.58 18.42 -27.56
N ILE A 588 -5.35 18.90 -27.52
CA ILE A 588 -4.21 18.00 -27.56
C ILE A 588 -4.12 17.10 -26.32
N ALA A 589 -4.29 17.67 -25.13
CA ALA A 589 -4.11 16.89 -23.90
C ALA A 589 -5.39 16.15 -23.46
N ASP A 590 -5.90 15.29 -24.34
CA ASP A 590 -7.05 14.42 -24.03
C ASP A 590 -8.21 15.16 -23.37
N THR A 591 -8.51 16.36 -23.85
CA THR A 591 -9.54 17.19 -23.24
C THR A 591 -10.63 17.57 -24.24
N THR A 592 -11.90 17.38 -23.85
CA THR A 592 -12.97 17.74 -24.78
C THR A 592 -12.87 19.24 -25.04
N ASP A 593 -12.82 19.63 -26.31
CA ASP A 593 -12.67 21.03 -26.69
C ASP A 593 -14.02 21.65 -27.01
N ALA A 594 -14.88 20.85 -27.65
CA ALA A 594 -16.18 21.33 -28.07
C ALA A 594 -17.13 20.17 -28.20
N VAL A 595 -18.43 20.44 -28.10
CA VAL A 595 -19.43 19.40 -28.24
C VAL A 595 -20.53 19.78 -29.22
N ARG A 596 -20.98 18.81 -30.01
CA ARG A 596 -22.09 19.00 -30.93
C ARG A 596 -23.37 18.59 -30.22
N ASP A 597 -24.26 19.55 -30.02
CA ASP A 597 -25.47 19.30 -29.26
C ASP A 597 -26.42 18.32 -29.97
N PRO A 598 -26.87 17.26 -29.29
CA PRO A 598 -27.77 16.22 -29.78
C PRO A 598 -29.08 16.71 -30.43
N GLN A 599 -29.60 17.89 -30.04
CA GLN A 599 -30.86 18.35 -30.62
C GLN A 599 -30.70 19.48 -31.62
N THR A 600 -29.77 20.38 -31.37
CA THR A 600 -29.68 21.56 -32.22
C THR A 600 -28.74 21.37 -33.40
N LEU A 601 -27.82 20.41 -33.28
CA LEU A 601 -26.80 20.15 -34.29
C LEU A 601 -25.82 21.32 -34.37
N GLU A 602 -25.87 22.19 -33.37
CA GLU A 602 -24.95 23.31 -33.24
C GLU A 602 -23.77 22.89 -32.39
N ILE A 603 -22.63 23.52 -32.60
CA ILE A 603 -21.46 23.18 -31.81
C ILE A 603 -21.10 24.29 -30.86
N LEU A 604 -20.88 23.92 -29.60
CA LEU A 604 -20.49 24.86 -28.57
C LEU A 604 -19.10 24.51 -28.02
N ASP A 605 -18.25 25.52 -27.91
CA ASP A 605 -16.90 25.36 -27.39
C ASP A 605 -16.94 25.27 -25.88
N ILE A 606 -16.00 24.53 -25.29
CA ILE A 606 -15.96 24.39 -23.85
C ILE A 606 -14.81 25.15 -23.23
N THR A 607 -15.13 26.12 -22.40
CA THR A 607 -14.10 26.85 -21.69
C THR A 607 -14.22 26.39 -20.24
N PRO A 608 -13.18 26.51 -19.42
CA PRO A 608 -13.22 26.21 -18.01
C PRO A 608 -14.01 27.31 -17.31
N CYS A 609 -14.57 27.00 -16.13
CA CYS A 609 -15.19 28.01 -15.27
C CYS A 609 -14.06 28.86 -14.73
N SER A 610 -14.20 30.18 -14.82
CA SER A 610 -13.10 31.07 -14.51
C SER A 610 -12.52 30.82 -13.13
N PHE A 611 -11.19 30.81 -13.08
CA PHE A 611 -10.46 30.64 -11.85
C PHE A 611 -9.11 31.31 -11.96
N GLY A 612 -8.49 31.56 -10.82
CA GLY A 612 -7.15 32.12 -10.79
C GLY A 612 -6.75 32.50 -9.37
N GLY A 613 -5.49 32.88 -9.20
CA GLY A 613 -5.03 33.25 -7.86
C GLY A 613 -5.61 34.57 -7.43
N VAL A 614 -5.66 34.79 -6.12
CA VAL A 614 -6.14 36.06 -5.60
C VAL A 614 -5.02 36.74 -4.85
N SER A 615 -4.67 37.92 -5.34
CA SER A 615 -3.57 38.67 -4.78
C SER A 615 -4.02 39.97 -4.15
N VAL A 616 -3.40 40.31 -3.03
CA VAL A 616 -3.71 41.56 -2.37
C VAL A 616 -2.59 42.55 -2.60
N ILE A 617 -2.95 43.69 -3.15
CA ILE A 617 -2.03 44.74 -3.51
C ILE A 617 -2.04 45.79 -2.42
N THR A 618 -0.93 45.96 -1.73
CA THR A 618 -0.97 46.84 -0.59
C THR A 618 0.30 47.69 -0.44
N PRO A 619 0.16 48.92 0.07
CA PRO A 619 1.22 49.77 0.56
C PRO A 619 1.63 49.16 1.89
N GLY A 620 2.77 49.55 2.42
CA GLY A 620 3.11 48.96 3.71
C GLY A 620 2.13 49.44 4.78
N THR A 621 1.83 48.57 5.75
CA THR A 621 0.91 48.89 6.85
C THR A 621 1.44 49.98 7.80
N ASN A 622 2.71 50.37 7.61
CA ASN A 622 3.39 51.46 8.32
C ASN A 622 2.79 52.83 7.95
N THR A 623 2.27 52.98 6.70
CA THR A 623 1.67 54.24 6.22
C THR A 623 0.20 54.13 5.83
N SER A 624 -0.28 52.93 5.47
CA SER A 624 -1.66 52.78 5.03
C SER A 624 -2.22 51.37 5.17
N ASN A 625 -3.49 51.27 5.59
CA ASN A 625 -4.18 49.99 5.69
C ASN A 625 -5.20 49.80 4.57
N GLN A 626 -5.09 50.62 3.54
CA GLN A 626 -5.95 50.55 2.37
C GLN A 626 -5.40 49.52 1.40
N VAL A 627 -6.25 48.63 0.89
CA VAL A 627 -5.78 47.62 -0.06
C VAL A 627 -6.65 47.52 -1.30
N ALA A 628 -6.07 46.94 -2.36
CA ALA A 628 -6.82 46.61 -3.57
C ALA A 628 -6.67 45.12 -3.82
N VAL A 629 -7.68 44.49 -4.42
CA VAL A 629 -7.58 43.05 -4.65
C VAL A 629 -7.63 42.70 -6.12
N LEU A 630 -6.62 41.95 -6.54
CA LEU A 630 -6.51 41.51 -7.93
C LEU A 630 -6.88 40.05 -8.08
N TYR A 631 -7.87 39.80 -8.92
CA TYR A 631 -8.27 38.45 -9.23
C TYR A 631 -7.59 38.11 -10.53
N GLN A 632 -6.60 37.23 -10.43
CA GLN A 632 -5.73 36.97 -11.57
C GLN A 632 -6.42 36.14 -12.63
N ASP A 633 -6.18 36.49 -13.88
CA ASP A 633 -6.64 35.74 -15.04
C ASP A 633 -8.16 35.53 -15.10
N VAL A 634 -8.96 36.45 -14.57
CA VAL A 634 -10.42 36.28 -14.63
C VAL A 634 -11.12 37.56 -15.08
N ASN A 635 -12.39 37.40 -15.47
CA ASN A 635 -13.33 38.47 -15.84
C ASN A 635 -13.98 39.09 -14.60
N CYS A 636 -14.21 40.41 -14.65
CA CYS A 636 -14.89 41.16 -13.59
C CYS A 636 -16.36 40.78 -13.48
N THR A 637 -16.89 40.14 -14.53
CA THR A 637 -18.28 39.70 -14.53
C THR A 637 -18.45 38.38 -13.78
N GLU A 638 -17.34 37.69 -13.51
CA GLU A 638 -17.38 36.42 -12.78
C GLU A 638 -17.19 36.61 -11.27
N VAL A 639 -16.35 37.59 -10.88
CA VAL A 639 -16.05 37.92 -9.48
C VAL A 639 -17.28 38.58 -8.85
N ASN A 660 -14.90 51.65 -9.22
CA ASN A 660 -13.46 51.44 -8.99
C ASN A 660 -13.02 50.02 -9.38
N VAL A 661 -13.45 49.57 -10.58
CA VAL A 661 -13.10 48.25 -11.13
C VAL A 661 -12.40 48.39 -12.48
N PHE A 662 -11.20 47.84 -12.57
CA PHE A 662 -10.39 47.92 -13.78
C PHE A 662 -10.08 46.55 -14.37
N GLN A 663 -10.56 46.32 -15.58
CA GLN A 663 -10.33 45.03 -16.25
C GLN A 663 -9.07 45.13 -17.10
N THR A 664 -8.08 44.30 -16.80
CA THR A 664 -6.84 44.31 -17.56
C THR A 664 -6.42 42.90 -17.98
N ARG A 665 -5.32 42.82 -18.72
CA ARG A 665 -4.82 41.55 -19.23
C ARG A 665 -4.45 40.57 -18.13
N ALA A 666 -3.96 41.09 -17.02
CA ALA A 666 -3.52 40.27 -15.91
C ALA A 666 -4.68 39.79 -15.02
N GLY A 667 -5.90 40.27 -15.26
CA GLY A 667 -7.01 39.93 -14.37
C GLY A 667 -7.90 41.14 -14.04
N CYS A 668 -8.80 40.97 -13.06
CA CYS A 668 -9.75 42.01 -12.63
C CYS A 668 -9.26 42.68 -11.36
N LEU A 669 -8.99 43.96 -11.44
CA LEU A 669 -8.51 44.71 -10.28
C LEU A 669 -9.64 45.50 -9.64
N ILE A 670 -9.98 45.15 -8.40
CA ILE A 670 -11.08 45.79 -7.70
C ILE A 670 -10.61 46.59 -6.50
N GLY A 671 -10.89 47.88 -6.49
CA GLY A 671 -10.52 48.75 -5.38
C GLY A 671 -9.76 49.99 -5.81
N ALA A 672 -8.76 49.79 -6.66
CA ALA A 672 -7.91 50.88 -7.17
C ALA A 672 -8.59 51.59 -8.32
N GLU A 673 -8.33 52.89 -8.45
CA GLU A 673 -8.83 53.64 -9.60
C GLU A 673 -7.78 53.61 -10.71
N HIS A 674 -8.24 53.58 -11.96
CA HIS A 674 -7.31 53.63 -13.08
C HIS A 674 -7.15 55.06 -13.56
N VAL A 675 -5.92 55.42 -13.92
CA VAL A 675 -5.65 56.78 -14.40
C VAL A 675 -4.94 56.77 -15.76
N ASN A 676 -5.02 57.91 -16.49
CA ASN A 676 -4.38 58.08 -17.80
C ASN A 676 -2.87 58.30 -17.71
N ASN A 677 -2.40 58.94 -16.62
CA ASN A 677 -0.99 59.28 -16.44
C ASN A 677 -0.14 58.07 -16.10
N SER A 678 0.95 57.90 -16.81
CA SER A 678 1.89 56.83 -16.52
C SER A 678 2.89 57.32 -15.50
N TYR A 679 3.43 56.39 -14.74
CA TYR A 679 4.45 56.70 -13.76
C TYR A 679 5.48 55.61 -13.78
N GLU A 680 6.67 55.88 -13.29
CA GLU A 680 7.63 54.80 -13.19
C GLU A 680 6.99 53.72 -12.32
N CYS A 681 7.29 52.44 -12.63
CA CYS A 681 6.69 51.32 -11.91
C CYS A 681 7.14 51.30 -10.45
N ASP A 682 6.17 51.10 -9.57
CA ASP A 682 6.41 51.00 -8.16
C ASP A 682 6.13 49.56 -7.77
N ILE A 683 4.86 49.20 -7.58
CA ILE A 683 4.52 47.81 -7.30
C ILE A 683 3.78 47.20 -8.48
N PRO A 684 4.43 46.32 -9.27
CA PRO A 684 3.96 45.78 -10.53
C PRO A 684 2.81 44.81 -10.41
N ILE A 685 1.89 44.86 -11.37
CA ILE A 685 0.79 43.91 -11.47
C ILE A 685 1.10 42.90 -12.56
N GLY A 686 1.58 43.40 -13.69
CA GLY A 686 1.91 42.58 -14.85
C GLY A 686 1.24 43.11 -16.11
N ALA A 687 1.73 42.67 -17.26
CA ALA A 687 1.18 43.05 -18.56
C ALA A 687 1.15 44.55 -18.78
N GLY A 688 2.22 45.24 -18.38
CA GLY A 688 2.31 46.68 -18.59
C GLY A 688 1.70 47.52 -17.46
N ILE A 689 1.03 46.88 -16.50
CA ILE A 689 0.38 47.61 -15.40
C ILE A 689 1.11 47.53 -14.06
N CYS A 690 1.23 48.69 -13.38
CA CYS A 690 1.79 48.84 -12.03
C CYS A 690 0.81 49.64 -11.17
N ALA A 691 0.95 49.54 -9.85
CA ALA A 691 0.12 50.30 -8.94
C ALA A 691 0.96 51.10 -7.94
N SER A 692 0.36 52.17 -7.43
CA SER A 692 1.00 53.03 -6.44
C SER A 692 -0.04 53.73 -5.56
N TYR A 693 0.42 54.36 -4.48
CA TYR A 693 -0.45 55.09 -3.56
C TYR A 693 -0.20 56.59 -3.73
N GLN A 694 -1.16 57.29 -4.34
CA GLN A 694 -0.99 58.69 -4.72
C GLN A 694 -2.24 59.52 -4.46
N THR A 695 -2.09 60.85 -4.29
CA THR A 695 -3.16 61.84 -4.06
C THR A 695 -4.40 61.54 -4.94
N SER A 708 -6.94 61.94 1.12
CA SER A 708 -6.36 62.54 -0.08
C SER A 708 -5.70 61.49 -1.00
N GLN A 709 -5.03 60.50 -0.39
CA GLN A 709 -4.28 59.45 -1.11
C GLN A 709 -5.16 58.23 -1.35
N SER A 710 -4.92 57.55 -2.46
CA SER A 710 -5.65 56.31 -2.78
C SER A 710 -4.81 55.41 -3.67
N ILE A 711 -5.21 54.14 -3.79
CA ILE A 711 -4.47 53.24 -4.66
C ILE A 711 -4.92 53.42 -6.10
N ILE A 712 -3.94 53.55 -7.00
CA ILE A 712 -4.24 53.71 -8.40
C ILE A 712 -3.53 52.68 -9.26
N ALA A 713 -4.06 52.46 -10.46
CA ALA A 713 -3.46 51.59 -11.45
C ALA A 713 -3.09 52.41 -12.67
N TYR A 714 -1.94 52.11 -13.26
CA TYR A 714 -1.48 52.83 -14.44
C TYR A 714 -0.60 52.00 -15.33
N THR A 715 -0.51 52.41 -16.61
CA THR A 715 0.45 51.79 -17.50
C THR A 715 1.82 52.28 -17.08
N MET A 716 2.75 51.37 -16.88
CA MET A 716 4.04 51.76 -16.35
C MET A 716 4.87 52.53 -17.35
N SER A 717 5.64 53.47 -16.83
CA SER A 717 6.65 54.17 -17.60
C SER A 717 7.97 53.47 -17.39
N LEU A 718 8.81 53.49 -18.40
CA LEU A 718 10.10 52.84 -18.30
C LEU A 718 11.20 53.84 -17.99
N GLY A 719 10.79 55.08 -17.74
CA GLY A 719 11.71 56.17 -17.43
C GLY A 719 11.28 57.42 -18.18
N ALA A 720 11.83 58.55 -17.78
CA ALA A 720 11.50 59.82 -18.42
C ALA A 720 11.94 59.81 -19.88
N GLU A 721 11.17 60.48 -20.72
CA GLU A 721 11.57 60.61 -22.12
C GLU A 721 12.72 61.57 -22.24
N ASN A 722 13.66 61.25 -23.12
CA ASN A 722 14.82 62.10 -23.36
C ASN A 722 15.30 61.94 -24.80
N SER A 723 16.34 62.67 -25.16
CA SER A 723 16.89 62.58 -26.50
C SER A 723 18.33 63.05 -26.52
N VAL A 724 19.01 62.77 -27.61
CA VAL A 724 20.37 63.23 -27.80
C VAL A 724 20.40 64.29 -28.90
N ALA A 725 21.04 65.42 -28.61
CA ALA A 725 21.11 66.51 -29.57
C ALA A 725 22.14 66.21 -30.64
N TYR A 726 21.80 65.24 -31.47
CA TYR A 726 22.71 64.70 -32.46
C TYR A 726 22.89 65.56 -33.70
N SER A 727 23.56 66.67 -33.52
CA SER A 727 24.01 67.43 -34.67
C SER A 727 25.29 66.73 -35.12
N ASN A 728 25.53 66.66 -36.43
CA ASN A 728 26.65 65.88 -37.00
C ASN A 728 28.04 66.51 -36.77
N ASN A 729 28.10 67.71 -36.15
CA ASN A 729 29.35 68.39 -35.78
C ASN A 729 29.33 68.85 -34.33
N SER A 730 28.48 68.24 -33.50
CA SER A 730 28.38 68.68 -32.10
C SER A 730 28.79 67.60 -31.11
N ILE A 731 29.62 67.98 -30.15
CA ILE A 731 30.06 67.06 -29.12
C ILE A 731 29.84 67.62 -27.72
N ALA A 732 29.41 66.76 -26.80
CA ALA A 732 29.32 67.17 -25.41
C ALA A 732 30.52 66.59 -24.67
N ILE A 733 31.15 67.43 -23.88
CA ILE A 733 32.33 67.02 -23.12
C ILE A 733 32.14 67.47 -21.68
N PRO A 734 32.33 66.59 -20.68
CA PRO A 734 32.17 66.92 -19.28
C PRO A 734 33.24 67.91 -18.90
N THR A 735 32.86 68.90 -18.10
CA THR A 735 33.79 69.90 -17.58
C THR A 735 34.08 69.74 -16.07
N ASN A 736 33.18 69.04 -15.37
CA ASN A 736 33.27 68.74 -13.93
C ASN A 736 32.87 67.27 -13.74
N PHE A 737 33.15 66.72 -12.57
CA PHE A 737 32.83 65.33 -12.23
C PHE A 737 32.68 65.16 -10.74
N THR A 738 32.08 64.05 -10.36
CA THR A 738 31.99 63.67 -8.97
C THR A 738 32.47 62.25 -8.79
N ILE A 739 32.87 61.92 -7.58
CA ILE A 739 33.19 60.56 -7.24
C ILE A 739 32.09 60.02 -6.35
N SER A 740 31.49 58.93 -6.77
CA SER A 740 30.39 58.35 -6.01
C SER A 740 30.79 57.00 -5.49
N VAL A 741 30.14 56.59 -4.41
CA VAL A 741 30.37 55.26 -3.88
C VAL A 741 29.05 54.53 -3.79
N THR A 742 29.00 53.38 -4.45
CA THR A 742 27.78 52.58 -4.43
C THR A 742 28.08 51.24 -3.79
N THR A 743 27.03 50.58 -3.32
CA THR A 743 27.23 49.30 -2.65
C THR A 743 26.60 48.14 -3.41
N GLU A 744 27.39 47.10 -3.64
CA GLU A 744 26.91 45.89 -4.29
C GLU A 744 27.05 44.73 -3.32
N ILE A 745 25.96 44.00 -3.12
CA ILE A 745 25.98 42.93 -2.14
C ILE A 745 25.75 41.57 -2.77
N LEU A 746 26.66 40.63 -2.48
CA LEU A 746 26.53 39.27 -2.98
C LEU A 746 26.61 38.28 -1.81
N PRO A 747 25.81 37.20 -1.83
CA PRO A 747 25.88 36.11 -0.90
C PRO A 747 27.09 35.27 -1.23
N VAL A 748 27.68 34.63 -0.25
CA VAL A 748 28.80 33.73 -0.48
C VAL A 748 28.50 32.32 -0.02
N SER A 749 27.87 32.18 1.14
CA SER A 749 27.69 30.85 1.71
C SER A 749 26.37 30.65 2.43
N MET A 750 25.98 29.39 2.53
CA MET A 750 24.80 28.92 3.23
C MET A 750 25.15 28.33 4.58
N THR A 751 24.14 28.19 5.42
CA THR A 751 24.30 27.51 6.70
C THR A 751 24.70 26.05 6.45
N LYS A 752 25.72 25.60 7.15
CA LYS A 752 26.22 24.24 6.97
C LYS A 752 25.39 23.24 7.75
N THR A 753 24.20 22.94 7.23
CA THR A 753 23.30 22.06 7.94
C THR A 753 23.69 20.61 7.73
N SER A 754 23.20 19.75 8.62
CA SER A 754 23.39 18.31 8.52
C SER A 754 22.17 17.60 9.11
N VAL A 755 21.76 16.51 8.49
CA VAL A 755 20.56 15.81 8.95
C VAL A 755 20.81 14.33 9.21
N ASP A 756 20.45 13.86 10.40
CA ASP A 756 20.53 12.44 10.71
C ASP A 756 19.17 11.79 10.36
N CYS A 757 19.14 11.00 9.26
CA CYS A 757 17.91 10.43 8.71
C CYS A 757 17.30 9.39 9.66
N THR A 758 18.13 8.81 10.51
CA THR A 758 17.61 7.80 11.41
C THR A 758 16.86 8.51 12.51
N MET A 759 17.47 9.55 13.04
CA MET A 759 16.80 10.31 14.09
C MET A 759 15.56 11.02 13.54
N TYR A 760 15.64 11.48 12.29
CA TYR A 760 14.52 12.17 11.63
C TYR A 760 13.35 11.21 11.35
N ILE A 761 13.65 10.03 10.79
CA ILE A 761 12.58 9.09 10.42
C ILE A 761 12.21 8.09 11.53
N CYS A 762 13.24 7.44 12.13
CA CYS A 762 13.11 6.32 13.07
C CYS A 762 13.81 6.63 14.39
N GLY A 763 13.62 7.84 14.91
CA GLY A 763 14.28 8.18 16.15
C GLY A 763 13.82 7.26 17.26
N ASP A 764 14.79 6.68 17.96
CA ASP A 764 14.55 5.77 19.07
C ASP A 764 13.61 4.60 18.74
N SER A 765 13.70 4.07 17.52
CA SER A 765 12.86 2.93 17.16
C SER A 765 13.60 1.85 16.37
N THR A 766 13.76 0.69 17.01
CA THR A 766 14.46 -0.44 16.42
C THR A 766 13.63 -1.01 15.27
N GLU A 767 12.33 -1.14 15.49
CA GLU A 767 11.45 -1.73 14.49
C GLU A 767 11.40 -0.89 13.21
N CYS A 768 11.36 0.45 13.36
CA CYS A 768 11.36 1.38 12.23
C CYS A 768 12.69 1.30 11.51
N SER A 769 13.80 1.26 12.24
CA SER A 769 15.11 1.20 11.60
C SER A 769 15.21 -0.07 10.75
N ASN A 770 14.74 -1.19 11.27
CA ASN A 770 14.80 -2.44 10.51
C ASN A 770 14.04 -2.32 9.19
N LEU A 771 12.95 -1.55 9.19
CA LEU A 771 12.17 -1.32 7.99
C LEU A 771 12.85 -0.28 7.09
N LEU A 772 13.49 0.73 7.68
CA LEU A 772 14.17 1.78 6.94
C LEU A 772 15.32 1.21 6.11
N LEU A 773 15.97 0.19 6.67
CA LEU A 773 17.08 -0.47 6.01
C LEU A 773 16.63 -1.28 4.78
N GLN A 774 15.33 -1.51 4.64
CA GLN A 774 14.83 -2.30 3.52
C GLN A 774 14.79 -1.46 2.27
N TYR A 775 15.01 -0.16 2.42
CA TYR A 775 14.95 0.75 1.30
C TYR A 775 16.35 1.00 0.75
N GLY A 776 17.34 0.28 1.27
CA GLY A 776 18.71 0.40 0.76
C GLY A 776 19.50 1.51 1.41
N SER A 777 20.31 2.17 0.58
CA SER A 777 21.29 3.15 1.03
C SER A 777 20.87 4.58 0.75
N PHE A 778 19.57 4.84 0.66
CA PHE A 778 19.10 6.21 0.40
C PHE A 778 19.69 7.23 1.39
N CYS A 779 19.80 6.87 2.67
CA CYS A 779 20.38 7.74 3.71
C CYS A 779 21.83 8.07 3.41
N THR A 780 22.58 7.09 2.91
CA THR A 780 23.98 7.31 2.62
C THR A 780 24.08 8.30 1.47
N GLN A 781 23.23 8.13 0.46
CA GLN A 781 23.21 9.00 -0.71
C GLN A 781 22.83 10.44 -0.35
N LEU A 782 21.83 10.59 0.52
CA LEU A 782 21.37 11.92 0.95
C LEU A 782 22.36 12.58 1.90
N ASN A 783 22.98 11.78 2.77
CA ASN A 783 23.93 12.31 3.72
C ASN A 783 25.16 12.82 2.99
N ARG A 784 25.58 12.09 1.95
CA ARG A 784 26.74 12.52 1.18
C ARG A 784 26.42 13.78 0.40
N ALA A 785 25.20 13.89 -0.11
CA ALA A 785 24.81 15.08 -0.86
C ALA A 785 24.88 16.32 0.04
N LEU A 786 24.37 16.22 1.27
CA LEU A 786 24.40 17.36 2.18
C LEU A 786 25.81 17.65 2.71
N THR A 787 26.59 16.59 2.95
CA THR A 787 27.94 16.77 3.45
C THR A 787 28.77 17.49 2.40
N GLY A 788 28.60 17.08 1.14
CA GLY A 788 29.34 17.69 0.04
C GLY A 788 29.05 19.17 -0.04
N ILE A 789 27.79 19.56 0.14
CA ILE A 789 27.46 20.98 0.13
C ILE A 789 28.08 21.71 1.29
N ALA A 790 28.04 21.13 2.49
CA ALA A 790 28.62 21.80 3.64
C ALA A 790 30.10 22.10 3.38
N VAL A 791 30.79 21.17 2.74
CA VAL A 791 32.19 21.37 2.38
C VAL A 791 32.34 22.50 1.36
N GLU A 792 31.46 22.51 0.35
CA GLU A 792 31.51 23.54 -0.68
C GLU A 792 31.28 24.93 -0.09
N GLN A 793 30.51 25.03 0.99
CA GLN A 793 30.27 26.34 1.59
C GLN A 793 31.57 26.95 2.12
N ASP A 794 32.53 26.11 2.55
CA ASP A 794 33.80 26.65 2.99
C ASP A 794 34.66 26.94 1.79
N LYS A 795 34.50 26.14 0.74
CA LYS A 795 35.23 26.37 -0.50
C LYS A 795 34.84 27.72 -1.09
N ASN A 796 33.55 28.06 -0.99
CA ASN A 796 33.04 29.32 -1.51
C ASN A 796 33.59 30.48 -0.70
N THR A 797 33.63 30.33 0.62
CA THR A 797 34.15 31.37 1.49
C THR A 797 35.64 31.56 1.23
N GLN A 798 36.35 30.46 1.06
CA GLN A 798 37.79 30.50 0.84
C GLN A 798 38.12 31.21 -0.47
N GLU A 799 37.38 30.91 -1.54
CA GLU A 799 37.65 31.50 -2.84
C GLU A 799 37.36 33.00 -2.85
N VAL A 800 36.31 33.43 -2.15
CA VAL A 800 35.95 34.84 -2.12
C VAL A 800 36.85 35.68 -1.22
N PHE A 801 37.18 35.21 -0.02
CA PHE A 801 37.93 36.07 0.90
C PHE A 801 39.42 35.79 1.03
N ALA A 802 39.85 34.53 0.90
CA ALA A 802 41.24 34.21 1.13
C ALA A 802 42.06 34.44 -0.13
N GLN A 803 42.21 35.71 -0.50
CA GLN A 803 42.88 36.07 -1.73
C GLN A 803 44.24 36.71 -1.51
N VAL A 804 44.79 36.52 -0.31
CA VAL A 804 46.10 37.05 0.02
C VAL A 804 46.98 35.91 0.55
N LYS A 805 48.29 36.11 0.49
CA LYS A 805 49.22 35.12 1.03
C LYS A 805 49.75 35.56 2.39
N GLN A 806 49.70 36.86 2.66
CA GLN A 806 50.14 37.43 3.92
C GLN A 806 49.06 38.36 4.43
N ILE A 807 49.00 38.53 5.75
CA ILE A 807 48.05 39.46 6.34
C ILE A 807 48.72 40.80 6.57
N TYR A 808 48.33 41.79 5.78
CA TYR A 808 48.96 43.10 5.85
C TYR A 808 48.25 44.02 6.80
N LYS A 809 49.03 44.67 7.64
CA LYS A 809 48.53 45.62 8.62
C LYS A 809 48.44 47.01 8.02
N THR A 810 47.56 47.83 8.60
CA THR A 810 47.47 49.23 8.20
C THR A 810 48.65 49.97 8.81
N PRO A 811 49.04 51.13 8.27
CA PRO A 811 50.09 51.98 8.80
C PRO A 811 49.62 52.62 10.11
N PRO A 812 50.56 52.97 11.01
CA PRO A 812 50.33 53.67 12.26
C PRO A 812 49.87 55.10 12.05
N ILE A 813 50.15 55.62 10.86
CA ILE A 813 49.77 56.99 10.51
C ILE A 813 48.76 56.95 9.38
N LYS A 814 47.52 57.28 9.71
CA LYS A 814 46.44 57.22 8.72
C LYS A 814 46.37 58.50 7.90
N ASP A 815 47.41 58.74 7.11
CA ASP A 815 47.47 59.93 6.27
C ASP A 815 47.51 59.52 4.80
N PHE A 816 46.37 59.67 4.15
CA PHE A 816 46.23 59.22 2.78
C PHE A 816 45.93 60.39 1.84
N GLY A 817 46.54 61.55 2.12
CA GLY A 817 46.41 62.68 1.21
C GLY A 817 45.05 63.34 1.24
N GLY A 818 44.38 63.26 2.39
CA GLY A 818 43.05 63.85 2.55
C GLY A 818 41.93 62.81 2.48
N PHE A 819 42.25 61.59 2.07
CA PHE A 819 41.24 60.54 1.98
C PHE A 819 41.05 59.84 3.34
N ASN A 820 39.81 59.93 3.87
CA ASN A 820 39.41 59.40 5.17
C ASN A 820 38.74 58.03 5.01
N PHE A 821 39.45 56.97 5.45
CA PHE A 821 39.01 55.58 5.34
C PHE A 821 38.64 55.00 6.70
N SER A 822 38.43 55.87 7.70
CA SER A 822 38.21 55.40 9.07
C SER A 822 36.96 54.55 9.25
N GLN A 823 36.00 54.68 8.32
CA GLN A 823 34.76 53.92 8.43
C GLN A 823 34.85 52.52 7.82
N ILE A 824 35.84 52.30 6.95
CA ILE A 824 35.98 50.98 6.30
C ILE A 824 37.10 50.16 6.93
N LEU A 825 38.03 50.83 7.63
CA LEU A 825 39.11 50.16 8.32
C LEU A 825 38.59 49.61 9.67
N PRO A 826 39.15 48.50 10.17
CA PRO A 826 38.77 47.85 11.41
C PRO A 826 39.07 48.73 12.62
N ASP A 827 38.19 48.69 13.62
CA ASP A 827 38.32 49.45 14.85
C ASP A 827 39.06 48.61 15.93
N PRO A 828 40.31 48.96 16.29
CA PRO A 828 41.19 48.22 17.17
C PRO A 828 40.72 48.17 18.62
N SER A 829 39.75 49.03 18.97
CA SER A 829 39.27 49.06 20.35
C SER A 829 38.21 47.98 20.68
N LYS A 830 37.70 47.27 19.64
CA LYS A 830 36.67 46.25 19.78
C LYS A 830 37.28 44.89 20.11
N SER A 832 35.84 42.05 18.60
CA SER A 832 36.03 41.73 17.18
C SER A 832 36.40 43.01 16.41
N LYS A 833 37.61 43.03 15.83
CA LYS A 833 38.15 44.20 15.12
C LYS A 833 37.52 44.38 13.74
N ARG A 834 36.30 44.88 13.73
CA ARG A 834 35.55 45.14 12.50
C ARG A 834 35.41 46.63 12.32
N SER A 835 35.12 47.06 11.10
CA SER A 835 34.96 48.47 10.80
C SER A 835 33.60 48.97 11.29
N PHE A 836 33.43 50.29 11.31
CA PHE A 836 32.16 50.86 11.71
C PHE A 836 31.06 50.38 10.77
N ILE A 837 31.33 50.44 9.47
CA ILE A 837 30.36 49.99 8.46
C ILE A 837 30.05 48.51 8.62
N GLU A 838 31.08 47.68 8.86
CA GLU A 838 30.83 46.25 9.03
C GLU A 838 29.90 46.00 10.21
N ASP A 839 30.10 46.68 11.34
CA ASP A 839 29.19 46.46 12.46
C ASP A 839 27.76 46.78 12.08
N LEU A 840 27.55 47.84 11.30
CA LEU A 840 26.21 48.19 10.87
C LEU A 840 25.61 47.10 9.99
N LEU A 841 26.44 46.48 9.14
CA LEU A 841 25.94 45.43 8.25
C LEU A 841 25.54 44.18 9.04
N PHE A 842 26.34 43.80 10.01
CA PHE A 842 26.06 42.59 10.79
C PHE A 842 24.83 42.76 11.66
N ASN A 843 24.62 43.98 12.13
CA ASN A 843 23.49 44.27 13.02
C ASN A 843 22.15 44.22 12.30
N LYS A 844 22.14 44.11 10.97
CA LYS A 844 20.87 44.06 10.23
C LYS A 844 20.45 42.68 9.68
N VAL A 845 21.18 41.59 10.02
CA VAL A 845 20.81 40.22 9.58
C VAL A 845 20.84 39.29 10.79
N ASN A 875 15.18 16.89 17.19
CA ASN A 875 14.70 16.52 15.85
C ASN A 875 15.75 15.76 14.99
N GLY A 876 16.99 15.62 15.50
CA GLY A 876 18.08 14.90 14.83
C GLY A 876 18.84 15.75 13.83
N LEU A 877 18.58 17.06 13.83
CA LEU A 877 19.25 17.96 12.91
C LEU A 877 20.27 18.82 13.64
N THR A 878 21.36 19.14 12.95
CA THR A 878 22.36 20.03 13.52
C THR A 878 22.90 21.03 12.52
N VAL A 879 23.69 21.98 13.01
CA VAL A 879 24.39 22.94 12.18
C VAL A 879 25.87 22.98 12.53
N LEU A 880 26.71 22.82 11.52
CA LEU A 880 28.14 22.82 11.71
C LEU A 880 28.67 24.25 11.61
N PRO A 881 29.74 24.61 12.32
CA PRO A 881 30.40 25.89 12.23
C PRO A 881 31.21 25.94 10.94
N PRO A 882 31.45 27.15 10.41
CA PRO A 882 32.33 27.45 9.30
C PRO A 882 33.77 27.35 9.75
N LEU A 883 34.68 27.13 8.83
CA LEU A 883 36.10 27.21 9.15
C LEU A 883 36.50 28.62 9.52
N LEU A 884 36.02 29.56 8.73
CA LEU A 884 36.35 30.97 8.92
C LEU A 884 35.18 31.72 9.52
N THR A 885 35.34 32.09 10.78
CA THR A 885 34.33 32.79 11.53
C THR A 885 34.43 34.28 11.23
N ASP A 886 33.49 35.08 11.73
CA ASP A 886 33.49 36.51 11.42
C ASP A 886 34.84 37.17 11.69
N GLU A 887 35.53 36.71 12.73
CA GLU A 887 36.84 37.24 13.08
C GLU A 887 37.89 36.96 12.00
N MET A 888 37.81 35.79 11.37
CA MET A 888 38.79 35.41 10.35
C MET A 888 38.51 36.15 9.05
N ILE A 889 37.24 36.39 8.79
CA ILE A 889 36.83 37.10 7.59
C ILE A 889 37.25 38.56 7.73
N ALA A 890 37.05 39.12 8.92
CA ALA A 890 37.46 40.49 9.18
C ALA A 890 38.97 40.63 9.02
N GLN A 891 39.73 39.62 9.43
CA GLN A 891 41.18 39.65 9.29
C GLN A 891 41.61 39.65 7.82
N TYR A 892 40.94 38.84 6.99
CA TYR A 892 41.24 38.85 5.56
C TYR A 892 40.89 40.20 4.95
N THR A 893 39.75 40.75 5.38
CA THR A 893 39.27 42.02 4.85
C THR A 893 40.27 43.13 5.19
N SER A 894 40.79 43.10 6.41
CA SER A 894 41.75 44.10 6.85
C SER A 894 42.98 44.07 5.95
N ALA A 895 43.49 42.86 5.66
CA ALA A 895 44.66 42.71 4.79
C ALA A 895 44.39 43.24 3.39
N LEU A 896 43.19 42.98 2.87
CA LEU A 896 42.83 43.44 1.54
C LEU A 896 42.77 44.96 1.46
N LEU A 897 42.24 45.61 2.49
CA LEU A 897 42.17 47.06 2.49
C LEU A 897 43.54 47.69 2.72
N ALA A 898 44.32 47.11 3.62
CA ALA A 898 45.64 47.67 3.88
C ALA A 898 46.43 47.66 2.59
N GLY A 899 46.33 46.56 1.85
CA GLY A 899 46.99 46.45 0.55
C GLY A 899 46.45 47.46 -0.45
N THR A 900 45.13 47.49 -0.64
CA THR A 900 44.52 48.36 -1.63
C THR A 900 44.92 49.82 -1.43
N ILE A 901 44.92 50.26 -0.18
CA ILE A 901 45.23 51.64 0.14
C ILE A 901 46.72 51.99 0.04
N THR A 902 47.61 51.12 0.55
CA THR A 902 49.04 51.47 0.61
C THR A 902 49.97 50.85 -0.44
N SER A 903 49.57 49.75 -1.10
CA SER A 903 50.43 49.09 -2.07
C SER A 903 49.72 48.88 -3.41
N GLY A 904 48.59 49.55 -3.58
CA GLY A 904 47.82 49.46 -4.80
C GLY A 904 47.38 48.04 -5.07
N TRP A 905 47.56 47.59 -6.32
CA TRP A 905 47.20 46.24 -6.71
C TRP A 905 48.38 45.28 -6.73
N THR A 906 49.57 45.76 -6.35
CA THR A 906 50.75 44.91 -6.50
C THR A 906 50.69 43.70 -5.60
N PHE A 907 50.05 43.84 -4.43
CA PHE A 907 49.93 42.76 -3.47
C PHE A 907 48.99 41.66 -3.98
N GLY A 908 48.15 42.02 -4.96
CA GLY A 908 47.24 41.07 -5.55
C GLY A 908 48.00 40.22 -6.56
N ALA A 909 48.77 40.90 -7.42
CA ALA A 909 49.58 40.25 -8.43
C ALA A 909 50.75 39.45 -7.83
N GLY A 910 51.32 39.96 -6.74
CA GLY A 910 52.48 39.34 -6.10
C GLY A 910 52.82 40.02 -4.77
N ALA A 911 54.06 40.48 -4.65
CA ALA A 911 54.53 41.15 -3.44
C ALA A 911 53.88 42.52 -3.28
N ALA A 912 53.66 42.93 -2.04
CA ALA A 912 53.08 44.25 -1.77
C ALA A 912 54.12 45.34 -1.79
N LEU A 913 54.07 46.19 -2.82
CA LEU A 913 55.02 47.26 -3.02
C LEU A 913 54.39 48.61 -2.69
N GLN A 914 54.97 49.34 -1.73
CA GLN A 914 54.41 50.61 -1.28
C GLN A 914 54.37 51.67 -2.37
N ILE A 915 53.32 52.48 -2.33
CA ILE A 915 53.16 53.63 -3.21
C ILE A 915 52.26 54.64 -2.48
N PRO A 916 52.53 55.96 -2.52
CA PRO A 916 51.69 56.99 -1.92
C PRO A 916 50.28 56.87 -2.48
N PHE A 917 49.28 57.11 -1.63
CA PHE A 917 47.91 56.96 -2.08
C PHE A 917 47.58 57.85 -3.28
N ALA A 918 48.00 59.12 -3.23
CA ALA A 918 47.72 60.03 -4.33
C ALA A 918 48.33 59.54 -5.64
N MET A 919 49.51 58.93 -5.55
CA MET A 919 50.17 58.42 -6.75
C MET A 919 49.39 57.25 -7.31
N GLN A 920 48.82 56.45 -6.42
CA GLN A 920 48.02 55.32 -6.84
C GLN A 920 46.76 55.78 -7.57
N MET A 921 46.16 56.85 -7.07
CA MET A 921 44.96 57.38 -7.71
C MET A 921 45.29 57.92 -9.09
N ALA A 922 46.48 58.50 -9.26
CA ALA A 922 46.88 59.04 -10.55
C ALA A 922 46.85 57.96 -11.61
N TYR A 923 47.25 56.75 -11.23
CA TYR A 923 47.23 55.63 -12.19
C TYR A 923 45.80 55.18 -12.44
N ARG A 924 44.98 55.18 -11.39
CA ARG A 924 43.61 54.74 -11.51
C ARG A 924 42.80 55.65 -12.42
N PHE A 925 43.08 56.96 -12.37
CA PHE A 925 42.44 57.94 -13.24
C PHE A 925 42.92 57.82 -14.68
N ASN A 926 44.23 57.63 -14.86
CA ASN A 926 44.76 57.48 -16.21
C ASN A 926 44.11 56.29 -16.90
N GLY A 927 43.84 55.25 -16.11
CA GLY A 927 43.23 54.01 -16.59
C GLY A 927 41.81 54.17 -17.12
N ILE A 928 41.17 55.31 -16.86
CA ILE A 928 39.82 55.56 -17.36
C ILE A 928 39.79 56.70 -18.35
N GLY A 929 40.96 57.10 -18.86
CA GLY A 929 41.04 58.16 -19.85
C GLY A 929 41.12 59.57 -19.26
N VAL A 930 41.52 59.69 -17.99
CA VAL A 930 41.65 61.01 -17.38
C VAL A 930 43.11 61.26 -17.01
N THR A 931 43.71 62.27 -17.63
CA THR A 931 45.13 62.55 -17.45
C THR A 931 45.45 62.82 -15.99
N GLN A 932 46.59 62.33 -15.53
CA GLN A 932 47.02 62.38 -14.13
C GLN A 932 46.97 63.78 -13.51
N ASN A 933 47.17 64.81 -14.31
CA ASN A 933 47.21 66.16 -13.77
C ASN A 933 45.85 66.58 -13.23
N VAL A 934 44.78 65.93 -13.69
CA VAL A 934 43.42 66.29 -13.26
C VAL A 934 43.26 65.97 -11.79
N LEU A 935 43.79 64.82 -11.38
CA LEU A 935 43.75 64.42 -9.99
C LEU A 935 44.42 65.43 -9.11
N TYR A 936 45.60 65.85 -9.50
CA TYR A 936 46.35 66.76 -8.64
C TYR A 936 45.72 68.14 -8.58
N GLU A 937 45.20 68.64 -9.71
CA GLU A 937 44.57 69.96 -9.70
C GLU A 937 43.35 69.94 -8.79
N ASN A 938 42.64 68.82 -8.78
CA ASN A 938 41.43 68.66 -7.98
C ASN A 938 41.62 67.71 -6.80
N GLN A 939 42.84 67.46 -6.34
CA GLN A 939 43.00 66.47 -5.26
C GLN A 939 42.18 66.80 -4.02
N LYS A 940 42.09 68.09 -3.67
CA LYS A 940 41.34 68.47 -2.49
C LYS A 940 39.86 68.18 -2.69
N LEU A 941 39.35 68.51 -3.88
CA LEU A 941 37.96 68.29 -4.22
C LEU A 941 37.62 66.81 -4.24
N ILE A 942 38.50 66.01 -4.83
CA ILE A 942 38.28 64.59 -4.97
C ILE A 942 38.25 63.92 -3.60
N ALA A 943 39.20 64.28 -2.73
CA ALA A 943 39.23 63.72 -1.40
C ALA A 943 37.96 64.09 -0.64
N ASN A 944 37.48 65.32 -0.81
CA ASN A 944 36.26 65.75 -0.13
C ASN A 944 35.04 65.01 -0.63
N GLN A 945 34.95 64.81 -1.95
CA GLN A 945 33.83 64.09 -2.53
C GLN A 945 33.83 62.64 -2.06
N PHE A 946 35.03 62.06 -1.99
CA PHE A 946 35.16 60.68 -1.54
C PHE A 946 34.69 60.54 -0.11
N ASN A 947 35.16 61.44 0.76
CA ASN A 947 34.83 61.36 2.18
C ASN A 947 33.33 61.52 2.38
N SER A 948 32.72 62.40 1.59
CA SER A 948 31.28 62.61 1.66
C SER A 948 30.55 61.35 1.23
N ALA A 949 31.01 60.74 0.13
CA ALA A 949 30.41 59.52 -0.40
C ALA A 949 30.42 58.39 0.61
N ILE A 950 31.49 58.30 1.41
CA ILE A 950 31.55 57.26 2.42
C ILE A 950 30.49 57.54 3.49
N GLY A 951 30.34 58.79 3.90
CA GLY A 951 29.30 59.11 4.87
C GLY A 951 27.91 58.77 4.32
N LYS A 952 27.70 58.99 3.02
CA LYS A 952 26.42 58.69 2.39
C LYS A 952 26.07 57.21 2.43
N ILE A 953 27.05 56.33 2.19
CA ILE A 953 26.74 54.90 2.26
C ILE A 953 26.46 54.47 3.69
N GLN A 954 27.10 55.11 4.67
CA GLN A 954 26.84 54.78 6.06
C GLN A 954 25.38 55.04 6.40
N ASP A 955 24.86 56.18 5.97
CA ASP A 955 23.47 56.54 6.26
C ASP A 955 22.49 55.66 5.49
N SER A 956 22.85 55.26 4.28
CA SER A 956 22.00 54.38 3.48
C SER A 956 21.88 52.99 4.11
N LEU A 957 23.01 52.44 4.58
CA LEU A 957 23.04 51.13 5.20
C LEU A 957 22.48 51.15 6.62
N SER A 958 22.67 52.25 7.33
CA SER A 958 22.15 52.40 8.69
C SER A 958 21.00 52.07 9.63
N SER A 959 19.79 52.39 9.22
CA SER A 959 18.54 52.09 9.95
C SER A 959 17.73 51.16 9.04
N THR A 960 17.88 51.31 7.73
CA THR A 960 17.11 50.52 6.77
C THR A 960 17.79 49.19 6.43
N ALA A 961 17.10 48.09 6.70
CA ALA A 961 17.65 46.76 6.46
C ALA A 961 17.44 46.26 5.03
N SER A 962 16.63 46.98 4.25
CA SER A 962 16.28 46.52 2.90
C SER A 962 17.51 46.47 1.99
N ALA A 963 18.52 47.25 2.33
CA ALA A 963 19.76 47.30 1.58
C ALA A 963 20.42 45.94 1.51
N LEU A 964 20.22 45.12 2.56
CA LEU A 964 20.87 43.82 2.66
C LEU A 964 19.89 42.68 2.42
N GLY A 965 18.77 42.98 1.75
CA GLY A 965 17.74 41.98 1.50
C GLY A 965 18.32 40.75 0.81
N LYS A 966 19.31 40.94 -0.07
CA LYS A 966 19.90 39.81 -0.77
C LYS A 966 20.53 38.78 0.18
N LEU A 967 21.07 39.21 1.30
CA LEU A 967 21.68 38.28 2.24
C LEU A 967 20.57 37.70 3.12
N GLN A 968 19.58 38.53 3.42
CA GLN A 968 18.47 38.13 4.27
C GLN A 968 17.63 37.05 3.59
N ASP A 969 17.50 37.15 2.26
CA ASP A 969 16.74 36.17 1.48
C ASP A 969 17.34 34.78 1.54
N VAL A 970 18.66 34.69 1.55
CA VAL A 970 19.32 33.39 1.59
C VAL A 970 19.06 32.74 2.93
N VAL A 971 19.18 33.54 3.99
CA VAL A 971 18.95 33.07 5.33
C VAL A 971 17.50 32.64 5.52
N ASN A 972 16.57 33.44 5.02
CA ASN A 972 15.16 33.15 5.17
C ASN A 972 14.75 31.91 4.40
N GLN A 973 15.26 31.75 3.18
CA GLN A 973 14.90 30.59 2.39
C GLN A 973 15.40 29.30 3.02
N ASN A 974 16.61 29.34 3.60
CA ASN A 974 17.15 28.15 4.22
C ASN A 974 16.35 27.82 5.48
N ALA A 975 16.00 28.86 6.25
CA ALA A 975 15.23 28.65 7.47
C ALA A 975 13.87 28.05 7.14
N GLN A 976 13.25 28.52 6.07
CA GLN A 976 11.95 27.99 5.66
C GLN A 976 12.05 26.54 5.24
N ALA A 977 13.12 26.19 4.52
CA ALA A 977 13.31 24.81 4.09
C ALA A 977 13.44 23.89 5.30
N LEU A 978 14.15 24.35 6.33
CA LEU A 978 14.32 23.57 7.55
C LEU A 978 13.04 23.47 8.35
N ASN A 979 12.29 24.58 8.42
CA ASN A 979 11.05 24.59 9.18
C ASN A 979 10.03 23.67 8.53
N THR A 980 10.01 23.65 7.19
CA THR A 980 9.09 22.79 6.47
C THR A 980 9.44 21.34 6.71
N LEU A 981 10.72 21.01 6.64
CA LEU A 981 11.16 19.64 6.83
C LEU A 981 10.76 19.11 8.21
N VAL A 982 10.95 19.92 9.24
CA VAL A 982 10.60 19.50 10.59
C VAL A 982 9.09 19.40 10.78
N LYS A 983 8.33 20.37 10.26
CA LYS A 983 6.88 20.34 10.40
C LYS A 983 6.27 19.10 9.76
N GLN A 984 6.86 18.60 8.68
CA GLN A 984 6.37 17.41 7.98
C GLN A 984 6.38 16.16 8.86
N LEU A 985 7.13 16.17 9.95
CA LEU A 985 7.19 15.03 10.85
C LEU A 985 5.85 14.78 11.52
N SER A 986 5.00 15.82 11.57
CA SER A 986 3.71 15.73 12.22
C SER A 986 2.63 15.19 11.29
N SER A 987 2.95 15.00 10.02
CA SER A 987 2.01 14.53 9.01
C SER A 987 1.83 13.01 9.06
N ASN A 988 0.62 12.56 8.75
CA ASN A 988 0.29 11.13 8.75
C ASN A 988 0.73 10.40 7.49
N PHE A 989 0.66 11.08 6.35
CA PHE A 989 0.99 10.49 5.06
C PHE A 989 0.17 9.23 4.77
N GLY A 990 -1.07 9.19 5.26
CA GLY A 990 -1.95 8.04 5.07
C GLY A 990 -1.97 7.11 6.29
N ALA A 991 -1.05 7.32 7.23
CA ALA A 991 -0.97 6.51 8.44
C ALA A 991 -2.07 6.88 9.43
N ILE A 992 -2.34 5.97 10.37
CA ILE A 992 -3.30 6.22 11.44
C ILE A 992 -2.82 7.30 12.39
N SER A 993 -1.50 7.45 12.50
CA SER A 993 -0.89 8.44 13.36
C SER A 993 0.49 8.82 12.85
N SER A 994 0.82 10.09 13.00
CA SER A 994 2.13 10.62 12.62
C SER A 994 3.18 10.33 13.68
N VAL A 995 2.73 9.82 14.83
CA VAL A 995 3.63 9.52 15.92
C VAL A 995 4.02 8.05 15.90
N LEU A 996 5.31 7.81 15.74
CA LEU A 996 5.85 6.47 15.61
C LEU A 996 5.60 5.65 16.87
N ASN A 997 5.70 6.30 18.02
CA ASN A 997 5.52 5.63 19.28
C ASN A 997 4.07 5.18 19.49
N ASP A 998 3.12 5.91 18.91
CA ASP A 998 1.71 5.56 19.04
C ASP A 998 1.41 4.33 18.21
N ILE A 999 2.10 4.21 17.07
CA ILE A 999 1.93 3.02 16.23
C ILE A 999 2.53 1.81 16.92
N LEU A 1000 3.74 1.96 17.44
CA LEU A 1000 4.46 0.85 18.06
C LEU A 1000 3.75 0.29 19.29
N SER A 1001 3.16 1.16 20.10
CA SER A 1001 2.48 0.73 21.32
C SER A 1001 1.03 0.31 21.10
N ARG A 1002 0.53 0.47 19.86
CA ARG A 1002 -0.87 0.19 19.57
C ARG A 1002 -1.07 -1.02 18.69
N LEU A 1003 -0.21 -1.20 17.70
CA LEU A 1003 -0.39 -2.28 16.76
C LEU A 1003 0.68 -3.36 16.91
N ASP A 1004 0.27 -4.60 16.73
CA ASP A 1004 1.19 -5.71 16.65
C ASP A 1004 1.96 -5.56 15.33
N PRO A 1005 3.20 -6.06 15.21
CA PRO A 1005 4.06 -5.97 14.04
C PRO A 1005 3.37 -6.19 12.67
N PRO A 1006 2.48 -7.18 12.46
CA PRO A 1006 1.83 -7.44 11.18
C PRO A 1006 1.08 -6.22 10.65
N GLU A 1007 0.68 -5.32 11.55
CA GLU A 1007 -0.03 -4.10 11.17
C GLU A 1007 0.83 -2.87 11.43
N ALA A 1008 1.66 -2.92 12.47
CA ALA A 1008 2.49 -1.79 12.86
C ALA A 1008 3.49 -1.47 11.78
N GLU A 1009 4.03 -2.51 11.14
CA GLU A 1009 5.05 -2.32 10.13
C GLU A 1009 4.49 -1.58 8.93
N VAL A 1010 3.22 -1.80 8.62
CA VAL A 1010 2.59 -1.13 7.50
C VAL A 1010 2.46 0.36 7.78
N GLN A 1011 2.00 0.69 8.99
CA GLN A 1011 1.82 2.08 9.35
C GLN A 1011 3.18 2.78 9.43
N ILE A 1012 4.21 2.06 9.86
CA ILE A 1012 5.54 2.63 9.93
C ILE A 1012 6.05 2.90 8.52
N ASP A 1013 5.88 1.95 7.60
CA ASP A 1013 6.30 2.15 6.21
C ASP A 1013 5.65 3.38 5.61
N ARG A 1014 4.40 3.65 5.96
CA ARG A 1014 3.72 4.84 5.47
C ARG A 1014 4.45 6.10 5.92
N LEU A 1015 4.92 6.10 7.18
CA LEU A 1015 5.63 7.26 7.71
C LEU A 1015 7.04 7.33 7.15
N ILE A 1016 7.68 6.17 6.92
CA ILE A 1016 9.01 6.16 6.35
C ILE A 1016 8.99 6.72 4.95
N THR A 1017 8.01 6.29 4.15
CA THR A 1017 7.91 6.77 2.78
C THR A 1017 7.70 8.27 2.76
N GLY A 1018 6.79 8.77 3.59
CA GLY A 1018 6.49 10.19 3.64
C GLY A 1018 7.70 11.01 4.08
N ARG A 1019 8.32 10.60 5.17
CA ARG A 1019 9.46 11.31 5.73
C ARG A 1019 10.69 11.20 4.83
N LEU A 1020 10.88 10.06 4.19
CA LEU A 1020 12.01 9.88 3.29
C LEU A 1020 11.81 10.75 2.06
N GLN A 1021 10.58 10.83 1.55
CA GLN A 1021 10.29 11.68 0.39
C GLN A 1021 10.52 13.15 0.76
N SER A 1022 10.18 13.51 1.99
CA SER A 1022 10.38 14.87 2.48
C SER A 1022 11.89 15.20 2.51
N LEU A 1023 12.70 14.26 3.00
CA LEU A 1023 14.15 14.46 3.01
C LEU A 1023 14.70 14.53 1.60
N GLN A 1024 14.21 13.70 0.70
CA GLN A 1024 14.71 13.71 -0.67
C GLN A 1024 14.38 15.04 -1.34
N THR A 1025 13.18 15.56 -1.07
CA THR A 1025 12.75 16.85 -1.60
C THR A 1025 13.62 17.95 -1.04
N TYR A 1026 13.84 17.92 0.28
CA TYR A 1026 14.66 18.90 0.97
C TYR A 1026 16.07 18.93 0.42
N VAL A 1027 16.69 17.76 0.30
CA VAL A 1027 18.07 17.70 -0.18
C VAL A 1027 18.16 18.21 -1.60
N THR A 1028 17.21 17.82 -2.46
CA THR A 1028 17.22 18.29 -3.84
C THR A 1028 17.11 19.81 -3.87
N GLN A 1029 16.21 20.36 -3.04
CA GLN A 1029 16.01 21.80 -2.99
C GLN A 1029 17.27 22.50 -2.51
N GLN A 1030 17.98 21.90 -1.55
CA GLN A 1030 19.21 22.47 -1.04
C GLN A 1030 20.32 22.42 -2.08
N LEU A 1031 20.36 21.35 -2.88
CA LEU A 1031 21.37 21.22 -3.91
C LEU A 1031 21.18 22.26 -5.00
N ILE A 1032 19.93 22.55 -5.34
CA ILE A 1032 19.64 23.54 -6.37
C ILE A 1032 19.93 24.95 -5.84
N ARG A 1033 19.48 25.25 -4.61
CA ARG A 1033 19.76 26.55 -4.03
C ARG A 1033 21.26 26.74 -3.87
N ALA A 1034 21.96 25.68 -3.46
CA ALA A 1034 23.39 25.72 -3.28
C ALA A 1034 24.09 25.99 -4.61
N ALA A 1035 23.53 25.48 -5.71
CA ALA A 1035 24.11 25.73 -7.03
C ALA A 1035 24.05 27.22 -7.36
N GLU A 1036 22.97 27.90 -6.95
CA GLU A 1036 22.87 29.34 -7.17
C GLU A 1036 23.96 30.06 -6.38
N ILE A 1037 24.14 29.63 -5.12
CA ILE A 1037 25.16 30.21 -4.25
C ILE A 1037 26.55 29.93 -4.80
N ARG A 1038 26.76 28.73 -5.33
CA ARG A 1038 28.02 28.36 -5.95
C ARG A 1038 28.38 29.41 -7.00
N ALA A 1039 27.41 29.71 -7.88
CA ALA A 1039 27.61 30.71 -8.93
C ALA A 1039 27.83 32.12 -8.37
N SER A 1040 27.09 32.48 -7.32
CA SER A 1040 27.24 33.81 -6.73
C SER A 1040 28.60 33.98 -6.09
N ALA A 1041 29.09 32.93 -5.43
CA ALA A 1041 30.41 32.95 -4.81
C ALA A 1041 31.48 33.09 -5.87
N ASN A 1042 31.30 32.43 -7.03
CA ASN A 1042 32.28 32.55 -8.10
C ASN A 1042 32.32 33.97 -8.63
N LEU A 1043 31.14 34.59 -8.74
CA LEU A 1043 31.08 35.96 -9.21
C LEU A 1043 31.68 36.90 -8.19
N ALA A 1044 31.39 36.68 -6.91
CA ALA A 1044 31.92 37.52 -5.86
C ALA A 1044 33.44 37.44 -5.81
N ALA A 1045 33.98 36.24 -6.00
CA ALA A 1045 35.43 36.07 -6.01
C ALA A 1045 36.03 36.76 -7.23
N THR A 1046 35.34 36.66 -8.37
CA THR A 1046 35.81 37.30 -9.59
C THR A 1046 35.83 38.81 -9.38
N LYS A 1047 34.79 39.34 -8.77
CA LYS A 1047 34.70 40.75 -8.50
C LYS A 1047 35.81 41.20 -7.58
N MET A 1048 36.10 40.46 -6.53
CA MET A 1048 37.19 40.91 -5.68
C MET A 1048 38.51 40.93 -6.44
N SER A 1049 38.78 39.89 -7.22
CA SER A 1049 40.05 39.84 -7.93
C SER A 1049 40.19 40.96 -8.97
N GLU A 1050 39.13 41.23 -9.71
CA GLU A 1050 39.20 42.23 -10.78
C GLU A 1050 38.80 43.67 -10.40
N CYS A 1051 38.03 43.85 -9.31
CA CYS A 1051 37.52 45.14 -8.86
C CYS A 1051 38.36 45.70 -7.70
N VAL A 1052 38.86 44.83 -6.81
CA VAL A 1052 39.60 45.23 -5.62
C VAL A 1052 41.11 45.08 -5.81
N LEU A 1053 41.54 43.95 -6.38
CA LEU A 1053 42.97 43.66 -6.54
C LEU A 1053 43.51 44.16 -7.88
N GLY A 1054 42.75 45.04 -8.51
CA GLY A 1054 43.09 45.66 -9.77
C GLY A 1054 41.88 46.44 -10.22
N GLN A 1055 42.00 47.16 -11.32
CA GLN A 1055 40.85 47.89 -11.82
C GLN A 1055 40.41 47.34 -13.16
N SER A 1056 39.19 46.85 -13.22
CA SER A 1056 38.67 46.35 -14.46
C SER A 1056 38.16 47.53 -15.25
N LYS A 1057 38.00 47.33 -16.55
CA LYS A 1057 37.46 48.38 -17.40
C LYS A 1057 36.11 47.93 -17.93
N ARG A 1058 35.54 46.96 -17.23
CA ARG A 1058 34.27 46.37 -17.59
C ARG A 1058 33.09 47.22 -17.12
N VAL A 1059 32.20 47.52 -18.06
CA VAL A 1059 31.05 48.37 -17.82
C VAL A 1059 30.01 47.67 -16.96
N ASP A 1060 29.54 48.37 -15.92
CA ASP A 1060 28.54 47.88 -14.96
C ASP A 1060 29.04 46.71 -14.13
N PHE A 1061 30.34 46.43 -14.19
CA PHE A 1061 30.91 45.36 -13.38
C PHE A 1061 31.04 45.77 -11.90
N CYS A 1062 31.53 47.00 -11.66
CA CYS A 1062 31.76 47.57 -10.33
C CYS A 1062 30.78 48.75 -10.12
N GLY A 1063 29.52 48.51 -10.42
CA GLY A 1063 28.51 49.55 -10.31
C GLY A 1063 28.54 50.45 -11.53
N LYS A 1064 27.89 51.60 -11.43
CA LYS A 1064 27.79 52.53 -12.56
C LYS A 1064 28.95 53.50 -12.56
N GLY A 1065 29.32 53.99 -13.74
CA GLY A 1065 30.40 54.96 -13.89
C GLY A 1065 31.70 54.27 -14.27
N TYR A 1066 32.78 55.04 -14.38
CA TYR A 1066 34.07 54.46 -14.75
C TYR A 1066 34.78 53.99 -13.50
N HIS A 1067 35.20 52.74 -13.48
CA HIS A 1067 35.77 52.20 -12.25
C HIS A 1067 37.18 52.66 -11.94
N LEU A 1068 37.38 53.11 -10.71
CA LEU A 1068 38.70 53.51 -10.22
C LEU A 1068 39.23 52.48 -9.23
N MET A 1069 38.50 52.30 -8.12
CA MET A 1069 38.90 51.41 -7.02
C MET A 1069 37.69 50.89 -6.25
N SER A 1070 37.90 49.86 -5.45
CA SER A 1070 36.85 49.36 -4.57
C SER A 1070 37.44 48.79 -3.30
N PHE A 1071 36.58 48.67 -2.29
CA PHE A 1071 37.00 48.10 -1.03
C PHE A 1071 35.94 47.08 -0.58
N PRO A 1072 36.33 45.87 -0.19
CA PRO A 1072 35.48 44.85 0.36
C PRO A 1072 35.14 45.17 1.81
N GLN A 1073 34.00 44.67 2.26
CA GLN A 1073 33.60 44.70 3.67
C GLN A 1073 33.05 43.32 4.04
N SER A 1074 33.31 42.89 5.28
CA SER A 1074 32.78 41.64 5.77
C SER A 1074 31.28 41.76 6.01
N ALA A 1075 30.55 40.70 5.76
CA ALA A 1075 29.11 40.71 5.94
C ALA A 1075 28.61 39.32 6.30
N PRO A 1076 27.48 39.21 6.99
CA PRO A 1076 26.90 37.95 7.39
C PRO A 1076 26.53 37.13 6.17
N HIS A 1077 27.08 35.93 6.09
CA HIS A 1077 26.83 34.98 5.01
C HIS A 1077 27.19 35.51 3.62
N GLY A 1078 28.02 36.54 3.55
CA GLY A 1078 28.35 37.10 2.24
C GLY A 1078 29.37 38.21 2.26
N VAL A 1079 29.49 38.90 1.13
CA VAL A 1079 30.48 39.96 0.97
C VAL A 1079 29.84 41.24 0.43
N VAL A 1080 30.27 42.37 0.97
CA VAL A 1080 29.79 43.65 0.52
C VAL A 1080 30.89 44.45 -0.15
N PHE A 1081 30.65 44.88 -1.38
CA PHE A 1081 31.66 45.65 -2.08
C PHE A 1081 31.28 47.11 -2.20
N LEU A 1082 32.21 47.98 -1.83
CA LEU A 1082 32.03 49.41 -1.98
C LEU A 1082 32.77 49.87 -3.22
N HIS A 1083 32.03 50.31 -4.23
CA HIS A 1083 32.63 50.65 -5.51
C HIS A 1083 32.80 52.14 -5.68
N VAL A 1084 34.02 52.56 -5.95
CA VAL A 1084 34.33 53.98 -6.10
C VAL A 1084 34.50 54.28 -7.59
N THR A 1085 33.57 55.06 -8.13
CA THR A 1085 33.59 55.30 -9.56
C THR A 1085 33.55 56.78 -9.94
N TYR A 1086 34.07 57.04 -11.15
CA TYR A 1086 34.13 58.36 -11.75
C TYR A 1086 32.91 58.62 -12.62
N VAL A 1087 32.16 59.66 -12.27
CA VAL A 1087 30.96 59.99 -13.00
C VAL A 1087 31.02 61.45 -13.45
N PRO A 1088 30.85 61.75 -14.75
CA PRO A 1088 30.87 63.08 -15.30
C PRO A 1088 29.68 63.85 -14.74
N ALA A 1089 29.84 65.16 -14.57
CA ALA A 1089 28.78 65.99 -14.03
C ALA A 1089 28.38 67.03 -15.06
N GLN A 1090 28.68 68.30 -14.81
CA GLN A 1090 28.35 69.33 -15.78
C GLN A 1090 29.07 69.07 -17.08
N GLU A 1091 28.36 69.32 -18.17
CA GLU A 1091 28.88 69.14 -19.52
C GLU A 1091 28.70 70.42 -20.30
N LYS A 1092 29.56 70.64 -21.27
CA LYS A 1092 29.43 71.81 -22.11
C LYS A 1092 29.33 71.44 -23.60
N ASN A 1093 28.60 72.27 -24.33
CA ASN A 1093 28.27 72.18 -25.76
C ASN A 1093 29.43 72.74 -26.61
N PHE A 1094 30.14 71.84 -27.35
CA PHE A 1094 31.29 72.23 -28.20
C PHE A 1094 31.10 71.79 -29.65
N THR A 1095 31.71 72.55 -30.56
CA THR A 1095 31.72 72.14 -31.96
C THR A 1095 32.93 71.24 -32.18
N THR A 1096 32.80 70.24 -33.03
CA THR A 1096 33.92 69.33 -33.28
C THR A 1096 34.24 69.13 -34.75
N ALA A 1097 35.34 68.42 -34.99
CA ALA A 1097 35.81 68.06 -36.32
C ALA A 1097 36.76 66.87 -36.19
N PRO A 1098 36.81 65.97 -37.18
CA PRO A 1098 37.72 64.84 -37.25
C PRO A 1098 39.18 65.20 -37.49
N ALA A 1099 39.42 66.36 -38.07
CA ALA A 1099 40.80 66.73 -38.41
C ALA A 1099 40.94 68.22 -38.63
N ILE A 1100 42.18 68.66 -38.55
CA ILE A 1100 42.55 70.01 -38.90
C ILE A 1100 43.34 70.05 -40.21
N CYS A 1101 42.95 70.95 -41.13
CA CYS A 1101 43.62 71.18 -42.40
C CYS A 1101 44.63 72.31 -42.23
N HIS A 1102 45.91 72.02 -42.50
CA HIS A 1102 46.95 73.03 -42.28
C HIS A 1102 47.63 73.46 -43.59
N ASP A 1103 48.60 72.69 -44.07
CA ASP A 1103 49.29 73.00 -45.32
C ASP A 1103 48.78 72.15 -46.48
N GLY A 1104 47.56 71.64 -46.32
CA GLY A 1104 46.95 70.74 -47.29
C GLY A 1104 47.02 69.31 -46.76
N LYS A 1105 47.80 69.18 -45.68
CA LYS A 1105 48.00 67.92 -44.98
C LYS A 1105 46.92 67.78 -43.91
N ALA A 1106 46.53 66.54 -43.61
CA ALA A 1106 45.51 66.31 -42.58
C ALA A 1106 46.12 65.93 -41.24
N HIS A 1107 45.80 66.73 -40.22
CA HIS A 1107 46.28 66.52 -38.86
C HIS A 1107 45.20 65.91 -37.97
N PHE A 1108 45.49 64.75 -37.40
CA PHE A 1108 44.56 64.05 -36.51
C PHE A 1108 45.15 64.03 -35.10
N PRO A 1109 44.34 64.00 -34.03
CA PRO A 1109 44.82 63.97 -32.66
C PRO A 1109 45.55 62.66 -32.40
N ARG A 1110 46.59 62.69 -31.59
CA ARG A 1110 47.22 61.44 -31.18
C ARG A 1110 46.25 60.72 -30.26
N GLU A 1111 45.61 61.51 -29.41
CA GLU A 1111 44.60 61.07 -28.45
C GLU A 1111 43.71 62.26 -28.13
N GLY A 1112 42.40 62.09 -28.20
CA GLY A 1112 41.48 63.17 -27.88
C GLY A 1112 40.66 63.62 -29.08
N VAL A 1113 39.94 64.72 -28.89
CA VAL A 1113 39.02 65.25 -29.88
C VAL A 1113 39.26 66.74 -30.14
N PHE A 1114 39.14 67.15 -31.40
CA PHE A 1114 39.26 68.58 -31.70
C PHE A 1114 37.93 69.24 -31.35
N VAL A 1115 38.02 70.36 -30.67
CA VAL A 1115 36.83 71.07 -30.23
C VAL A 1115 36.91 72.54 -30.58
N SER A 1116 35.78 73.21 -30.61
CA SER A 1116 35.77 74.65 -30.82
C SER A 1116 34.75 75.34 -29.93
N ASN A 1117 35.16 76.51 -29.40
CA ASN A 1117 34.34 77.38 -28.56
C ASN A 1117 33.57 78.43 -29.40
N GLY A 1118 33.65 78.32 -30.75
CA GLY A 1118 32.99 79.20 -31.71
C GLY A 1118 33.96 80.23 -32.29
N THR A 1119 35.11 80.42 -31.64
CA THR A 1119 36.11 81.37 -32.11
C THR A 1119 37.47 80.71 -32.37
N HIS A 1120 37.78 79.66 -31.62
CA HIS A 1120 39.11 79.04 -31.67
C HIS A 1120 39.05 77.52 -31.45
N TRP A 1121 39.90 76.80 -32.20
CA TRP A 1121 40.01 75.34 -32.08
C TRP A 1121 41.08 74.90 -31.10
N PHE A 1122 40.71 73.91 -30.28
CA PHE A 1122 41.56 73.31 -29.26
C PHE A 1122 41.49 71.79 -29.36
N VAL A 1123 42.42 71.11 -28.75
CA VAL A 1123 42.33 69.65 -28.68
C VAL A 1123 42.30 69.20 -27.23
N THR A 1124 41.40 68.29 -26.88
CA THR A 1124 41.34 67.86 -25.48
C THR A 1124 40.97 66.38 -25.31
N GLN A 1125 41.21 65.87 -24.11
CA GLN A 1125 40.83 64.50 -23.75
C GLN A 1125 39.31 64.38 -23.62
N ARG A 1126 38.77 63.26 -24.07
CA ARG A 1126 37.33 63.06 -24.09
C ARG A 1126 36.62 63.06 -22.72
N ASN A 1127 37.27 62.54 -21.68
CA ASN A 1127 36.58 62.37 -20.40
C ASN A 1127 36.76 63.51 -19.40
N PHE A 1128 37.36 64.63 -19.81
CA PHE A 1128 37.49 65.79 -18.93
C PHE A 1128 37.99 67.01 -19.70
N TYR A 1129 37.10 67.96 -19.95
CA TYR A 1129 37.44 69.11 -20.78
C TYR A 1129 38.59 69.92 -20.20
N GLU A 1130 39.64 70.00 -20.99
CA GLU A 1130 40.83 70.75 -20.63
C GLU A 1130 41.57 71.08 -21.92
N PRO A 1131 41.20 72.18 -22.60
CA PRO A 1131 41.57 72.52 -23.96
C PRO A 1131 43.04 72.84 -24.09
N GLN A 1132 43.69 72.24 -25.08
CA GLN A 1132 45.09 72.50 -25.35
C GLN A 1132 45.24 73.20 -26.69
N ILE A 1133 46.35 73.90 -26.87
CA ILE A 1133 46.65 74.48 -28.16
C ILE A 1133 47.01 73.34 -29.11
N ILE A 1134 46.49 73.39 -30.32
CA ILE A 1134 46.76 72.35 -31.29
C ILE A 1134 48.15 72.55 -31.88
N THR A 1135 49.01 71.58 -31.65
CA THR A 1135 50.40 71.65 -32.09
C THR A 1135 50.81 70.36 -32.76
N THR A 1136 52.00 70.39 -33.35
CA THR A 1136 52.57 69.24 -34.04
C THR A 1136 52.98 68.14 -33.06
N ASP A 1137 52.98 68.45 -31.76
CA ASP A 1137 53.33 67.47 -30.74
C ASP A 1137 52.09 66.77 -30.19
N ASN A 1138 50.92 67.21 -30.63
CA ASN A 1138 49.67 66.63 -30.19
C ASN A 1138 49.03 65.81 -31.29
N THR A 1139 49.19 66.28 -32.53
CA THR A 1139 48.58 65.64 -33.68
C THR A 1139 49.60 64.88 -34.50
N PHE A 1140 49.11 64.12 -35.46
CA PHE A 1140 49.97 63.42 -36.40
C PHE A 1140 49.43 63.62 -37.81
N VAL A 1141 50.29 63.50 -38.81
CA VAL A 1141 49.84 63.70 -40.17
C VAL A 1141 49.73 62.42 -40.96
N SER A 1142 48.55 62.22 -41.53
CA SER A 1142 48.29 61.06 -42.37
C SER A 1142 47.14 61.36 -43.31
N GLY A 1143 47.38 61.25 -44.61
CA GLY A 1143 46.36 61.60 -45.58
C GLY A 1143 46.35 63.10 -45.80
N ASN A 1144 45.29 63.62 -46.39
CA ASN A 1144 45.24 65.02 -46.76
C ASN A 1144 43.84 65.60 -46.61
N CYS A 1145 43.70 66.91 -46.88
CA CYS A 1145 42.47 67.67 -46.66
C CYS A 1145 41.34 67.31 -47.62
N ASP A 1146 41.66 66.61 -48.70
CA ASP A 1146 40.63 66.29 -49.69
C ASP A 1146 39.93 64.97 -49.41
N VAL A 1147 40.39 64.23 -48.40
CA VAL A 1147 39.80 62.93 -48.13
C VAL A 1147 39.13 62.83 -46.76
N VAL A 1148 39.15 63.92 -46.00
CA VAL A 1148 38.53 63.87 -44.68
C VAL A 1148 37.21 64.63 -44.64
N ILE A 1149 36.14 63.91 -44.35
CA ILE A 1149 34.82 64.50 -44.32
C ILE A 1149 34.64 65.30 -43.05
N GLY A 1150 34.31 66.59 -43.19
CA GLY A 1150 34.12 67.43 -42.02
C GLY A 1150 35.40 68.12 -41.54
N ILE A 1151 36.48 68.02 -42.31
CA ILE A 1151 37.74 68.67 -41.93
C ILE A 1151 37.60 70.19 -41.94
N VAL A 1152 38.24 70.86 -41.00
CA VAL A 1152 38.15 72.32 -40.91
C VAL A 1152 39.52 73.01 -41.08
N ASN A 1153 39.50 74.31 -41.42
CA ASN A 1153 40.71 75.14 -41.59
C ASN A 1153 41.12 75.80 -40.28
N ASN A 1154 42.35 75.51 -39.81
CA ASN A 1154 42.93 76.08 -38.58
C ASN A 1154 44.44 76.18 -38.74
N THR A 1155 45.11 76.70 -37.72
CA THR A 1155 46.55 76.77 -37.75
C THR A 1155 47.16 75.83 -36.72
N VAL A 1156 48.03 74.94 -37.18
CA VAL A 1156 48.71 74.03 -36.28
C VAL A 1156 50.04 74.65 -35.89
N TYR A 1157 50.29 74.75 -34.60
CA TYR A 1157 51.48 75.41 -34.09
C TYR A 1157 52.69 74.49 -33.97
N ASP A 1158 53.83 74.98 -34.47
CA ASP A 1158 55.10 74.28 -34.38
C ASP A 1158 56.04 74.97 -33.38
N PRO A 1159 56.22 74.43 -32.16
CA PRO A 1159 57.05 74.95 -31.08
C PRO A 1159 58.51 75.13 -31.48
N LEU A 1160 58.92 74.46 -32.56
CA LEU A 1160 60.29 74.55 -33.03
C LEU A 1160 60.58 75.82 -33.80
N GLN A 1161 59.61 76.39 -34.49
CA GLN A 1161 59.98 77.50 -35.36
C GLN A 1161 60.48 78.72 -34.56
N PRO A 1162 59.81 79.16 -33.48
CA PRO A 1162 60.25 80.27 -32.65
C PRO A 1162 61.67 80.06 -32.12
N GLU A 1163 62.03 78.79 -31.89
CA GLU A 1163 63.35 78.46 -31.37
C GLU A 1163 64.43 78.63 -32.43
N LEU A 1164 64.09 78.30 -33.67
CA LEU A 1164 65.02 78.43 -34.79
C LEU A 1164 65.23 79.92 -35.10
N ASP A 1165 64.15 80.69 -34.97
CA ASP A 1165 64.19 82.13 -35.25
C ASP A 1165 64.93 82.93 -34.16
N SER A 1166 64.77 82.53 -32.87
CA SER A 1166 65.41 83.17 -31.73
C SER A 1166 66.91 82.84 -31.69
N ILE B 2 -49.55 -15.40 -7.23
CA ILE B 2 -48.90 -16.62 -6.74
C ILE B 2 -49.01 -16.63 -5.21
N GLU B 3 -49.26 -17.82 -4.64
CA GLU B 3 -49.39 -18.00 -3.19
C GLU B 3 -48.10 -18.54 -2.60
N MET B 4 -47.74 -18.03 -1.42
CA MET B 4 -46.56 -18.51 -0.73
C MET B 4 -46.92 -19.13 0.61
N THR B 5 -46.29 -20.26 0.92
CA THR B 5 -46.52 -20.96 2.19
C THR B 5 -45.23 -21.10 2.99
N GLN B 6 -45.27 -20.71 4.25
CA GLN B 6 -44.09 -20.81 5.10
C GLN B 6 -44.21 -21.95 6.10
N SER B 7 -43.06 -22.51 6.47
CA SER B 7 -43.03 -23.59 7.42
C SER B 7 -41.77 -23.57 8.28
N PRO B 8 -41.92 -23.77 9.58
CA PRO B 8 -43.13 -23.98 10.36
C PRO B 8 -43.86 -22.66 10.54
N SER B 9 -45.11 -22.70 11.02
CA SER B 9 -45.79 -21.45 11.35
C SER B 9 -45.15 -20.82 12.59
N SER B 10 -44.55 -21.67 13.42
CA SER B 10 -43.86 -21.26 14.63
C SER B 10 -42.62 -22.13 14.84
N LEU B 11 -41.48 -21.48 14.96
CA LEU B 11 -40.21 -22.15 15.12
C LEU B 11 -39.67 -21.93 16.52
N SER B 12 -39.29 -23.02 17.18
CA SER B 12 -38.76 -22.93 18.54
C SER B 12 -37.27 -23.24 18.54
N ALA B 13 -36.44 -22.25 18.88
CA ALA B 13 -35.00 -22.46 18.90
C ALA B 13 -34.37 -21.64 20.00
N ALA B 14 -33.30 -22.16 20.59
CA ALA B 14 -32.62 -21.49 21.66
C ALA B 14 -31.66 -20.45 21.12
N VAL B 15 -31.22 -19.55 21.97
CA VAL B 15 -30.19 -18.62 21.55
C VAL B 15 -28.91 -19.42 21.32
N GLY B 16 -28.30 -19.22 20.16
CA GLY B 16 -27.10 -19.95 19.76
C GLY B 16 -27.40 -21.08 18.77
N ASP B 17 -28.68 -21.45 18.65
CA ASP B 17 -29.08 -22.50 17.71
C ASP B 17 -29.14 -21.99 16.29
N ARG B 18 -29.00 -22.91 15.33
CA ARG B 18 -29.16 -22.57 13.93
C ARG B 18 -30.64 -22.58 13.60
N VAL B 19 -31.10 -21.54 12.93
CA VAL B 19 -32.50 -21.42 12.58
C VAL B 19 -32.74 -21.42 11.08
N THR B 20 -33.56 -22.35 10.62
CA THR B 20 -33.89 -22.42 9.21
C THR B 20 -35.39 -22.31 9.00
N ILE B 21 -35.77 -21.40 8.12
CA ILE B 21 -37.17 -21.13 7.80
C ILE B 21 -37.41 -21.38 6.32
N THR B 22 -38.41 -22.19 5.98
CA THR B 22 -38.61 -22.45 4.57
C THR B 22 -39.86 -21.71 4.05
N CYS B 23 -39.88 -21.49 2.73
CA CYS B 23 -40.99 -20.87 2.01
C CYS B 23 -41.16 -21.54 0.64
N ARG B 24 -42.40 -21.93 0.34
CA ARG B 24 -42.69 -22.59 -0.92
C ARG B 24 -43.67 -21.83 -1.79
N ALA B 25 -43.37 -21.76 -3.08
CA ALA B 25 -44.25 -21.12 -4.04
C ALA B 25 -45.21 -22.12 -4.64
N SER B 26 -46.43 -21.69 -4.92
CA SER B 26 -47.41 -22.52 -5.61
C SER B 26 -46.99 -22.81 -7.06
N GLN B 27 -46.07 -22.00 -7.58
CA GLN B 27 -45.48 -22.20 -8.90
C GLN B 27 -44.12 -21.53 -8.93
N SER B 28 -43.27 -21.90 -9.89
CA SER B 28 -41.95 -21.30 -9.93
C SER B 28 -41.95 -19.79 -10.00
N ILE B 29 -41.09 -19.20 -9.18
CA ILE B 29 -40.89 -17.76 -9.14
C ILE B 29 -39.43 -17.42 -9.44
N GLY B 30 -38.73 -18.32 -10.12
CA GLY B 30 -37.33 -18.05 -10.44
C GLY B 30 -36.54 -17.86 -9.15
N SER B 31 -35.86 -16.73 -9.03
CA SER B 31 -35.09 -16.39 -7.83
C SER B 31 -35.70 -15.15 -7.19
N TYR B 32 -36.92 -14.84 -7.60
CA TYR B 32 -37.61 -13.65 -7.17
C TYR B 32 -38.32 -13.83 -5.83
N LEU B 33 -37.55 -13.92 -4.76
CA LEU B 33 -38.13 -14.03 -3.43
C LEU B 33 -37.39 -13.16 -2.44
N ASN B 34 -38.12 -12.36 -1.68
CA ASN B 34 -37.51 -11.52 -0.66
C ASN B 34 -37.86 -12.03 0.75
N TRP B 35 -37.00 -11.76 1.72
CA TRP B 35 -37.29 -12.11 3.11
C TRP B 35 -37.19 -10.90 4.01
N TYR B 36 -38.16 -10.80 4.93
CA TYR B 36 -38.26 -9.71 5.88
C TYR B 36 -38.33 -10.17 7.33
N GLN B 37 -37.83 -9.33 8.23
CA GLN B 37 -37.87 -9.59 9.67
C GLN B 37 -38.59 -8.47 10.41
N GLN B 38 -39.70 -8.79 11.05
CA GLN B 38 -40.45 -7.77 11.76
C GLN B 38 -40.47 -8.00 13.27
N LYS B 39 -39.88 -7.06 14.00
CA LYS B 39 -39.84 -7.18 15.45
C LYS B 39 -41.19 -6.76 16.01
N PRO B 40 -41.60 -7.24 17.19
CA PRO B 40 -42.82 -6.83 17.84
C PRO B 40 -42.85 -5.31 18.03
N GLY B 41 -43.93 -4.68 17.60
CA GLY B 41 -44.10 -3.23 17.76
C GLY B 41 -43.35 -2.42 16.69
N LYS B 42 -42.70 -3.11 15.75
CA LYS B 42 -41.90 -2.44 14.71
C LYS B 42 -42.34 -2.81 13.32
N ALA B 43 -41.99 -1.97 12.34
CA ALA B 43 -42.20 -2.26 10.94
C ALA B 43 -41.16 -3.30 10.50
N PRO B 44 -41.37 -4.06 9.41
CA PRO B 44 -40.45 -5.03 8.85
C PRO B 44 -39.14 -4.42 8.38
N LYS B 45 -38.07 -5.22 8.40
CA LYS B 45 -36.77 -4.84 7.83
C LYS B 45 -36.40 -5.82 6.73
N LEU B 46 -35.73 -5.34 5.68
CA LEU B 46 -35.32 -6.23 4.61
C LEU B 46 -34.05 -6.98 4.97
N LEU B 47 -34.10 -8.30 4.86
CA LEU B 47 -32.95 -9.13 5.14
C LEU B 47 -32.30 -9.62 3.87
N ILE B 48 -33.08 -10.33 3.06
CA ILE B 48 -32.58 -10.94 1.83
C ILE B 48 -33.46 -10.59 0.65
N TYR B 49 -32.86 -10.26 -0.48
CA TYR B 49 -33.65 -10.00 -1.68
C TYR B 49 -33.13 -10.81 -2.84
N ALA B 50 -34.00 -11.06 -3.81
CA ALA B 50 -33.61 -11.84 -4.99
C ALA B 50 -33.02 -13.20 -4.59
N ALA B 51 -33.69 -13.89 -3.65
CA ALA B 51 -33.36 -15.22 -3.14
C ALA B 51 -32.14 -15.26 -2.22
N SER B 52 -31.00 -14.74 -2.66
CA SER B 52 -29.77 -14.86 -1.88
C SER B 52 -28.96 -13.58 -1.64
N SER B 53 -29.43 -12.42 -2.09
CA SER B 53 -28.64 -11.21 -1.89
C SER B 53 -28.91 -10.61 -0.53
N LEU B 54 -27.87 -10.46 0.28
CA LEU B 54 -28.09 -9.93 1.62
C LEU B 54 -28.13 -8.41 1.56
N GLN B 55 -29.06 -7.79 2.28
CA GLN B 55 -29.16 -6.34 2.29
C GLN B 55 -28.16 -5.69 3.23
N SER B 56 -27.69 -4.51 2.86
CA SER B 56 -26.76 -3.77 3.70
C SER B 56 -27.40 -3.45 5.04
N GLY B 57 -26.64 -3.61 6.12
CA GLY B 57 -27.16 -3.33 7.46
C GLY B 57 -27.69 -4.59 8.13
N VAL B 58 -27.73 -5.69 7.38
CA VAL B 58 -28.21 -6.97 7.90
C VAL B 58 -27.01 -7.78 8.42
N PRO B 59 -27.04 -8.28 9.66
CA PRO B 59 -25.96 -9.04 10.27
C PRO B 59 -25.54 -10.20 9.38
N SER B 60 -24.23 -10.50 9.40
CA SER B 60 -23.62 -11.55 8.58
C SER B 60 -24.11 -12.94 8.96
N ARG B 61 -24.81 -13.02 10.08
CA ARG B 61 -25.40 -14.26 10.57
C ARG B 61 -26.49 -14.72 9.61
N PHE B 62 -27.05 -13.78 8.86
CA PHE B 62 -28.14 -14.08 7.93
C PHE B 62 -27.64 -14.43 6.55
N SER B 63 -28.21 -15.49 6.00
CA SER B 63 -27.91 -15.95 4.65
C SER B 63 -29.10 -16.72 4.13
N GLY B 64 -29.06 -17.11 2.86
CA GLY B 64 -30.16 -17.88 2.31
C GLY B 64 -29.98 -18.17 0.84
N SER B 65 -30.84 -19.03 0.32
CA SER B 65 -30.78 -19.43 -1.07
C SER B 65 -32.06 -20.13 -1.51
N GLY B 66 -32.04 -20.61 -2.74
CA GLY B 66 -33.17 -21.35 -3.29
C GLY B 66 -33.60 -20.78 -4.62
N SER B 67 -34.37 -21.58 -5.35
CA SER B 67 -34.88 -21.19 -6.65
C SER B 67 -36.12 -22.00 -7.01
N GLY B 68 -36.86 -21.52 -8.00
CA GLY B 68 -38.03 -22.24 -8.45
C GLY B 68 -39.12 -22.13 -7.42
N THR B 69 -39.42 -23.23 -6.74
CA THR B 69 -40.46 -23.23 -5.74
C THR B 69 -39.99 -23.35 -4.30
N ASP B 70 -38.73 -23.71 -4.07
CA ASP B 70 -38.30 -24.00 -2.69
C ASP B 70 -37.14 -23.14 -2.21
N PHE B 71 -37.42 -22.29 -1.22
CA PHE B 71 -36.44 -21.36 -0.68
C PHE B 71 -36.25 -21.50 0.83
N THR B 72 -35.03 -21.21 1.31
CA THR B 72 -34.75 -21.24 2.74
C THR B 72 -33.96 -20.03 3.24
N LEU B 73 -34.37 -19.49 4.38
CA LEU B 73 -33.63 -18.45 5.10
C LEU B 73 -32.91 -19.09 6.28
N THR B 74 -31.66 -18.73 6.48
CA THR B 74 -30.88 -19.30 7.58
C THR B 74 -30.25 -18.25 8.49
N ILE B 75 -30.34 -18.49 9.79
CA ILE B 75 -29.64 -17.70 10.79
C ILE B 75 -28.59 -18.62 11.40
N SER B 76 -27.31 -18.30 11.22
CA SER B 76 -26.28 -19.23 11.69
C SER B 76 -26.29 -19.43 13.20
N SER B 77 -26.68 -18.39 13.93
CA SER B 77 -26.77 -18.43 15.38
C SER B 77 -27.80 -17.43 15.88
N LEU B 78 -28.93 -17.93 16.35
CA LEU B 78 -30.03 -17.08 16.78
C LEU B 78 -29.65 -16.22 17.98
N GLN B 79 -29.94 -14.92 17.91
CA GLN B 79 -29.69 -14.02 19.03
C GLN B 79 -31.03 -13.59 19.66
N PRO B 80 -31.06 -13.12 20.92
CA PRO B 80 -32.26 -12.61 21.59
C PRO B 80 -32.99 -11.55 20.76
N GLU B 81 -32.23 -10.73 20.02
CA GLU B 81 -32.82 -9.67 19.21
C GLU B 81 -33.45 -10.18 17.92
N ASP B 82 -33.30 -11.48 17.65
CA ASP B 82 -33.86 -12.07 16.45
C ASP B 82 -35.24 -12.65 16.71
N PHE B 83 -35.76 -12.41 17.92
CA PHE B 83 -37.12 -12.80 18.24
C PHE B 83 -38.04 -11.94 17.39
N ALA B 84 -38.68 -12.55 16.41
CA ALA B 84 -39.41 -11.79 15.40
C ALA B 84 -40.32 -12.67 14.55
N ILE B 85 -41.22 -12.04 13.81
CA ILE B 85 -42.00 -12.74 12.81
C ILE B 85 -41.33 -12.56 11.45
N TYR B 86 -41.02 -13.67 10.81
CA TYR B 86 -40.32 -13.63 9.52
C TYR B 86 -41.28 -13.89 8.38
N TYR B 87 -41.14 -13.11 7.32
CA TYR B 87 -42.00 -13.27 6.16
C TYR B 87 -41.20 -13.45 4.87
N CYS B 88 -41.74 -14.26 3.94
CA CYS B 88 -41.22 -14.38 2.57
C CYS B 88 -42.18 -13.62 1.64
N GLN B 89 -41.63 -12.98 0.62
CA GLN B 89 -42.41 -12.22 -0.34
C GLN B 89 -42.09 -12.56 -1.77
N GLN B 90 -43.09 -12.99 -2.55
CA GLN B 90 -42.79 -13.25 -3.94
C GLN B 90 -42.63 -11.90 -4.64
N SER B 91 -41.62 -11.77 -5.49
CA SER B 91 -41.43 -10.55 -6.24
C SER B 91 -41.47 -10.81 -7.74
N TYR B 92 -41.84 -12.04 -8.10
CA TYR B 92 -41.93 -12.44 -9.49
C TYR B 92 -43.08 -11.75 -10.19
N VAL B 93 -44.22 -11.64 -9.51
CA VAL B 93 -45.38 -11.04 -10.16
C VAL B 93 -45.74 -9.70 -9.54
N SER B 94 -45.57 -8.67 -10.35
CA SER B 94 -45.85 -7.29 -10.01
C SER B 94 -47.13 -6.90 -10.76
N PRO B 95 -47.92 -5.96 -10.24
CA PRO B 95 -47.84 -5.16 -9.03
C PRO B 95 -48.30 -5.81 -7.73
N THR B 96 -48.95 -6.96 -7.83
CA THR B 96 -49.56 -7.56 -6.65
C THR B 96 -48.57 -8.38 -5.85
N TYR B 97 -47.72 -7.68 -5.10
CA TYR B 97 -46.71 -8.33 -4.27
C TYR B 97 -47.42 -8.95 -3.08
N THR B 98 -47.11 -10.20 -2.77
CA THR B 98 -47.74 -10.88 -1.64
C THR B 98 -46.73 -11.53 -0.72
N PHE B 99 -47.16 -11.73 0.51
CA PHE B 99 -46.35 -12.35 1.55
C PHE B 99 -46.93 -13.69 1.96
N GLY B 100 -46.07 -14.55 2.50
CA GLY B 100 -46.51 -15.81 3.07
C GLY B 100 -47.17 -15.52 4.41
N PRO B 101 -47.69 -16.53 5.11
CA PRO B 101 -48.37 -16.44 6.39
C PRO B 101 -47.45 -16.00 7.53
N GLY B 102 -46.15 -16.21 7.35
CA GLY B 102 -45.15 -15.82 8.34
C GLY B 102 -44.75 -16.97 9.27
N THR B 103 -43.48 -16.93 9.71
CA THR B 103 -42.94 -17.89 10.67
C THR B 103 -42.49 -17.17 11.92
N LYS B 104 -43.09 -17.49 13.06
CA LYS B 104 -42.70 -16.81 14.28
C LYS B 104 -41.53 -17.52 14.91
N VAL B 105 -40.44 -16.79 15.15
CA VAL B 105 -39.30 -17.41 15.81
C VAL B 105 -39.26 -17.03 17.27
N ASP B 106 -39.53 -18.03 18.10
CA ASP B 106 -39.57 -17.92 19.55
C ASP B 106 -38.25 -18.35 20.15
N ILE B 107 -37.98 -17.91 21.36
CA ILE B 107 -36.78 -18.38 22.04
C ILE B 107 -37.15 -19.61 22.86
N LYS B 108 -36.48 -20.72 22.60
CA LYS B 108 -36.81 -21.98 23.23
C LYS B 108 -36.34 -22.09 24.67
N ARG B 109 -37.25 -22.47 25.55
CA ARG B 109 -36.95 -22.75 26.94
C ARG B 109 -37.73 -23.99 27.38
N THR B 110 -37.16 -25.17 27.14
CA THR B 110 -37.78 -26.46 27.44
C THR B 110 -39.29 -26.44 27.15
N VAL B 111 -40.06 -27.20 27.92
CA VAL B 111 -41.52 -27.22 27.80
C VAL B 111 -42.17 -26.95 29.16
N ALA B 112 -43.06 -25.98 29.19
CA ALA B 112 -43.74 -25.61 30.43
C ALA B 112 -45.24 -25.81 30.34
N ALA B 113 -45.78 -26.68 31.20
CA ALA B 113 -47.22 -26.91 31.22
C ALA B 113 -47.92 -25.66 31.73
N PRO B 114 -49.13 -25.34 31.27
CA PRO B 114 -49.95 -24.23 31.69
C PRO B 114 -50.57 -24.43 33.06
N SER B 115 -50.74 -23.33 33.77
CA SER B 115 -51.52 -23.29 34.99
C SER B 115 -52.93 -22.90 34.58
N VAL B 116 -53.89 -23.79 34.80
CA VAL B 116 -55.23 -23.54 34.28
C VAL B 116 -56.24 -23.30 35.38
N PHE B 117 -56.90 -22.15 35.32
CA PHE B 117 -57.93 -21.80 36.28
C PHE B 117 -59.23 -21.46 35.56
N ILE B 118 -60.37 -21.83 36.14
CA ILE B 118 -61.64 -21.50 35.49
C ILE B 118 -62.42 -20.50 36.35
N PHE B 119 -62.92 -19.46 35.69
CA PHE B 119 -63.63 -18.37 36.34
C PHE B 119 -65.09 -18.25 35.91
N PRO B 120 -66.04 -18.63 36.77
CA PRO B 120 -67.47 -18.53 36.55
C PRO B 120 -67.80 -17.06 36.32
N PRO B 121 -68.86 -16.75 35.57
CA PRO B 121 -69.33 -15.41 35.29
C PRO B 121 -69.82 -14.76 36.57
N SER B 122 -69.57 -13.47 36.71
CA SER B 122 -70.00 -12.72 37.88
C SER B 122 -71.48 -12.46 37.88
N ASP B 123 -72.01 -12.10 39.04
CA ASP B 123 -73.42 -11.77 39.16
C ASP B 123 -73.69 -10.46 38.46
N GLU B 124 -72.71 -9.57 38.52
CA GLU B 124 -72.85 -8.26 37.90
C GLU B 124 -73.05 -8.40 36.39
N GLN B 125 -72.43 -9.39 35.77
CA GLN B 125 -72.60 -9.58 34.33
C GLN B 125 -73.91 -10.33 34.03
N LEU B 126 -74.24 -11.31 34.87
CA LEU B 126 -75.46 -12.09 34.66
C LEU B 126 -76.69 -11.20 34.78
N LYS B 127 -76.62 -10.18 35.64
CA LYS B 127 -77.70 -9.22 35.82
C LYS B 127 -77.99 -8.42 34.54
N SER B 128 -77.04 -8.39 33.61
CA SER B 128 -77.18 -7.67 32.35
C SER B 128 -77.62 -8.61 31.22
N GLY B 129 -77.81 -9.89 31.56
CA GLY B 129 -78.23 -10.90 30.59
C GLY B 129 -77.08 -11.56 29.82
N THR B 130 -75.85 -11.49 30.35
CA THR B 130 -74.71 -12.12 29.66
C THR B 130 -73.94 -13.03 30.62
N ALA B 131 -73.43 -14.15 30.09
CA ALA B 131 -72.68 -15.09 30.89
C ALA B 131 -71.36 -15.51 30.24
N SER B 132 -70.31 -14.73 30.47
CA SER B 132 -69.00 -15.03 29.90
C SER B 132 -68.18 -15.86 30.88
N VAL B 133 -67.78 -17.05 30.42
CA VAL B 133 -67.00 -17.96 31.24
C VAL B 133 -65.55 -17.80 30.82
N VAL B 134 -64.66 -17.55 31.77
CA VAL B 134 -63.27 -17.29 31.40
C VAL B 134 -62.31 -18.38 31.90
N CYS B 135 -61.47 -18.90 30.99
CA CYS B 135 -60.46 -19.91 31.29
C CYS B 135 -59.07 -19.36 30.97
N LEU B 136 -58.21 -19.34 31.98
CA LEU B 136 -56.89 -18.75 31.77
C LEU B 136 -55.78 -19.76 31.93
N LEU B 137 -54.94 -19.83 30.90
CA LEU B 137 -53.79 -20.72 30.83
C LEU B 137 -52.53 -19.88 31.01
N ASN B 138 -51.88 -19.96 32.16
CA ASN B 138 -50.74 -19.08 32.38
C ASN B 138 -49.39 -19.79 32.37
N ASN B 139 -48.36 -19.04 31.98
CA ASN B 139 -46.96 -19.46 32.08
C ASN B 139 -46.60 -20.76 31.35
N PHE B 140 -46.99 -20.90 30.08
CA PHE B 140 -46.67 -22.13 29.34
C PHE B 140 -45.82 -21.91 28.08
N TYR B 141 -45.16 -22.97 27.64
CA TYR B 141 -44.38 -22.93 26.40
C TYR B 141 -44.24 -24.35 25.83
N PRO B 142 -44.41 -24.56 24.51
CA PRO B 142 -44.63 -23.68 23.36
C PRO B 142 -45.91 -22.88 23.40
N ARG B 143 -45.95 -21.84 22.55
CA ARG B 143 -47.08 -20.91 22.42
C ARG B 143 -48.41 -21.58 22.08
N GLU B 144 -48.38 -22.62 21.27
CA GLU B 144 -49.61 -23.26 20.84
C GLU B 144 -50.25 -24.06 21.96
N ALA B 145 -51.55 -23.87 22.14
CA ALA B 145 -52.32 -24.62 23.11
C ALA B 145 -53.74 -24.75 22.59
N LYS B 146 -54.43 -25.81 22.99
CA LYS B 146 -55.82 -25.96 22.54
C LYS B 146 -56.78 -25.93 23.70
N VAL B 147 -57.84 -25.15 23.55
CA VAL B 147 -58.85 -25.07 24.58
C VAL B 147 -60.20 -25.53 24.07
N GLN B 148 -60.76 -26.54 24.71
CA GLN B 148 -62.04 -27.09 24.36
C GLN B 148 -63.11 -26.73 25.38
N TRP B 149 -64.01 -25.86 24.99
CA TRP B 149 -65.08 -25.44 25.88
C TRP B 149 -66.20 -26.43 25.89
N LYS B 150 -66.69 -26.76 27.07
CA LYS B 150 -67.79 -27.70 27.16
C LYS B 150 -68.90 -27.21 28.07
N VAL B 151 -70.13 -27.51 27.68
CA VAL B 151 -71.30 -27.23 28.49
C VAL B 151 -72.10 -28.53 28.62
N ASP B 152 -72.27 -29.00 29.85
CA ASP B 152 -72.87 -30.32 30.13
C ASP B 152 -72.14 -31.38 29.31
N ASN B 153 -70.83 -31.25 29.25
CA ASN B 153 -69.91 -32.14 28.54
C ASN B 153 -70.06 -32.13 27.01
N ALA B 154 -70.85 -31.21 26.47
CA ALA B 154 -70.98 -31.06 25.03
C ALA B 154 -69.99 -30.02 24.52
N LEU B 155 -69.27 -30.35 23.45
CA LEU B 155 -68.27 -29.43 22.92
C LEU B 155 -68.92 -28.22 22.24
N GLN B 156 -68.43 -27.04 22.59
CA GLN B 156 -68.90 -25.78 22.03
C GLN B 156 -68.07 -25.37 20.83
N SER B 157 -68.68 -24.63 19.92
CA SER B 157 -67.96 -24.08 18.77
C SER B 157 -68.63 -22.83 18.22
N GLY B 158 -67.81 -21.84 17.84
CA GLY B 158 -68.29 -20.62 17.19
C GLY B 158 -68.78 -19.57 18.18
N ASN B 159 -68.68 -19.85 19.47
CA ASN B 159 -69.15 -18.94 20.50
C ASN B 159 -68.08 -18.59 21.53
N SER B 160 -66.82 -18.64 21.11
CA SER B 160 -65.71 -18.33 22.00
C SER B 160 -64.58 -17.63 21.24
N GLN B 161 -63.77 -16.90 22.01
CA GLN B 161 -62.64 -16.15 21.49
C GLN B 161 -61.39 -16.41 22.31
N GLU B 162 -60.22 -16.27 21.69
CA GLU B 162 -58.97 -16.44 22.41
C GLU B 162 -57.99 -15.29 22.16
N SER B 163 -57.19 -14.99 23.18
CA SER B 163 -56.16 -13.96 23.11
C SER B 163 -54.86 -14.44 23.73
N VAL B 164 -53.77 -14.30 22.98
CA VAL B 164 -52.47 -14.79 23.45
C VAL B 164 -51.47 -13.65 23.59
N THR B 165 -50.77 -13.65 24.71
CA THR B 165 -49.79 -12.63 25.06
C THR B 165 -48.49 -12.84 24.28
N GLU B 166 -47.60 -11.87 24.34
CA GLU B 166 -46.29 -11.99 23.70
C GLU B 166 -45.38 -12.84 24.59
N GLN B 167 -44.37 -13.46 24.02
CA GLN B 167 -43.47 -14.28 24.83
C GLN B 167 -42.86 -13.42 25.93
N ASP B 168 -42.89 -13.94 27.15
CA ASP B 168 -42.35 -13.25 28.31
C ASP B 168 -40.86 -13.01 28.15
N SER B 169 -40.41 -11.84 28.57
CA SER B 169 -39.02 -11.43 28.45
C SER B 169 -38.07 -12.13 29.43
N LYS B 170 -38.61 -12.75 30.48
CA LYS B 170 -37.79 -13.40 31.49
C LYS B 170 -37.98 -14.91 31.54
N ASP B 171 -39.23 -15.36 31.60
CA ASP B 171 -39.50 -16.79 31.75
C ASP B 171 -39.69 -17.49 30.41
N SER B 172 -39.65 -16.71 29.34
CA SER B 172 -39.83 -17.20 27.97
C SER B 172 -41.12 -18.03 27.79
N THR B 173 -42.21 -17.57 28.39
CA THR B 173 -43.50 -18.27 28.31
C THR B 173 -44.64 -17.40 27.77
N TYR B 174 -45.75 -18.07 27.51
CA TYR B 174 -46.97 -17.48 27.00
C TYR B 174 -48.15 -17.68 27.93
N SER B 175 -49.11 -16.77 27.84
CA SER B 175 -50.37 -16.95 28.54
C SER B 175 -51.51 -16.83 27.53
N LEU B 176 -52.57 -17.62 27.74
CA LEU B 176 -53.72 -17.61 26.83
C LEU B 176 -55.02 -17.39 27.59
N SER B 177 -55.78 -16.42 27.11
CA SER B 177 -57.09 -16.14 27.68
C SER B 177 -58.17 -16.61 26.74
N SER B 178 -58.98 -17.54 27.21
CA SER B 178 -60.06 -18.08 26.41
C SER B 178 -61.40 -17.77 27.05
N THR B 179 -62.31 -17.18 26.29
CA THR B 179 -63.61 -16.82 26.84
C THR B 179 -64.76 -17.42 26.04
N LEU B 180 -65.66 -18.07 26.75
CA LEU B 180 -66.89 -18.62 26.18
C LEU B 180 -68.03 -17.68 26.50
N THR B 181 -68.66 -17.11 25.48
CA THR B 181 -69.71 -16.16 25.81
C THR B 181 -71.07 -16.64 25.37
N LEU B 182 -71.91 -16.87 26.37
CA LEU B 182 -73.27 -17.31 26.17
C LEU B 182 -74.16 -16.19 26.67
N SER B 183 -75.38 -16.09 26.13
CA SER B 183 -76.34 -15.17 26.71
C SER B 183 -76.80 -15.81 28.01
N LYS B 184 -77.32 -15.02 28.95
CA LYS B 184 -77.82 -15.64 30.18
C LYS B 184 -78.88 -16.68 29.86
N ALA B 185 -79.70 -16.40 28.85
CA ALA B 185 -80.76 -17.31 28.46
C ALA B 185 -80.21 -18.69 28.12
N ASP B 186 -79.00 -18.76 27.55
CA ASP B 186 -78.39 -20.01 27.15
C ASP B 186 -77.41 -20.53 28.20
N TYR B 187 -77.39 -19.86 29.36
CA TYR B 187 -76.54 -20.21 30.48
C TYR B 187 -77.38 -20.95 31.51
N GLU B 188 -78.61 -20.47 31.69
CA GLU B 188 -79.56 -21.00 32.67
C GLU B 188 -80.17 -22.32 32.21
N LYS B 189 -79.82 -22.76 31.01
CA LYS B 189 -80.28 -24.02 30.45
C LYS B 189 -79.35 -25.18 30.78
N HIS B 190 -78.18 -24.88 31.36
CA HIS B 190 -77.17 -25.91 31.59
C HIS B 190 -76.60 -25.83 33.00
N LYS B 191 -76.02 -26.93 33.48
CA LYS B 191 -75.50 -26.96 34.84
C LYS B 191 -73.98 -27.00 34.94
N VAL B 192 -73.33 -27.75 34.05
CA VAL B 192 -71.89 -27.94 34.18
C VAL B 192 -71.08 -27.21 33.13
N TYR B 193 -70.15 -26.38 33.58
CA TYR B 193 -69.29 -25.66 32.67
C TYR B 193 -67.86 -26.12 32.84
N ALA B 194 -67.15 -26.30 31.73
CA ALA B 194 -65.79 -26.81 31.83
C ALA B 194 -64.87 -26.27 30.72
N CYS B 195 -63.55 -26.28 31.04
CA CYS B 195 -62.47 -25.90 30.15
C CYS B 195 -61.42 -27.01 30.10
N GLU B 196 -61.34 -27.71 28.96
CA GLU B 196 -60.37 -28.77 28.77
C GLU B 196 -59.17 -28.26 28.00
N VAL B 197 -57.99 -28.40 28.58
CA VAL B 197 -56.77 -27.87 27.98
C VAL B 197 -55.77 -28.94 27.56
N THR B 198 -55.32 -28.84 26.31
CA THR B 198 -54.30 -29.73 25.76
C THR B 198 -53.04 -28.93 25.45
N HIS B 199 -51.90 -29.46 25.91
CA HIS B 199 -50.61 -28.79 25.73
C HIS B 199 -49.46 -29.80 25.76
N GLN B 200 -48.35 -29.45 25.13
CA GLN B 200 -47.16 -30.32 25.04
C GLN B 200 -46.57 -30.69 26.40
N GLY B 201 -46.77 -29.84 27.40
CA GLY B 201 -46.23 -30.08 28.75
C GLY B 201 -47.15 -30.93 29.60
N LEU B 202 -48.29 -31.34 29.05
CA LEU B 202 -49.25 -32.13 29.80
C LEU B 202 -49.26 -33.57 29.32
N SER B 203 -49.17 -34.51 30.26
CA SER B 203 -49.18 -35.94 29.94
C SER B 203 -50.57 -36.38 29.47
N SER B 204 -51.57 -35.58 29.82
CA SER B 204 -52.95 -35.79 29.43
C SER B 204 -53.65 -34.44 29.54
N PRO B 205 -54.73 -34.20 28.77
CA PRO B 205 -55.56 -33.02 28.85
C PRO B 205 -56.08 -32.81 30.26
N VAL B 206 -56.14 -31.56 30.69
CA VAL B 206 -56.61 -31.25 32.04
C VAL B 206 -57.90 -30.47 31.98
N THR B 207 -58.86 -30.84 32.82
CA THR B 207 -60.14 -30.14 32.78
C THR B 207 -60.50 -29.50 34.10
N LYS B 208 -60.86 -28.22 34.02
CA LYS B 208 -61.35 -27.48 35.17
C LYS B 208 -62.83 -27.23 34.95
N SER B 209 -63.61 -27.26 36.02
CA SER B 209 -65.05 -27.09 35.85
C SER B 209 -65.72 -26.50 37.07
N PHE B 210 -66.97 -26.06 36.88
CA PHE B 210 -67.80 -25.56 37.96
C PHE B 210 -69.26 -25.79 37.67
N ASN B 211 -70.07 -25.75 38.72
CA ASN B 211 -71.52 -25.84 38.56
C ASN B 211 -72.14 -24.46 38.60
N ARG B 212 -73.20 -24.28 37.83
CA ARG B 212 -73.93 -23.02 37.84
C ARG B 212 -74.64 -22.83 39.19
N GLY B 213 -74.54 -21.62 39.77
CA GLY B 213 -75.17 -21.27 41.04
C GLY B 213 -74.39 -21.86 42.22
N VAL C 1 -32.88 8.45 6.17
CA VAL C 1 -34.19 8.13 5.61
C VAL C 1 -35.22 7.97 6.74
N GLN C 2 -36.36 8.65 6.60
CA GLN C 2 -37.49 8.56 7.52
C GLN C 2 -38.82 8.60 6.78
N LEU C 3 -39.77 7.82 7.28
CA LEU C 3 -41.13 7.75 6.76
C LEU C 3 -42.13 7.84 7.91
N VAL C 4 -43.00 8.84 7.90
CA VAL C 4 -43.96 8.98 9.00
C VAL C 4 -45.41 9.06 8.54
N GLU C 5 -46.20 8.05 8.90
CA GLU C 5 -47.63 8.01 8.55
C GLU C 5 -48.50 8.84 9.47
N SER C 6 -49.61 9.31 8.92
CA SER C 6 -50.65 9.99 9.69
C SER C 6 -52.01 9.79 9.04
N GLY C 7 -53.04 10.36 9.66
CA GLY C 7 -54.41 10.30 9.14
C GLY C 7 -55.22 9.11 9.63
N GLY C 8 -54.63 8.26 10.45
CA GLY C 8 -55.36 7.10 10.95
C GLY C 8 -56.38 7.55 11.97
N GLY C 9 -57.42 6.75 12.16
CA GLY C 9 -58.47 7.08 13.11
C GLY C 9 -59.68 6.18 12.92
N LEU C 10 -60.80 6.58 13.50
CA LEU C 10 -62.05 5.84 13.45
C LEU C 10 -63.01 6.33 12.38
N VAL C 11 -63.48 5.40 11.56
CA VAL C 11 -64.45 5.68 10.50
C VAL C 11 -65.57 4.64 10.54
N GLN C 12 -66.76 5.05 10.12
CA GLN C 12 -67.89 4.12 9.99
C GLN C 12 -67.77 3.35 8.66
N PRO C 13 -68.35 2.15 8.54
CA PRO C 13 -68.50 1.41 7.30
C PRO C 13 -69.25 2.29 6.32
N GLY C 14 -68.79 2.32 5.07
CA GLY C 14 -69.41 3.15 4.06
C GLY C 14 -68.78 4.54 4.01
N GLY C 15 -67.89 4.83 4.96
CA GLY C 15 -67.22 6.12 5.03
C GLY C 15 -65.88 6.08 4.31
N SER C 16 -65.01 7.03 4.62
CA SER C 16 -63.71 7.14 3.97
C SER C 16 -62.64 7.67 4.92
N LEU C 17 -61.38 7.37 4.60
CA LEU C 17 -60.22 7.86 5.33
C LEU C 17 -59.11 8.31 4.41
N ARG C 18 -58.48 9.43 4.76
CA ARG C 18 -57.38 9.98 3.99
C ARG C 18 -56.07 9.89 4.74
N LEU C 19 -55.15 9.08 4.23
CA LEU C 19 -53.87 8.91 4.90
C LEU C 19 -52.79 9.70 4.21
N SER C 20 -51.76 10.00 4.97
CA SER C 20 -50.60 10.71 4.44
C SER C 20 -49.32 10.15 5.04
N CYS C 21 -48.19 10.37 4.37
CA CYS C 21 -46.87 9.98 4.85
C CYS C 21 -45.82 11.04 4.49
N ALA C 22 -45.09 11.48 5.50
CA ALA C 22 -44.02 12.45 5.32
C ALA C 22 -42.78 11.74 4.84
N ALA C 23 -42.15 12.29 3.81
CA ALA C 23 -40.95 11.72 3.25
C ALA C 23 -39.74 12.60 3.55
N SER C 24 -38.72 12.02 4.19
CA SER C 24 -37.51 12.79 4.48
C SER C 24 -36.25 11.93 4.38
N GLY C 25 -35.15 12.58 3.98
CA GLY C 25 -33.85 11.90 3.90
C GLY C 25 -33.58 11.26 2.54
N PHE C 26 -34.47 11.49 1.58
CA PHE C 26 -34.31 10.93 0.25
C PHE C 26 -35.00 11.77 -0.80
N THR C 27 -34.61 11.59 -2.06
CA THR C 27 -35.25 12.31 -3.14
C THR C 27 -36.58 11.66 -3.49
N PHE C 28 -37.60 12.05 -2.76
CA PHE C 28 -38.95 11.48 -2.88
C PHE C 28 -39.41 11.35 -4.32
N SER C 29 -39.17 12.37 -5.12
CA SER C 29 -39.63 12.39 -6.51
C SER C 29 -39.01 11.30 -7.39
N SER C 30 -37.91 10.70 -6.93
CA SER C 30 -37.20 9.68 -7.70
C SER C 30 -37.59 8.24 -7.32
N TYR C 31 -38.46 8.07 -6.33
CA TYR C 31 -38.80 6.73 -5.89
C TYR C 31 -40.26 6.34 -6.06
N ASP C 32 -40.46 5.04 -6.23
CA ASP C 32 -41.79 4.44 -6.29
C ASP C 32 -42.30 4.28 -4.87
N MET C 33 -43.46 4.86 -4.61
CA MET C 33 -44.01 4.85 -3.26
C MET C 33 -45.15 3.87 -3.13
N HIS C 34 -45.19 3.17 -2.01
CA HIS C 34 -46.18 2.13 -1.79
C HIS C 34 -46.90 2.24 -0.47
N TRP C 35 -48.10 1.68 -0.44
CA TRP C 35 -48.80 1.48 0.82
C TRP C 35 -49.06 -0.01 1.01
N VAL C 36 -48.88 -0.45 2.24
CA VAL C 36 -49.14 -1.83 2.62
C VAL C 36 -49.99 -1.79 3.89
N ARG C 37 -50.64 -2.88 4.24
CA ARG C 37 -51.39 -2.89 5.49
C ARG C 37 -51.22 -4.21 6.22
N GLN C 38 -51.21 -4.17 7.55
CA GLN C 38 -51.09 -5.40 8.31
C GLN C 38 -52.35 -5.68 9.11
N THR C 39 -52.99 -6.79 8.78
CA THR C 39 -54.28 -7.14 9.35
C THR C 39 -54.16 -8.33 10.29
N THR C 40 -54.70 -8.18 11.49
CA THR C 40 -54.62 -9.27 12.44
C THR C 40 -55.36 -10.48 11.91
N GLY C 41 -54.68 -11.62 11.87
CA GLY C 41 -55.27 -12.86 11.39
C GLY C 41 -54.97 -13.14 9.91
N LYS C 42 -54.46 -12.16 9.19
CA LYS C 42 -54.15 -12.34 7.77
C LYS C 42 -52.67 -12.13 7.47
N GLY C 43 -52.04 -11.19 8.17
CA GLY C 43 -50.65 -10.86 7.91
C GLY C 43 -50.52 -9.59 7.08
N LEU C 44 -49.38 -9.42 6.43
CA LEU C 44 -49.07 -8.20 5.72
C LEU C 44 -49.48 -8.30 4.25
N GLU C 45 -50.28 -7.33 3.81
CA GLU C 45 -50.80 -7.27 2.44
C GLU C 45 -50.34 -5.98 1.73
N TRP C 46 -50.13 -6.08 0.43
CA TRP C 46 -49.84 -4.89 -0.37
C TRP C 46 -51.16 -4.21 -0.74
N VAL C 47 -51.21 -2.88 -0.67
CA VAL C 47 -52.44 -2.15 -0.97
C VAL C 47 -52.39 -1.38 -2.28
N SER C 48 -51.34 -0.59 -2.48
CA SER C 48 -51.26 0.24 -3.68
C SER C 48 -49.87 0.77 -3.96
N THR C 49 -49.67 1.23 -5.19
CA THR C 49 -48.42 1.92 -5.53
C THR C 49 -48.62 3.05 -6.50
N ILE C 50 -47.73 4.03 -6.41
CA ILE C 50 -47.65 5.09 -7.38
C ILE C 50 -46.20 5.23 -7.84
N GLY C 51 -46.00 5.23 -9.15
CA GLY C 51 -44.66 5.32 -9.69
C GLY C 51 -44.24 6.76 -9.93
N THR C 52 -43.00 6.94 -10.35
CA THR C 52 -42.46 8.27 -10.61
C THR C 52 -43.04 8.85 -11.90
N ALA C 53 -43.60 7.98 -12.73
CA ALA C 53 -44.22 8.40 -13.98
C ALA C 53 -45.67 8.81 -13.76
N GLY C 54 -46.17 8.65 -12.53
CA GLY C 54 -47.54 8.97 -12.22
C GLY C 54 -48.47 7.78 -12.42
N ASP C 55 -47.91 6.63 -12.74
CA ASP C 55 -48.69 5.42 -12.95
C ASP C 55 -49.15 4.87 -11.60
N THR C 56 -50.30 4.20 -11.57
CA THR C 56 -50.74 3.59 -10.31
C THR C 56 -51.23 2.16 -10.50
N TYR C 57 -51.06 1.35 -9.45
CA TYR C 57 -51.58 -0.01 -9.47
C TYR C 57 -52.24 -0.39 -8.15
N TYR C 58 -53.27 -1.22 -8.25
CA TYR C 58 -54.03 -1.73 -7.11
C TYR C 58 -54.31 -3.22 -7.29
N PRO C 59 -54.57 -3.97 -6.22
CA PRO C 59 -55.10 -5.33 -6.23
C PRO C 59 -56.59 -5.25 -6.60
N ASP C 60 -57.15 -6.35 -7.07
CA ASP C 60 -58.55 -6.38 -7.51
C ASP C 60 -59.57 -5.95 -6.45
N SER C 61 -59.29 -6.22 -5.17
CA SER C 61 -60.19 -5.89 -4.07
C SER C 61 -60.20 -4.39 -3.75
N VAL C 62 -59.24 -3.66 -4.30
CA VAL C 62 -59.05 -2.24 -4.08
C VAL C 62 -59.41 -1.40 -5.30
N LYS C 63 -59.16 -1.94 -6.49
CA LYS C 63 -59.43 -1.21 -7.71
C LYS C 63 -60.84 -0.62 -7.67
N GLY C 64 -60.95 0.67 -7.96
CA GLY C 64 -62.25 1.34 -7.98
C GLY C 64 -62.63 1.98 -6.63
N ARG C 65 -61.89 1.67 -5.56
CA ARG C 65 -62.23 2.22 -4.26
C ARG C 65 -61.15 3.17 -3.74
N PHE C 66 -59.89 2.81 -3.92
CA PHE C 66 -58.82 3.66 -3.38
C PHE C 66 -58.08 4.42 -4.48
N THR C 67 -57.70 5.66 -4.18
CA THR C 67 -56.90 6.48 -5.08
C THR C 67 -55.57 6.88 -4.44
N ILE C 68 -54.47 6.64 -5.13
CA ILE C 68 -53.16 6.99 -4.59
C ILE C 68 -52.60 8.19 -5.34
N SER C 69 -51.98 9.11 -4.61
CA SER C 69 -51.41 10.29 -5.21
C SER C 69 -50.14 10.70 -4.47
N ARG C 70 -49.36 11.55 -5.09
CA ARG C 70 -48.14 12.03 -4.49
C ARG C 70 -47.89 13.47 -4.83
N GLU C 71 -47.41 14.25 -3.87
CA GLU C 71 -47.01 15.61 -4.13
C GLU C 71 -45.51 15.73 -3.98
N ASP C 72 -44.82 15.73 -5.11
CA ASP C 72 -43.37 15.76 -5.08
C ASP C 72 -42.86 17.06 -4.51
N ALA C 73 -43.58 18.15 -4.73
CA ALA C 73 -43.17 19.46 -4.28
C ALA C 73 -43.10 19.57 -2.76
N LYS C 74 -43.82 18.69 -2.07
CA LYS C 74 -43.88 18.74 -0.61
C LYS C 74 -43.28 17.50 0.02
N ASN C 75 -42.71 16.62 -0.80
CA ASN C 75 -42.20 15.36 -0.29
C ASN C 75 -43.26 14.65 0.55
N SER C 76 -44.48 14.54 0.01
CA SER C 76 -45.57 13.95 0.77
C SER C 76 -46.44 12.99 -0.04
N LEU C 77 -46.64 11.81 0.51
CA LEU C 77 -47.42 10.73 -0.11
C LEU C 77 -48.83 10.65 0.47
N TYR C 78 -49.83 10.46 -0.39
CA TYR C 78 -51.21 10.37 0.09
C TYR C 78 -51.97 9.14 -0.43
N LEU C 79 -52.90 8.65 0.38
CA LEU C 79 -53.80 7.60 -0.08
C LEU C 79 -55.23 7.89 0.37
N GLN C 80 -56.12 8.06 -0.61
CA GLN C 80 -57.50 8.37 -0.34
C GLN C 80 -58.34 7.11 -0.48
N MET C 81 -58.83 6.60 0.64
CA MET C 81 -59.54 5.34 0.60
C MET C 81 -61.03 5.53 0.82
N ASN C 82 -61.80 5.35 -0.24
CA ASN C 82 -63.24 5.54 -0.15
C ASN C 82 -63.94 4.20 -0.10
N SER C 83 -65.26 4.22 0.06
CA SER C 83 -66.03 2.98 0.05
C SER C 83 -65.41 1.95 0.98
N LEU C 84 -65.10 2.36 2.22
CA LEU C 84 -64.48 1.47 3.18
C LEU C 84 -65.43 0.45 3.75
N ARG C 85 -64.89 -0.70 4.11
CA ARG C 85 -65.65 -1.80 4.68
C ARG C 85 -64.98 -2.27 5.97
N ALA C 86 -65.71 -3.01 6.79
CA ALA C 86 -65.15 -3.47 8.06
C ALA C 86 -63.85 -4.26 7.84
N GLY C 87 -63.76 -4.95 6.71
CA GLY C 87 -62.60 -5.77 6.38
C GLY C 87 -61.35 -4.96 6.05
N ASP C 88 -61.47 -3.64 5.99
CA ASP C 88 -60.34 -2.77 5.71
C ASP C 88 -59.63 -2.34 6.99
N THR C 89 -60.10 -2.82 8.14
CA THR C 89 -59.42 -2.49 9.40
C THR C 89 -58.03 -3.11 9.38
N ALA C 90 -57.01 -2.28 9.56
CA ALA C 90 -55.63 -2.72 9.50
C ALA C 90 -54.69 -1.59 9.90
N VAL C 91 -53.43 -1.92 10.16
CA VAL C 91 -52.44 -0.86 10.30
C VAL C 91 -51.86 -0.58 8.93
N TYR C 92 -51.96 0.66 8.50
CA TYR C 92 -51.48 1.03 7.17
C TYR C 92 -50.12 1.68 7.26
N TYR C 93 -49.24 1.28 6.37
CA TYR C 93 -47.88 1.77 6.32
C TYR C 93 -47.55 2.34 4.96
N CYS C 94 -46.65 3.32 4.92
CA CYS C 94 -46.05 3.83 3.70
C CYS C 94 -44.69 3.16 3.57
N ALA C 95 -44.25 2.95 2.34
CA ALA C 95 -42.98 2.31 2.12
C ALA C 95 -42.30 2.76 0.84
N ARG C 96 -40.98 2.60 0.82
CA ARG C 96 -40.19 2.89 -0.37
C ARG C 96 -39.71 1.63 -1.03
N GLY C 97 -39.95 1.54 -2.33
CA GLY C 97 -39.44 0.43 -3.11
C GLY C 97 -38.09 0.78 -3.71
N ASP C 98 -37.31 -0.23 -4.06
CA ASP C 98 -36.06 -0.05 -4.77
C ASP C 98 -35.76 -1.31 -5.57
N SER C 99 -34.67 -1.33 -6.31
CA SER C 99 -34.36 -2.50 -7.10
C SER C 99 -32.88 -2.69 -7.40
N SER C 100 -32.54 -3.90 -7.82
CA SER C 100 -31.22 -4.24 -8.29
C SER C 100 -31.34 -5.06 -9.56
N GLY C 101 -30.93 -4.47 -10.69
CA GLY C 101 -31.15 -5.14 -11.95
C GLY C 101 -32.65 -5.30 -12.19
N TYR C 102 -33.10 -6.53 -12.36
CA TYR C 102 -34.49 -6.85 -12.62
C TYR C 102 -35.26 -7.29 -11.36
N TYR C 103 -34.63 -7.19 -10.19
CA TYR C 103 -35.26 -7.63 -8.96
C TYR C 103 -35.77 -6.47 -8.11
N TYR C 104 -37.03 -6.55 -7.74
CA TYR C 104 -37.66 -5.51 -6.93
C TYR C 104 -37.86 -5.95 -5.49
N TYR C 105 -37.62 -5.02 -4.57
CA TYR C 105 -37.84 -5.24 -3.16
C TYR C 105 -38.28 -3.98 -2.43
N PHE C 106 -38.92 -4.15 -1.28
CA PHE C 106 -39.26 -3.05 -0.39
C PHE C 106 -38.11 -2.87 0.58
N ASP C 107 -37.67 -1.62 0.77
CA ASP C 107 -36.53 -1.35 1.66
C ASP C 107 -36.88 -0.54 2.90
N TYR C 108 -37.81 0.43 2.78
CA TYR C 108 -38.12 1.26 3.94
C TYR C 108 -39.60 1.31 4.26
N TRP C 109 -39.92 1.36 5.55
CA TRP C 109 -41.30 1.48 6.04
C TRP C 109 -41.38 2.49 7.16
N GLY C 110 -42.53 3.12 7.31
CA GLY C 110 -42.78 3.96 8.47
C GLY C 110 -43.27 3.09 9.63
N GLN C 111 -43.67 3.69 10.74
CA GLN C 111 -44.14 2.88 11.88
C GLN C 111 -45.57 2.40 11.68
N GLY C 112 -46.29 3.05 10.78
CA GLY C 112 -47.66 2.68 10.46
C GLY C 112 -48.69 3.41 11.31
N THR C 113 -49.93 3.46 10.83
CA THR C 113 -51.02 4.07 11.57
C THR C 113 -52.24 3.15 11.55
N LEU C 114 -52.95 3.06 12.67
CA LEU C 114 -54.08 2.14 12.76
C LEU C 114 -55.41 2.75 12.35
N LEU C 115 -56.04 2.09 11.38
CA LEU C 115 -57.34 2.49 10.87
C LEU C 115 -58.42 1.52 11.32
N THR C 116 -59.41 2.03 12.03
CA THR C 116 -60.48 1.18 12.54
C THR C 116 -61.81 1.49 11.86
N VAL C 117 -62.44 0.46 11.29
CA VAL C 117 -63.73 0.66 10.64
C VAL C 117 -64.83 -0.05 11.44
N SER C 118 -65.76 0.75 11.97
CA SER C 118 -66.86 0.22 12.78
C SER C 118 -67.97 1.25 12.93
N SER C 119 -69.21 0.78 12.91
CA SER C 119 -70.36 1.64 13.05
C SER C 119 -70.56 2.12 14.48
N ALA C 120 -69.87 1.48 15.41
CA ALA C 120 -70.01 1.83 16.81
C ALA C 120 -69.42 3.20 17.11
N SER C 121 -70.15 3.98 17.90
CA SER C 121 -69.65 5.24 18.41
C SER C 121 -68.83 4.91 19.64
N THR C 122 -68.14 5.89 20.21
CA THR C 122 -67.34 5.61 21.39
C THR C 122 -68.21 5.12 22.55
N LYS C 123 -67.78 4.01 23.17
CA LYS C 123 -68.48 3.41 24.30
C LYS C 123 -67.53 3.14 25.45
N GLY C 124 -67.95 3.47 26.67
CA GLY C 124 -67.11 3.16 27.82
C GLY C 124 -67.28 1.67 28.11
N PRO C 125 -66.33 1.04 28.80
CA PRO C 125 -66.30 -0.36 29.18
C PRO C 125 -67.27 -0.74 30.27
N SER C 126 -67.75 -1.97 30.20
CA SER C 126 -68.47 -2.60 31.28
C SER C 126 -67.48 -3.50 31.98
N VAL C 127 -67.19 -3.22 33.24
CA VAL C 127 -66.17 -3.99 33.91
C VAL C 127 -66.79 -4.92 34.94
N PHE C 128 -66.41 -6.18 34.85
CA PHE C 128 -66.88 -7.20 35.76
C PHE C 128 -65.68 -7.87 36.40
N PRO C 129 -65.78 -8.35 37.64
CA PRO C 129 -64.77 -9.12 38.32
C PRO C 129 -64.78 -10.56 37.85
N LEU C 130 -63.64 -11.23 37.93
CA LEU C 130 -63.56 -12.67 37.79
C LEU C 130 -63.12 -13.18 39.14
N ALA C 131 -64.10 -13.36 40.02
CA ALA C 131 -63.82 -13.64 41.41
C ALA C 131 -63.10 -14.98 41.55
N PRO C 132 -62.19 -15.10 42.52
CA PRO C 132 -61.50 -16.32 42.89
C PRO C 132 -62.47 -17.26 43.60
N SER C 133 -62.19 -18.53 43.50
CA SER C 133 -62.97 -19.58 44.14
C SER C 133 -62.12 -20.83 44.26
N SER C 134 -62.70 -21.91 44.76
CA SER C 134 -61.98 -23.16 44.91
C SER C 134 -61.58 -23.75 43.54
N LYS C 135 -62.19 -23.24 42.47
CA LYS C 135 -61.91 -23.70 41.11
C LYS C 135 -60.85 -22.86 40.41
N SER C 136 -60.32 -21.85 41.13
CA SER C 136 -59.26 -21.00 40.59
C SER C 136 -58.03 -21.16 41.47
N THR C 137 -58.02 -22.24 42.26
CA THR C 137 -56.91 -22.54 43.16
C THR C 137 -56.40 -23.97 42.94
N SER C 138 -55.08 -24.12 42.83
CA SER C 138 -54.46 -25.43 42.69
C SER C 138 -53.03 -25.48 43.25
N GLY C 139 -52.79 -26.38 44.20
CA GLY C 139 -51.42 -26.58 44.72
C GLY C 139 -50.92 -25.42 45.58
N GLY C 140 -51.84 -24.65 46.14
CA GLY C 140 -51.47 -23.48 46.94
C GLY C 140 -51.40 -22.20 46.11
N THR C 141 -51.48 -22.35 44.78
CA THR C 141 -51.43 -21.19 43.89
C THR C 141 -52.84 -20.84 43.45
N ALA C 142 -53.16 -19.56 43.43
CA ALA C 142 -54.50 -19.16 43.04
C ALA C 142 -54.48 -17.95 42.16
N ALA C 143 -55.54 -17.76 41.40
CA ALA C 143 -55.62 -16.57 40.58
C ALA C 143 -56.98 -15.89 40.73
N LEU C 144 -56.95 -14.56 40.62
CA LEU C 144 -58.14 -13.74 40.60
C LEU C 144 -58.00 -12.75 39.46
N GLY C 145 -59.08 -12.33 38.84
CA GLY C 145 -58.93 -11.40 37.74
C GLY C 145 -60.16 -10.54 37.49
N CYS C 146 -60.23 -9.97 36.28
CA CYS C 146 -61.31 -9.10 35.82
C CYS C 146 -61.53 -9.26 34.32
N LEU C 147 -62.72 -8.86 33.88
CA LEU C 147 -63.13 -8.91 32.49
C LEU C 147 -63.72 -7.57 32.05
N VAL C 148 -63.19 -7.03 30.95
CA VAL C 148 -63.63 -5.75 30.44
C VAL C 148 -64.35 -5.95 29.10
N LYS C 149 -65.63 -5.61 29.05
CA LYS C 149 -66.45 -5.90 27.87
C LYS C 149 -67.12 -4.68 27.22
N ASP C 150 -67.34 -4.80 25.91
CA ASP C 150 -68.09 -3.84 25.10
C ASP C 150 -67.62 -2.39 25.11
N TYR C 151 -66.32 -2.17 24.95
CA TYR C 151 -65.81 -0.80 24.87
C TYR C 151 -65.37 -0.50 23.45
N PHE C 152 -65.33 0.77 23.10
CA PHE C 152 -64.91 1.11 21.76
C PHE C 152 -64.51 2.57 21.62
N PRO C 153 -63.44 2.88 20.89
CA PRO C 153 -62.39 2.07 20.27
C PRO C 153 -61.29 1.71 21.24
N GLU C 154 -60.25 1.06 20.74
CA GLU C 154 -59.05 0.80 21.51
C GLU C 154 -58.30 2.10 21.79
N PRO C 155 -57.38 2.12 22.75
CA PRO C 155 -56.97 1.12 23.74
C PRO C 155 -57.74 1.17 25.06
N VAL C 156 -57.59 0.10 25.83
CA VAL C 156 -57.91 0.09 27.27
C VAL C 156 -56.68 -0.36 28.05
N THR C 157 -56.32 0.42 29.05
CA THR C 157 -55.19 0.07 29.89
C THR C 157 -55.69 -0.61 31.15
N VAL C 158 -55.17 -1.80 31.44
CA VAL C 158 -55.58 -2.51 32.64
C VAL C 158 -54.38 -2.85 33.50
N SER C 159 -54.45 -2.47 34.77
CA SER C 159 -53.39 -2.73 35.74
C SER C 159 -53.98 -3.09 37.10
N TRP C 160 -53.13 -3.57 38.01
CA TRP C 160 -53.63 -3.93 39.33
C TRP C 160 -53.09 -3.03 40.43
N ASN C 161 -54.00 -2.63 41.32
CA ASN C 161 -53.69 -1.79 42.47
C ASN C 161 -52.93 -0.53 42.06
N SER C 162 -53.38 0.08 40.97
CA SER C 162 -52.83 1.31 40.41
C SER C 162 -51.33 1.22 40.11
N GLY C 163 -50.85 0.04 39.73
CA GLY C 163 -49.46 -0.12 39.37
C GLY C 163 -48.63 -0.72 40.51
N ALA C 164 -49.23 -0.82 41.70
CA ALA C 164 -48.54 -1.40 42.85
C ALA C 164 -48.17 -2.86 42.58
N LEU C 165 -49.02 -3.57 41.85
CA LEU C 165 -48.72 -4.96 41.56
C LEU C 165 -48.24 -5.10 40.13
N THR C 166 -46.95 -5.38 39.98
CA THR C 166 -46.33 -5.46 38.66
C THR C 166 -45.93 -6.88 38.30
N SER C 167 -45.81 -7.74 39.31
CA SER C 167 -45.38 -9.11 39.07
C SER C 167 -46.58 -10.04 39.18
N GLY C 168 -46.55 -11.13 38.41
CA GLY C 168 -47.63 -12.10 38.46
C GLY C 168 -48.85 -11.58 37.70
N VAL C 169 -48.64 -10.57 36.87
CA VAL C 169 -49.75 -9.94 36.16
C VAL C 169 -49.75 -10.28 34.68
N HIS C 170 -50.88 -10.79 34.21
CA HIS C 170 -51.05 -11.16 32.82
C HIS C 170 -52.21 -10.40 32.22
N THR C 171 -51.91 -9.38 31.42
CA THR C 171 -52.94 -8.59 30.78
C THR C 171 -52.99 -9.00 29.32
N PHE C 172 -54.17 -9.37 28.85
CA PHE C 172 -54.29 -9.91 27.52
C PHE C 172 -54.65 -8.82 26.49
N PRO C 173 -54.23 -9.00 25.23
CA PRO C 173 -54.63 -8.20 24.08
C PRO C 173 -56.12 -8.24 23.91
N ALA C 174 -56.69 -7.15 23.42
CA ALA C 174 -58.13 -7.09 23.19
C ALA C 174 -58.50 -7.82 21.91
N VAL C 175 -59.71 -8.35 21.91
CA VAL C 175 -60.29 -9.01 20.74
C VAL C 175 -61.59 -8.34 20.32
N LEU C 176 -61.71 -8.06 19.03
CA LEU C 176 -62.94 -7.45 18.53
C LEU C 176 -64.06 -8.48 18.53
N GLN C 177 -65.19 -8.11 19.11
CA GLN C 177 -66.34 -8.97 19.22
C GLN C 177 -67.30 -8.70 18.07
N SER C 178 -68.22 -9.64 17.82
CA SER C 178 -69.19 -9.52 16.73
C SER C 178 -70.13 -8.33 16.88
N SER C 179 -70.18 -7.76 18.07
CA SER C 179 -71.00 -6.59 18.37
C SER C 179 -70.40 -5.31 17.78
N GLY C 180 -69.14 -5.38 17.36
CA GLY C 180 -68.44 -4.21 16.84
C GLY C 180 -67.62 -3.54 17.93
N LEU C 181 -67.77 -4.02 19.15
CA LEU C 181 -67.08 -3.49 20.32
C LEU C 181 -65.98 -4.47 20.73
N TYR C 182 -65.02 -4.01 21.53
CA TYR C 182 -63.89 -4.83 21.97
C TYR C 182 -64.02 -5.35 23.39
N SER C 183 -63.31 -6.45 23.68
CA SER C 183 -63.21 -6.95 25.04
C SER C 183 -61.82 -7.50 25.34
N LEU C 184 -61.41 -7.46 26.61
CA LEU C 184 -60.14 -8.02 27.06
C LEU C 184 -60.25 -8.45 28.52
N SER C 185 -59.25 -9.15 29.01
CA SER C 185 -59.24 -9.54 30.42
C SER C 185 -57.85 -9.45 31.01
N SER C 186 -57.78 -9.52 32.34
CA SER C 186 -56.51 -9.48 33.05
C SER C 186 -56.60 -10.28 34.33
N VAL C 187 -55.51 -10.95 34.66
CA VAL C 187 -55.45 -11.74 35.88
C VAL C 187 -54.17 -11.50 36.65
N VAL C 188 -54.27 -11.56 37.98
CA VAL C 188 -53.11 -11.48 38.84
C VAL C 188 -52.98 -12.77 39.62
N THR C 189 -51.78 -13.33 39.60
CA THR C 189 -51.48 -14.58 40.29
C THR C 189 -51.14 -14.27 41.73
N VAL C 190 -51.78 -14.99 42.64
CA VAL C 190 -51.59 -14.74 44.05
C VAL C 190 -51.38 -16.06 44.79
N PRO C 191 -50.82 -16.05 46.00
CA PRO C 191 -50.86 -17.15 46.94
C PRO C 191 -52.31 -17.39 47.30
N SER C 192 -52.73 -18.64 47.48
CA SER C 192 -54.11 -18.88 47.85
C SER C 192 -54.42 -18.32 49.23
N SER C 193 -53.39 -18.22 50.06
CA SER C 193 -53.52 -17.69 51.42
C SER C 193 -53.79 -16.19 51.44
N SER C 194 -53.57 -15.50 50.31
CA SER C 194 -53.79 -14.06 50.27
C SER C 194 -55.25 -13.75 49.97
N LEU C 195 -56.01 -14.76 49.56
CA LEU C 195 -57.40 -14.52 49.20
C LEU C 195 -58.19 -14.20 50.45
N GLY C 196 -58.92 -13.09 50.40
CA GLY C 196 -59.71 -12.67 51.55
C GLY C 196 -58.87 -11.88 52.56
N THR C 197 -57.59 -11.68 52.24
CA THR C 197 -56.67 -10.96 53.12
C THR C 197 -56.11 -9.73 52.42
N GLN C 198 -55.51 -9.95 51.26
CA GLN C 198 -54.95 -8.86 50.46
C GLN C 198 -55.99 -8.35 49.48
N THR C 199 -56.16 -7.04 49.43
CA THR C 199 -57.07 -6.43 48.49
C THR C 199 -56.48 -6.32 47.10
N TYR C 200 -57.26 -6.71 46.10
CA TYR C 200 -56.88 -6.59 44.72
C TYR C 200 -57.95 -5.83 43.94
N ILE C 201 -57.52 -4.80 43.23
CA ILE C 201 -58.40 -3.97 42.42
C ILE C 201 -57.94 -3.92 40.97
N CYS C 202 -58.86 -4.17 40.03
CA CYS C 202 -58.61 -4.10 38.60
C CYS C 202 -58.90 -2.66 38.16
N ASN C 203 -57.86 -1.97 37.74
CA ASN C 203 -57.97 -0.58 37.33
C ASN C 203 -58.04 -0.49 35.82
N VAL C 204 -59.25 -0.22 35.33
CA VAL C 204 -59.50 -0.22 33.89
C VAL C 204 -59.70 1.20 33.36
N ASN C 205 -58.82 1.63 32.47
CA ASN C 205 -58.89 3.00 31.94
C ASN C 205 -59.05 3.03 30.43
N HIS C 206 -60.25 3.41 29.98
CA HIS C 206 -60.56 3.52 28.56
C HIS C 206 -60.41 4.97 28.15
N LYS C 207 -59.26 5.30 27.56
CA LYS C 207 -58.94 6.70 27.29
C LYS C 207 -59.95 7.41 26.39
N PRO C 208 -60.43 6.82 25.27
CA PRO C 208 -61.35 7.42 24.31
C PRO C 208 -62.68 7.89 24.91
N SER C 209 -63.08 7.38 26.07
CA SER C 209 -64.35 7.80 26.66
C SER C 209 -64.15 8.48 28.00
N ASN C 210 -62.89 8.67 28.39
CA ASN C 210 -62.57 9.22 29.70
C ASN C 210 -63.24 8.44 30.82
N THR C 211 -63.25 7.11 30.70
CA THR C 211 -63.90 6.27 31.71
C THR C 211 -62.91 5.41 32.45
N LYS C 212 -62.94 5.52 33.78
CA LYS C 212 -62.05 4.72 34.62
C LYS C 212 -62.83 4.01 35.71
N VAL C 213 -62.66 2.69 35.78
CA VAL C 213 -63.37 1.88 36.75
C VAL C 213 -62.41 1.15 37.67
N ASP C 214 -62.58 1.37 38.96
CA ASP C 214 -61.77 0.69 39.97
C ASP C 214 -62.57 -0.48 40.53
N LYS C 215 -62.30 -1.69 40.02
CA LYS C 215 -63.11 -2.85 40.38
C LYS C 215 -62.46 -3.76 41.41
N LYS C 216 -62.95 -3.71 42.63
CA LYS C 216 -62.41 -4.54 43.69
C LYS C 216 -62.86 -5.98 43.46
N VAL C 217 -61.91 -6.91 43.49
CA VAL C 217 -62.22 -8.31 43.23
C VAL C 217 -62.11 -9.13 44.50
N GLU C 218 -63.23 -9.74 44.90
CA GLU C 218 -63.29 -10.54 46.11
C GLU C 218 -63.88 -11.92 45.80
N PRO C 219 -63.57 -13.01 46.58
CA PRO C 219 -64.14 -14.36 46.47
C PRO C 219 -65.67 -14.36 46.35
N CYS D 34 -31.69 -22.32 -55.65
CA CYS D 34 -30.28 -22.02 -55.83
C CYS D 34 -29.75 -22.63 -57.12
N VAL D 35 -28.81 -21.94 -57.75
CA VAL D 35 -28.22 -22.38 -59.01
C VAL D 35 -26.69 -22.45 -58.92
N ASN D 36 -26.11 -23.61 -59.31
CA ASN D 36 -24.67 -23.83 -59.35
C ASN D 36 -24.12 -23.47 -60.74
N LEU D 37 -23.33 -22.38 -60.85
CA LEU D 37 -22.76 -21.92 -62.13
C LEU D 37 -21.44 -22.65 -62.40
N THR D 38 -21.36 -23.29 -63.56
CA THR D 38 -20.19 -24.09 -63.90
C THR D 38 -19.31 -23.49 -65.00
N THR D 39 -19.81 -22.53 -65.75
CA THR D 39 -19.07 -21.99 -66.88
C THR D 39 -18.07 -20.92 -66.44
N ARG D 40 -17.06 -21.35 -65.68
CA ARG D 40 -16.06 -20.43 -65.15
C ARG D 40 -14.64 -20.95 -65.36
N THR D 41 -13.77 -20.07 -65.86
CA THR D 41 -12.36 -20.38 -66.06
C THR D 41 -11.66 -20.47 -64.72
N GLN D 42 -10.83 -21.50 -64.54
CA GLN D 42 -10.14 -21.70 -63.28
C GLN D 42 -8.71 -21.17 -63.29
N LEU D 43 -8.50 -20.02 -62.65
CA LEU D 43 -7.21 -19.35 -62.61
C LEU D 43 -6.79 -19.13 -61.15
N PRO D 44 -5.48 -19.03 -60.86
CA PRO D 44 -4.92 -18.70 -59.56
C PRO D 44 -5.22 -17.24 -59.24
N PRO D 45 -5.21 -16.86 -57.95
CA PRO D 45 -5.42 -15.52 -57.45
C PRO D 45 -4.27 -14.59 -57.81
N ALA D 46 -4.59 -13.32 -58.01
CA ALA D 46 -3.57 -12.30 -58.24
C ALA D 46 -3.44 -11.47 -57.00
N TYR D 47 -2.32 -10.76 -56.85
CA TYR D 47 -2.16 -9.89 -55.69
C TYR D 47 -1.75 -8.50 -56.13
N THR D 48 -2.17 -7.49 -55.37
CA THR D 48 -1.74 -6.13 -55.69
C THR D 48 -1.29 -5.36 -54.46
N ASN D 49 -0.77 -4.16 -54.71
CA ASN D 49 -0.23 -3.26 -53.70
C ASN D 49 -1.32 -2.36 -53.09
N SER D 50 -1.54 -2.50 -51.78
CA SER D 50 -2.58 -1.73 -51.10
C SER D 50 -2.16 -0.28 -50.84
N PHE D 51 -0.88 0.01 -50.99
CA PHE D 51 -0.30 1.33 -50.74
C PHE D 51 -0.66 1.86 -49.36
N THR D 52 -1.39 2.97 -49.30
CA THR D 52 -1.73 3.58 -48.02
C THR D 52 -3.23 3.53 -47.74
N ARG D 53 -3.92 2.65 -48.45
CA ARG D 53 -5.37 2.47 -48.27
C ARG D 53 -5.66 1.68 -47.01
N GLY D 54 -6.87 1.82 -46.49
CA GLY D 54 -7.27 1.07 -45.30
C GLY D 54 -7.26 1.94 -44.05
N VAL D 55 -7.14 3.25 -44.28
CA VAL D 55 -7.19 4.27 -43.24
C VAL D 55 -8.63 4.72 -43.05
N TYR D 56 -9.03 4.90 -41.81
CA TYR D 56 -10.37 5.35 -41.49
C TYR D 56 -10.35 6.10 -40.17
N TYR D 57 -11.42 6.84 -39.90
CA TYR D 57 -11.54 7.54 -38.63
C TYR D 57 -11.86 6.51 -37.54
N PRO D 58 -10.98 6.29 -36.55
CA PRO D 58 -11.09 5.25 -35.54
C PRO D 58 -12.26 5.50 -34.60
N ASP D 59 -12.71 6.75 -34.54
CA ASP D 59 -13.79 7.14 -33.67
C ASP D 59 -14.61 8.28 -34.29
N LYS D 60 -15.41 8.93 -33.46
CA LYS D 60 -16.28 10.00 -33.89
C LYS D 60 -15.85 11.33 -33.27
N VAL D 61 -14.54 11.47 -33.04
CA VAL D 61 -14.00 12.66 -32.40
C VAL D 61 -13.34 13.61 -33.38
N PHE D 62 -13.73 14.88 -33.29
CA PHE D 62 -13.15 15.92 -34.13
C PHE D 62 -11.79 16.36 -33.61
N ARG D 63 -10.84 16.38 -34.52
CA ARG D 63 -9.49 16.82 -34.25
C ARG D 63 -9.11 17.70 -35.41
N SER D 64 -8.29 18.71 -35.19
CA SER D 64 -7.85 19.54 -36.31
C SER D 64 -6.47 20.11 -36.11
N SER D 65 -5.80 20.37 -37.22
CA SER D 65 -4.46 20.96 -37.22
C SER D 65 -3.55 20.21 -36.25
N VAL D 66 -3.60 18.88 -36.32
CA VAL D 66 -2.87 18.05 -35.38
C VAL D 66 -2.45 16.72 -35.96
N LEU D 67 -1.28 16.24 -35.53
CA LEU D 67 -0.87 14.90 -35.85
C LEU D 67 -1.14 14.02 -34.65
N HIS D 68 -2.05 13.06 -34.81
CA HIS D 68 -2.46 12.22 -33.69
C HIS D 68 -2.00 10.79 -33.82
N SER D 69 -1.46 10.24 -32.73
CA SER D 69 -1.02 8.84 -32.73
C SER D 69 -2.07 7.94 -32.10
N THR D 70 -2.51 6.93 -32.86
CA THR D 70 -3.53 6.00 -32.40
C THR D 70 -3.16 4.56 -32.73
N GLN D 71 -3.90 3.62 -32.15
CA GLN D 71 -3.72 2.21 -32.48
C GLN D 71 -5.07 1.51 -32.55
N ASP D 72 -5.31 0.87 -33.68
CA ASP D 72 -6.55 0.16 -33.97
C ASP D 72 -6.28 -0.81 -35.10
N LEU D 73 -7.28 -1.54 -35.53
CA LEU D 73 -7.09 -2.44 -36.66
C LEU D 73 -7.15 -1.68 -37.98
N PHE D 74 -6.03 -1.62 -38.68
CA PHE D 74 -5.95 -0.91 -39.96
C PHE D 74 -5.23 -1.79 -40.96
N LEU D 75 -5.43 -1.54 -42.25
CA LEU D 75 -4.68 -2.32 -43.23
C LEU D 75 -3.22 -1.86 -43.20
N PRO D 76 -2.23 -2.75 -43.02
CA PRO D 76 -0.82 -2.43 -43.00
C PRO D 76 -0.42 -1.77 -44.31
N PHE D 77 0.44 -0.77 -44.25
CA PHE D 77 0.80 -0.08 -45.49
C PHE D 77 1.64 -0.96 -46.38
N PHE D 78 1.36 -0.85 -47.68
CA PHE D 78 2.04 -1.56 -48.77
C PHE D 78 1.90 -3.08 -48.66
N SER D 79 0.88 -3.54 -47.95
CA SER D 79 0.58 -4.96 -47.81
C SER D 79 0.01 -5.55 -49.10
N ASN D 80 0.01 -6.90 -49.19
CA ASN D 80 -0.61 -7.65 -50.28
C ASN D 80 -2.10 -7.85 -50.01
N VAL D 81 -2.93 -7.55 -51.02
CA VAL D 81 -4.37 -7.81 -50.98
C VAL D 81 -4.70 -8.73 -52.13
N THR D 82 -5.61 -9.67 -51.90
CA THR D 82 -5.92 -10.64 -52.93
C THR D 82 -6.91 -10.06 -53.92
N TRP D 83 -6.56 -10.18 -55.18
CA TRP D 83 -7.32 -9.65 -56.31
C TRP D 83 -8.17 -10.74 -56.96
N PHE D 84 -9.48 -10.55 -56.86
CA PHE D 84 -10.47 -11.49 -57.34
C PHE D 84 -11.15 -10.96 -58.60
N HIS D 85 -11.49 -11.87 -59.53
CA HIS D 85 -12.20 -11.57 -60.78
C HIS D 85 -12.83 -12.85 -61.31
N ASN D 100 -15.57 -14.58 -55.71
CA ASN D 100 -16.47 -15.72 -55.87
C ASN D 100 -16.49 -16.70 -54.65
N PRO D 101 -15.34 -17.13 -54.03
CA PRO D 101 -15.26 -18.04 -52.88
C PRO D 101 -15.57 -17.34 -51.56
N VAL D 102 -15.80 -18.14 -50.51
CA VAL D 102 -15.94 -17.61 -49.16
C VAL D 102 -14.56 -17.31 -48.60
N LEU D 103 -14.39 -16.13 -48.04
CA LEU D 103 -13.10 -15.71 -47.51
C LEU D 103 -13.13 -15.59 -45.98
N PRO D 104 -12.00 -15.78 -45.29
CA PRO D 104 -11.84 -15.55 -43.86
C PRO D 104 -12.14 -14.10 -43.51
N PHE D 105 -12.66 -13.88 -42.31
CA PHE D 105 -12.89 -12.53 -41.81
C PHE D 105 -11.74 -12.13 -40.88
N ASN D 106 -11.33 -13.09 -40.06
CA ASN D 106 -10.28 -12.91 -39.05
C ASN D 106 -10.56 -11.77 -38.07
N ASP D 107 -9.65 -10.80 -37.98
CA ASP D 107 -9.78 -9.69 -37.02
C ASP D 107 -10.65 -8.58 -37.56
N GLY D 108 -10.65 -8.44 -38.87
CA GLY D 108 -11.42 -7.41 -39.57
C GLY D 108 -11.01 -7.41 -41.03
N VAL D 109 -11.88 -6.87 -41.87
CA VAL D 109 -11.66 -6.93 -43.31
C VAL D 109 -11.65 -5.61 -44.04
N TYR D 110 -10.64 -5.45 -44.88
CA TYR D 110 -10.59 -4.33 -45.80
C TYR D 110 -11.09 -4.79 -47.15
N PHE D 111 -12.13 -4.15 -47.65
CA PHE D 111 -12.72 -4.55 -48.92
C PHE D 111 -12.78 -3.38 -49.89
N ALA D 112 -12.41 -3.62 -51.14
CA ALA D 112 -12.54 -2.55 -52.13
C ALA D 112 -12.88 -3.14 -53.49
N SER D 113 -13.62 -2.39 -54.29
CA SER D 113 -13.95 -2.84 -55.64
C SER D 113 -14.02 -1.70 -56.65
N THR D 114 -13.81 -2.05 -57.92
CA THR D 114 -13.89 -1.09 -59.02
C THR D 114 -14.85 -1.59 -60.08
N GLU D 115 -15.96 -0.87 -60.28
CA GLU D 115 -16.98 -1.37 -61.19
C GLU D 115 -17.56 -0.35 -62.17
N LYS D 116 -18.02 -0.87 -63.31
CA LYS D 116 -18.75 -0.07 -64.28
C LYS D 116 -20.24 -0.40 -64.25
N SER D 117 -20.56 -1.66 -63.94
CA SER D 117 -21.93 -2.16 -64.00
C SER D 117 -22.55 -2.55 -62.66
N ASN D 118 -21.91 -2.16 -61.55
CA ASN D 118 -22.45 -2.45 -60.22
C ASN D 118 -22.73 -3.95 -60.00
N ILE D 119 -21.75 -4.79 -60.30
CA ILE D 119 -21.88 -6.24 -60.17
C ILE D 119 -22.05 -6.70 -58.72
N ILE D 120 -21.25 -6.15 -57.82
CA ILE D 120 -21.31 -6.52 -56.41
C ILE D 120 -22.46 -5.80 -55.74
N ARG D 121 -23.33 -6.59 -55.13
CA ARG D 121 -24.53 -6.07 -54.51
C ARG D 121 -24.49 -6.17 -52.99
N GLY D 122 -23.72 -7.11 -52.46
CA GLY D 122 -23.77 -7.26 -51.02
C GLY D 122 -22.80 -8.27 -50.44
N TRP D 123 -22.96 -8.50 -49.13
CA TRP D 123 -22.10 -9.42 -48.39
C TRP D 123 -22.88 -10.26 -47.39
N ILE D 124 -22.35 -11.44 -47.10
CA ILE D 124 -22.85 -12.27 -46.00
C ILE D 124 -21.77 -12.41 -44.94
N PHE D 125 -22.07 -12.03 -43.71
CA PHE D 125 -21.09 -12.16 -42.63
C PHE D 125 -21.55 -13.13 -41.54
N GLY D 126 -20.74 -14.14 -41.22
CA GLY D 126 -21.14 -15.12 -40.21
C GLY D 126 -20.11 -16.23 -40.00
N THR D 127 -20.56 -17.34 -39.38
CA THR D 127 -19.72 -18.51 -39.11
C THR D 127 -19.98 -19.55 -40.19
N THR D 128 -21.08 -20.27 -40.04
CA THR D 128 -21.52 -21.19 -41.05
C THR D 128 -22.54 -20.45 -41.90
N LEU D 129 -22.14 -20.08 -43.11
CA LEU D 129 -22.99 -19.28 -43.98
C LEU D 129 -23.90 -20.25 -44.71
N ASP D 130 -24.72 -20.94 -43.94
CA ASP D 130 -25.61 -21.99 -44.39
C ASP D 130 -26.61 -22.33 -43.28
N SER D 131 -27.70 -21.57 -43.21
CA SER D 131 -28.72 -21.73 -42.18
C SER D 131 -28.09 -21.87 -40.79
N LYS D 132 -28.71 -22.71 -39.96
CA LYS D 132 -28.23 -23.06 -38.61
C LYS D 132 -28.23 -21.92 -37.59
N THR D 133 -27.42 -20.89 -37.84
CA THR D 133 -27.32 -19.79 -36.88
C THR D 133 -27.36 -18.42 -37.54
N GLN D 134 -27.28 -17.39 -36.70
CA GLN D 134 -27.43 -16.00 -37.12
C GLN D 134 -26.39 -15.60 -38.15
N SER D 135 -26.83 -14.85 -39.16
CA SER D 135 -25.94 -14.41 -40.23
C SER D 135 -26.39 -13.07 -40.75
N LEU D 136 -25.44 -12.19 -41.01
CA LEU D 136 -25.77 -10.84 -41.45
C LEU D 136 -25.74 -10.69 -42.95
N LEU D 137 -26.91 -10.45 -43.55
CA LEU D 137 -27.03 -10.30 -44.98
C LEU D 137 -27.32 -8.86 -45.38
N ILE D 138 -26.38 -8.24 -46.08
CA ILE D 138 -26.53 -6.85 -46.51
C ILE D 138 -26.59 -6.75 -48.03
N VAL D 139 -27.76 -6.45 -48.58
CA VAL D 139 -27.90 -6.39 -50.04
C VAL D 139 -28.48 -5.10 -50.60
N ASN D 140 -27.76 -4.54 -51.56
CA ASN D 140 -28.16 -3.35 -52.31
C ASN D 140 -28.85 -3.79 -53.61
N ASN D 141 -30.17 -3.53 -53.74
CA ASN D 141 -30.95 -3.96 -54.91
C ASN D 141 -31.98 -2.91 -55.32
N ALA D 142 -32.06 -2.63 -56.64
CA ALA D 142 -32.99 -1.67 -57.26
C ALA D 142 -32.85 -0.27 -56.66
N THR D 143 -33.83 0.15 -55.86
CA THR D 143 -33.84 1.49 -55.31
C THR D 143 -33.51 1.59 -53.81
N ASN D 144 -33.18 0.48 -53.16
CA ASN D 144 -32.87 0.56 -51.73
C ASN D 144 -31.91 -0.52 -51.24
N VAL D 145 -31.59 -0.46 -49.96
CA VAL D 145 -30.69 -1.43 -49.33
C VAL D 145 -31.40 -2.13 -48.19
N VAL D 146 -31.37 -3.46 -48.19
CA VAL D 146 -32.06 -4.24 -47.19
C VAL D 146 -31.10 -5.10 -46.35
N ILE D 147 -31.18 -4.94 -45.03
CA ILE D 147 -30.36 -5.71 -44.10
C ILE D 147 -31.22 -6.63 -43.25
N LYS D 148 -30.90 -7.93 -43.28
CA LYS D 148 -31.61 -8.93 -42.48
C LYS D 148 -30.64 -9.85 -41.76
N VAL D 149 -31.05 -10.35 -40.59
CA VAL D 149 -30.20 -11.30 -39.87
C VAL D 149 -30.72 -12.75 -39.73
N CYS D 150 -31.83 -13.10 -40.41
CA CYS D 150 -32.45 -14.42 -40.34
C CYS D 150 -31.48 -15.51 -40.74
N GLU D 151 -31.60 -16.67 -40.12
CA GLU D 151 -30.84 -17.78 -40.63
C GLU D 151 -31.42 -18.01 -42.02
N PHE D 152 -30.55 -18.11 -43.01
CA PHE D 152 -31.01 -18.36 -44.37
C PHE D 152 -30.32 -19.56 -44.95
N GLN D 153 -31.02 -20.30 -45.79
CA GLN D 153 -30.38 -21.40 -46.49
C GLN D 153 -29.64 -20.85 -47.67
N PHE D 154 -28.44 -20.39 -47.42
CA PHE D 154 -27.65 -19.74 -48.43
C PHE D 154 -27.25 -20.72 -49.52
N CYS D 155 -27.09 -20.19 -50.73
CA CYS D 155 -26.66 -20.91 -51.92
C CYS D 155 -25.15 -21.12 -51.86
N ASN D 156 -24.67 -22.22 -52.47
CA ASN D 156 -23.25 -22.52 -52.49
C ASN D 156 -22.55 -21.75 -53.60
N ASP D 157 -23.35 -21.02 -54.35
CA ASP D 157 -22.91 -20.14 -55.42
C ASP D 157 -23.93 -19.03 -55.55
N PRO D 158 -24.00 -18.12 -54.58
CA PRO D 158 -25.01 -17.08 -54.43
C PRO D 158 -24.80 -15.97 -55.45
N PHE D 159 -25.89 -15.27 -55.80
CA PHE D 159 -25.90 -14.11 -56.72
C PHE D 159 -27.33 -13.59 -56.88
N MET D 172 -32.31 -4.47 -66.68
CA MET D 172 -33.19 -4.54 -65.53
C MET D 172 -32.83 -5.75 -64.66
N GLU D 173 -33.23 -5.72 -63.38
CA GLU D 173 -33.01 -6.82 -62.42
C GLU D 173 -34.08 -7.89 -62.58
N SER D 174 -33.71 -9.13 -62.28
CA SER D 174 -34.65 -10.24 -62.38
C SER D 174 -34.40 -11.28 -61.30
N GLU D 175 -33.34 -12.06 -61.49
CA GLU D 175 -33.02 -13.15 -60.58
C GLU D 175 -32.42 -12.68 -59.26
N PHE D 176 -32.80 -13.36 -58.19
CA PHE D 176 -32.22 -13.20 -56.87
C PHE D 176 -32.00 -14.58 -56.31
N ARG D 177 -30.76 -14.96 -56.12
CA ARG D 177 -30.44 -16.32 -55.70
C ARG D 177 -29.32 -16.33 -54.68
N VAL D 178 -29.61 -15.77 -53.52
CA VAL D 178 -28.63 -15.71 -52.45
C VAL D 178 -28.90 -16.85 -51.47
N TYR D 179 -30.18 -17.10 -51.24
CA TYR D 179 -30.66 -18.11 -50.31
C TYR D 179 -32.05 -18.59 -50.68
N SER D 180 -32.46 -19.72 -50.12
CA SER D 180 -33.82 -20.22 -50.29
C SER D 180 -34.70 -19.99 -49.04
N SER D 181 -34.62 -20.90 -48.07
CA SER D 181 -35.44 -20.83 -46.86
C SER D 181 -34.98 -19.80 -45.84
N ALA D 182 -35.87 -19.48 -44.90
CA ALA D 182 -35.56 -18.60 -43.77
C ALA D 182 -36.43 -18.96 -42.58
N ASN D 183 -35.91 -18.73 -41.37
CA ASN D 183 -36.70 -18.98 -40.16
C ASN D 183 -37.15 -17.70 -39.43
N ASN D 184 -36.29 -17.09 -38.57
CA ASN D 184 -36.67 -15.89 -37.83
C ASN D 184 -35.51 -14.89 -37.68
N CYS D 185 -35.83 -13.59 -37.86
CA CYS D 185 -34.92 -12.45 -37.72
C CYS D 185 -35.13 -11.76 -36.38
N THR D 186 -34.06 -11.20 -35.85
CA THR D 186 -34.09 -10.38 -34.64
C THR D 186 -33.79 -8.93 -35.01
N PHE D 187 -33.39 -8.74 -36.26
CA PHE D 187 -33.00 -7.43 -36.77
C PHE D 187 -33.39 -7.29 -38.24
N GLU D 188 -33.92 -6.13 -38.58
CA GLU D 188 -34.24 -5.81 -39.96
C GLU D 188 -34.16 -4.30 -40.17
N TYR D 189 -33.55 -3.90 -41.27
CA TYR D 189 -33.44 -2.49 -41.63
C TYR D 189 -33.53 -2.25 -43.14
N VAL D 190 -34.28 -1.22 -43.52
CA VAL D 190 -34.35 -0.85 -44.93
C VAL D 190 -34.04 0.65 -45.12
N LYS D 206 -15.71 2.40 -63.41
CA LYS D 206 -14.87 3.46 -62.84
C LYS D 206 -15.39 4.00 -61.49
N ASN D 207 -16.20 3.21 -60.78
CA ASN D 207 -16.68 3.50 -59.42
C ASN D 207 -15.87 2.74 -58.39
N LEU D 208 -15.11 3.47 -57.57
CA LEU D 208 -14.31 2.83 -56.54
C LEU D 208 -15.00 2.91 -55.20
N ARG D 209 -15.31 1.75 -54.66
CA ARG D 209 -15.99 1.68 -53.39
C ARG D 209 -15.11 0.98 -52.38
N GLU D 210 -14.90 1.62 -51.24
CA GLU D 210 -14.08 1.05 -50.20
C GLU D 210 -14.87 0.88 -48.91
N PHE D 211 -14.66 -0.24 -48.25
CA PHE D 211 -15.32 -0.55 -46.99
C PHE D 211 -14.39 -1.14 -45.95
N VAL D 212 -14.65 -0.83 -44.69
CA VAL D 212 -14.01 -1.53 -43.59
C VAL D 212 -15.05 -2.18 -42.72
N PHE D 213 -14.92 -3.49 -42.56
CA PHE D 213 -15.86 -4.27 -41.79
C PHE D 213 -15.19 -4.83 -40.54
N LYS D 214 -15.66 -4.40 -39.37
CA LYS D 214 -15.09 -4.89 -38.11
C LYS D 214 -16.19 -5.14 -37.09
N ASN D 215 -15.96 -6.07 -36.16
CA ASN D 215 -16.95 -6.36 -35.13
C ASN D 215 -16.36 -6.22 -33.73
N ILE D 216 -16.74 -5.14 -33.04
CA ILE D 216 -16.20 -4.85 -31.73
C ILE D 216 -17.28 -4.91 -30.66
N ASP D 217 -17.11 -5.82 -29.71
CA ASP D 217 -18.04 -5.96 -28.59
C ASP D 217 -19.49 -6.14 -29.02
N GLY D 218 -19.71 -6.89 -30.10
CA GLY D 218 -21.06 -7.17 -30.58
C GLY D 218 -21.56 -6.19 -31.64
N TYR D 219 -20.82 -5.09 -31.84
CA TYR D 219 -21.23 -4.09 -32.81
C TYR D 219 -20.51 -4.26 -34.13
N PHE D 220 -21.28 -4.40 -35.20
CA PHE D 220 -20.68 -4.50 -36.52
C PHE D 220 -20.63 -3.10 -37.09
N LYS D 221 -19.41 -2.61 -37.28
CA LYS D 221 -19.20 -1.25 -37.72
C LYS D 221 -18.83 -1.20 -39.19
N ILE D 222 -19.59 -0.41 -39.95
CA ILE D 222 -19.34 -0.28 -41.37
C ILE D 222 -18.84 1.12 -41.70
N TYR D 223 -17.61 1.17 -42.22
CA TYR D 223 -16.99 2.42 -42.65
C TYR D 223 -16.98 2.41 -44.16
N SER D 224 -17.14 3.56 -44.80
CA SER D 224 -17.12 3.57 -46.25
C SER D 224 -16.67 4.86 -46.91
N LYS D 225 -16.27 4.72 -48.18
CA LYS D 225 -15.90 5.82 -49.07
C LYS D 225 -16.26 5.47 -50.52
N HIS D 226 -16.82 6.41 -51.26
CA HIS D 226 -17.12 6.20 -52.68
C HIS D 226 -16.63 7.35 -53.54
N THR D 227 -15.69 7.06 -54.43
CA THR D 227 -15.12 8.07 -55.32
C THR D 227 -15.05 7.55 -56.75
N PRO D 228 -15.09 8.42 -57.76
CA PRO D 228 -14.82 8.10 -59.16
C PRO D 228 -13.32 7.91 -59.36
N ILE D 229 -12.95 7.03 -60.28
CA ILE D 229 -11.56 6.83 -60.64
C ILE D 229 -11.38 6.84 -62.15
N ASN D 230 -10.13 6.97 -62.61
CA ASN D 230 -9.83 6.86 -64.02
C ASN D 230 -9.09 5.57 -64.38
N LEU D 231 -9.21 4.56 -63.52
CA LEU D 231 -8.55 3.28 -63.76
C LEU D 231 -9.55 2.17 -64.02
N VAL D 232 -9.25 1.38 -65.03
CA VAL D 232 -10.05 0.21 -65.39
C VAL D 232 -9.24 -1.08 -65.43
N ARG D 233 -8.08 -1.07 -64.76
CA ARG D 233 -7.20 -2.25 -64.76
C ARG D 233 -6.75 -2.72 -63.37
N ASP D 234 -6.54 -1.80 -62.43
CA ASP D 234 -5.99 -2.17 -61.13
C ASP D 234 -6.45 -1.17 -60.05
N LEU D 235 -6.04 -1.41 -58.81
CA LEU D 235 -6.36 -0.56 -57.67
C LEU D 235 -5.50 0.73 -57.75
N PRO D 236 -6.11 1.94 -57.80
CA PRO D 236 -5.42 3.21 -57.89
C PRO D 236 -4.55 3.51 -56.68
N GLN D 237 -3.48 4.26 -56.91
CA GLN D 237 -2.61 4.74 -55.84
C GLN D 237 -2.99 6.14 -55.42
N GLY D 238 -3.11 6.36 -54.11
CA GLY D 238 -3.44 7.68 -53.59
C GLY D 238 -3.86 7.59 -52.13
N PHE D 239 -4.15 8.72 -51.51
CA PHE D 239 -4.54 8.69 -50.11
C PHE D 239 -6.01 9.05 -49.90
N SER D 240 -6.66 8.28 -49.04
CA SER D 240 -8.03 8.55 -48.64
C SER D 240 -8.28 7.96 -47.27
N ALA D 241 -9.38 8.36 -46.65
CA ALA D 241 -9.78 7.78 -45.37
C ALA D 241 -11.29 7.56 -45.37
N LEU D 242 -11.72 6.47 -44.76
CA LEU D 242 -13.13 6.12 -44.71
C LEU D 242 -13.77 6.60 -43.42
N GLU D 243 -15.07 6.85 -43.46
CA GLU D 243 -15.78 7.32 -42.28
C GLU D 243 -16.90 6.36 -41.90
N PRO D 244 -17.26 6.24 -40.62
CA PRO D 244 -18.32 5.38 -40.16
C PRO D 244 -19.63 5.83 -40.75
N LEU D 245 -20.39 4.88 -41.28
CA LEU D 245 -21.69 5.19 -41.85
C LEU D 245 -22.81 4.43 -41.13
N VAL D 246 -22.60 3.14 -40.92
CA VAL D 246 -23.66 2.32 -40.32
C VAL D 246 -23.21 1.57 -39.09
N ASP D 247 -24.01 1.73 -37.99
CA ASP D 247 -23.78 1.02 -36.74
C ASP D 247 -24.84 -0.07 -36.57
N LEU D 248 -24.44 -1.34 -36.60
CA LEU D 248 -25.42 -2.42 -36.45
C LEU D 248 -25.24 -3.21 -35.12
N PRO D 249 -26.02 -2.88 -34.08
CA PRO D 249 -25.96 -3.44 -32.73
C PRO D 249 -26.66 -4.79 -32.67
N ILE D 250 -26.07 -5.76 -33.37
CA ILE D 250 -26.58 -7.12 -33.44
C ILE D 250 -25.40 -8.06 -33.23
N GLY D 251 -25.37 -8.72 -32.08
CA GLY D 251 -24.28 -9.61 -31.74
C GLY D 251 -24.05 -10.85 -32.60
N ILE D 252 -23.88 -10.67 -33.91
CA ILE D 252 -23.61 -11.84 -34.75
C ILE D 252 -22.12 -12.22 -34.79
N ASN D 253 -21.69 -13.52 -34.67
CA ASN D 253 -20.34 -14.09 -34.74
C ASN D 253 -19.90 -14.20 -36.21
N ILE D 254 -18.85 -13.44 -36.59
CA ILE D 254 -18.35 -13.42 -37.96
C ILE D 254 -16.93 -13.96 -38.01
N THR D 255 -16.75 -15.07 -38.72
CA THR D 255 -15.43 -15.67 -38.87
C THR D 255 -15.05 -15.74 -40.34
N ARG D 256 -16.09 -15.68 -41.19
CA ARG D 256 -15.97 -15.75 -42.65
C ARG D 256 -16.98 -14.82 -43.32
N PHE D 257 -16.72 -14.46 -44.58
CA PHE D 257 -17.72 -13.70 -45.31
C PHE D 257 -17.76 -14.07 -46.80
N GLN D 258 -18.91 -13.81 -47.41
CA GLN D 258 -19.11 -14.06 -48.84
C GLN D 258 -19.45 -12.78 -49.59
N THR D 259 -18.74 -12.53 -50.68
CA THR D 259 -19.02 -11.37 -51.52
C THR D 259 -20.09 -11.78 -52.54
N LEU D 260 -21.17 -11.01 -52.63
CA LEU D 260 -22.29 -11.31 -53.51
C LEU D 260 -22.25 -10.45 -54.78
N LEU D 261 -22.09 -11.11 -55.95
CA LEU D 261 -21.94 -10.48 -57.26
C LEU D 261 -23.28 -10.42 -57.99
N ALA D 283 -14.51 -7.58 -60.04
CA ALA D 283 -13.17 -7.04 -59.80
C ALA D 283 -13.11 -6.38 -58.41
N TYR D 284 -12.55 -7.10 -57.43
CA TYR D 284 -12.44 -6.62 -56.04
C TYR D 284 -11.20 -7.13 -55.33
N TYR D 285 -10.84 -6.45 -54.24
CA TYR D 285 -9.65 -6.76 -53.48
C TYR D 285 -9.99 -7.01 -52.01
N VAL D 286 -9.34 -8.00 -51.41
CA VAL D 286 -9.54 -8.26 -49.98
C VAL D 286 -8.23 -8.31 -49.19
N GLY D 287 -8.17 -7.48 -48.15
CA GLY D 287 -7.01 -7.45 -47.28
C GLY D 287 -7.44 -7.70 -45.84
N TYR D 288 -6.48 -7.77 -44.93
CA TYR D 288 -6.78 -7.98 -43.53
C TYR D 288 -6.14 -6.95 -42.64
N LEU D 289 -6.84 -6.59 -41.59
CA LEU D 289 -6.40 -5.55 -40.69
C LEU D 289 -5.51 -6.10 -39.59
N GLN D 290 -4.60 -5.25 -39.10
CA GLN D 290 -3.72 -5.60 -37.99
C GLN D 290 -3.68 -4.48 -36.95
N PRO D 291 -3.46 -4.80 -35.67
CA PRO D 291 -3.36 -3.86 -34.55
C PRO D 291 -2.02 -3.14 -34.52
N ARG D 292 -1.78 -2.36 -35.57
CA ARG D 292 -0.53 -1.63 -35.74
C ARG D 292 -0.75 -0.16 -35.33
N THR D 293 0.30 0.49 -34.87
CA THR D 293 0.24 1.91 -34.50
C THR D 293 0.38 2.79 -35.74
N PHE D 294 -0.48 3.80 -35.85
CA PHE D 294 -0.47 4.74 -36.96
C PHE D 294 -0.57 6.19 -36.54
N LEU D 295 -0.02 7.07 -37.37
CA LEU D 295 -0.24 8.49 -37.16
C LEU D 295 -1.27 8.97 -38.17
N LEU D 296 -2.19 9.79 -37.72
CA LEU D 296 -3.20 10.37 -38.61
C LEU D 296 -3.05 11.89 -38.62
N LYS D 297 -2.82 12.45 -39.81
CA LYS D 297 -2.63 13.89 -39.93
C LYS D 297 -3.95 14.58 -40.29
N TYR D 298 -4.42 15.43 -39.37
CA TYR D 298 -5.68 16.16 -39.52
C TYR D 298 -5.43 17.60 -39.96
N ASN D 299 -6.15 18.04 -40.99
CA ASN D 299 -6.04 19.42 -41.47
C ASN D 299 -6.93 20.35 -40.66
N GLU D 300 -7.03 21.60 -41.10
CA GLU D 300 -7.81 22.62 -40.38
C GLU D 300 -9.30 22.27 -40.16
N ASN D 301 -9.92 21.55 -41.12
CA ASN D 301 -11.33 21.14 -41.06
C ASN D 301 -11.51 19.75 -40.43
N GLY D 302 -10.42 19.15 -39.91
CA GLY D 302 -10.44 17.85 -39.24
C GLY D 302 -10.50 16.64 -40.16
N THR D 303 -10.12 16.83 -41.41
CA THR D 303 -10.12 15.72 -42.35
C THR D 303 -8.75 15.08 -42.33
N ILE D 304 -8.71 13.74 -42.37
CA ILE D 304 -7.42 13.07 -42.41
C ILE D 304 -6.89 13.24 -43.83
N THR D 305 -5.70 13.82 -43.94
CA THR D 305 -5.13 14.09 -45.26
C THR D 305 -3.92 13.20 -45.52
N ASP D 306 -3.32 12.67 -44.46
CA ASP D 306 -2.21 11.75 -44.66
C ASP D 306 -2.07 10.81 -43.46
N ALA D 307 -1.14 9.86 -43.53
CA ALA D 307 -0.94 8.92 -42.43
C ALA D 307 0.43 8.22 -42.48
N VAL D 308 0.89 7.74 -41.33
CA VAL D 308 2.14 6.97 -41.21
C VAL D 308 1.94 5.63 -40.52
N ASP D 309 2.47 4.57 -41.14
CA ASP D 309 2.49 3.24 -40.53
C ASP D 309 3.79 3.09 -39.74
N CYS D 310 3.68 3.09 -38.40
CA CYS D 310 4.81 3.18 -37.48
C CYS D 310 5.68 1.93 -37.51
N ALA D 311 5.24 0.87 -38.17
CA ALA D 311 6.03 -0.34 -38.21
C ALA D 311 6.36 -0.74 -39.65
N LEU D 312 6.28 0.22 -40.56
CA LEU D 312 6.59 -0.03 -41.97
C LEU D 312 8.10 -0.07 -42.24
N ASP D 313 8.82 0.93 -41.74
CA ASP D 313 10.25 1.02 -41.96
C ASP D 313 10.86 1.96 -40.87
N PRO D 314 12.20 2.09 -40.76
CA PRO D 314 12.90 2.94 -39.82
C PRO D 314 12.63 4.45 -39.97
N LEU D 315 12.13 4.89 -41.12
CA LEU D 315 11.87 6.32 -41.27
C LEU D 315 10.56 6.64 -40.60
N SER D 316 9.60 5.75 -40.78
CA SER D 316 8.30 5.89 -40.13
C SER D 316 8.48 5.79 -38.62
N GLU D 317 9.41 4.92 -38.19
CA GLU D 317 9.69 4.80 -36.75
C GLU D 317 10.16 6.15 -36.21
N THR D 318 10.98 6.85 -36.99
CA THR D 318 11.46 8.17 -36.58
C THR D 318 10.31 9.17 -36.50
N LYS D 319 9.45 9.17 -37.51
CA LYS D 319 8.30 10.09 -37.52
C LYS D 319 7.37 9.89 -36.30
N CYS D 320 7.10 8.62 -35.95
CA CYS D 320 6.23 8.27 -34.82
C CYS D 320 6.88 8.64 -33.50
N THR D 321 8.18 8.37 -33.37
CA THR D 321 8.93 8.68 -32.17
C THR D 321 8.92 10.17 -31.87
N LEU D 322 9.09 10.98 -32.92
CA LEU D 322 9.17 12.42 -32.77
C LEU D 322 7.80 13.10 -32.81
N LYS D 323 6.74 12.33 -32.99
CA LYS D 323 5.40 12.89 -33.12
C LYS D 323 5.36 14.01 -34.15
N SER D 324 5.96 13.76 -35.31
CA SER D 324 6.02 14.73 -36.39
C SER D 324 5.84 14.04 -37.71
N PHE D 325 5.23 14.73 -38.67
CA PHE D 325 5.06 14.11 -39.98
C PHE D 325 6.25 14.43 -40.85
N THR D 326 7.10 15.34 -40.37
CA THR D 326 8.28 15.80 -41.08
C THR D 326 9.50 15.60 -40.21
N VAL D 327 10.54 15.01 -40.78
CA VAL D 327 11.75 14.75 -40.01
C VAL D 327 12.92 15.55 -40.57
N GLU D 328 13.54 16.33 -39.70
CA GLU D 328 14.66 17.15 -40.09
C GLU D 328 15.93 16.31 -40.12
N LYS D 329 17.03 16.94 -40.48
CA LYS D 329 18.30 16.25 -40.60
C LYS D 329 18.86 15.93 -39.21
N GLY D 330 19.30 14.68 -38.99
CA GLY D 330 19.84 14.30 -37.68
C GLY D 330 19.71 12.81 -37.35
N ILE D 331 19.99 12.47 -36.09
CA ILE D 331 19.90 11.09 -35.61
C ILE D 331 18.97 10.99 -34.44
N TYR D 332 18.04 10.03 -34.49
CA TYR D 332 17.07 9.91 -33.42
C TYR D 332 17.00 8.49 -32.87
N GLN D 333 16.80 8.36 -31.57
CA GLN D 333 16.63 7.04 -30.96
C GLN D 333 15.17 6.67 -30.97
N THR D 334 14.84 5.60 -31.68
CA THR D 334 13.44 5.21 -31.85
C THR D 334 13.09 3.92 -31.15
N SER D 335 14.09 3.09 -30.89
CA SER D 335 13.82 1.79 -30.28
C SER D 335 15.03 1.26 -29.53
N ASN D 336 14.94 0.00 -29.14
CA ASN D 336 15.97 -0.70 -28.39
C ASN D 336 16.13 -2.12 -28.91
N PHE D 337 17.37 -2.49 -29.21
CA PHE D 337 17.70 -3.81 -29.71
C PHE D 337 18.15 -4.70 -28.58
N ARG D 338 17.61 -5.90 -28.53
CA ARG D 338 18.05 -6.84 -27.51
C ARG D 338 18.07 -8.26 -28.04
N VAL D 339 19.16 -8.96 -27.75
CA VAL D 339 19.25 -10.37 -28.06
C VAL D 339 18.53 -11.16 -26.97
N GLN D 340 17.58 -11.99 -27.36
CA GLN D 340 16.82 -12.75 -26.39
C GLN D 340 17.44 -14.14 -26.20
N PRO D 341 17.39 -14.71 -24.99
CA PRO D 341 17.74 -16.09 -24.68
C PRO D 341 16.85 -17.04 -25.47
N THR D 342 17.43 -18.14 -25.89
CA THR D 342 16.69 -19.17 -26.62
C THR D 342 16.67 -20.45 -25.82
N GLU D 343 17.75 -21.21 -25.92
CA GLU D 343 17.92 -22.46 -25.21
C GLU D 343 18.31 -22.20 -23.77
N SER D 344 18.07 -23.19 -22.92
CA SER D 344 18.55 -23.13 -21.54
C SER D 344 19.54 -24.26 -21.33
N ILE D 345 20.51 -24.04 -20.46
CA ILE D 345 21.49 -25.07 -20.13
C ILE D 345 21.64 -25.26 -18.64
N VAL D 346 21.36 -26.47 -18.18
CA VAL D 346 21.48 -26.82 -16.77
C VAL D 346 22.69 -27.74 -16.59
N ARG D 347 23.60 -27.36 -15.71
CA ARG D 347 24.81 -28.14 -15.52
C ARG D 347 24.95 -28.72 -14.12
N PHE D 348 25.25 -30.00 -14.08
CA PHE D 348 25.47 -30.76 -12.85
C PHE D 348 26.89 -31.32 -12.90
N PRO D 349 27.51 -31.59 -11.75
CA PRO D 349 28.82 -32.21 -11.61
C PRO D 349 28.76 -33.67 -12.01
N ASN D 350 29.92 -34.29 -12.28
CA ASN D 350 30.03 -35.71 -12.63
C ASN D 350 29.41 -36.58 -11.55
N ILE D 351 28.58 -37.55 -11.96
CA ILE D 351 27.88 -38.45 -11.05
C ILE D 351 28.77 -39.60 -10.63
N THR D 352 29.19 -39.56 -9.39
CA THR D 352 30.12 -40.51 -8.80
C THR D 352 29.56 -40.96 -7.47
N ASN D 353 30.21 -41.93 -6.83
CA ASN D 353 29.77 -42.35 -5.50
C ASN D 353 28.29 -42.71 -5.48
N LEU D 354 27.89 -43.64 -6.31
CA LEU D 354 26.51 -44.06 -6.36
C LEU D 354 26.19 -44.86 -5.10
N CYS D 355 24.93 -44.78 -4.62
CA CYS D 355 24.46 -45.57 -3.48
C CYS D 355 24.50 -47.07 -3.82
N PRO D 356 24.98 -47.91 -2.89
CA PRO D 356 25.23 -49.33 -3.08
C PRO D 356 23.97 -50.19 -3.12
N PHE D 357 23.07 -49.89 -4.06
CA PHE D 357 21.87 -50.69 -4.21
C PHE D 357 22.23 -51.97 -4.93
N GLY D 358 23.23 -51.89 -5.81
CA GLY D 358 23.67 -53.07 -6.53
C GLY D 358 24.19 -54.10 -5.53
N GLU D 359 25.06 -53.67 -4.61
CA GLU D 359 25.63 -54.60 -3.65
C GLU D 359 24.57 -55.26 -2.77
N VAL D 360 23.53 -54.52 -2.41
CA VAL D 360 22.45 -55.07 -1.60
C VAL D 360 21.55 -56.05 -2.37
N PHE D 361 21.12 -55.66 -3.57
CA PHE D 361 20.20 -56.47 -4.37
C PHE D 361 20.84 -57.63 -5.17
N ASN D 362 22.13 -57.46 -5.59
CA ASN D 362 22.90 -58.46 -6.34
C ASN D 362 23.87 -59.22 -5.41
N ALA D 363 23.61 -59.20 -4.08
CA ALA D 363 24.45 -59.81 -3.04
C ALA D 363 24.63 -61.30 -3.22
N THR D 364 25.83 -61.78 -2.92
CA THR D 364 26.13 -63.19 -3.00
C THR D 364 25.28 -63.97 -2.01
N ARG D 365 25.18 -63.43 -0.78
CA ARG D 365 24.40 -64.06 0.28
C ARG D 365 23.56 -63.06 1.04
N PHE D 366 22.38 -63.51 1.45
CA PHE D 366 21.47 -62.79 2.32
C PHE D 366 21.46 -63.40 3.71
N ALA D 367 21.11 -62.60 4.70
CA ALA D 367 21.01 -63.07 6.07
C ALA D 367 19.71 -63.80 6.35
N SER D 368 19.74 -64.57 7.42
CA SER D 368 18.55 -65.19 7.96
C SER D 368 17.62 -64.09 8.45
N VAL D 369 16.32 -64.34 8.38
CA VAL D 369 15.36 -63.33 8.81
C VAL D 369 15.46 -63.02 10.30
N TYR D 370 15.85 -63.99 11.12
CA TYR D 370 15.99 -63.74 12.56
C TYR D 370 17.16 -62.80 12.85
N ALA D 371 18.08 -62.69 11.90
CA ALA D 371 19.29 -61.90 12.06
C ALA D 371 19.52 -61.11 10.78
N TRP D 372 18.55 -60.29 10.43
CA TRP D 372 18.59 -59.54 9.19
C TRP D 372 19.76 -58.57 9.18
N ASN D 373 20.35 -58.35 8.00
CA ASN D 373 21.48 -57.43 7.91
C ASN D 373 21.01 -56.03 7.65
N ARG D 374 21.79 -55.04 8.06
CA ARG D 374 21.51 -53.66 7.72
C ARG D 374 22.72 -52.93 7.19
N LYS D 375 22.54 -52.27 6.06
CA LYS D 375 23.58 -51.44 5.47
C LYS D 375 23.11 -49.99 5.43
N ARG D 376 23.96 -49.08 5.88
CA ARG D 376 23.59 -47.67 5.85
C ARG D 376 23.96 -47.01 4.54
N ILE D 377 22.98 -46.34 3.95
CA ILE D 377 23.14 -45.61 2.72
C ILE D 377 23.04 -44.11 3.01
N SER D 378 24.13 -43.39 2.76
CA SER D 378 24.17 -41.95 3.04
C SER D 378 25.24 -41.29 2.19
N ASN D 379 25.14 -39.96 2.03
CA ASN D 379 26.16 -39.19 1.31
C ASN D 379 26.48 -39.77 -0.07
N CYS D 380 25.46 -40.18 -0.82
CA CYS D 380 25.60 -40.84 -2.11
C CYS D 380 24.43 -40.52 -3.04
N VAL D 381 24.59 -40.88 -4.30
CA VAL D 381 23.58 -40.62 -5.32
C VAL D 381 22.50 -41.69 -5.36
N ALA D 382 21.25 -41.26 -5.27
CA ALA D 382 20.10 -42.16 -5.21
C ALA D 382 19.73 -42.68 -6.59
N ASP D 383 20.59 -43.54 -7.13
CA ASP D 383 20.39 -44.13 -8.43
C ASP D 383 19.60 -45.42 -8.31
N TYR D 384 18.32 -45.35 -8.67
CA TYR D 384 17.43 -46.48 -8.54
C TYR D 384 17.15 -47.08 -9.91
N SER D 385 17.97 -46.75 -10.90
CA SER D 385 17.66 -47.21 -12.25
C SER D 385 17.64 -48.73 -12.36
N VAL D 386 18.45 -49.39 -11.54
CA VAL D 386 18.51 -50.84 -11.55
C VAL D 386 17.25 -51.45 -10.92
N LEU D 387 16.50 -50.63 -10.20
CA LEU D 387 15.29 -51.09 -9.54
C LEU D 387 14.02 -50.64 -10.29
N TYR D 388 14.19 -49.94 -11.42
CA TYR D 388 13.02 -49.41 -12.15
C TYR D 388 12.27 -50.49 -12.90
N ASN D 389 13.02 -51.43 -13.48
CA ASN D 389 12.45 -52.52 -14.25
C ASN D 389 13.41 -53.70 -14.25
N SER D 390 13.56 -54.33 -13.10
CA SER D 390 14.51 -55.43 -12.95
C SER D 390 13.95 -56.73 -13.53
N ALA D 391 12.64 -56.76 -13.78
CA ALA D 391 11.89 -57.92 -14.29
C ALA D 391 11.69 -59.01 -13.23
N SER D 392 12.76 -59.32 -12.49
CA SER D 392 12.75 -60.37 -11.49
C SER D 392 11.97 -60.02 -10.22
N PHE D 393 11.65 -58.75 -10.02
CA PHE D 393 10.92 -58.38 -8.80
C PHE D 393 9.45 -58.64 -8.99
N SER D 394 8.89 -59.50 -8.15
CA SER D 394 7.46 -59.81 -8.26
C SER D 394 6.68 -58.90 -7.32
N THR D 395 7.36 -58.49 -6.26
CA THR D 395 6.79 -57.62 -5.26
C THR D 395 7.49 -56.28 -5.24
N PHE D 396 6.71 -55.24 -5.39
CA PHE D 396 7.22 -53.89 -5.32
C PHE D 396 6.13 -53.00 -4.77
N LYS D 397 6.28 -52.59 -3.52
CA LYS D 397 5.28 -51.73 -2.89
C LYS D 397 5.97 -50.71 -1.98
N CYS D 398 5.49 -49.45 -2.00
CA CYS D 398 6.05 -48.37 -1.21
C CYS D 398 5.02 -47.80 -0.25
N TYR D 399 5.47 -47.64 0.98
CA TYR D 399 4.68 -47.10 2.09
C TYR D 399 5.07 -45.66 2.37
N GLY D 400 6.24 -45.27 1.89
CA GLY D 400 6.73 -43.91 2.10
C GLY D 400 6.19 -42.99 1.01
N VAL D 401 6.85 -43.01 -0.14
CA VAL D 401 6.43 -42.18 -1.25
C VAL D 401 6.44 -42.99 -2.54
N SER D 402 5.54 -42.65 -3.45
CA SER D 402 5.50 -43.29 -4.75
C SER D 402 6.92 -43.37 -5.33
N PRO D 403 7.29 -44.51 -5.94
CA PRO D 403 8.59 -44.78 -6.53
C PRO D 403 8.93 -43.85 -7.67
N THR D 404 7.93 -43.15 -8.20
CA THR D 404 8.14 -42.24 -9.32
C THR D 404 8.55 -40.86 -8.82
N LYS D 405 8.49 -40.65 -7.50
CA LYS D 405 8.89 -39.39 -6.89
C LYS D 405 10.12 -39.65 -6.03
N LEU D 406 10.24 -40.89 -5.57
CA LEU D 406 11.33 -41.34 -4.71
C LEU D 406 12.69 -41.07 -5.35
N ASN D 407 12.74 -41.18 -6.68
CA ASN D 407 13.96 -40.99 -7.44
C ASN D 407 14.43 -39.55 -7.53
N ASP D 408 13.57 -38.60 -7.19
CA ASP D 408 13.97 -37.20 -7.26
C ASP D 408 14.26 -36.60 -5.89
N LEU D 409 13.34 -36.80 -4.94
CA LEU D 409 13.42 -36.13 -3.64
C LEU D 409 14.53 -36.71 -2.75
N CYS D 410 15.05 -35.86 -1.84
CA CYS D 410 16.21 -36.15 -1.00
C CYS D 410 15.84 -36.67 0.39
N PHE D 411 16.73 -37.52 0.93
CA PHE D 411 16.63 -38.08 2.28
C PHE D 411 17.92 -37.87 3.09
N THR D 412 17.81 -37.90 4.42
CA THR D 412 19.01 -37.80 5.24
C THR D 412 19.66 -39.16 5.39
N ASN D 413 18.83 -40.20 5.53
CA ASN D 413 19.35 -41.55 5.70
C ASN D 413 18.47 -42.58 5.02
N VAL D 414 19.11 -43.57 4.39
CA VAL D 414 18.40 -44.69 3.83
C VAL D 414 19.02 -45.98 4.38
N TYR D 415 18.20 -46.90 4.85
CA TYR D 415 18.77 -48.14 5.38
C TYR D 415 18.28 -49.34 4.61
N ALA D 416 19.19 -50.22 4.24
CA ALA D 416 18.83 -51.42 3.50
C ALA D 416 18.84 -52.65 4.38
N ASP D 417 17.66 -53.18 4.66
CA ASP D 417 17.49 -54.37 5.48
C ASP D 417 17.34 -55.61 4.60
N SER D 418 18.32 -56.52 4.72
CA SER D 418 18.43 -57.68 3.82
C SER D 418 18.23 -59.05 4.49
N PHE D 419 17.24 -59.80 4.00
CA PHE D 419 16.94 -61.12 4.56
C PHE D 419 16.18 -62.09 3.62
N VAL D 420 16.18 -63.38 3.97
CA VAL D 420 15.42 -64.40 3.23
C VAL D 420 14.29 -65.05 4.02
N ILE D 421 13.11 -65.06 3.41
CA ILE D 421 11.88 -65.64 3.96
C ILE D 421 11.17 -66.56 2.95
N ARG D 422 10.11 -67.23 3.40
CA ARG D 422 9.30 -68.05 2.48
C ARG D 422 8.37 -67.17 1.65
N GLY D 423 7.94 -67.67 0.50
CA GLY D 423 7.01 -66.92 -0.35
C GLY D 423 5.72 -66.52 0.35
N ASP D 424 5.18 -67.40 1.19
CA ASP D 424 3.92 -67.10 1.88
C ASP D 424 4.10 -66.06 2.99
N GLU D 425 5.35 -65.76 3.33
CA GLU D 425 5.68 -64.80 4.38
C GLU D 425 5.90 -63.40 3.82
N VAL D 426 5.88 -63.25 2.50
CA VAL D 426 6.14 -61.95 1.88
C VAL D 426 5.09 -60.93 2.32
N ARG D 427 3.87 -61.41 2.51
CA ARG D 427 2.75 -60.59 2.98
C ARG D 427 3.07 -59.88 4.30
N GLN D 428 3.88 -60.52 5.15
CA GLN D 428 4.17 -59.99 6.47
C GLN D 428 5.15 -58.82 6.48
N ILE D 429 5.87 -58.59 5.38
CA ILE D 429 6.84 -57.50 5.42
C ILE D 429 6.13 -56.22 5.04
N ALA D 430 5.43 -55.67 6.03
CA ALA D 430 4.63 -54.47 5.84
C ALA D 430 4.18 -53.94 7.20
N PRO D 431 3.79 -52.66 7.27
CA PRO D 431 3.03 -52.03 8.34
C PRO D 431 1.70 -52.72 8.55
N GLY D 432 1.26 -52.79 9.81
CA GLY D 432 -0.05 -53.33 10.16
C GLY D 432 -0.14 -54.85 10.14
N GLN D 433 0.98 -55.52 9.94
CA GLN D 433 0.96 -56.97 9.84
C GLN D 433 1.36 -57.67 11.11
N THR D 434 0.86 -58.89 11.25
CA THR D 434 1.21 -59.78 12.35
C THR D 434 1.63 -61.13 11.78
N GLY D 435 2.27 -61.95 12.60
CA GLY D 435 2.71 -63.27 12.16
C GLY D 435 4.11 -63.56 12.68
N LYS D 436 4.64 -64.74 12.39
CA LYS D 436 5.92 -65.10 12.96
C LYS D 436 7.05 -64.17 12.52
N ILE D 437 6.96 -63.64 11.30
CA ILE D 437 8.03 -62.75 10.87
C ILE D 437 7.74 -61.34 11.35
N ALA D 438 6.52 -60.87 11.11
CA ALA D 438 6.17 -59.51 11.50
C ALA D 438 6.35 -59.28 13.00
N ASP D 439 6.08 -60.29 13.82
CA ASP D 439 6.17 -60.13 15.26
C ASP D 439 7.51 -60.57 15.87
N TYR D 440 8.18 -61.60 15.33
CA TYR D 440 9.38 -62.07 16.02
C TYR D 440 10.70 -61.94 15.25
N ASN D 441 10.66 -61.60 13.96
CA ASN D 441 11.90 -61.55 13.19
C ASN D 441 12.22 -60.19 12.60
N TYR D 442 11.21 -59.57 11.99
CA TYR D 442 11.42 -58.30 11.32
C TYR D 442 10.18 -57.43 11.40
N LYS D 443 10.20 -56.48 12.33
CA LYS D 443 9.06 -55.61 12.58
C LYS D 443 9.25 -54.23 11.98
N LEU D 444 8.26 -53.78 11.21
CA LEU D 444 8.26 -52.43 10.68
C LEU D 444 7.32 -51.56 11.51
N PRO D 445 7.58 -50.25 11.59
CA PRO D 445 6.69 -49.26 12.17
C PRO D 445 5.36 -49.26 11.43
N ASP D 446 4.27 -48.97 12.13
CA ASP D 446 2.97 -48.95 11.47
C ASP D 446 2.77 -47.65 10.71
N ASP D 447 3.70 -46.72 10.92
CA ASP D 447 3.77 -45.44 10.24
C ASP D 447 5.04 -45.38 9.39
N PHE D 448 5.55 -46.56 9.04
CA PHE D 448 6.78 -46.72 8.27
C PHE D 448 6.79 -46.06 6.93
N THR D 449 7.92 -45.44 6.60
CA THR D 449 8.12 -44.86 5.31
C THR D 449 9.29 -45.55 4.62
N GLY D 450 9.05 -45.96 3.38
CA GLY D 450 10.05 -46.66 2.60
C GLY D 450 9.41 -47.62 1.60
N CYS D 451 10.23 -48.54 1.04
CA CYS D 451 9.80 -49.48 0.00
C CYS D 451 10.23 -50.92 0.28
N VAL D 452 9.32 -51.84 0.02
CA VAL D 452 9.58 -53.26 0.17
C VAL D 452 9.64 -53.95 -1.19
N ILE D 453 10.79 -54.53 -1.49
CA ILE D 453 11.01 -55.20 -2.76
C ILE D 453 11.39 -56.66 -2.54
N ALA D 454 10.74 -57.58 -3.26
CA ALA D 454 11.07 -58.99 -3.07
C ALA D 454 11.00 -59.78 -4.37
N TRP D 455 11.84 -60.82 -4.44
CA TRP D 455 11.85 -61.69 -5.60
C TRP D 455 12.18 -63.13 -5.26
N ASN D 456 11.75 -64.02 -6.14
CA ASN D 456 11.99 -65.44 -6.01
C ASN D 456 13.47 -65.75 -6.17
N SER D 457 14.03 -66.48 -5.21
CA SER D 457 15.44 -66.85 -5.24
C SER D 457 15.58 -68.37 -5.18
N ASN D 458 14.62 -69.07 -5.75
CA ASN D 458 14.62 -70.53 -5.70
C ASN D 458 15.90 -71.13 -6.30
N ASN D 459 16.46 -70.48 -7.31
CA ASN D 459 17.66 -70.99 -7.95
C ASN D 459 18.94 -70.46 -7.31
N LEU D 460 18.82 -69.76 -6.20
CA LEU D 460 19.98 -69.19 -5.52
C LEU D 460 20.10 -69.70 -4.07
N ASP D 461 18.98 -69.74 -3.37
CA ASP D 461 18.93 -69.99 -1.94
C ASP D 461 18.34 -71.35 -1.53
N SER D 462 18.37 -72.34 -2.42
CA SER D 462 17.82 -73.66 -2.06
C SER D 462 18.72 -74.77 -2.64
N LYS D 463 18.51 -76.02 -2.18
CA LYS D 463 19.26 -77.19 -2.66
C LYS D 463 18.55 -78.48 -2.30
N GLY D 466 18.34 -79.90 1.50
CA GLY D 466 17.70 -78.63 1.76
C GLY D 466 18.70 -77.59 2.31
N ASN D 467 18.44 -76.30 2.00
CA ASN D 467 19.28 -75.19 2.46
C ASN D 467 18.77 -74.67 3.79
N TYR D 468 19.44 -75.09 4.86
CA TYR D 468 19.03 -74.82 6.23
C TYR D 468 19.86 -73.69 6.83
N ASN D 469 20.51 -72.91 5.98
CA ASN D 469 21.33 -71.81 6.45
C ASN D 469 20.46 -70.61 6.77
N TYR D 470 19.18 -70.73 6.42
CA TYR D 470 18.22 -69.67 6.67
C TYR D 470 17.28 -70.04 7.80
N LEU D 471 17.34 -69.25 8.87
CA LEU D 471 16.56 -69.50 10.08
C LEU D 471 15.63 -68.36 10.42
N TYR D 472 14.58 -68.70 11.15
CA TYR D 472 13.63 -67.73 11.65
C TYR D 472 13.32 -68.01 13.10
N ARG D 473 12.89 -66.99 13.80
CA ARG D 473 12.49 -67.14 15.18
C ARG D 473 11.07 -67.62 15.26
N LEU D 474 10.90 -68.74 15.95
CA LEU D 474 9.62 -69.39 16.14
C LEU D 474 9.12 -69.06 17.55
N PHE D 475 10.06 -68.92 18.49
CA PHE D 475 9.68 -68.68 19.87
C PHE D 475 10.32 -67.43 20.47
N ARG D 476 9.50 -66.69 21.22
CA ARG D 476 9.89 -65.52 21.98
C ARG D 476 8.81 -65.22 23.02
N LYS D 477 9.17 -64.52 24.10
CA LYS D 477 8.20 -64.17 25.14
C LYS D 477 7.30 -62.97 24.78
N SER D 478 7.80 -62.07 23.96
CA SER D 478 7.07 -60.87 23.56
C SER D 478 7.43 -60.51 22.13
N ASN D 479 6.72 -59.56 21.53
CA ASN D 479 7.01 -59.24 20.14
C ASN D 479 8.17 -58.26 20.04
N LEU D 480 8.57 -57.96 18.80
CA LEU D 480 9.65 -57.02 18.55
C LEU D 480 9.21 -55.58 18.42
N LYS D 481 10.12 -54.68 18.75
CA LYS D 481 9.93 -53.27 18.47
C LYS D 481 10.39 -53.04 17.05
N PRO D 482 9.94 -51.99 16.36
CA PRO D 482 10.35 -51.66 15.01
C PRO D 482 11.86 -51.61 14.91
N PHE D 483 12.37 -52.27 13.88
CA PHE D 483 13.79 -52.37 13.57
C PHE D 483 14.63 -53.05 14.66
N GLU D 484 13.99 -53.84 15.52
CA GLU D 484 14.72 -54.62 16.51
C GLU D 484 15.23 -55.91 15.88
N ARG D 485 16.45 -56.30 16.24
CA ARG D 485 17.03 -57.53 15.74
C ARG D 485 17.43 -58.45 16.89
N ASP D 486 16.59 -59.43 17.19
CA ASP D 486 16.83 -60.35 18.29
C ASP D 486 17.56 -61.60 17.80
N ILE D 487 18.83 -61.72 18.15
CA ILE D 487 19.65 -62.82 17.67
C ILE D 487 20.06 -63.77 18.79
N SER D 488 19.34 -63.69 19.91
CA SER D 488 19.61 -64.58 21.04
C SER D 488 19.26 -66.02 20.72
N THR D 489 20.07 -66.94 21.23
CA THR D 489 19.85 -68.37 21.03
C THR D 489 19.43 -69.06 22.32
N GLU D 490 19.12 -68.27 23.34
CA GLU D 490 18.73 -68.82 24.63
C GLU D 490 17.47 -69.67 24.50
N ILE D 491 17.49 -70.85 25.12
CA ILE D 491 16.35 -71.77 25.00
C ILE D 491 15.09 -71.14 25.57
N TYR D 492 14.02 -71.22 24.79
CA TYR D 492 12.74 -70.68 25.15
C TYR D 492 11.99 -71.63 26.06
N GLN D 493 11.49 -71.10 27.16
CA GLN D 493 10.74 -71.89 28.11
C GLN D 493 9.25 -71.68 27.90
N ALA D 494 8.58 -72.73 27.43
CA ALA D 494 7.15 -72.66 27.16
C ALA D 494 6.38 -73.03 28.42
N GLY D 495 6.97 -73.90 29.23
CA GLY D 495 6.32 -74.40 30.43
C GLY D 495 6.78 -73.68 31.69
N SER D 496 6.59 -74.34 32.84
CA SER D 496 6.93 -73.76 34.13
C SER D 496 8.28 -74.26 34.64
N THR D 497 8.76 -75.37 34.08
CA THR D 497 10.00 -75.99 34.51
C THR D 497 11.19 -75.32 33.81
N PRO D 498 12.21 -74.85 34.54
CA PRO D 498 13.41 -74.23 34.01
C PRO D 498 14.07 -75.15 32.98
N CYS D 499 14.51 -74.57 31.84
CA CYS D 499 15.14 -75.31 30.74
C CYS D 499 16.61 -75.57 31.04
N ASN D 500 17.21 -74.69 31.83
CA ASN D 500 18.62 -74.83 32.22
C ASN D 500 19.56 -74.90 31.02
N GLY D 501 19.23 -74.16 29.96
CA GLY D 501 20.09 -74.08 28.78
C GLY D 501 19.87 -75.17 27.73
N VAL D 502 18.97 -76.13 27.96
CA VAL D 502 18.78 -77.20 26.98
C VAL D 502 17.32 -77.40 26.57
N GLU D 503 17.14 -78.08 25.44
CA GLU D 503 15.80 -78.42 24.94
C GLU D 503 15.22 -79.58 25.73
N GLY D 504 13.90 -79.71 25.70
CA GLY D 504 13.22 -80.74 26.46
C GLY D 504 11.71 -80.52 26.44
N PHE D 505 11.00 -81.14 27.37
CA PHE D 505 9.56 -80.98 27.38
C PHE D 505 9.23 -79.52 27.71
N ASN D 506 8.49 -78.90 26.80
CA ASN D 506 8.15 -77.48 26.86
C ASN D 506 9.38 -76.54 26.94
N CYS D 507 10.48 -76.90 26.24
CA CYS D 507 11.71 -76.13 26.08
C CYS D 507 12.18 -76.26 24.63
N TYR D 508 12.38 -75.12 23.96
CA TYR D 508 12.70 -75.15 22.54
C TYR D 508 13.84 -74.25 22.14
N PHE D 509 14.62 -74.66 21.15
CA PHE D 509 15.59 -73.75 20.57
C PHE D 509 14.77 -72.75 19.75
N PRO D 510 14.88 -71.44 20.03
CA PRO D 510 14.01 -70.40 19.51
C PRO D 510 14.08 -70.20 18.01
N LEU D 511 15.17 -70.64 17.39
CA LEU D 511 15.38 -70.45 15.97
C LEU D 511 15.27 -71.75 15.19
N GLN D 512 14.40 -71.77 14.20
CA GLN D 512 14.22 -72.96 13.39
C GLN D 512 14.65 -72.72 11.97
N SER D 513 15.14 -73.76 11.32
CA SER D 513 15.58 -73.64 9.94
C SER D 513 14.49 -73.95 8.94
N TYR D 514 14.63 -73.40 7.75
CA TYR D 514 13.70 -73.69 6.67
C TYR D 514 14.22 -74.79 5.77
N GLY D 515 13.35 -75.72 5.40
CA GLY D 515 13.72 -76.77 4.46
C GLY D 515 13.57 -76.26 3.03
N PHE D 516 14.43 -75.31 2.65
CA PHE D 516 14.34 -74.73 1.31
C PHE D 516 14.93 -75.66 0.26
N GLN D 517 14.07 -76.07 -0.67
CA GLN D 517 14.43 -76.99 -1.74
C GLN D 517 13.89 -76.47 -3.06
N PRO D 518 14.57 -76.73 -4.19
CA PRO D 518 14.21 -76.28 -5.53
C PRO D 518 12.90 -76.87 -6.01
N THR D 519 12.45 -77.94 -5.37
CA THR D 519 11.23 -78.65 -5.73
C THR D 519 10.04 -78.25 -4.85
N ASN D 520 10.23 -77.29 -3.95
CA ASN D 520 9.15 -76.84 -3.09
C ASN D 520 8.10 -76.09 -3.89
N GLY D 521 6.87 -76.06 -3.37
CA GLY D 521 5.82 -75.28 -3.99
C GLY D 521 6.19 -73.81 -3.82
N VAL D 522 5.59 -72.94 -4.61
CA VAL D 522 5.99 -71.53 -4.63
C VAL D 522 5.95 -70.86 -3.27
N GLY D 523 4.93 -71.14 -2.48
CA GLY D 523 4.79 -70.51 -1.17
C GLY D 523 5.88 -70.93 -0.19
N TYR D 524 6.60 -72.02 -0.53
CA TYR D 524 7.66 -72.54 0.32
C TYR D 524 9.04 -72.35 -0.30
N GLN D 525 9.10 -71.62 -1.42
CA GLN D 525 10.38 -71.32 -2.03
C GLN D 525 10.94 -70.11 -1.28
N PRO D 526 12.26 -69.93 -1.24
CA PRO D 526 12.91 -68.78 -0.65
C PRO D 526 12.71 -67.55 -1.49
N TYR D 527 12.54 -66.42 -0.82
CA TYR D 527 12.46 -65.12 -1.44
C TYR D 527 13.44 -64.15 -0.80
N ARG D 528 14.09 -63.38 -1.64
CA ARG D 528 15.02 -62.38 -1.17
C ARG D 528 14.30 -61.07 -1.00
N VAL D 529 14.34 -60.55 0.21
CA VAL D 529 13.63 -59.33 0.51
C VAL D 529 14.58 -58.24 0.91
N VAL D 530 14.44 -57.10 0.27
CA VAL D 530 15.19 -55.94 0.65
C VAL D 530 14.23 -54.83 1.01
N VAL D 531 14.35 -54.33 2.22
CA VAL D 531 13.50 -53.25 2.63
C VAL D 531 14.32 -51.99 2.75
N LEU D 532 13.94 -50.98 1.99
CA LEU D 532 14.65 -49.72 2.04
C LEU D 532 13.89 -48.75 2.91
N SER D 533 14.42 -48.49 4.09
CA SER D 533 13.82 -47.62 5.08
C SER D 533 14.30 -46.21 4.86
N PHE D 534 13.38 -45.29 4.65
CA PHE D 534 13.75 -43.93 4.32
C PHE D 534 13.30 -42.92 5.37
N GLU D 535 14.21 -42.01 5.75
CA GLU D 535 13.81 -40.97 6.69
C GLU D 535 14.36 -39.58 6.33
N LEU D 536 13.61 -38.58 6.76
CA LEU D 536 13.99 -37.18 6.64
C LEU D 536 14.05 -36.57 8.05
N LEU D 537 15.22 -36.07 8.41
CA LEU D 537 15.48 -35.49 9.72
C LEU D 537 15.67 -33.99 9.62
N HIS D 538 15.96 -33.35 10.76
CA HIS D 538 16.26 -31.92 10.80
C HIS D 538 17.58 -31.63 10.09
N ALA D 539 18.38 -32.69 9.97
CA ALA D 539 19.68 -32.64 9.32
C ALA D 539 19.46 -32.39 7.84
N PRO D 540 20.41 -31.79 7.14
CA PRO D 540 20.36 -31.59 5.71
C PRO D 540 20.34 -32.95 5.03
N ALA D 541 19.52 -33.09 3.99
CA ALA D 541 19.44 -34.33 3.26
C ALA D 541 20.73 -34.56 2.47
N THR D 542 21.15 -35.82 2.35
CA THR D 542 22.38 -36.11 1.64
C THR D 542 22.19 -37.08 0.47
N VAL D 543 21.09 -37.81 0.45
CA VAL D 543 20.85 -38.80 -0.60
C VAL D 543 19.75 -38.31 -1.55
N CYS D 544 20.18 -37.80 -2.73
CA CYS D 544 19.34 -37.15 -3.73
C CYS D 544 19.47 -37.89 -5.06
N GLY D 545 18.45 -37.78 -5.92
CA GLY D 545 18.55 -38.46 -7.21
C GLY D 545 19.61 -37.80 -8.10
N PRO D 546 20.11 -38.54 -9.10
CA PRO D 546 21.03 -38.08 -10.12
C PRO D 546 20.31 -37.18 -11.09
N LYS D 547 21.01 -36.20 -11.64
CA LYS D 547 20.44 -35.37 -12.69
C LYS D 547 21.42 -35.26 -13.84
N LYS D 548 20.90 -35.35 -15.06
CA LYS D 548 21.74 -35.28 -16.25
C LYS D 548 21.99 -33.85 -16.67
N SER D 549 23.19 -33.58 -17.18
CA SER D 549 23.56 -32.26 -17.65
C SER D 549 23.14 -32.02 -19.09
N THR D 550 22.89 -30.76 -19.40
CA THR D 550 22.62 -30.30 -20.75
C THR D 550 23.93 -29.92 -21.41
N ASN D 551 24.06 -30.19 -22.70
CA ASN D 551 25.28 -29.84 -23.41
C ASN D 551 25.61 -28.36 -23.26
N LEU D 552 26.85 -28.08 -22.88
CA LEU D 552 27.27 -26.71 -22.66
C LEU D 552 27.68 -26.06 -23.97
N VAL D 553 27.04 -24.95 -24.28
CA VAL D 553 27.27 -24.25 -25.53
C VAL D 553 27.76 -22.82 -25.29
N LYS D 554 28.87 -22.49 -25.91
CA LYS D 554 29.49 -21.17 -25.76
C LYS D 554 29.11 -20.25 -26.91
N ASN D 555 29.25 -18.94 -26.67
CA ASN D 555 28.96 -17.89 -27.64
C ASN D 555 27.50 -17.84 -28.12
N LYS D 556 26.57 -18.19 -27.24
CA LYS D 556 25.12 -18.11 -27.51
C LYS D 556 24.40 -17.46 -26.33
N CYS D 557 23.26 -16.81 -26.59
CA CYS D 557 22.43 -16.20 -25.54
C CYS D 557 21.51 -17.26 -24.93
N VAL D 558 21.85 -17.64 -23.70
CA VAL D 558 21.27 -18.79 -23.02
C VAL D 558 20.86 -18.52 -21.57
N ASN D 559 19.82 -19.21 -21.13
CA ASN D 559 19.39 -19.19 -19.73
C ASN D 559 20.18 -20.26 -18.98
N PHE D 560 20.94 -19.87 -17.97
CA PHE D 560 21.83 -20.84 -17.32
C PHE D 560 21.45 -21.25 -15.91
N ASN D 561 21.81 -22.48 -15.57
CA ASN D 561 21.67 -22.98 -14.21
C ASN D 561 22.85 -23.87 -13.84
N PHE D 562 23.77 -23.33 -13.05
CA PHE D 562 24.98 -24.06 -12.64
C PHE D 562 24.89 -24.43 -11.17
N ASN D 563 24.71 -25.71 -10.89
CA ASN D 563 24.50 -26.13 -9.50
C ASN D 563 23.27 -25.40 -8.94
N GLY D 564 23.48 -24.52 -7.95
CA GLY D 564 22.37 -23.79 -7.35
C GLY D 564 22.26 -22.33 -7.82
N LEU D 565 23.08 -21.94 -8.80
CA LEU D 565 23.13 -20.56 -9.27
C LEU D 565 22.46 -20.34 -10.62
N THR D 566 21.44 -19.47 -10.64
CA THR D 566 20.74 -19.16 -11.88
C THR D 566 21.37 -17.93 -12.52
N GLY D 567 21.68 -18.05 -13.82
CA GLY D 567 22.30 -16.97 -14.56
C GLY D 567 21.72 -16.79 -15.95
N THR D 568 22.38 -15.98 -16.76
CA THR D 568 21.96 -15.69 -18.11
C THR D 568 23.15 -15.21 -18.91
N GLY D 569 22.89 -14.60 -20.06
CA GLY D 569 23.96 -14.04 -20.87
C GLY D 569 24.64 -15.05 -21.77
N VAL D 570 25.87 -14.73 -22.11
CA VAL D 570 26.68 -15.49 -23.04
C VAL D 570 27.99 -15.91 -22.36
N LEU D 571 28.36 -17.18 -22.48
CA LEU D 571 29.61 -17.62 -21.87
C LEU D 571 30.75 -17.67 -22.87
N THR D 572 31.91 -17.20 -22.44
CA THR D 572 33.13 -17.23 -23.25
C THR D 572 34.28 -17.74 -22.38
N GLU D 573 35.39 -18.15 -23.00
CA GLU D 573 36.53 -18.64 -22.22
C GLU D 573 37.10 -17.58 -21.30
N SER D 574 37.36 -17.96 -20.04
CA SER D 574 37.93 -17.06 -19.04
C SER D 574 39.43 -17.23 -18.93
N ASN D 575 40.11 -16.15 -18.54
CA ASN D 575 41.53 -16.22 -18.25
C ASN D 575 41.78 -16.08 -16.74
N LYS D 576 40.74 -16.31 -15.95
CA LYS D 576 40.84 -16.22 -14.50
C LYS D 576 41.26 -17.54 -13.88
N LYS D 577 41.90 -17.45 -12.72
CA LYS D 577 42.25 -18.64 -11.97
C LYS D 577 41.59 -18.59 -10.62
N PHE D 578 40.69 -19.54 -10.39
CA PHE D 578 39.94 -19.60 -9.14
C PHE D 578 40.69 -20.46 -8.15
N LEU D 579 40.47 -20.21 -6.87
CA LEU D 579 41.05 -21.07 -5.86
C LEU D 579 40.34 -22.43 -5.97
N PRO D 580 40.97 -23.54 -5.54
CA PRO D 580 40.48 -24.91 -5.64
C PRO D 580 39.07 -25.15 -5.10
N PHE D 581 38.61 -24.32 -4.17
CA PHE D 581 37.29 -24.50 -3.57
C PHE D 581 36.22 -23.59 -4.15
N GLN D 582 36.61 -22.63 -4.98
CA GLN D 582 35.67 -21.63 -5.46
C GLN D 582 34.87 -22.13 -6.66
N GLN D 583 33.59 -21.77 -6.70
CA GLN D 583 32.69 -22.27 -7.73
C GLN D 583 32.34 -21.22 -8.78
N PHE D 584 32.33 -19.96 -8.38
CA PHE D 584 32.00 -18.86 -9.28
C PHE D 584 32.64 -17.60 -8.73
N GLY D 585 32.74 -16.57 -9.56
CA GLY D 585 33.28 -15.30 -9.11
C GLY D 585 32.29 -14.17 -9.34
N ARG D 586 32.59 -13.02 -8.75
CA ARG D 586 31.73 -11.85 -8.88
C ARG D 586 32.45 -10.55 -9.21
N ASP D 587 31.70 -9.66 -9.83
CA ASP D 587 32.09 -8.29 -10.12
C ASP D 587 31.74 -7.45 -8.90
N ILE D 588 32.01 -6.16 -8.96
CA ILE D 588 31.81 -5.31 -7.80
C ILE D 588 30.34 -5.18 -7.40
N ALA D 589 29.45 -4.96 -8.38
CA ALA D 589 28.04 -4.73 -8.05
C ALA D 589 27.22 -6.02 -7.92
N ASP D 590 27.64 -6.91 -7.02
CA ASP D 590 26.92 -8.14 -6.69
C ASP D 590 26.47 -8.92 -7.93
N THR D 591 27.35 -9.01 -8.92
CA THR D 591 27.01 -9.66 -10.19
C THR D 591 27.96 -10.81 -10.51
N THR D 592 27.41 -11.98 -10.87
CA THR D 592 28.29 -13.10 -11.18
C THR D 592 29.13 -12.70 -12.39
N ASP D 593 30.44 -12.80 -12.28
CA ASP D 593 31.35 -12.41 -13.36
C ASP D 593 31.74 -13.60 -14.21
N ALA D 594 31.93 -14.74 -13.54
CA ALA D 594 32.38 -15.95 -14.21
C ALA D 594 31.95 -17.16 -13.43
N VAL D 595 31.82 -18.29 -14.10
CA VAL D 595 31.45 -19.53 -13.44
C VAL D 595 32.39 -20.69 -13.77
N ARG D 596 32.70 -21.51 -12.77
CA ARG D 596 33.50 -22.70 -12.96
C ARG D 596 32.56 -23.86 -13.23
N ASP D 597 32.66 -24.43 -14.42
CA ASP D 597 31.75 -25.49 -14.83
C ASP D 597 31.92 -26.77 -14.00
N PRO D 598 30.85 -27.32 -13.42
CA PRO D 598 30.80 -28.53 -12.61
C PRO D 598 31.45 -29.78 -13.22
N GLN D 599 31.50 -29.91 -14.56
CA GLN D 599 32.09 -31.11 -15.15
C GLN D 599 33.46 -30.90 -15.76
N THR D 600 33.67 -29.74 -16.36
CA THR D 600 34.91 -29.55 -17.09
C THR D 600 36.01 -28.94 -16.24
N LEU D 601 35.63 -28.28 -15.14
CA LEU D 601 36.55 -27.58 -14.26
C LEU D 601 37.18 -26.39 -14.97
N GLU D 602 36.60 -26.01 -16.10
CA GLU D 602 37.01 -24.84 -16.86
C GLU D 602 36.18 -23.66 -16.43
N ILE D 603 36.72 -22.46 -16.57
CA ILE D 603 35.99 -21.27 -16.18
C ILE D 603 35.58 -20.46 -17.39
N LEU D 604 34.31 -20.09 -17.42
CA LEU D 604 33.77 -19.27 -18.49
C LEU D 604 33.27 -17.93 -17.95
N ASP D 605 33.65 -16.85 -18.63
CA ASP D 605 33.24 -15.50 -18.25
C ASP D 605 31.82 -15.25 -18.70
N ILE D 606 31.09 -14.42 -17.97
CA ILE D 606 29.72 -14.12 -18.32
C ILE D 606 29.56 -12.72 -18.86
N THR D 607 29.14 -12.61 -20.10
CA THR D 607 28.89 -11.31 -20.69
C THR D 607 27.36 -11.24 -20.81
N PRO D 608 26.77 -10.06 -20.89
CA PRO D 608 25.35 -9.87 -21.12
C PRO D 608 25.06 -10.21 -22.57
N CYS D 609 23.80 -10.57 -22.88
CA CYS D 609 23.34 -10.74 -24.25
C CYS D 609 23.30 -9.34 -24.86
N SER D 610 23.88 -9.19 -26.04
CA SER D 610 24.04 -7.85 -26.60
C SER D 610 22.74 -7.08 -26.67
N PHE D 611 22.83 -5.81 -26.28
CA PHE D 611 21.70 -4.91 -26.34
C PHE D 611 22.20 -3.49 -26.49
N GLY D 612 21.31 -2.60 -26.91
CA GLY D 612 21.64 -1.19 -27.01
C GLY D 612 20.53 -0.43 -27.71
N GLY D 613 20.64 0.90 -27.74
CA GLY D 613 19.62 1.70 -28.37
C GLY D 613 19.67 1.55 -29.88
N VAL D 614 18.55 1.84 -30.53
CA VAL D 614 18.51 1.80 -31.99
C VAL D 614 18.21 3.18 -32.51
N SER D 615 19.15 3.70 -33.29
CA SER D 615 19.04 5.03 -33.82
C SER D 615 18.92 5.06 -35.33
N VAL D 616 18.09 5.96 -35.82
CA VAL D 616 17.93 6.11 -37.25
C VAL D 616 18.65 7.37 -37.70
N ILE D 617 19.55 7.18 -38.65
CA ILE D 617 20.38 8.25 -39.17
C ILE D 617 19.80 8.71 -40.48
N THR D 618 19.34 9.95 -40.53
CA THR D 618 18.64 10.36 -41.72
C THR D 618 18.95 11.80 -42.15
N PRO D 619 18.95 12.07 -43.46
CA PRO D 619 18.93 13.39 -44.06
C PRO D 619 17.53 13.89 -43.85
N GLY D 620 17.29 15.18 -44.03
CA GLY D 620 15.92 15.63 -43.84
C GLY D 620 15.03 15.04 -44.93
N THR D 621 13.78 14.75 -44.58
CA THR D 621 12.80 14.18 -45.54
C THR D 621 12.41 15.14 -46.67
N ASN D 622 12.86 16.40 -46.56
CA ASN D 622 12.71 17.46 -47.56
C ASN D 622 13.51 17.14 -48.83
N THR D 623 14.66 16.43 -48.70
CA THR D 623 15.53 16.08 -49.84
C THR D 623 15.69 14.57 -50.05
N SER D 624 15.51 13.75 -49.00
CA SER D 624 15.71 12.31 -49.15
C SER D 624 14.99 11.46 -48.11
N ASN D 625 14.44 10.34 -48.54
CA ASN D 625 13.78 9.38 -47.66
C ASN D 625 14.63 8.14 -47.41
N GLN D 626 15.91 8.23 -47.75
CA GLN D 626 16.86 7.15 -47.55
C GLN D 626 17.41 7.22 -46.13
N VAL D 627 17.45 6.10 -45.43
CA VAL D 627 17.96 6.10 -44.06
C VAL D 627 18.97 5.00 -43.81
N ALA D 628 19.77 5.19 -42.76
CA ALA D 628 20.69 4.15 -42.27
C ALA D 628 20.35 3.87 -40.81
N VAL D 629 20.55 2.64 -40.35
CA VAL D 629 20.22 2.34 -38.97
C VAL D 629 21.43 1.90 -38.16
N LEU D 630 21.62 2.58 -37.04
CA LEU D 630 22.73 2.30 -36.15
C LEU D 630 22.28 1.55 -34.90
N TYR D 631 22.84 0.38 -34.70
CA TYR D 631 22.55 -0.39 -33.51
C TYR D 631 23.68 -0.09 -32.55
N GLN D 632 23.36 0.65 -31.50
CA GLN D 632 24.38 1.17 -30.62
C GLN D 632 24.95 0.10 -29.73
N ASP D 633 26.26 0.16 -29.54
CA ASP D 633 26.99 -0.71 -28.61
C ASP D 633 26.82 -2.21 -28.86
N VAL D 634 26.60 -2.63 -30.10
CA VAL D 634 26.45 -4.07 -30.37
C VAL D 634 27.28 -4.51 -31.58
N ASN D 635 27.45 -5.84 -31.69
CA ASN D 635 28.12 -6.54 -32.78
C ASN D 635 27.16 -6.76 -33.96
N CYS D 636 27.69 -6.66 -35.19
CA CYS D 636 26.94 -6.91 -36.43
C CYS D 636 26.55 -8.37 -36.57
N THR D 637 27.21 -9.24 -35.81
CA THR D 637 26.90 -10.67 -35.83
C THR D 637 25.68 -10.99 -34.97
N GLU D 638 25.27 -10.05 -34.11
CA GLU D 638 24.11 -10.25 -33.24
C GLU D 638 22.82 -9.71 -33.87
N VAL D 639 22.93 -8.60 -34.64
CA VAL D 639 21.81 -7.94 -35.30
C VAL D 639 21.35 -8.81 -36.49
N ASN D 660 27.01 -3.45 -47.25
CA ASN D 660 26.87 -2.09 -46.72
C ASN D 660 26.71 -2.10 -45.18
N VAL D 661 27.59 -2.86 -44.49
CA VAL D 661 27.62 -2.97 -43.03
C VAL D 661 28.98 -2.56 -42.49
N PHE D 662 28.97 -1.56 -41.60
CA PHE D 662 30.19 -1.03 -41.01
C PHE D 662 30.23 -1.19 -39.49
N GLN D 663 31.20 -1.96 -39.01
CA GLN D 663 31.33 -2.19 -37.58
C GLN D 663 32.28 -1.15 -36.99
N THR D 664 31.78 -0.35 -36.05
CA THR D 664 32.60 0.67 -35.42
C THR D 664 32.49 0.64 -33.90
N ARG D 665 33.24 1.51 -33.24
CA ARG D 665 33.28 1.57 -31.79
C ARG D 665 31.93 1.90 -31.18
N ALA D 666 31.15 2.72 -31.88
CA ALA D 666 29.86 3.17 -31.39
C ALA D 666 28.74 2.15 -31.63
N GLY D 667 29.02 1.05 -32.34
CA GLY D 667 27.97 0.10 -32.68
C GLY D 667 28.05 -0.39 -34.13
N CYS D 668 27.00 -1.07 -34.59
CA CYS D 668 26.91 -1.62 -35.95
C CYS D 668 26.05 -0.73 -36.83
N LEU D 669 26.65 -0.18 -37.87
CA LEU D 669 25.92 0.69 -38.78
C LEU D 669 25.53 -0.06 -40.05
N ILE D 670 24.22 -0.20 -40.27
CA ILE D 670 23.73 -0.95 -41.41
C ILE D 670 22.98 -0.05 -42.39
N GLY D 671 23.45 -0.01 -43.63
CA GLY D 671 22.80 0.78 -44.67
C GLY D 671 23.76 1.71 -45.39
N ALA D 672 24.56 2.45 -44.62
CA ALA D 672 25.53 3.40 -45.16
C ALA D 672 26.80 2.69 -45.60
N GLU D 673 27.44 3.24 -46.63
CA GLU D 673 28.74 2.70 -47.05
C GLU D 673 29.85 3.45 -46.34
N HIS D 674 30.93 2.76 -46.01
CA HIS D 674 32.08 3.42 -45.38
C HIS D 674 33.08 3.82 -46.44
N VAL D 675 33.68 5.00 -46.27
CA VAL D 675 34.67 5.48 -47.23
C VAL D 675 35.99 5.87 -46.53
N ASN D 676 37.09 5.93 -47.32
CA ASN D 676 38.42 6.31 -46.83
C ASN D 676 38.57 7.82 -46.60
N ASN D 677 37.87 8.64 -47.40
CA ASN D 677 37.98 10.09 -47.34
C ASN D 677 37.28 10.67 -46.13
N SER D 678 37.98 11.52 -45.40
CA SER D 678 37.40 12.20 -44.26
C SER D 678 36.75 13.49 -44.74
N TYR D 679 35.74 13.93 -44.02
CA TYR D 679 35.06 15.17 -44.33
C TYR D 679 34.77 15.88 -43.03
N GLU D 680 34.55 17.18 -43.08
CA GLU D 680 34.13 17.85 -41.86
C GLU D 680 32.85 17.15 -41.38
N CYS D 681 32.66 17.06 -40.06
CA CYS D 681 31.51 16.37 -39.49
C CYS D 681 30.21 17.09 -39.84
N ASP D 682 29.24 16.30 -40.25
CA ASP D 682 27.92 16.79 -40.58
C ASP D 682 26.97 16.27 -39.51
N ILE D 683 26.53 15.02 -39.65
CA ILE D 683 25.70 14.42 -38.61
C ILE D 683 26.48 13.31 -37.89
N PRO D 684 26.92 13.56 -36.64
CA PRO D 684 27.83 12.72 -35.87
C PRO D 684 27.22 11.42 -35.40
N ILE D 685 28.02 10.36 -35.39
CA ILE D 685 27.64 9.06 -34.85
C ILE D 685 28.28 8.89 -33.48
N GLY D 686 29.56 9.23 -33.39
CA GLY D 686 30.32 9.10 -32.17
C GLY D 686 31.62 8.34 -32.40
N ALA D 687 32.56 8.45 -31.46
CA ALA D 687 33.83 7.76 -31.53
C ALA D 687 34.62 8.05 -32.80
N GLY D 688 34.62 9.31 -33.23
CA GLY D 688 35.39 9.70 -34.40
C GLY D 688 34.62 9.56 -35.72
N ILE D 689 33.42 8.98 -35.68
CA ILE D 689 32.64 8.75 -36.91
C ILE D 689 31.45 9.72 -37.07
N CYS D 690 31.29 10.25 -38.30
CA CYS D 690 30.16 11.09 -38.74
C CYS D 690 29.59 10.53 -40.04
N ALA D 691 28.36 10.92 -40.35
CA ALA D 691 27.74 10.50 -41.61
C ALA D 691 27.22 11.70 -42.40
N SER D 692 27.10 11.51 -43.71
CA SER D 692 26.59 12.53 -44.62
C SER D 692 25.96 11.89 -45.85
N TYR D 693 25.25 12.71 -46.64
CA TYR D 693 24.61 12.24 -47.88
C TYR D 693 25.38 12.81 -49.08
N GLN D 694 26.11 11.94 -49.77
CA GLN D 694 27.01 12.37 -50.85
C GLN D 694 26.97 11.44 -52.05
N THR D 695 27.35 11.95 -53.24
CA THR D 695 27.42 11.21 -54.53
C THR D 695 27.98 9.79 -54.34
N SER D 708 22.34 8.73 -57.54
CA SER D 708 23.72 9.17 -57.49
C SER D 708 24.22 9.36 -56.04
N GLN D 709 23.35 9.88 -55.16
CA GLN D 709 23.67 10.19 -53.75
C GLN D 709 23.33 9.01 -52.85
N SER D 710 24.11 8.83 -51.80
CA SER D 710 23.84 7.78 -50.80
C SER D 710 24.40 8.17 -49.44
N ILE D 711 23.98 7.46 -48.40
CA ILE D 711 24.49 7.76 -47.07
C ILE D 711 25.84 7.08 -46.87
N ILE D 712 26.82 7.85 -46.38
CA ILE D 712 28.14 7.31 -46.14
C ILE D 712 28.59 7.56 -44.71
N ALA D 713 29.54 6.75 -44.27
CA ALA D 713 30.18 6.91 -42.97
C ALA D 713 31.65 7.21 -43.16
N TYR D 714 32.18 8.10 -42.35
CA TYR D 714 33.59 8.47 -42.46
C TYR D 714 34.18 8.91 -41.13
N THR D 715 35.51 8.85 -41.03
CA THR D 715 36.19 9.42 -39.88
C THR D 715 36.13 10.91 -40.05
N MET D 716 35.68 11.62 -39.03
CA MET D 716 35.49 13.05 -39.16
C MET D 716 36.78 13.82 -39.25
N SER D 717 36.75 14.88 -40.03
CA SER D 717 37.82 15.85 -40.09
C SER D 717 37.50 16.97 -39.12
N LEU D 718 38.52 17.56 -38.55
CA LEU D 718 38.29 18.65 -37.61
C LEU D 718 38.51 19.99 -38.28
N GLY D 719 38.72 19.96 -39.59
CA GLY D 719 38.96 21.16 -40.38
C GLY D 719 40.08 20.90 -41.37
N ALA D 720 40.21 21.79 -42.34
CA ALA D 720 41.25 21.65 -43.35
C ALA D 720 42.63 21.76 -42.71
N GLU D 721 43.59 21.02 -43.24
CA GLU D 721 44.95 21.14 -42.76
C GLU D 721 45.55 22.45 -43.23
N ASN D 722 46.33 23.07 -42.36
CA ASN D 722 46.99 24.33 -42.68
C ASN D 722 48.30 24.44 -41.89
N SER D 723 49.02 25.53 -42.09
CA SER D 723 50.27 25.75 -41.39
C SER D 723 50.61 27.23 -41.36
N VAL D 724 51.58 27.58 -40.54
CA VAL D 724 52.07 28.94 -40.46
C VAL D 724 53.48 29.01 -41.02
N ALA D 725 53.73 29.95 -41.93
CA ALA D 725 55.03 30.07 -42.56
C ALA D 725 55.99 30.76 -41.60
N TYR D 726 56.35 30.03 -40.55
CA TYR D 726 57.14 30.56 -39.46
C TYR D 726 58.62 30.68 -39.75
N SER D 727 58.95 31.63 -40.60
CA SER D 727 60.35 31.99 -40.75
C SER D 727 60.62 32.94 -39.58
N ASN D 728 61.81 32.89 -38.99
CA ASN D 728 62.14 33.64 -37.77
C ASN D 728 62.33 35.15 -37.98
N ASN D 729 62.22 35.63 -39.24
CA ASN D 729 62.28 37.05 -39.59
C ASN D 729 61.12 37.45 -40.51
N SER D 730 60.04 36.67 -40.51
CA SER D 730 58.91 36.98 -41.40
C SER D 730 57.63 37.30 -40.66
N ILE D 731 56.98 38.38 -41.08
CA ILE D 731 55.72 38.79 -40.48
C ILE D 731 54.63 39.00 -41.52
N ALA D 732 53.43 38.57 -41.20
CA ALA D 732 52.30 38.88 -42.07
C ALA D 732 51.52 40.02 -41.46
N ILE D 733 51.18 41.00 -42.27
CA ILE D 733 50.44 42.17 -41.82
C ILE D 733 49.28 42.39 -42.77
N PRO D 734 48.04 42.56 -42.28
CA PRO D 734 46.87 42.79 -43.10
C PRO D 734 47.01 44.11 -43.79
N THR D 735 46.62 44.17 -45.06
CA THR D 735 46.63 45.41 -45.84
C THR D 735 45.22 45.95 -46.13
N ASN D 736 44.21 45.06 -46.03
CA ASN D 736 42.79 45.38 -46.21
C ASN D 736 42.01 44.67 -45.09
N PHE D 737 40.74 45.05 -44.92
CA PHE D 737 39.86 44.48 -43.90
C PHE D 737 38.42 44.61 -44.31
N THR D 738 37.58 43.84 -43.64
CA THR D 738 36.14 43.96 -43.81
C THR D 738 35.48 44.10 -42.45
N ILE D 739 34.28 44.66 -42.46
CA ILE D 739 33.47 44.70 -41.27
C ILE D 739 32.34 43.71 -41.43
N SER D 740 32.24 42.78 -40.51
CA SER D 740 31.21 41.76 -40.58
C SER D 740 30.25 41.91 -39.43
N VAL D 741 29.03 41.42 -39.64
CA VAL D 741 28.06 41.43 -38.57
C VAL D 741 27.56 40.02 -38.34
N THR D 742 27.71 39.55 -37.13
CA THR D 742 27.26 38.21 -36.78
C THR D 742 26.18 38.29 -35.73
N THR D 743 25.39 37.24 -35.62
CA THR D 743 24.29 37.26 -34.65
C THR D 743 24.48 36.22 -33.56
N GLU D 744 24.37 36.67 -32.31
CA GLU D 744 24.45 35.79 -31.15
C GLU D 744 23.12 35.83 -30.41
N ILE D 745 22.55 34.67 -30.16
CA ILE D 745 21.24 34.62 -29.54
C ILE D 745 21.27 33.94 -28.18
N LEU D 746 20.72 34.63 -27.18
CA LEU D 746 20.63 34.08 -25.83
C LEU D 746 19.19 34.15 -25.34
N PRO D 747 18.71 33.13 -24.61
CA PRO D 747 17.43 33.13 -23.94
C PRO D 747 17.54 34.00 -22.71
N VAL D 748 16.44 34.61 -22.31
CA VAL D 748 16.42 35.40 -21.08
C VAL D 748 15.42 34.87 -20.07
N SER D 749 14.25 34.48 -20.54
CA SER D 749 13.19 34.10 -19.61
C SER D 749 12.31 32.96 -20.08
N MET D 750 11.69 32.30 -19.11
CA MET D 750 10.76 31.21 -19.30
C MET D 750 9.33 31.67 -19.13
N THR D 751 8.40 30.86 -19.60
CA THR D 751 6.99 31.11 -19.38
C THR D 751 6.68 31.07 -17.88
N LYS D 752 5.97 32.09 -17.41
CA LYS D 752 5.66 32.18 -15.98
C LYS D 752 4.47 31.32 -15.61
N THR D 753 4.71 30.01 -15.54
CA THR D 753 3.62 29.09 -15.28
C THR D 753 3.28 29.07 -13.79
N SER D 754 2.10 28.57 -13.48
CA SER D 754 1.66 28.38 -12.11
C SER D 754 0.72 27.18 -12.05
N VAL D 755 0.82 26.39 -10.99
CA VAL D 755 0.00 25.18 -10.88
C VAL D 755 -0.79 25.11 -9.59
N ASP D 756 -2.10 24.91 -9.69
CA ASP D 756 -2.93 24.70 -8.51
C ASP D 756 -2.99 23.18 -8.22
N CYS D 757 -2.29 22.73 -7.16
CA CYS D 757 -2.14 21.31 -6.83
C CYS D 757 -3.47 20.68 -6.42
N THR D 758 -4.40 21.51 -5.94
CA THR D 758 -5.66 20.95 -5.51
C THR D 758 -6.46 20.63 -6.74
N MET D 759 -6.49 21.58 -7.68
CA MET D 759 -7.21 21.34 -8.91
C MET D 759 -6.57 20.23 -9.73
N TYR D 760 -5.23 20.15 -9.69
CA TYR D 760 -4.47 19.13 -10.40
C TYR D 760 -4.71 17.73 -9.82
N ILE D 761 -4.63 17.60 -8.49
CA ILE D 761 -4.75 16.29 -7.85
C ILE D 761 -6.20 15.93 -7.44
N CYS D 762 -6.89 16.86 -6.77
CA CYS D 762 -8.20 16.67 -6.13
C CYS D 762 -9.22 17.67 -6.65
N GLY D 763 -9.25 17.89 -7.96
CA GLY D 763 -10.18 18.86 -8.49
C GLY D 763 -11.61 18.43 -8.19
N ASP D 764 -12.38 19.35 -7.63
CA ASP D 764 -13.77 19.13 -7.27
C ASP D 764 -14.01 17.89 -6.40
N SER D 765 -13.09 17.60 -5.48
CA SER D 765 -13.29 16.45 -4.59
C SER D 765 -12.92 16.72 -3.14
N THR D 766 -13.94 16.73 -2.29
CA THR D 766 -13.76 16.98 -0.87
C THR D 766 -13.03 15.84 -0.21
N GLU D 767 -13.40 14.61 -0.57
CA GLU D 767 -12.80 13.42 0.03
C GLU D 767 -11.30 13.31 -0.29
N CYS D 768 -10.92 13.63 -1.54
CA CYS D 768 -9.53 13.63 -1.98
C CYS D 768 -8.76 14.72 -1.25
N SER D 769 -9.34 15.92 -1.14
CA SER D 769 -8.65 17.01 -0.47
C SER D 769 -8.35 16.63 0.98
N ASN D 770 -9.31 16.01 1.65
CA ASN D 770 -9.09 15.61 3.04
C ASN D 770 -7.91 14.64 3.16
N LEU D 771 -7.72 13.79 2.15
CA LEU D 771 -6.61 12.86 2.11
C LEU D 771 -5.31 13.58 1.72
N LEU D 772 -5.40 14.55 0.81
CA LEU D 772 -4.24 15.29 0.33
C LEU D 772 -3.60 16.08 1.48
N LEU D 773 -4.43 16.56 2.39
CA LEU D 773 -3.97 17.32 3.54
C LEU D 773 -3.21 16.44 4.54
N GLN D 774 -3.30 15.12 4.40
CA GLN D 774 -2.64 14.23 5.34
C GLN D 774 -1.16 14.13 5.01
N TYR D 775 -0.77 14.69 3.86
CA TYR D 775 0.60 14.62 3.42
C TYR D 775 1.35 15.89 3.81
N GLY D 776 0.68 16.76 4.57
CA GLY D 776 1.33 17.97 5.05
C GLY D 776 1.25 19.14 4.09
N SER D 777 2.34 19.90 4.03
CA SER D 777 2.41 21.16 3.31
C SER D 777 3.18 21.05 2.00
N PHE D 778 3.24 19.86 1.40
CA PHE D 778 3.95 19.70 0.13
C PHE D 778 3.51 20.71 -0.93
N CYS D 779 2.20 20.99 -1.03
CA CYS D 779 1.66 21.96 -1.97
C CYS D 779 2.20 23.35 -1.72
N THR D 780 2.36 23.72 -0.45
CA THR D 780 2.85 25.04 -0.11
C THR D 780 4.29 25.14 -0.58
N GLN D 781 5.06 24.08 -0.34
CA GLN D 781 6.47 24.04 -0.72
C GLN D 781 6.65 24.11 -2.24
N LEU D 782 5.82 23.37 -2.97
CA LEU D 782 5.91 23.35 -4.43
C LEU D 782 5.39 24.64 -5.05
N ASN D 783 4.34 25.21 -4.45
CA ASN D 783 3.77 26.44 -4.97
C ASN D 783 4.76 27.58 -4.79
N ARG D 784 5.47 27.59 -3.66
CA ARG D 784 6.46 28.63 -3.41
C ARG D 784 7.63 28.48 -4.37
N ALA D 785 8.02 27.24 -4.67
CA ALA D 785 9.12 27.00 -5.59
C ALA D 785 8.80 27.56 -6.98
N LEU D 786 7.58 27.31 -7.46
CA LEU D 786 7.19 27.80 -8.78
C LEU D 786 6.96 29.31 -8.79
N THR D 787 6.40 29.84 -7.70
CA THR D 787 6.15 31.27 -7.62
C THR D 787 7.47 32.02 -7.64
N GLY D 788 8.46 31.49 -6.90
CA GLY D 788 9.77 32.11 -6.83
C GLY D 788 10.39 32.19 -8.22
N ILE D 789 10.25 31.12 -9.01
CA ILE D 789 10.78 31.15 -10.37
C ILE D 789 10.06 32.17 -11.22
N ALA D 790 8.74 32.22 -11.13
CA ALA D 790 8.00 33.19 -11.94
C ALA D 790 8.50 34.60 -11.67
N VAL D 791 8.80 34.89 -10.41
CA VAL D 791 9.34 36.20 -10.05
C VAL D 791 10.73 36.40 -10.66
N GLU D 792 11.58 35.37 -10.58
CA GLU D 792 12.92 35.45 -11.14
C GLU D 792 12.90 35.69 -12.64
N GLN D 793 11.86 35.21 -13.34
CA GLN D 793 11.81 35.42 -14.77
C GLN D 793 11.68 36.92 -15.11
N ASP D 794 11.07 37.70 -14.22
CA ASP D 794 10.99 39.14 -14.47
C ASP D 794 12.30 39.78 -14.05
N LYS D 795 12.93 39.21 -13.02
CA LYS D 795 14.23 39.70 -12.57
C LYS D 795 15.25 39.54 -13.70
N ASN D 796 15.17 38.42 -14.42
CA ASN D 796 16.08 38.13 -15.52
C ASN D 796 15.85 39.11 -16.66
N THR D 797 14.58 39.38 -16.96
CA THR D 797 14.24 40.31 -18.04
C THR D 797 14.70 41.71 -17.67
N GLN D 798 14.50 42.08 -16.41
CA GLN D 798 14.86 43.41 -15.94
C GLN D 798 16.37 43.62 -16.02
N GLU D 799 17.15 42.62 -15.61
CA GLU D 799 18.60 42.75 -15.61
C GLU D 799 19.17 42.85 -17.02
N VAL D 800 18.59 42.10 -17.96
CA VAL D 800 19.07 42.11 -19.33
C VAL D 800 18.67 43.35 -20.11
N PHE D 801 17.42 43.80 -20.01
CA PHE D 801 16.98 44.91 -20.87
C PHE D 801 16.90 46.28 -20.21
N ALA D 802 16.58 46.35 -18.92
CA ALA D 802 16.38 47.65 -18.28
C ALA D 802 17.70 48.22 -17.81
N GLN D 803 18.55 48.58 -18.76
CA GLN D 803 19.90 49.05 -18.46
C GLN D 803 20.07 50.54 -18.70
N VAL D 804 18.96 51.27 -18.77
CA VAL D 804 18.99 52.71 -18.95
C VAL D 804 18.15 53.38 -17.86
N LYS D 805 18.42 54.64 -17.61
CA LYS D 805 17.63 55.40 -16.64
C LYS D 805 16.60 56.29 -17.34
N GLN D 806 16.86 56.61 -18.60
CA GLN D 806 15.98 57.43 -19.41
C GLN D 806 15.75 56.74 -20.75
N ILE D 807 14.61 57.00 -21.36
CA ILE D 807 14.33 56.45 -22.68
C ILE D 807 14.70 57.46 -23.75
N TYR D 808 15.77 57.17 -24.47
CA TYR D 808 16.29 58.09 -25.46
C TYR D 808 15.70 57.84 -26.84
N LYS D 809 15.25 58.92 -27.46
CA LYS D 809 14.68 58.87 -28.79
C LYS D 809 15.76 59.00 -29.85
N THR D 810 15.47 58.49 -31.04
CA THR D 810 16.37 58.66 -32.17
C THR D 810 16.21 60.09 -32.68
N PRO D 811 17.19 60.63 -33.41
CA PRO D 811 17.14 61.94 -34.04
C PRO D 811 16.14 61.92 -35.19
N PRO D 812 15.55 63.08 -35.53
CA PRO D 812 14.65 63.29 -36.65
C PRO D 812 15.36 63.16 -37.99
N ILE D 813 16.68 63.31 -37.96
CA ILE D 813 17.49 63.20 -39.17
C ILE D 813 18.41 62.00 -39.06
N LYS D 814 18.11 60.97 -39.84
CA LYS D 814 18.89 59.74 -39.76
C LYS D 814 20.13 59.82 -40.64
N ASP D 815 21.05 60.69 -40.28
CA ASP D 815 22.29 60.87 -41.01
C ASP D 815 23.48 60.50 -40.15
N PHE D 816 24.02 59.32 -40.40
CA PHE D 816 25.08 58.80 -39.58
C PHE D 816 26.37 58.60 -40.38
N GLY D 817 26.63 59.52 -41.31
CA GLY D 817 27.89 59.49 -42.05
C GLY D 817 27.97 58.36 -43.06
N GLY D 818 26.82 57.95 -43.60
CA GLY D 818 26.78 56.86 -44.57
C GLY D 818 26.33 55.53 -43.96
N PHE D 819 26.26 55.46 -42.62
CA PHE D 819 25.83 54.22 -41.98
C PHE D 819 24.30 54.15 -41.89
N ASN D 820 23.72 53.12 -42.52
CA ASN D 820 22.28 52.86 -42.63
C ASN D 820 21.82 51.87 -41.55
N PHE D 821 21.08 52.38 -40.53
CA PHE D 821 20.60 51.60 -39.40
C PHE D 821 19.09 51.39 -39.47
N SER D 822 18.49 51.61 -40.64
CA SER D 822 17.03 51.58 -40.77
C SER D 822 16.42 50.21 -40.46
N GLN D 823 17.21 49.14 -40.54
CA GLN D 823 16.70 47.81 -40.28
C GLN D 823 16.73 47.43 -38.80
N ILE D 824 17.54 48.13 -38.00
CA ILE D 824 17.63 47.81 -36.56
C ILE D 824 16.85 48.80 -35.71
N LEU D 825 16.57 49.98 -36.27
CA LEU D 825 15.77 50.99 -35.58
C LEU D 825 14.28 50.64 -35.71
N PRO D 826 13.44 51.01 -34.73
CA PRO D 826 12.01 50.74 -34.70
C PRO D 826 11.28 51.50 -35.79
N ASP D 827 10.26 50.85 -36.38
CA ASP D 827 9.43 51.43 -37.42
C ASP D 827 8.19 52.14 -36.84
N PRO D 828 8.13 53.48 -36.89
CA PRO D 828 7.12 54.32 -36.27
C PRO D 828 5.73 54.16 -36.87
N SER D 829 5.64 53.53 -38.04
CA SER D 829 4.34 53.36 -38.70
C SER D 829 3.52 52.17 -38.17
N LYS D 830 4.14 51.30 -37.33
CA LYS D 830 3.52 50.09 -36.78
C LYS D 830 2.73 50.42 -35.50
N SER D 832 2.89 48.04 -32.89
CA SER D 832 4.07 47.85 -32.08
C SER D 832 5.32 48.35 -32.83
N LYS D 833 5.98 49.39 -32.28
CA LYS D 833 7.14 50.03 -32.92
C LYS D 833 8.41 49.20 -32.78
N ARG D 834 8.49 48.16 -33.60
CA ARG D 834 9.63 47.26 -33.63
C ARG D 834 10.36 47.45 -34.94
N SER D 835 11.62 47.03 -34.99
CA SER D 835 12.43 47.16 -36.19
C SER D 835 12.04 46.10 -37.21
N PHE D 836 12.52 46.26 -38.44
CA PHE D 836 12.24 45.27 -39.48
C PHE D 836 12.81 43.92 -39.07
N ILE D 837 14.05 43.92 -38.57
CA ILE D 837 14.70 42.69 -38.12
C ILE D 837 13.96 42.07 -36.95
N GLU D 838 13.52 42.88 -36.00
CA GLU D 838 12.77 42.34 -34.87
C GLU D 838 11.50 41.64 -35.32
N ASP D 839 10.75 42.22 -36.26
CA ASP D 839 9.55 41.55 -36.72
C ASP D 839 9.88 40.18 -37.31
N LEU D 840 10.98 40.09 -38.05
CA LEU D 840 11.37 38.82 -38.62
C LEU D 840 11.71 37.80 -37.53
N LEU D 841 12.33 38.26 -36.43
CA LEU D 841 12.68 37.35 -35.34
C LEU D 841 11.43 36.82 -34.64
N PHE D 842 10.47 37.70 -34.39
CA PHE D 842 9.27 37.30 -33.66
C PHE D 842 8.42 36.35 -34.48
N ASN D 843 8.43 36.54 -35.80
CA ASN D 843 7.63 35.73 -36.69
C ASN D 843 8.12 34.29 -36.82
N LYS D 844 9.30 33.99 -36.26
CA LYS D 844 9.83 32.62 -36.34
C LYS D 844 9.75 31.77 -35.06
N VAL D 845 9.09 32.26 -33.99
CA VAL D 845 8.94 31.50 -32.73
C VAL D 845 7.46 31.54 -32.30
N ASN D 875 -7.66 22.06 -16.31
CA ASN D 875 -6.63 21.24 -15.67
C ASN D 875 -6.04 21.86 -14.39
N GLY D 876 -6.43 23.10 -14.06
CA GLY D 876 -5.99 23.82 -12.85
C GLY D 876 -4.66 24.55 -13.04
N LEU D 877 -4.18 24.62 -14.28
CA LEU D 877 -2.92 25.27 -14.55
C LEU D 877 -3.15 26.61 -15.26
N THR D 878 -2.29 27.58 -14.99
CA THR D 878 -2.36 28.87 -15.67
C THR D 878 -1.00 29.40 -16.05
N VAL D 879 -1.01 30.49 -16.82
CA VAL D 879 0.19 31.21 -17.19
C VAL D 879 0.04 32.70 -16.88
N LEU D 880 0.98 33.24 -16.13
CA LEU D 880 0.95 34.65 -15.77
C LEU D 880 1.65 35.47 -16.84
N PRO D 881 1.24 36.72 -17.09
CA PRO D 881 1.89 37.65 -17.99
C PRO D 881 3.18 38.16 -17.35
N PRO D 882 4.16 38.57 -18.16
CA PRO D 882 5.39 39.24 -17.78
C PRO D 882 5.07 40.67 -17.43
N LEU D 883 5.93 41.29 -16.62
CA LEU D 883 5.79 42.73 -16.38
C LEU D 883 6.05 43.52 -17.65
N LEU D 884 7.09 43.13 -18.35
CA LEU D 884 7.50 43.82 -19.57
C LEU D 884 7.12 43.02 -20.80
N THR D 885 6.13 43.53 -21.51
CA THR D 885 5.61 42.90 -22.70
C THR D 885 6.47 43.30 -23.88
N ASP D 886 6.23 42.71 -25.06
CA ASP D 886 7.07 42.98 -26.22
C ASP D 886 7.21 44.48 -26.48
N GLU D 887 6.16 45.23 -26.22
CA GLU D 887 6.17 46.68 -26.42
C GLU D 887 7.16 47.38 -25.49
N MET D 888 7.28 46.89 -24.25
CA MET D 888 8.16 47.52 -23.27
C MET D 888 9.60 47.16 -23.56
N ILE D 889 9.81 45.96 -24.07
CA ILE D 889 11.14 45.50 -24.42
C ILE D 889 11.63 46.29 -25.63
N ALA D 890 10.74 46.47 -26.60
CA ALA D 890 11.06 47.25 -27.79
C ALA D 890 11.43 48.68 -27.39
N GLN D 891 10.73 49.24 -26.40
CA GLN D 891 11.02 50.60 -25.94
C GLN D 891 12.40 50.69 -25.31
N TYR D 892 12.78 49.70 -24.50
CA TYR D 892 14.13 49.69 -23.93
C TYR D 892 15.17 49.55 -25.03
N THR D 893 14.88 48.70 -26.01
CA THR D 893 15.81 48.44 -27.11
C THR D 893 16.03 49.73 -27.90
N SER D 894 14.95 50.47 -28.15
CA SER D 894 15.04 51.71 -28.89
C SER D 894 15.96 52.69 -28.17
N ALA D 895 15.82 52.82 -26.85
CA ALA D 895 16.66 53.71 -26.07
C ALA D 895 18.13 53.29 -26.14
N LEU D 896 18.39 51.99 -26.09
CA LEU D 896 19.75 51.48 -26.15
C LEU D 896 20.41 51.77 -27.49
N LEU D 897 19.66 51.65 -28.58
CA LEU D 897 20.22 51.93 -29.90
C LEU D 897 20.39 53.43 -30.12
N ALA D 898 19.42 54.22 -29.68
CA ALA D 898 19.53 55.65 -29.86
C ALA D 898 20.79 56.13 -29.17
N GLY D 899 21.03 55.61 -27.96
CA GLY D 899 22.23 55.96 -27.22
C GLY D 899 23.49 55.47 -27.94
N THR D 900 23.54 54.20 -28.29
CA THR D 900 24.74 53.62 -28.92
C THR D 900 25.16 54.40 -30.16
N ILE D 901 24.19 54.76 -30.98
CA ILE D 901 24.46 55.45 -32.23
C ILE D 901 24.83 56.94 -32.05
N THR D 902 24.12 57.67 -31.18
CA THR D 902 24.34 59.12 -31.09
C THR D 902 25.15 59.64 -29.88
N SER D 903 25.29 58.86 -28.81
CA SER D 903 26.01 59.31 -27.61
C SER D 903 27.09 58.31 -27.20
N GLY D 904 27.39 57.37 -28.07
CA GLY D 904 28.39 56.36 -27.81
C GLY D 904 28.05 55.54 -26.58
N TRP D 905 29.04 55.34 -25.70
CA TRP D 905 28.83 54.59 -24.48
C TRP D 905 28.60 55.48 -23.26
N THR D 906 28.55 56.79 -23.46
CA THR D 906 28.48 57.68 -22.29
C THR D 906 27.18 57.51 -21.54
N PHE D 907 26.11 57.18 -22.26
CA PHE D 907 24.79 57.00 -21.67
C PHE D 907 24.74 55.74 -20.80
N GLY D 908 25.68 54.83 -21.04
CA GLY D 908 25.77 53.61 -20.27
C GLY D 908 26.43 53.92 -18.94
N ALA D 909 27.56 54.64 -19.01
CA ALA D 909 28.33 55.04 -17.84
C ALA D 909 27.58 56.08 -16.98
N GLY D 910 26.83 56.96 -17.63
CA GLY D 910 26.12 58.04 -16.96
C GLY D 910 25.20 58.80 -17.91
N ALA D 911 25.40 60.12 -17.98
CA ALA D 911 24.60 60.98 -18.85
C ALA D 911 24.92 60.73 -20.32
N ALA D 912 23.91 60.88 -21.19
CA ALA D 912 24.13 60.69 -22.62
C ALA D 912 24.68 61.95 -23.26
N LEU D 913 25.93 61.90 -23.69
CA LEU D 913 26.64 63.02 -24.28
C LEU D 913 26.79 62.82 -25.78
N GLN D 914 26.25 63.75 -26.58
CA GLN D 914 26.28 63.61 -28.04
C GLN D 914 27.69 63.61 -28.61
N ILE D 915 27.86 62.82 -29.66
CA ILE D 915 29.09 62.76 -30.44
C ILE D 915 28.73 62.31 -31.87
N PRO D 916 29.30 62.88 -32.94
CA PRO D 916 29.07 62.46 -34.31
C PRO D 916 29.39 60.98 -34.45
N PHE D 917 28.61 60.26 -35.25
CA PHE D 917 28.82 58.84 -35.39
C PHE D 917 30.24 58.49 -35.86
N ALA D 918 30.72 59.21 -36.87
CA ALA D 918 32.07 58.93 -37.40
C ALA D 918 33.13 59.12 -36.33
N MET D 919 32.93 60.11 -35.45
CA MET D 919 33.90 60.37 -34.39
C MET D 919 33.88 59.22 -33.40
N GLN D 920 32.69 58.67 -33.16
CA GLN D 920 32.56 57.55 -32.25
C GLN D 920 33.28 56.33 -32.79
N MET D 921 33.18 56.11 -34.10
CA MET D 921 33.85 54.98 -34.72
C MET D 921 35.37 55.13 -34.62
N ALA D 922 35.86 56.37 -34.72
CA ALA D 922 37.29 56.61 -34.63
C ALA D 922 37.84 56.10 -33.31
N TYR D 923 37.07 56.26 -32.24
CA TYR D 923 37.50 55.78 -30.94
C TYR D 923 37.41 54.26 -30.89
N ARG D 924 36.36 53.71 -31.48
CA ARG D 924 36.17 52.27 -31.47
C ARG D 924 37.28 51.54 -32.21
N PHE D 925 37.76 52.14 -33.32
CA PHE D 925 38.87 51.58 -34.08
C PHE D 925 40.20 51.71 -33.33
N ASN D 926 40.42 52.87 -32.70
CA ASN D 926 41.65 53.06 -31.95
C ASN D 926 41.75 52.01 -30.84
N GLY D 927 40.61 51.66 -30.27
CA GLY D 927 40.50 50.68 -29.20
C GLY D 927 40.91 49.26 -29.59
N ILE D 928 41.04 48.99 -30.89
CA ILE D 928 41.46 47.67 -31.33
C ILE D 928 42.82 47.71 -32.02
N GLY D 929 43.55 48.82 -31.84
CA GLY D 929 44.88 48.95 -32.43
C GLY D 929 44.90 49.48 -33.85
N VAL D 930 43.82 50.15 -34.28
CA VAL D 930 43.78 50.72 -35.62
C VAL D 930 43.69 52.24 -35.52
N THR D 931 44.71 52.93 -36.03
CA THR D 931 44.80 54.38 -35.90
C THR D 931 43.60 55.05 -36.56
N GLN D 932 43.10 56.11 -35.93
CA GLN D 932 41.89 56.82 -36.32
C GLN D 932 41.85 57.24 -37.80
N ASN D 933 43.00 57.52 -38.38
CA ASN D 933 43.04 57.99 -39.76
C ASN D 933 42.57 56.92 -40.73
N VAL D 934 42.62 55.65 -40.32
CA VAL D 934 42.24 54.54 -41.18
C VAL D 934 40.76 54.61 -41.46
N LEU D 935 39.98 54.92 -40.42
CA LEU D 935 38.55 55.07 -40.55
C LEU D 935 38.20 56.12 -41.55
N TYR D 936 38.84 57.28 -41.44
CA TYR D 936 38.48 58.38 -42.31
C TYR D 936 38.90 58.13 -43.76
N GLU D 937 40.07 57.54 -43.96
CA GLU D 937 40.52 57.26 -45.32
C GLU D 937 39.55 56.28 -46.00
N ASN D 938 39.04 55.34 -45.22
CA ASN D 938 38.13 54.33 -45.72
C ASN D 938 36.69 54.51 -45.22
N GLN D 939 36.29 55.70 -44.79
CA GLN D 939 34.94 55.84 -44.23
C GLN D 939 33.86 55.39 -45.20
N LYS D 940 34.02 55.71 -46.48
CA LYS D 940 33.00 55.33 -47.46
C LYS D 940 32.93 53.81 -47.58
N LEU D 941 34.10 53.17 -47.62
CA LEU D 941 34.18 51.72 -47.73
C LEU D 941 33.60 51.03 -46.51
N ILE D 942 33.92 51.55 -45.33
CA ILE D 942 33.46 50.97 -44.09
C ILE D 942 31.95 51.06 -43.98
N ALA D 943 31.40 52.23 -44.31
CA ALA D 943 29.95 52.40 -44.26
C ALA D 943 29.27 51.44 -45.23
N ASN D 944 29.86 51.25 -46.42
CA ASN D 944 29.28 50.34 -47.40
C ASN D 944 29.34 48.90 -46.93
N GLN D 945 30.46 48.49 -46.33
CA GLN D 945 30.60 47.13 -45.84
C GLN D 945 29.61 46.87 -44.71
N PHE D 946 29.44 47.88 -43.85
CA PHE D 946 28.50 47.77 -42.74
C PHE D 946 27.08 47.58 -43.26
N ASN D 947 26.68 48.43 -44.21
CA ASN D 947 25.32 48.39 -44.72
C ASN D 947 25.05 47.05 -45.39
N SER D 948 26.05 46.52 -46.08
CA SER D 948 25.93 45.22 -46.72
C SER D 948 25.76 44.14 -45.67
N ALA D 949 26.58 44.20 -44.62
CA ALA D 949 26.52 43.22 -43.55
C ALA D 949 25.16 43.17 -42.88
N ILE D 950 24.50 44.32 -42.75
CA ILE D 950 23.18 44.33 -42.16
C ILE D 950 22.20 43.62 -43.09
N GLY D 951 22.29 43.87 -44.39
CA GLY D 951 21.43 43.16 -45.33
C GLY D 951 21.67 41.65 -45.25
N LYS D 952 22.92 41.23 -45.06
CA LYS D 952 23.25 39.81 -44.98
C LYS D 952 22.60 39.13 -43.78
N ILE D 953 22.58 39.80 -42.61
CA ILE D 953 21.93 39.17 -41.45
C ILE D 953 20.42 39.10 -41.65
N GLN D 954 19.83 40.07 -42.37
CA GLN D 954 18.41 40.02 -42.63
C GLN D 954 18.05 38.78 -43.42
N ASP D 955 18.83 38.47 -44.45
CA ASP D 955 18.57 37.30 -45.28
C ASP D 955 18.83 36.00 -44.54
N SER D 956 19.83 35.99 -43.65
CA SER D 956 20.13 34.80 -42.86
C SER D 956 19.00 34.48 -41.88
N LEU D 957 18.48 35.51 -41.21
CA LEU D 957 17.40 35.35 -40.24
C LEU D 957 16.05 35.12 -40.91
N SER D 958 15.85 35.71 -42.09
CA SER D 958 14.61 35.54 -42.83
C SER D 958 13.50 34.57 -43.23
N SER D 959 13.89 33.40 -43.74
CA SER D 959 12.97 32.31 -44.09
C SER D 959 13.36 31.12 -43.21
N THR D 960 14.63 31.03 -42.84
CA THR D 960 15.14 29.91 -42.04
C THR D 960 15.00 30.16 -40.53
N ALA D 961 14.25 29.29 -39.86
CA ALA D 961 14.01 29.45 -38.42
C ALA D 961 15.10 28.83 -37.56
N SER D 962 16.01 28.07 -38.17
CA SER D 962 17.04 27.36 -37.41
C SER D 962 17.97 28.31 -36.69
N ALA D 963 18.06 29.54 -37.18
CA ALA D 963 18.91 30.56 -36.59
C ALA D 963 18.49 30.85 -35.15
N LEU D 964 17.21 30.67 -34.84
CA LEU D 964 16.67 30.99 -33.52
C LEU D 964 16.35 29.73 -32.73
N GLY D 965 16.97 28.61 -33.11
CA GLY D 965 16.71 27.34 -32.44
C GLY D 965 16.93 27.44 -30.94
N LYS D 966 17.89 28.25 -30.51
CA LYS D 966 18.15 28.40 -29.08
C LYS D 966 16.95 28.93 -28.30
N LEU D 967 16.14 29.79 -28.91
CA LEU D 967 14.98 30.32 -28.22
C LEU D 967 13.84 29.32 -28.34
N GLN D 968 13.79 28.64 -29.49
CA GLN D 968 12.75 27.66 -29.76
C GLN D 968 12.86 26.47 -28.81
N ASP D 969 14.10 26.09 -28.48
CA ASP D 969 14.37 24.97 -27.59
C ASP D 969 13.83 25.21 -26.19
N VAL D 970 13.92 26.45 -25.71
CA VAL D 970 13.45 26.76 -24.36
C VAL D 970 11.94 26.63 -24.32
N VAL D 971 11.29 27.16 -25.37
CA VAL D 971 9.85 27.12 -25.48
C VAL D 971 9.37 25.67 -25.60
N ASN D 972 10.05 24.88 -26.42
CA ASN D 972 9.65 23.50 -26.65
C ASN D 972 9.84 22.65 -25.40
N GLN D 973 10.94 22.85 -24.68
CA GLN D 973 11.18 22.06 -23.48
C GLN D 973 10.15 22.36 -22.40
N ASN D 974 9.77 23.63 -22.27
CA ASN D 974 8.78 23.98 -21.27
C ASN D 974 7.42 23.39 -21.66
N ALA D 975 7.09 23.47 -22.94
CA ALA D 975 5.81 22.95 -23.42
C ALA D 975 5.74 21.45 -23.19
N GLN D 976 6.84 20.75 -23.41
CA GLN D 976 6.88 19.31 -23.20
C GLN D 976 6.72 18.96 -21.73
N ALA D 977 7.34 19.74 -20.85
CA ALA D 977 7.22 19.49 -19.42
C ALA D 977 5.77 19.64 -18.98
N LEU D 978 5.07 20.65 -19.52
CA LEU D 978 3.67 20.87 -19.20
C LEU D 978 2.77 19.79 -19.78
N ASN D 979 3.06 19.37 -21.01
CA ASN D 979 2.25 18.36 -21.65
C ASN D 979 2.39 17.03 -20.93
N THR D 980 3.59 16.73 -20.46
CA THR D 980 3.84 15.49 -19.73
C THR D 980 3.09 15.52 -18.41
N LEU D 981 3.15 16.65 -17.70
CA LEU D 981 2.49 16.77 -16.41
C LEU D 981 0.98 16.54 -16.54
N VAL D 982 0.37 17.14 -17.56
CA VAL D 982 -1.07 16.99 -17.75
C VAL D 982 -1.43 15.56 -18.19
N LYS D 983 -0.65 14.98 -19.09
CA LYS D 983 -0.94 13.62 -19.57
C LYS D 983 -0.90 12.61 -18.42
N GLN D 984 -0.03 12.82 -17.43
CA GLN D 984 0.08 11.92 -16.28
C GLN D 984 -1.20 11.82 -15.47
N LEU D 985 -2.13 12.76 -15.63
CA LEU D 985 -3.38 12.72 -14.91
C LEU D 985 -4.23 11.52 -15.32
N SER D 986 -3.96 10.99 -16.52
CA SER D 986 -4.71 9.87 -17.06
C SER D 986 -4.18 8.52 -16.58
N SER D 987 -3.05 8.52 -15.87
CA SER D 987 -2.41 7.30 -15.40
C SER D 987 -3.05 6.77 -14.12
N ASN D 988 -3.08 5.45 -13.98
CA ASN D 988 -3.67 4.79 -12.82
C ASN D 988 -2.74 4.77 -11.60
N PHE D 989 -1.45 4.63 -11.83
CA PHE D 989 -0.46 4.54 -10.75
C PHE D 989 -0.77 3.40 -9.79
N GLY D 990 -1.36 2.31 -10.30
CA GLY D 990 -1.72 1.16 -9.48
C GLY D 990 -3.20 1.16 -9.08
N ALA D 991 -3.88 2.28 -9.31
CA ALA D 991 -5.30 2.42 -8.97
C ALA D 991 -6.17 1.67 -9.98
N ILE D 992 -7.41 1.38 -9.57
CA ILE D 992 -8.39 0.75 -10.46
C ILE D 992 -8.81 1.67 -11.61
N SER D 993 -8.71 2.97 -11.37
CA SER D 993 -9.05 3.98 -12.35
C SER D 993 -8.30 5.27 -12.11
N SER D 994 -7.91 5.92 -13.18
CA SER D 994 -7.23 7.21 -13.13
C SER D 994 -8.20 8.36 -12.91
N VAL D 995 -9.49 8.05 -12.99
CA VAL D 995 -10.53 9.05 -12.83
C VAL D 995 -11.03 9.05 -11.40
N LEU D 996 -10.85 10.19 -10.74
CA LEU D 996 -11.20 10.34 -9.34
C LEU D 996 -12.70 10.18 -9.12
N ASN D 997 -13.49 10.67 -10.06
CA ASN D 997 -14.93 10.59 -9.96
C ASN D 997 -15.43 9.15 -10.06
N ASP D 998 -14.71 8.30 -10.80
CA ASP D 998 -15.11 6.91 -10.96
C ASP D 998 -14.85 6.15 -9.67
N ILE D 999 -13.79 6.54 -8.97
CA ILE D 999 -13.51 5.92 -7.68
C ILE D 999 -14.55 6.33 -6.66
N LEU D 1000 -14.83 7.63 -6.59
CA LEU D 1000 -15.77 8.17 -5.61
C LEU D 1000 -17.19 7.62 -5.75
N SER D 1001 -17.65 7.43 -6.98
CA SER D 1001 -19.00 6.93 -7.22
C SER D 1001 -19.10 5.41 -7.21
N ARG D 1002 -17.96 4.73 -7.08
CA ARG D 1002 -17.94 3.27 -7.16
C ARG D 1002 -17.63 2.61 -5.83
N LEU D 1003 -16.70 3.17 -5.08
CA LEU D 1003 -16.28 2.54 -3.84
C LEU D 1003 -16.72 3.32 -2.62
N ASP D 1004 -17.08 2.59 -1.57
CA ASP D 1004 -17.36 3.19 -0.27
C ASP D 1004 -16.01 3.68 0.27
N PRO D 1005 -15.97 4.71 1.14
CA PRO D 1005 -14.77 5.30 1.71
C PRO D 1005 -13.66 4.30 2.17
N PRO D 1006 -13.96 3.17 2.85
CA PRO D 1006 -12.95 2.23 3.33
C PRO D 1006 -12.06 1.71 2.19
N GLU D 1007 -12.58 1.74 0.96
CA GLU D 1007 -11.83 1.28 -0.20
C GLU D 1007 -11.50 2.45 -1.13
N ALA D 1008 -12.39 3.44 -1.18
CA ALA D 1008 -12.22 4.59 -2.07
C ALA D 1008 -11.01 5.38 -1.67
N GLU D 1009 -10.78 5.51 -0.37
CA GLU D 1009 -9.67 6.31 0.12
C GLU D 1009 -8.34 5.71 -0.31
N VAL D 1010 -8.27 4.40 -0.38
CA VAL D 1010 -7.04 3.73 -0.79
C VAL D 1010 -6.74 4.03 -2.24
N GLN D 1011 -7.77 3.92 -3.09
CA GLN D 1011 -7.57 4.16 -4.51
C GLN D 1011 -7.24 5.64 -4.75
N ILE D 1012 -7.81 6.53 -3.94
CA ILE D 1012 -7.52 7.94 -4.06
C ILE D 1012 -6.08 8.21 -3.67
N ASP D 1013 -5.61 7.61 -2.56
CA ASP D 1013 -4.23 7.79 -2.14
C ASP D 1013 -3.26 7.34 -3.23
N ARG D 1014 -3.61 6.29 -3.97
CA ARG D 1014 -2.75 5.83 -5.05
C ARG D 1014 -2.61 6.93 -6.11
N LEU D 1015 -3.72 7.63 -6.39
CA LEU D 1015 -3.67 8.69 -7.39
C LEU D 1015 -3.00 9.94 -6.83
N ILE D 1016 -3.17 10.21 -5.53
CA ILE D 1016 -2.52 11.35 -4.92
C ILE D 1016 -1.02 11.17 -4.94
N THR D 1017 -0.56 9.98 -4.59
CA THR D 1017 0.88 9.72 -4.58
C THR D 1017 1.46 9.88 -5.97
N GLY D 1018 0.80 9.30 -6.96
CA GLY D 1018 1.28 9.38 -8.33
C GLY D 1018 1.31 10.82 -8.85
N ARG D 1019 0.21 11.54 -8.67
CA ARG D 1019 0.09 12.91 -9.15
C ARG D 1019 0.99 13.86 -8.37
N LEU D 1020 1.15 13.63 -7.08
CA LEU D 1020 2.03 14.46 -6.27
C LEU D 1020 3.47 14.23 -6.69
N GLN D 1021 3.85 12.98 -6.94
CA GLN D 1021 5.21 12.68 -7.39
C GLN D 1021 5.46 13.33 -8.75
N SER D 1022 4.44 13.35 -9.61
CA SER D 1022 4.54 13.97 -10.92
C SER D 1022 4.80 15.47 -10.77
N LEU D 1023 4.06 16.13 -9.86
CA LEU D 1023 4.28 17.55 -9.59
C LEU D 1023 5.65 17.80 -9.01
N GLN D 1024 6.11 16.94 -8.11
CA GLN D 1024 7.41 17.14 -7.49
C GLN D 1024 8.51 17.01 -8.55
N THR D 1025 8.34 16.06 -9.47
CA THR D 1025 9.29 15.85 -10.56
C THR D 1025 9.28 17.06 -11.48
N TYR D 1026 8.09 17.53 -11.82
CA TYR D 1026 7.92 18.69 -12.68
C TYR D 1026 8.58 19.92 -12.09
N VAL D 1027 8.30 20.20 -10.82
CA VAL D 1027 8.84 21.40 -10.19
C VAL D 1027 10.36 21.31 -10.13
N THR D 1028 10.89 20.14 -9.78
CA THR D 1028 12.34 19.98 -9.72
C THR D 1028 12.95 20.23 -11.09
N GLN D 1029 12.31 19.69 -12.13
CA GLN D 1029 12.81 19.86 -13.49
C GLN D 1029 12.77 21.32 -13.90
N GLN D 1030 11.73 22.04 -13.47
CA GLN D 1030 11.60 23.46 -13.78
C GLN D 1030 12.65 24.28 -13.05
N LEU D 1031 12.97 23.89 -11.81
CA LEU D 1031 13.97 24.60 -11.02
C LEU D 1031 15.34 24.46 -11.65
N ILE D 1032 15.65 23.27 -12.17
CA ILE D 1032 16.94 23.02 -12.79
C ILE D 1032 17.03 23.75 -14.13
N ARG D 1033 15.99 23.65 -14.94
CA ARG D 1033 15.99 24.35 -16.22
C ARG D 1033 16.06 25.86 -15.98
N ALA D 1034 15.34 26.34 -14.97
CA ALA D 1034 15.34 27.75 -14.64
C ALA D 1034 16.73 28.20 -14.22
N ALA D 1035 17.49 27.31 -13.55
CA ALA D 1035 18.85 27.65 -13.15
C ALA D 1035 19.73 27.89 -14.37
N GLU D 1036 19.50 27.12 -15.43
CA GLU D 1036 20.25 27.34 -16.67
C GLU D 1036 19.91 28.70 -17.26
N ILE D 1037 18.62 29.03 -17.25
CA ILE D 1037 18.15 30.31 -17.76
C ILE D 1037 18.69 31.45 -16.90
N ARG D 1038 18.72 31.25 -15.60
CA ARG D 1038 19.28 32.23 -14.67
C ARG D 1038 20.68 32.60 -15.13
N ALA D 1039 21.50 31.58 -15.38
CA ALA D 1039 22.87 31.80 -15.85
C ALA D 1039 22.93 32.46 -17.23
N SER D 1040 22.04 32.06 -18.13
CA SER D 1040 22.03 32.65 -19.47
C SER D 1040 21.64 34.11 -19.43
N ALA D 1041 20.67 34.46 -18.58
CA ALA D 1041 20.24 35.84 -18.42
C ALA D 1041 21.38 36.67 -17.85
N ASN D 1042 22.16 36.10 -16.93
CA ASN D 1042 23.30 36.83 -16.35
C ASN D 1042 24.34 37.11 -17.43
N LEU D 1043 24.56 36.13 -18.29
CA LEU D 1043 25.52 36.29 -19.37
C LEU D 1043 25.01 37.31 -20.38
N ALA D 1044 23.72 37.24 -20.71
CA ALA D 1044 23.13 38.17 -21.66
C ALA D 1044 23.21 39.60 -21.14
N ALA D 1045 22.97 39.78 -19.85
CA ALA D 1045 23.06 41.11 -19.25
C ALA D 1045 24.51 41.60 -19.26
N THR D 1046 25.44 40.68 -18.99
CA THR D 1046 26.86 41.03 -19.00
C THR D 1046 27.26 41.46 -20.40
N LYS D 1047 26.79 40.72 -21.40
CA LYS D 1047 27.08 41.05 -22.79
C LYS D 1047 26.52 42.40 -23.16
N MET D 1048 25.30 42.71 -22.77
CA MET D 1048 24.81 44.02 -23.14
C MET D 1048 25.65 45.12 -22.49
N SER D 1049 25.99 44.96 -21.21
CA SER D 1049 26.76 46.01 -20.54
C SER D 1049 28.15 46.20 -21.13
N GLU D 1050 28.83 45.10 -21.45
CA GLU D 1050 30.20 45.20 -21.94
C GLU D 1050 30.38 45.24 -23.47
N CYS D 1051 29.36 44.80 -24.24
CA CYS D 1051 29.41 44.71 -25.70
C CYS D 1051 28.65 45.88 -26.34
N VAL D 1052 27.55 46.32 -25.72
CA VAL D 1052 26.67 47.38 -26.26
C VAL D 1052 26.94 48.73 -25.61
N LEU D 1053 27.07 48.74 -24.28
CA LEU D 1053 27.25 49.99 -23.53
C LEU D 1053 28.72 50.35 -23.35
N GLY D 1054 29.56 49.71 -24.15
CA GLY D 1054 30.99 49.93 -24.16
C GLY D 1054 31.60 48.88 -25.06
N GLN D 1055 32.90 48.94 -25.29
CA GLN D 1055 33.51 47.92 -26.11
C GLN D 1055 34.48 47.10 -25.30
N SER D 1056 34.22 45.80 -25.22
CA SER D 1056 35.11 44.93 -24.50
C SER D 1056 36.25 44.58 -25.42
N LYS D 1057 37.35 44.11 -24.86
CA LYS D 1057 38.48 43.68 -25.66
C LYS D 1057 38.66 42.17 -25.49
N ARG D 1058 37.58 41.54 -25.04
CA ARG D 1058 37.55 40.12 -24.77
C ARG D 1058 37.34 39.31 -26.05
N VAL D 1059 38.22 38.35 -26.27
CA VAL D 1059 38.22 37.51 -27.46
C VAL D 1059 37.05 36.54 -27.44
N ASP D 1060 36.33 36.47 -28.56
CA ASP D 1060 35.16 35.61 -28.76
C ASP D 1060 33.99 35.97 -27.84
N PHE D 1061 34.07 37.11 -27.18
CA PHE D 1061 32.96 37.57 -26.34
C PHE D 1061 31.78 38.09 -27.18
N CYS D 1062 32.09 38.91 -28.21
CA CYS D 1062 31.12 39.54 -29.10
C CYS D 1062 31.28 38.94 -30.51
N GLY D 1063 31.34 37.63 -30.57
CA GLY D 1063 31.54 36.94 -31.85
C GLY D 1063 33.02 36.94 -32.22
N LYS D 1064 33.30 36.62 -33.48
CA LYS D 1064 34.68 36.53 -33.95
C LYS D 1064 35.18 37.86 -34.46
N GLY D 1065 36.50 38.08 -34.37
CA GLY D 1065 37.11 39.31 -34.85
C GLY D 1065 37.33 40.30 -33.71
N TYR D 1066 37.82 41.49 -34.04
CA TYR D 1066 38.08 42.49 -33.01
C TYR D 1066 36.81 43.31 -32.81
N HIS D 1067 36.35 43.41 -31.57
CA HIS D 1067 35.07 44.07 -31.33
C HIS D 1067 35.12 45.58 -31.43
N LEU D 1068 34.18 46.14 -32.19
CA LEU D 1068 34.02 47.58 -32.31
C LEU D 1068 32.76 48.05 -31.58
N MET D 1069 31.60 47.54 -32.02
CA MET D 1069 30.29 47.92 -31.49
C MET D 1069 29.26 46.81 -31.65
N SER D 1070 28.15 46.93 -30.95
CA SER D 1070 27.04 45.99 -31.13
C SER D 1070 25.72 46.67 -30.89
N PHE D 1071 24.66 46.04 -31.38
CA PHE D 1071 23.33 46.55 -31.18
C PHE D 1071 22.41 45.40 -30.75
N PRO D 1072 21.63 45.56 -29.68
CA PRO D 1072 20.64 44.61 -29.22
C PRO D 1072 19.40 44.66 -30.11
N GLN D 1073 18.68 43.56 -30.18
CA GLN D 1073 17.36 43.48 -30.79
C GLN D 1073 16.43 42.70 -29.87
N SER D 1074 15.16 43.10 -29.82
CA SER D 1074 14.16 42.40 -29.06
C SER D 1074 13.85 41.05 -29.70
N ALA D 1075 13.59 40.05 -28.88
CA ALA D 1075 13.28 38.72 -29.40
C ALA D 1075 12.37 37.98 -28.44
N PRO D 1076 11.57 37.03 -28.92
CA PRO D 1076 10.66 36.26 -28.11
C PRO D 1076 11.42 35.45 -27.08
N HIS D 1077 11.08 35.67 -25.81
CA HIS D 1077 11.68 34.98 -24.67
C HIS D 1077 13.20 35.15 -24.56
N GLY D 1078 13.75 36.18 -25.20
CA GLY D 1078 15.20 36.36 -25.14
C GLY D 1078 15.70 37.60 -25.84
N VAL D 1079 17.02 37.65 -26.02
CA VAL D 1079 17.68 38.81 -26.61
C VAL D 1079 18.60 38.41 -27.75
N VAL D 1080 18.60 39.20 -28.81
CA VAL D 1080 19.47 38.95 -29.94
C VAL D 1080 20.49 40.06 -30.08
N PHE D 1081 21.75 39.68 -30.13
CA PHE D 1081 22.81 40.68 -30.26
C PHE D 1081 23.45 40.65 -31.63
N LEU D 1082 23.55 41.82 -32.24
CA LEU D 1082 24.21 41.97 -33.52
C LEU D 1082 25.59 42.53 -33.27
N HIS D 1083 26.62 41.73 -33.54
CA HIS D 1083 27.99 42.10 -33.23
C HIS D 1083 28.74 42.59 -34.45
N VAL D 1084 29.27 43.80 -34.36
CA VAL D 1084 29.99 44.41 -35.47
C VAL D 1084 31.48 44.33 -35.18
N THR D 1085 32.19 43.54 -35.97
CA THR D 1085 33.61 43.31 -35.68
C THR D 1085 34.52 43.56 -36.87
N TYR D 1086 35.77 43.86 -36.54
CA TYR D 1086 36.84 44.11 -37.49
C TYR D 1086 37.62 42.84 -37.79
N VAL D 1087 37.63 42.47 -39.05
CA VAL D 1087 38.31 41.25 -39.46
C VAL D 1087 39.29 41.57 -40.59
N PRO D 1088 40.58 41.21 -40.46
CA PRO D 1088 41.61 41.44 -41.45
C PRO D 1088 41.28 40.61 -42.68
N ALA D 1089 41.64 41.13 -43.86
CA ALA D 1089 41.37 40.43 -45.11
C ALA D 1089 42.67 40.09 -45.79
N GLN D 1090 42.96 40.74 -46.92
CA GLN D 1090 44.21 40.48 -47.60
C GLN D 1090 45.38 40.82 -46.70
N GLU D 1091 46.41 39.98 -46.77
CA GLU D 1091 47.62 40.16 -45.98
C GLU D 1091 48.81 40.14 -46.92
N LYS D 1092 49.88 40.80 -46.51
CA LYS D 1092 51.08 40.79 -47.31
C LYS D 1092 52.30 40.30 -46.49
N ASN D 1093 53.22 39.66 -47.20
CA ASN D 1093 54.46 39.03 -46.73
C ASN D 1093 55.57 40.09 -46.57
N PHE D 1094 55.97 40.39 -45.32
CA PHE D 1094 57.01 41.40 -45.02
C PHE D 1094 58.15 40.82 -44.19
N THR D 1095 59.35 41.38 -44.36
CA THR D 1095 60.47 41.01 -43.51
C THR D 1095 60.44 41.89 -42.28
N THR D 1096 60.81 41.35 -41.13
CA THR D 1096 60.80 42.13 -39.90
C THR D 1096 62.11 42.09 -39.12
N ALA D 1097 62.16 42.90 -38.07
CA ALA D 1097 63.29 42.99 -37.15
C ALA D 1097 62.80 43.63 -35.85
N PRO D 1098 63.37 43.25 -34.69
CA PRO D 1098 63.07 43.83 -33.39
C PRO D 1098 63.59 45.24 -33.18
N ALA D 1099 64.60 45.63 -33.94
CA ALA D 1099 65.18 46.96 -33.74
C ALA D 1099 65.97 47.42 -34.95
N ILE D 1100 66.21 48.71 -34.98
CA ILE D 1100 67.08 49.32 -35.96
C ILE D 1100 68.38 49.81 -35.30
N CYS D 1101 69.53 49.46 -35.90
CA CYS D 1101 70.85 49.89 -35.47
C CYS D 1101 71.24 51.16 -36.22
N HIS D 1102 71.50 52.24 -35.49
CA HIS D 1102 71.80 53.52 -36.14
C HIS D 1102 73.24 53.99 -35.87
N ASP D 1103 73.47 54.63 -34.72
CA ASP D 1103 74.80 55.11 -34.36
C ASP D 1103 75.48 54.17 -33.37
N GLY D 1104 75.02 52.93 -33.33
CA GLY D 1104 75.49 51.92 -32.40
C GLY D 1104 74.46 51.76 -31.28
N LYS D 1105 73.50 52.68 -31.29
CA LYS D 1105 72.39 52.72 -30.35
C LYS D 1105 71.24 51.88 -30.93
N ALA D 1106 70.45 51.27 -30.04
CA ALA D 1106 69.31 50.46 -30.50
C ALA D 1106 68.00 51.23 -30.44
N HIS D 1107 67.34 51.33 -31.60
CA HIS D 1107 66.06 52.02 -31.73
C HIS D 1107 64.90 51.03 -31.83
N PHE D 1108 63.97 51.13 -30.90
CA PHE D 1108 62.78 50.26 -30.87
C PHE D 1108 61.54 51.11 -31.15
N PRO D 1109 60.46 50.55 -31.74
CA PRO D 1109 59.25 51.29 -32.04
C PRO D 1109 58.57 51.71 -30.75
N ARG D 1110 57.95 52.88 -30.74
CA ARG D 1110 57.16 53.25 -29.57
C ARG D 1110 55.93 52.35 -29.54
N GLU D 1111 55.39 52.11 -30.73
CA GLU D 1111 54.25 51.24 -30.98
C GLU D 1111 54.33 50.76 -32.42
N GLY D 1112 54.19 49.46 -32.63
CA GLY D 1112 54.23 48.92 -33.98
C GLY D 1112 55.42 48.00 -34.22
N VAL D 1113 55.60 47.62 -35.48
CA VAL D 1113 56.62 46.68 -35.90
C VAL D 1113 57.46 47.22 -37.06
N PHE D 1114 58.76 46.94 -37.03
CA PHE D 1114 59.60 47.34 -38.16
C PHE D 1114 59.41 46.32 -39.26
N VAL D 1115 59.23 46.81 -40.47
CA VAL D 1115 58.98 45.95 -41.62
C VAL D 1115 59.88 46.32 -42.78
N SER D 1116 60.06 45.39 -43.70
CA SER D 1116 60.80 45.69 -44.92
C SER D 1116 60.16 45.08 -46.14
N ASN D 1117 60.17 45.86 -47.24
CA ASN D 1117 59.66 45.46 -48.54
C ASN D 1117 60.75 44.82 -49.43
N GLY D 1118 61.95 44.58 -48.84
CA GLY D 1118 63.11 43.98 -49.50
C GLY D 1118 64.14 45.03 -49.91
N THR D 1119 63.73 46.30 -49.95
CA THR D 1119 64.63 47.38 -50.34
C THR D 1119 64.75 48.46 -49.25
N HIS D 1120 63.68 48.65 -48.47
CA HIS D 1120 63.62 49.75 -47.50
C HIS D 1120 62.82 49.37 -46.25
N TRP D 1121 63.31 49.83 -45.10
CA TRP D 1121 62.65 49.61 -43.81
C TRP D 1121 61.69 50.72 -43.43
N PHE D 1122 60.52 50.31 -42.94
CA PHE D 1122 59.44 51.17 -42.49
C PHE D 1122 58.94 50.71 -41.14
N VAL D 1123 58.20 51.56 -40.45
CA VAL D 1123 57.56 51.13 -39.21
C VAL D 1123 56.05 51.30 -39.31
N THR D 1124 55.29 50.30 -38.90
CA THR D 1124 53.84 50.41 -39.02
C THR D 1124 53.07 49.74 -37.88
N GLN D 1125 51.79 50.10 -37.77
CA GLN D 1125 50.89 49.48 -36.79
C GLN D 1125 50.57 48.04 -37.19
N ARG D 1126 50.50 47.16 -36.20
CA ARG D 1126 50.30 45.74 -36.46
C ARG D 1126 48.97 45.35 -37.13
N ASN D 1127 47.88 46.06 -36.83
CA ASN D 1127 46.58 45.62 -37.33
C ASN D 1127 46.11 46.28 -38.64
N PHE D 1128 46.99 47.03 -39.30
CA PHE D 1128 46.65 47.63 -40.60
C PHE D 1128 47.87 48.24 -41.26
N TYR D 1129 48.38 47.57 -42.30
CA TYR D 1129 49.62 48.00 -42.93
C TYR D 1129 49.52 49.41 -43.49
N GLU D 1130 50.39 50.26 -42.98
CA GLU D 1130 50.47 51.64 -43.41
C GLU D 1130 51.85 52.16 -43.04
N PRO D 1131 52.86 51.94 -43.90
CA PRO D 1131 54.28 52.09 -43.62
C PRO D 1131 54.67 53.54 -43.41
N GLN D 1132 55.41 53.80 -42.34
CA GLN D 1132 55.90 55.12 -42.06
C GLN D 1132 57.41 55.17 -42.17
N ILE D 1133 57.95 56.35 -42.39
CA ILE D 1133 59.39 56.52 -42.37
C ILE D 1133 59.85 56.38 -40.93
N ILE D 1134 60.93 55.65 -40.71
CA ILE D 1134 61.44 55.45 -39.37
C ILE D 1134 62.20 56.69 -38.93
N THR D 1135 61.70 57.32 -37.88
CA THR D 1135 62.27 58.56 -37.38
C THR D 1135 62.43 58.50 -35.87
N THR D 1136 63.10 59.51 -35.33
CA THR D 1136 63.33 59.63 -33.90
C THR D 1136 62.05 59.95 -33.14
N ASP D 1137 60.98 60.30 -33.86
CA ASP D 1137 59.70 60.60 -33.23
C ASP D 1137 58.81 59.37 -33.17
N ASN D 1138 59.26 58.27 -33.77
CA ASN D 1138 58.50 57.04 -33.79
C ASN D 1138 59.13 56.01 -32.87
N THR D 1139 60.46 56.01 -32.81
CA THR D 1139 61.21 55.04 -32.04
C THR D 1139 61.77 55.65 -30.77
N PHE D 1140 62.30 54.81 -29.91
CA PHE D 1140 62.98 55.26 -28.70
C PHE D 1140 64.28 54.51 -28.57
N VAL D 1141 65.24 55.09 -27.86
CA VAL D 1141 66.53 54.43 -27.70
C VAL D 1141 66.74 53.85 -26.32
N SER D 1142 67.07 52.57 -26.30
CA SER D 1142 67.37 51.86 -25.07
C SER D 1142 68.22 50.65 -25.35
N GLY D 1143 69.40 50.58 -24.74
CA GLY D 1143 70.32 49.49 -25.02
C GLY D 1143 71.10 49.81 -26.29
N ASN D 1144 71.74 48.80 -26.87
CA ASN D 1144 72.62 49.03 -28.00
C ASN D 1144 72.56 47.87 -29.00
N CYS D 1145 73.30 48.01 -30.11
CA CYS D 1145 73.27 47.07 -31.23
C CYS D 1145 73.91 45.71 -30.92
N ASP D 1146 74.65 45.62 -29.83
CA ASP D 1146 75.33 44.37 -29.51
C ASP D 1146 74.50 43.43 -28.66
N VAL D 1147 73.33 43.90 -28.20
CA VAL D 1147 72.52 43.07 -27.32
C VAL D 1147 71.16 42.70 -27.92
N VAL D 1148 70.88 43.14 -29.14
CA VAL D 1148 69.59 42.82 -29.73
C VAL D 1148 69.72 41.76 -30.82
N ILE D 1149 69.06 40.63 -30.61
CA ILE D 1149 69.14 39.53 -31.54
C ILE D 1149 68.26 39.81 -32.75
N GLY D 1150 68.86 39.80 -33.93
CA GLY D 1150 68.10 40.06 -35.15
C GLY D 1150 68.05 41.54 -35.54
N ILE D 1151 68.82 42.38 -34.86
CA ILE D 1151 68.86 43.81 -35.18
C ILE D 1151 69.45 44.03 -36.57
N VAL D 1152 68.91 45.01 -37.29
CA VAL D 1152 69.38 45.29 -38.65
C VAL D 1152 69.94 46.72 -38.79
N ASN D 1153 70.75 46.96 -39.83
CA ASN D 1153 71.35 48.27 -40.14
C ASN D 1153 70.44 49.09 -41.06
N ASN D 1154 70.03 50.27 -40.59
CA ASN D 1154 69.20 51.22 -41.34
C ASN D 1154 69.52 52.64 -40.92
N THR D 1155 68.86 53.61 -41.52
CA THR D 1155 69.06 54.99 -41.14
C THR D 1155 67.82 55.55 -40.48
N VAL D 1156 67.98 56.06 -39.26
CA VAL D 1156 66.87 56.68 -38.55
C VAL D 1156 66.87 58.17 -38.84
N TYR D 1157 65.75 58.69 -39.30
CA TYR D 1157 65.67 60.09 -39.70
C TYR D 1157 65.33 61.04 -38.55
N ASP D 1158 66.09 62.13 -38.47
CA ASP D 1158 65.86 63.18 -37.49
C ASP D 1158 65.31 64.45 -38.17
N PRO D 1159 64.00 64.74 -38.05
CA PRO D 1159 63.29 65.87 -38.63
C PRO D 1159 63.88 67.22 -38.21
N LEU D 1160 64.65 67.22 -37.13
CA LEU D 1160 65.24 68.45 -36.63
C LEU D 1160 66.47 68.88 -37.41
N GLN D 1161 67.24 67.95 -37.97
CA GLN D 1161 68.49 68.38 -38.55
C GLN D 1161 68.29 69.33 -39.74
N PRO D 1162 67.40 69.02 -40.72
CA PRO D 1162 67.11 69.89 -41.85
C PRO D 1162 66.70 71.29 -41.41
N GLU D 1163 66.02 71.37 -40.27
CA GLU D 1163 65.55 72.64 -39.74
C GLU D 1163 66.70 73.49 -39.20
N LEU D 1164 67.67 72.83 -38.59
CA LEU D 1164 68.84 73.50 -38.04
C LEU D 1164 69.73 74.00 -39.19
N ASP D 1165 69.80 73.20 -40.24
CA ASP D 1165 70.61 73.53 -41.42
C ASP D 1165 70.00 74.65 -42.29
N SER D 1166 68.66 74.67 -42.40
CA SER D 1166 67.91 75.68 -43.18
C SER D 1166 67.90 77.01 -42.45
N ILE E 2 -4.33 -52.20 1.15
CA ILE E 2 -5.18 -51.78 2.25
C ILE E 2 -6.60 -51.57 1.71
N GLU E 3 -7.61 -51.97 2.49
CA GLU E 3 -9.02 -51.84 2.11
C GLU E 3 -9.63 -50.63 2.78
N MET E 4 -10.48 -49.92 2.03
CA MET E 4 -11.18 -48.77 2.58
C MET E 4 -12.69 -48.99 2.56
N THR E 5 -13.35 -48.61 3.65
CA THR E 5 -14.81 -48.73 3.76
C THR E 5 -15.46 -47.38 4.00
N GLN E 6 -16.48 -47.05 3.21
CA GLN E 6 -17.17 -45.79 3.37
C GLN E 6 -18.54 -45.98 4.00
N SER E 7 -18.98 -44.95 4.71
CA SER E 7 -20.27 -44.98 5.38
C SER E 7 -20.92 -43.60 5.43
N PRO E 8 -22.21 -43.52 5.12
CA PRO E 8 -23.13 -44.56 4.68
C PRO E 8 -22.86 -44.90 3.21
N SER E 9 -23.43 -45.99 2.72
CA SER E 9 -23.32 -46.26 1.28
C SER E 9 -24.14 -45.25 0.49
N SER E 10 -25.18 -44.72 1.14
CA SER E 10 -26.05 -43.71 0.57
C SER E 10 -26.46 -42.71 1.64
N LEU E 11 -26.20 -41.45 1.37
CA LEU E 11 -26.47 -40.37 2.30
C LEU E 11 -27.63 -39.51 1.78
N SER E 12 -28.61 -39.28 2.63
CA SER E 12 -29.76 -38.48 2.26
C SER E 12 -29.75 -37.13 2.99
N ALA E 13 -29.59 -36.04 2.24
CA ALA E 13 -29.54 -34.72 2.87
C ALA E 13 -30.17 -33.69 1.95
N ALA E 14 -30.80 -32.69 2.53
CA ALA E 14 -31.46 -31.65 1.76
C ALA E 14 -30.46 -30.61 1.32
N VAL E 15 -30.85 -29.80 0.35
CA VAL E 15 -30.00 -28.68 -0.01
C VAL E 15 -29.97 -27.71 1.17
N GLY E 16 -28.76 -27.33 1.58
CA GLY E 16 -28.56 -26.45 2.72
C GLY E 16 -28.13 -27.21 3.97
N ASP E 17 -28.28 -28.55 3.96
CA ASP E 17 -27.88 -29.37 5.08
C ASP E 17 -26.38 -29.60 5.12
N ARG E 18 -25.85 -29.88 6.31
CA ARG E 18 -24.44 -30.25 6.43
C ARG E 18 -24.30 -31.72 6.11
N VAL E 19 -23.33 -32.04 5.27
CA VAL E 19 -23.09 -33.42 4.87
C VAL E 19 -21.75 -33.94 5.30
N THR E 20 -21.77 -35.05 6.04
CA THR E 20 -20.54 -35.67 6.48
C THR E 20 -20.46 -37.10 6.00
N ILE E 21 -19.34 -37.42 5.37
CA ILE E 21 -19.07 -38.75 4.82
C ILE E 21 -17.84 -39.34 5.48
N THR E 22 -17.94 -40.56 6.01
CA THR E 22 -16.77 -41.11 6.67
C THR E 22 -16.13 -42.22 5.82
N CYS E 23 -14.84 -42.46 6.06
CA CYS E 23 -14.05 -43.51 5.44
C CYS E 23 -13.07 -44.11 6.45
N ARG E 24 -13.07 -45.44 6.52
CA ARG E 24 -12.21 -46.15 7.45
C ARG E 24 -11.21 -47.07 6.78
N ALA E 25 -9.97 -47.03 7.25
CA ALA E 25 -8.93 -47.91 6.74
C ALA E 25 -8.87 -49.19 7.55
N SER E 26 -8.57 -50.30 6.88
CA SER E 26 -8.35 -51.58 7.56
C SER E 26 -7.10 -51.54 8.44
N GLN E 27 -6.22 -50.58 8.19
CA GLN E 27 -5.02 -50.35 8.99
C GLN E 27 -4.60 -48.90 8.82
N SER E 28 -3.78 -48.38 9.73
CA SER E 28 -3.37 -46.99 9.62
C SER E 28 -2.73 -46.65 8.30
N ILE E 29 -3.16 -45.52 7.75
CA ILE E 29 -2.63 -44.95 6.52
C ILE E 29 -2.06 -43.56 6.77
N GLY E 30 -1.72 -43.25 8.01
CA GLY E 30 -1.18 -41.92 8.30
C GLY E 30 -2.22 -40.87 7.93
N SER E 31 -1.82 -39.92 7.10
CA SER E 31 -2.71 -38.86 6.61
C SER E 31 -2.87 -39.00 5.11
N TYR E 32 -2.50 -40.17 4.61
CA TYR E 32 -2.51 -40.44 3.18
C TYR E 32 -3.87 -40.88 2.68
N LEU E 33 -4.81 -39.95 2.62
CA LEU E 33 -6.13 -40.26 2.09
C LEU E 33 -6.62 -39.14 1.18
N ASN E 34 -7.09 -39.48 0.00
CA ASN E 34 -7.63 -38.48 -0.91
C ASN E 34 -9.15 -38.66 -1.04
N TRP E 35 -9.85 -37.57 -1.35
CA TRP E 35 -11.28 -37.63 -1.60
C TRP E 35 -11.63 -37.07 -2.97
N TYR E 36 -12.54 -37.76 -3.66
CA TYR E 36 -12.99 -37.40 -4.99
C TYR E 36 -14.51 -37.28 -5.10
N GLN E 37 -14.95 -36.41 -6.00
CA GLN E 37 -16.38 -36.22 -6.29
C GLN E 37 -16.69 -36.48 -7.75
N GLN E 38 -17.51 -37.48 -8.03
CA GLN E 38 -17.84 -37.79 -9.41
C GLN E 38 -19.31 -37.55 -9.72
N LYS E 39 -19.56 -36.62 -10.62
CA LYS E 39 -20.93 -36.30 -11.00
C LYS E 39 -21.41 -37.37 -11.98
N PRO E 40 -22.72 -37.63 -12.09
CA PRO E 40 -23.29 -38.55 -13.05
C PRO E 40 -22.87 -38.17 -14.47
N GLY E 41 -22.35 -39.12 -15.22
CA GLY E 41 -21.94 -38.91 -16.60
C GLY E 41 -20.57 -38.22 -16.73
N LYS E 42 -19.91 -37.97 -15.60
CA LYS E 42 -18.62 -37.26 -15.60
C LYS E 42 -17.53 -38.06 -14.91
N ALA E 43 -16.28 -37.72 -15.23
CA ALA E 43 -15.13 -38.28 -14.55
C ALA E 43 -15.02 -37.63 -13.16
N PRO E 44 -14.34 -38.25 -12.18
CA PRO E 44 -14.11 -37.73 -10.84
C PRO E 44 -13.32 -36.42 -10.82
N LYS E 45 -13.53 -35.61 -9.79
CA LYS E 45 -12.74 -34.40 -9.55
C LYS E 45 -12.07 -34.52 -8.18
N LEU E 46 -10.86 -33.98 -8.04
CA LEU E 46 -10.18 -34.03 -6.75
C LEU E 46 -10.67 -32.93 -5.83
N LEU E 47 -11.09 -33.33 -4.63
CA LEU E 47 -11.56 -32.39 -3.65
C LEU E 47 -10.52 -32.15 -2.58
N ILE E 48 -10.13 -33.23 -1.91
CA ILE E 48 -9.20 -33.16 -0.79
C ILE E 48 -8.06 -34.16 -0.96
N TYR E 49 -6.84 -33.74 -0.69
CA TYR E 49 -5.72 -34.67 -0.74
C TYR E 49 -4.91 -34.62 0.55
N ALA E 50 -4.21 -35.70 0.84
CA ALA E 50 -3.39 -35.76 2.05
C ALA E 50 -4.22 -35.45 3.30
N ALA E 51 -5.42 -36.06 3.38
CA ALA E 51 -6.37 -35.97 4.50
C ALA E 51 -7.11 -34.63 4.57
N SER E 52 -6.39 -33.51 4.62
CA SER E 52 -7.03 -32.21 4.82
C SER E 52 -6.68 -31.09 3.85
N SER E 53 -5.85 -31.35 2.83
CA SER E 53 -5.49 -30.26 1.92
C SER E 53 -6.53 -30.08 0.85
N LEU E 54 -7.12 -28.90 0.74
CA LEU E 54 -8.16 -28.70 -0.25
C LEU E 54 -7.51 -28.38 -1.59
N GLN E 55 -8.03 -28.96 -2.67
CA GLN E 55 -7.47 -28.70 -3.99
C GLN E 55 -7.99 -27.40 -4.59
N SER E 56 -7.14 -26.75 -5.37
CA SER E 56 -7.53 -25.52 -6.04
C SER E 56 -8.71 -25.77 -6.98
N GLY E 57 -9.68 -24.86 -6.97
CA GLY E 57 -10.84 -25.01 -7.83
C GLY E 57 -12.01 -25.68 -7.12
N VAL E 58 -11.75 -26.14 -5.89
CA VAL E 58 -12.78 -26.79 -5.07
C VAL E 58 -13.44 -25.74 -4.18
N PRO E 59 -14.77 -25.64 -4.15
CA PRO E 59 -15.52 -24.68 -3.37
C PRO E 59 -15.11 -24.74 -1.90
N SER E 60 -15.11 -23.58 -1.25
CA SER E 60 -14.72 -23.41 0.16
C SER E 60 -15.65 -24.14 1.11
N ARG E 61 -16.78 -24.59 0.59
CA ARG E 61 -17.76 -25.35 1.34
C ARG E 61 -17.18 -26.70 1.75
N PHE E 62 -16.17 -27.16 1.01
CA PHE E 62 -15.56 -28.45 1.25
C PHE E 62 -14.37 -28.34 2.20
N SER E 63 -14.34 -29.25 3.16
CA SER E 63 -13.25 -29.36 4.12
C SER E 63 -13.19 -30.79 4.62
N GLY E 64 -12.18 -31.11 5.41
CA GLY E 64 -12.09 -32.46 5.95
C GLY E 64 -10.83 -32.65 6.77
N SER E 65 -10.77 -33.79 7.45
CA SER E 65 -9.64 -34.12 8.31
C SER E 65 -9.65 -35.58 8.69
N GLY E 66 -8.70 -35.95 9.54
CA GLY E 66 -8.59 -37.30 10.06
C GLY E 66 -7.20 -37.86 9.87
N SER E 67 -6.92 -38.93 10.59
CA SER E 67 -5.63 -39.59 10.54
C SER E 67 -5.74 -41.04 11.00
N GLY E 68 -4.73 -41.82 10.70
CA GLY E 68 -4.71 -43.20 11.14
C GLY E 68 -5.73 -43.99 10.35
N THR E 69 -6.80 -44.40 11.02
CA THR E 69 -7.82 -45.18 10.34
C THR E 69 -9.14 -44.47 10.10
N ASP E 70 -9.36 -43.31 10.73
CA ASP E 70 -10.69 -42.69 10.64
C ASP E 70 -10.68 -41.28 10.06
N PHE E 71 -11.30 -41.14 8.89
CA PHE E 71 -11.32 -39.87 8.17
C PHE E 71 -12.74 -39.41 7.83
N THR E 72 -12.94 -38.09 7.78
CA THR E 72 -14.24 -37.54 7.40
C THR E 72 -14.14 -36.39 6.39
N LEU E 73 -15.03 -36.41 5.39
CA LEU E 73 -15.20 -35.30 4.45
C LEU E 73 -16.46 -34.54 4.83
N THR E 74 -16.38 -33.22 4.81
CA THR E 74 -17.53 -32.39 5.19
C THR E 74 -17.89 -31.35 4.13
N ILE E 75 -19.19 -31.23 3.87
CA ILE E 75 -19.73 -30.16 3.04
C ILE E 75 -20.54 -29.27 3.96
N SER E 76 -20.13 -28.01 4.13
CA SER E 76 -20.81 -27.16 5.11
C SER E 76 -22.27 -26.91 4.77
N SER E 77 -22.57 -26.88 3.47
CA SER E 77 -23.93 -26.67 2.98
C SER E 77 -24.10 -27.30 1.61
N LEU E 78 -24.84 -28.40 1.54
CA LEU E 78 -25.01 -29.14 0.30
C LEU E 78 -25.74 -28.33 -0.75
N GLN E 79 -25.20 -28.30 -1.98
CA GLN E 79 -25.86 -27.61 -3.08
C GLN E 79 -26.40 -28.64 -4.08
N PRO E 80 -27.37 -28.30 -4.95
CA PRO E 80 -27.90 -29.18 -5.99
C PRO E 80 -26.80 -29.79 -6.87
N GLU E 81 -25.74 -29.01 -7.11
CA GLU E 81 -24.65 -29.48 -7.96
C GLU E 81 -23.73 -30.46 -7.25
N ASP E 82 -23.96 -30.70 -5.96
CA ASP E 82 -23.14 -31.62 -5.19
C ASP E 82 -23.75 -33.01 -5.18
N PHE E 83 -24.81 -33.20 -5.97
CA PHE E 83 -25.39 -34.53 -6.15
C PHE E 83 -24.38 -35.36 -6.90
N ALA E 84 -23.78 -36.32 -6.21
CA ALA E 84 -22.63 -37.04 -6.77
C ALA E 84 -22.29 -38.28 -5.96
N ILE E 85 -21.45 -39.13 -6.55
CA ILE E 85 -20.89 -40.26 -5.82
C ILE E 85 -19.50 -39.86 -5.30
N TYR E 86 -19.31 -39.97 -4.00
CA TYR E 86 -18.06 -39.55 -3.39
C TYR E 86 -17.21 -40.76 -3.05
N TYR E 87 -15.92 -40.66 -3.34
CA TYR E 87 -14.99 -41.75 -3.05
C TYR E 87 -13.81 -41.31 -2.21
N CYS E 88 -13.33 -42.21 -1.34
CA CYS E 88 -12.07 -42.02 -0.61
C CYS E 88 -11.03 -42.95 -1.25
N GLN E 89 -9.78 -42.48 -1.30
CA GLN E 89 -8.68 -43.24 -1.89
C GLN E 89 -7.47 -43.31 -0.99
N GLN E 90 -7.03 -44.51 -0.65
CA GLN E 90 -5.82 -44.59 0.15
C GLN E 90 -4.65 -44.25 -0.76
N SER E 91 -3.72 -43.44 -0.27
CA SER E 91 -2.53 -43.11 -1.04
C SER E 91 -1.26 -43.53 -0.31
N TYR E 92 -1.45 -44.25 0.79
CA TYR E 92 -0.34 -44.72 1.60
C TYR E 92 0.45 -45.79 0.88
N VAL E 93 -0.23 -46.71 0.21
CA VAL E 93 0.47 -47.79 -0.45
C VAL E 93 0.39 -47.68 -1.96
N SER E 94 1.55 -47.43 -2.55
CA SER E 94 1.74 -47.29 -3.98
C SER E 94 2.45 -48.56 -4.46
N PRO E 95 2.27 -48.98 -5.71
CA PRO E 95 1.48 -48.46 -6.83
C PRO E 95 -0.01 -48.78 -6.82
N THR E 96 -0.44 -49.70 -5.97
CA THR E 96 -1.81 -50.17 -6.02
C THR E 96 -2.77 -49.27 -5.27
N TYR E 97 -3.09 -48.14 -5.89
CA TYR E 97 -4.00 -47.18 -5.30
C TYR E 97 -5.41 -47.75 -5.37
N THR E 98 -6.14 -47.69 -4.26
CA THR E 98 -7.50 -48.23 -4.25
C THR E 98 -8.50 -47.24 -3.67
N PHE E 99 -9.75 -47.43 -4.05
CA PHE E 99 -10.86 -46.61 -3.61
C PHE E 99 -11.82 -47.39 -2.74
N GLY E 100 -12.55 -46.69 -1.90
CA GLY E 100 -13.61 -47.29 -1.10
C GLY E 100 -14.80 -47.56 -2.03
N PRO E 101 -15.88 -48.16 -1.52
CA PRO E 101 -17.09 -48.51 -2.25
C PRO E 101 -17.87 -47.30 -2.75
N GLY E 102 -17.65 -46.16 -2.12
CA GLY E 102 -18.31 -44.91 -2.50
C GLY E 102 -19.56 -44.62 -1.67
N THR E 103 -19.83 -43.33 -1.48
CA THR E 103 -21.03 -42.84 -0.79
C THR E 103 -21.85 -41.98 -1.72
N LYS E 104 -23.07 -42.38 -2.00
CA LYS E 104 -23.89 -41.60 -2.92
C LYS E 104 -24.62 -40.53 -2.15
N VAL E 105 -24.45 -39.27 -2.55
CA VAL E 105 -25.18 -38.20 -1.88
C VAL E 105 -26.37 -37.78 -2.70
N ASP E 106 -27.54 -38.11 -2.18
CA ASP E 106 -28.83 -37.81 -2.80
C ASP E 106 -29.42 -36.55 -2.22
N ILE E 107 -30.33 -35.93 -2.94
CA ILE E 107 -31.01 -34.78 -2.39
C ILE E 107 -32.28 -35.24 -1.69
N LYS E 108 -32.40 -34.94 -0.41
CA LYS E 108 -33.51 -35.43 0.39
C LYS E 108 -34.82 -34.70 0.14
N ARG E 109 -35.87 -35.48 -0.10
CA ARG E 109 -37.22 -34.98 -0.24
C ARG E 109 -38.18 -35.93 0.47
N THR E 110 -38.36 -35.72 1.77
CA THR E 110 -39.19 -36.57 2.63
C THR E 110 -39.08 -38.05 2.25
N VAL E 111 -40.15 -38.81 2.43
CA VAL E 111 -40.20 -40.22 2.06
C VAL E 111 -41.40 -40.49 1.15
N ALA E 112 -41.15 -41.09 0.00
CA ALA E 112 -42.21 -41.39 -0.97
C ALA E 112 -42.35 -42.88 -1.21
N ALA E 113 -43.53 -43.43 -0.90
CA ALA E 113 -43.79 -44.83 -1.13
C ALA E 113 -43.83 -45.09 -2.63
N PRO E 114 -43.40 -46.26 -3.12
CA PRO E 114 -43.45 -46.68 -4.50
C PRO E 114 -44.84 -47.03 -4.98
N SER E 115 -45.07 -46.78 -6.26
CA SER E 115 -46.26 -47.26 -6.95
C SER E 115 -45.88 -48.58 -7.58
N VAL E 116 -46.51 -49.66 -7.16
CA VAL E 116 -46.07 -50.97 -7.60
C VAL E 116 -47.09 -51.65 -8.50
N PHE E 117 -46.65 -52.00 -9.70
CA PHE E 117 -47.50 -52.70 -10.66
C PHE E 117 -46.84 -54.00 -11.11
N ILE E 118 -47.63 -55.05 -11.31
CA ILE E 118 -47.03 -56.30 -11.78
C ILE E 118 -47.51 -56.62 -13.20
N PHE E 119 -46.56 -56.97 -14.05
CA PHE E 119 -46.80 -57.25 -15.46
C PHE E 119 -46.50 -58.70 -15.86
N PRO E 120 -47.53 -59.52 -16.11
CA PRO E 120 -47.43 -60.89 -16.55
C PRO E 120 -46.68 -60.89 -17.88
N PRO E 121 -45.98 -61.98 -18.22
CA PRO E 121 -45.26 -62.15 -19.46
C PRO E 121 -46.24 -62.18 -20.62
N SER E 122 -45.83 -61.61 -21.74
CA SER E 122 -46.66 -61.59 -22.93
C SER E 122 -46.70 -62.93 -23.62
N ASP E 123 -47.68 -63.10 -24.50
CA ASP E 123 -47.81 -64.33 -25.26
C ASP E 123 -46.68 -64.42 -26.27
N GLU E 124 -46.29 -63.27 -26.78
CA GLU E 124 -45.22 -63.21 -27.77
C GLU E 124 -43.91 -63.75 -27.20
N GLN E 125 -43.67 -63.52 -25.91
CA GLN E 125 -42.43 -64.04 -25.30
C GLN E 125 -42.59 -65.51 -24.92
N LEU E 126 -43.77 -65.90 -24.45
CA LEU E 126 -44.01 -67.28 -24.05
C LEU E 126 -43.89 -68.21 -25.26
N LYS E 127 -44.28 -67.71 -26.43
CA LYS E 127 -44.17 -68.47 -27.69
C LYS E 127 -42.72 -68.81 -28.04
N SER E 128 -41.76 -68.10 -27.45
CA SER E 128 -40.34 -68.32 -27.71
C SER E 128 -39.72 -69.19 -26.61
N GLY E 129 -40.55 -69.62 -25.66
CA GLY E 129 -40.09 -70.46 -24.55
C GLY E 129 -39.53 -69.68 -23.35
N THR E 130 -39.86 -68.39 -23.21
CA THR E 130 -39.36 -67.61 -22.08
C THR E 130 -40.51 -66.91 -21.36
N ALA E 131 -40.41 -66.81 -20.04
CA ALA E 131 -41.44 -66.16 -19.24
C ALA E 131 -40.87 -65.15 -18.25
N SER E 132 -40.67 -63.91 -18.70
CA SER E 132 -40.15 -62.86 -17.84
C SER E 132 -41.27 -62.09 -17.19
N VAL E 133 -41.28 -62.09 -15.86
CA VAL E 133 -42.31 -61.40 -15.09
C VAL E 133 -41.71 -60.07 -14.64
N VAL E 134 -42.40 -58.97 -14.93
CA VAL E 134 -41.81 -57.67 -14.61
C VAL E 134 -42.60 -56.92 -13.53
N CYS E 135 -41.89 -56.44 -12.49
CA CYS E 135 -42.45 -55.66 -11.38
C CYS E 135 -41.81 -54.28 -11.35
N LEU E 136 -42.64 -53.25 -11.45
CA LEU E 136 -42.09 -51.90 -11.51
C LEU E 136 -42.51 -51.06 -10.32
N LEU E 137 -41.51 -50.50 -9.66
CA LEU E 137 -41.67 -49.64 -8.49
C LEU E 137 -41.38 -48.21 -8.91
N ASN E 138 -42.41 -47.37 -9.05
CA ASN E 138 -42.16 -46.03 -9.56
C ASN E 138 -42.28 -44.93 -8.51
N ASN E 139 -41.54 -43.85 -8.73
CA ASN E 139 -41.65 -42.60 -7.96
C ASN E 139 -41.44 -42.73 -6.45
N PHE E 140 -40.38 -43.39 -6.01
CA PHE E 140 -40.14 -43.55 -4.57
C PHE E 140 -38.82 -42.94 -4.07
N TYR E 141 -38.76 -42.67 -2.78
CA TYR E 141 -37.53 -42.18 -2.15
C TYR E 141 -37.55 -42.50 -0.65
N PRO E 142 -36.44 -42.99 -0.06
CA PRO E 142 -35.07 -43.22 -0.51
C PRO E 142 -34.92 -44.24 -1.63
N ARG E 143 -33.75 -44.19 -2.27
CA ARG E 143 -33.38 -45.07 -3.39
C ARG E 143 -33.46 -46.55 -3.09
N GLU E 144 -33.11 -46.95 -1.87
CA GLU E 144 -33.10 -48.36 -1.54
C GLU E 144 -34.49 -48.93 -1.40
N ALA E 145 -34.72 -50.08 -2.03
CA ALA E 145 -35.98 -50.80 -1.93
C ALA E 145 -35.69 -52.28 -2.06
N LYS E 146 -36.53 -53.11 -1.47
CA LYS E 146 -36.32 -54.55 -1.59
C LYS E 146 -37.47 -55.21 -2.31
N VAL E 147 -37.14 -56.06 -3.29
CA VAL E 147 -38.16 -56.78 -4.02
C VAL E 147 -37.99 -58.29 -3.84
N GLN E 148 -39.04 -58.92 -3.33
CA GLN E 148 -39.05 -60.35 -3.10
C GLN E 148 -39.95 -61.06 -4.10
N TRP E 149 -39.35 -61.79 -5.02
CA TRP E 149 -40.11 -62.51 -6.01
C TRP E 149 -40.62 -63.81 -5.48
N LYS E 150 -41.88 -64.10 -5.75
CA LYS E 150 -42.43 -65.36 -5.27
C LYS E 150 -43.19 -66.11 -6.36
N VAL E 151 -43.07 -67.42 -6.33
CA VAL E 151 -43.81 -68.31 -7.21
C VAL E 151 -44.52 -69.35 -6.34
N ASP E 152 -45.85 -69.37 -6.40
CA ASP E 152 -46.67 -70.21 -5.51
C ASP E 152 -46.27 -69.94 -4.05
N ASN E 153 -46.02 -68.67 -3.76
CA ASN E 153 -45.63 -68.17 -2.44
C ASN E 153 -44.23 -68.62 -1.97
N ALA E 154 -43.46 -69.26 -2.85
CA ALA E 154 -42.10 -69.64 -2.52
C ALA E 154 -41.13 -68.56 -2.97
N LEU E 155 -40.21 -68.17 -2.09
CA LEU E 155 -39.26 -67.12 -2.43
C LEU E 155 -38.24 -67.57 -3.47
N GLN E 156 -38.06 -66.75 -4.49
CA GLN E 156 -37.10 -67.01 -5.56
C GLN E 156 -35.75 -66.37 -5.26
N SER E 157 -34.69 -66.96 -5.79
CA SER E 157 -33.36 -66.38 -5.65
C SER E 157 -32.43 -66.82 -6.79
N GLY E 158 -31.62 -65.89 -7.28
CA GLY E 158 -30.60 -66.17 -8.29
C GLY E 158 -31.14 -66.18 -9.72
N ASN E 159 -32.43 -65.88 -9.88
CA ASN E 159 -33.06 -65.90 -11.19
C ASN E 159 -33.76 -64.58 -11.51
N SER E 160 -33.26 -63.49 -10.94
CA SER E 160 -33.85 -62.18 -11.19
C SER E 160 -32.78 -61.10 -11.22
N GLN E 161 -33.11 -60.00 -11.88
CA GLN E 161 -32.23 -58.85 -12.02
C GLN E 161 -32.96 -57.55 -11.70
N GLU E 162 -32.22 -56.54 -11.24
CA GLU E 162 -32.83 -55.24 -10.97
C GLU E 162 -32.05 -54.10 -11.62
N SER E 163 -32.79 -53.05 -11.98
CA SER E 163 -32.21 -51.84 -12.56
C SER E 163 -32.84 -50.59 -11.96
N VAL E 164 -31.99 -49.69 -11.49
CA VAL E 164 -32.48 -48.48 -10.83
C VAL E 164 -32.07 -47.21 -11.57
N THR E 165 -33.03 -46.32 -11.76
CA THR E 165 -32.84 -45.07 -12.48
C THR E 165 -32.09 -44.06 -11.63
N GLU E 166 -31.67 -42.96 -12.25
CA GLU E 166 -31.01 -41.88 -11.53
C GLU E 166 -32.06 -41.04 -10.81
N GLN E 167 -31.68 -40.35 -9.74
CA GLN E 167 -32.65 -39.53 -9.03
C GLN E 167 -33.27 -38.52 -9.98
N ASP E 168 -34.58 -38.42 -9.94
CA ASP E 168 -35.32 -37.51 -10.79
C ASP E 168 -34.93 -36.07 -10.50
N SER E 169 -34.82 -35.27 -11.55
CA SER E 169 -34.41 -33.87 -11.45
C SER E 169 -35.49 -32.94 -10.88
N LYS E 170 -36.73 -33.40 -10.85
CA LYS E 170 -37.83 -32.56 -10.37
C LYS E 170 -38.48 -33.10 -9.09
N ASP E 171 -38.84 -34.39 -9.11
CA ASP E 171 -39.56 -34.95 -7.96
C ASP E 171 -38.62 -35.58 -6.94
N SER E 172 -37.33 -35.57 -7.25
CA SER E 172 -36.29 -36.15 -6.40
C SER E 172 -36.58 -37.60 -5.99
N THR E 173 -37.07 -38.41 -6.94
CA THR E 173 -37.38 -39.81 -6.69
C THR E 173 -36.67 -40.79 -7.61
N TYR E 174 -36.80 -42.06 -7.26
CA TYR E 174 -36.22 -43.18 -7.98
C TYR E 174 -37.27 -44.16 -8.48
N SER E 175 -36.94 -44.86 -9.56
CA SER E 175 -37.77 -45.96 -10.01
C SER E 175 -36.92 -47.22 -10.12
N LEU E 176 -37.51 -48.37 -9.81
CA LEU E 176 -36.81 -49.64 -9.85
C LEU E 176 -37.53 -50.67 -10.71
N SER E 177 -36.81 -51.25 -11.64
CA SER E 177 -37.34 -52.31 -12.48
C SER E 177 -36.77 -53.63 -12.06
N SER E 178 -37.65 -54.54 -11.66
CA SER E 178 -37.23 -55.85 -11.21
C SER E 178 -37.83 -56.92 -12.12
N THR E 179 -36.99 -57.79 -12.66
CA THR E 179 -37.49 -58.81 -13.56
C THR E 179 -37.10 -60.22 -13.10
N LEU E 180 -38.10 -61.09 -13.04
CA LEU E 180 -37.91 -62.50 -12.73
C LEU E 180 -37.95 -63.29 -14.02
N THR E 181 -36.87 -63.96 -14.37
CA THR E 181 -36.90 -64.66 -15.65
C THR E 181 -36.83 -66.15 -15.48
N LEU E 182 -37.91 -66.80 -15.87
CA LEU E 182 -38.04 -68.23 -15.83
C LEU E 182 -38.14 -68.71 -17.26
N SER E 183 -37.73 -69.94 -17.53
CA SER E 183 -38.01 -70.51 -18.85
C SER E 183 -39.50 -70.83 -18.86
N LYS E 184 -40.10 -70.94 -20.04
CA LYS E 184 -41.52 -71.31 -20.07
C LYS E 184 -41.73 -72.64 -19.35
N ALA E 185 -40.79 -73.54 -19.51
CA ALA E 185 -40.89 -74.86 -18.88
C ALA E 185 -41.05 -74.74 -17.37
N ASP E 186 -40.44 -73.73 -16.76
CA ASP E 186 -40.50 -73.54 -15.32
C ASP E 186 -41.56 -72.52 -14.93
N TYR E 187 -42.36 -72.10 -15.90
CA TYR E 187 -43.44 -71.14 -15.72
C TYR E 187 -44.76 -71.91 -15.68
N GLU E 188 -44.85 -72.92 -16.54
CA GLU E 188 -46.05 -73.75 -16.69
C GLU E 188 -46.21 -74.74 -15.54
N LYS E 189 -45.24 -74.76 -14.63
CA LYS E 189 -45.26 -75.63 -13.46
C LYS E 189 -45.92 -74.95 -12.26
N HIS E 190 -46.22 -73.66 -12.38
CA HIS E 190 -46.73 -72.90 -11.24
C HIS E 190 -47.94 -72.05 -11.61
N LYS E 191 -48.74 -71.66 -10.62
CA LYS E 191 -49.95 -70.90 -10.91
C LYS E 191 -49.90 -69.45 -10.44
N VAL E 192 -49.32 -69.20 -9.28
CA VAL E 192 -49.37 -67.86 -8.71
C VAL E 192 -48.03 -67.13 -8.76
N TYR E 193 -48.03 -65.95 -9.36
CA TYR E 193 -46.83 -65.15 -9.42
C TYR E 193 -47.02 -63.87 -8.65
N ALA E 194 -46.01 -63.47 -7.89
CA ALA E 194 -46.15 -62.29 -7.06
C ALA E 194 -44.85 -61.50 -6.88
N CYS E 195 -45.00 -60.20 -6.59
CA CYS E 195 -43.94 -59.26 -6.28
C CYS E 195 -44.21 -58.55 -4.95
N GLU E 196 -43.43 -58.89 -3.93
CA GLU E 196 -43.58 -58.26 -2.62
C GLU E 196 -42.56 -57.16 -2.45
N VAL E 197 -43.02 -55.95 -2.15
CA VAL E 197 -42.14 -54.79 -2.05
C VAL E 197 -42.07 -54.19 -0.66
N THR E 198 -40.84 -54.00 -0.18
CA THR E 198 -40.58 -53.37 1.11
C THR E 198 -39.87 -52.03 0.88
N HIS E 199 -40.37 -50.99 1.54
CA HIS E 199 -39.82 -49.65 1.40
C HIS E 199 -40.13 -48.79 2.64
N GLN E 200 -39.31 -47.79 2.88
CA GLN E 200 -39.44 -46.90 4.03
C GLN E 200 -40.76 -46.14 4.08
N GLY E 201 -41.38 -45.92 2.92
CA GLY E 201 -42.64 -45.19 2.84
C GLY E 201 -43.85 -46.09 3.02
N LEU E 202 -43.62 -47.38 3.23
CA LEU E 202 -44.70 -48.33 3.38
C LEU E 202 -44.84 -48.78 4.83
N SER E 203 -46.05 -48.74 5.37
CA SER E 203 -46.31 -49.17 6.74
C SER E 203 -46.20 -50.67 6.87
N SER E 204 -46.30 -51.36 5.74
CA SER E 204 -46.16 -52.80 5.65
C SER E 204 -45.80 -53.12 4.19
N PRO E 205 -45.12 -54.23 3.91
CA PRO E 205 -44.81 -54.72 2.58
C PRO E 205 -46.08 -54.87 1.76
N VAL E 206 -45.99 -54.54 0.48
CA VAL E 206 -47.16 -54.62 -0.40
C VAL E 206 -46.93 -55.67 -1.47
N THR E 207 -47.93 -56.50 -1.72
CA THR E 207 -47.75 -57.55 -2.72
C THR E 207 -48.75 -57.46 -3.85
N LYS E 208 -48.21 -57.50 -5.07
CA LYS E 208 -49.03 -57.55 -6.27
C LYS E 208 -48.88 -58.94 -6.86
N SER E 209 -49.95 -59.46 -7.44
CA SER E 209 -49.88 -60.82 -7.97
C SER E 209 -50.84 -61.06 -9.11
N PHE E 210 -50.61 -62.17 -9.81
CA PHE E 210 -51.49 -62.62 -10.89
C PHE E 210 -51.46 -64.12 -11.03
N ASN E 211 -52.49 -64.67 -11.67
CA ASN E 211 -52.53 -66.08 -11.97
C ASN E 211 -52.08 -66.33 -13.39
N ARG E 212 -51.42 -67.45 -13.61
CA ARG E 212 -51.01 -67.83 -14.96
C ARG E 212 -52.25 -68.18 -15.80
N GLY E 213 -52.29 -67.68 -17.05
CA GLY E 213 -53.39 -67.92 -17.99
C GLY E 213 -54.62 -67.08 -17.64
N VAL F 1 -5.67 -27.83 -19.60
CA VAL F 1 -5.40 -29.26 -19.52
C VAL F 1 -6.61 -30.03 -20.07
N GLN F 2 -6.33 -30.99 -20.98
CA GLN F 2 -7.32 -31.89 -21.56
C GLN F 2 -6.76 -33.30 -21.75
N LEU F 3 -7.61 -34.28 -21.51
CA LEU F 3 -7.30 -35.70 -21.69
C LEU F 3 -8.42 -36.37 -22.46
N VAL F 4 -8.11 -36.96 -23.61
CA VAL F 4 -9.16 -37.62 -24.40
C VAL F 4 -8.86 -39.06 -24.76
N GLU F 5 -9.66 -39.98 -24.23
CA GLU F 5 -9.50 -41.41 -24.49
C GLU F 5 -10.11 -41.85 -25.82
N SER F 6 -9.53 -42.89 -26.39
CA SER F 6 -10.08 -43.56 -27.57
C SER F 6 -9.69 -45.04 -27.58
N GLY F 7 -10.14 -45.74 -28.62
CA GLY F 7 -9.82 -47.16 -28.80
C GLY F 7 -10.81 -48.12 -28.16
N GLY F 8 -11.84 -47.60 -27.50
CA GLY F 8 -12.82 -48.46 -26.86
C GLY F 8 -13.68 -49.12 -27.92
N GLY F 9 -14.27 -50.26 -27.59
CA GLY F 9 -15.11 -50.97 -28.52
C GLY F 9 -15.42 -52.38 -28.03
N LEU F 10 -15.90 -53.22 -28.94
CA LEU F 10 -16.27 -54.59 -28.62
C LEU F 10 -15.19 -55.60 -28.99
N VAL F 11 -14.84 -56.45 -28.01
CA VAL F 11 -13.88 -57.52 -28.21
C VAL F 11 -14.42 -58.83 -27.63
N GLN F 12 -13.99 -59.95 -28.21
CA GLN F 12 -14.35 -61.26 -27.68
C GLN F 12 -13.42 -61.61 -26.51
N PRO F 13 -13.83 -62.48 -25.58
CA PRO F 13 -13.00 -63.06 -24.54
C PRO F 13 -11.83 -63.76 -25.21
N GLY F 14 -10.64 -63.56 -24.66
CA GLY F 14 -9.44 -64.17 -25.24
C GLY F 14 -8.80 -63.24 -26.27
N GLY F 15 -9.47 -62.13 -26.58
CA GLY F 15 -8.97 -61.16 -27.56
C GLY F 15 -8.18 -60.06 -26.86
N SER F 16 -8.01 -58.94 -27.56
CA SER F 16 -7.25 -57.81 -27.04
C SER F 16 -7.81 -56.47 -27.50
N LEU F 17 -7.50 -55.42 -26.75
CA LEU F 17 -7.87 -54.05 -27.08
C LEU F 17 -6.74 -53.07 -26.83
N ARG F 18 -6.56 -52.14 -27.75
CA ARG F 18 -5.52 -51.12 -27.64
C ARG F 18 -6.12 -49.74 -27.43
N LEU F 19 -5.87 -49.17 -26.25
CA LEU F 19 -6.42 -47.87 -25.94
C LEU F 19 -5.38 -46.79 -26.08
N SER F 20 -5.86 -45.58 -26.29
CA SER F 20 -4.98 -44.43 -26.39
C SER F 20 -5.62 -43.23 -25.71
N CYS F 21 -4.81 -42.24 -25.34
CA CYS F 21 -5.26 -40.98 -24.76
C CYS F 21 -4.42 -39.81 -25.25
N ALA F 22 -5.10 -38.80 -25.77
CA ALA F 22 -4.45 -37.59 -26.25
C ALA F 22 -4.16 -36.68 -25.08
N ALA F 23 -2.94 -36.17 -25.02
CA ALA F 23 -2.53 -35.28 -23.95
C ALA F 23 -2.34 -33.86 -24.47
N SER F 24 -3.05 -32.90 -23.86
CA SER F 24 -2.90 -31.51 -24.28
C SER F 24 -3.01 -30.54 -23.10
N GLY F 25 -2.29 -29.42 -23.20
CA GLY F 25 -2.35 -28.38 -22.19
C GLY F 25 -1.32 -28.56 -21.07
N PHE F 26 -0.44 -29.54 -21.21
CA PHE F 26 0.58 -29.79 -20.21
C PHE F 26 1.80 -30.48 -20.81
N THR F 27 2.92 -30.40 -20.08
CA THR F 27 4.13 -31.06 -20.55
C THR F 27 4.06 -32.55 -20.26
N PHE F 28 3.44 -33.28 -21.17
CA PHE F 28 3.19 -34.71 -21.03
C PHE F 28 4.42 -35.48 -20.56
N SER F 29 5.57 -35.17 -21.11
CA SER F 29 6.81 -35.89 -20.79
C SER F 29 7.25 -35.75 -19.33
N SER F 30 6.71 -34.75 -18.63
CA SER F 30 7.08 -34.49 -17.23
C SER F 30 6.14 -35.13 -16.21
N TYR F 31 5.08 -35.80 -16.67
CA TYR F 31 4.11 -36.34 -15.72
C TYR F 31 3.98 -37.85 -15.76
N ASP F 32 3.61 -38.40 -14.60
CA ASP F 32 3.30 -39.82 -14.46
C ASP F 32 1.89 -40.05 -14.96
N MET F 33 1.75 -40.96 -15.92
CA MET F 33 0.46 -41.20 -16.53
C MET F 33 -0.15 -42.49 -16.06
N HIS F 34 -1.46 -42.47 -15.83
CA HIS F 34 -2.16 -43.62 -15.29
C HIS F 34 -3.40 -44.01 -16.05
N TRP F 35 -3.77 -45.27 -15.94
CA TRP F 35 -5.06 -45.72 -16.40
C TRP F 35 -5.84 -46.29 -15.22
N VAL F 36 -7.12 -45.97 -15.19
CA VAL F 36 -8.04 -46.47 -14.18
C VAL F 36 -9.26 -47.00 -14.91
N ARG F 37 -10.08 -47.81 -14.26
CA ARG F 37 -11.30 -48.27 -14.90
C ARG F 37 -12.46 -48.28 -13.93
N GLN F 38 -13.66 -47.99 -14.43
CA GLN F 38 -14.83 -48.01 -13.55
C GLN F 38 -15.80 -49.11 -13.96
N THR F 39 -15.99 -50.05 -13.05
CA THR F 39 -16.77 -51.24 -13.33
C THR F 39 -18.08 -51.23 -12.56
N THR F 40 -19.19 -51.45 -13.27
CA THR F 40 -20.47 -51.44 -12.61
C THR F 40 -20.52 -52.55 -11.57
N GLY F 41 -20.87 -52.19 -10.33
CA GLY F 41 -20.97 -53.15 -9.24
C GLY F 41 -19.69 -53.23 -8.39
N LYS F 42 -18.60 -52.67 -8.87
CA LYS F 42 -17.34 -52.70 -8.13
C LYS F 42 -16.83 -51.32 -7.75
N GLY F 43 -17.04 -50.35 -8.64
CA GLY F 43 -16.53 -49.00 -8.42
C GLY F 43 -15.27 -48.75 -9.24
N LEU F 44 -14.50 -47.75 -8.81
CA LEU F 44 -13.33 -47.31 -9.56
C LEU F 44 -12.07 -48.03 -9.09
N GLU F 45 -11.37 -48.65 -10.04
CA GLU F 45 -10.15 -49.40 -9.79
C GLU F 45 -8.96 -48.79 -10.54
N TRP F 46 -7.78 -48.90 -9.95
CA TRP F 46 -6.55 -48.50 -10.64
C TRP F 46 -6.08 -49.66 -11.53
N VAL F 47 -5.64 -49.36 -12.74
CA VAL F 47 -5.21 -50.42 -13.66
C VAL F 47 -3.70 -50.45 -13.87
N SER F 48 -3.10 -49.31 -14.19
CA SER F 48 -1.67 -49.28 -14.49
C SER F 48 -1.07 -47.89 -14.44
N THR F 49 0.26 -47.84 -14.38
CA THR F 49 0.95 -46.56 -14.49
C THR F 49 2.27 -46.67 -15.23
N ILE F 50 2.65 -45.57 -15.85
CA ILE F 50 3.96 -45.44 -16.44
C ILE F 50 4.58 -44.13 -15.97
N GLY F 51 5.80 -44.21 -15.46
CA GLY F 51 6.47 -43.03 -14.94
C GLY F 51 7.28 -42.33 -16.01
N THR F 52 7.87 -41.20 -15.65
CA THR F 52 8.68 -40.42 -16.58
C THR F 52 10.03 -41.09 -16.82
N ALA F 53 10.38 -42.01 -15.94
CA ALA F 53 11.64 -42.75 -16.07
C ALA F 53 11.46 -43.98 -16.95
N GLY F 54 10.22 -44.23 -17.38
CA GLY F 54 9.91 -45.39 -18.20
C GLY F 54 9.54 -46.61 -17.35
N ASP F 55 9.45 -46.42 -16.04
CA ASP F 55 9.08 -47.49 -15.13
C ASP F 55 7.59 -47.78 -15.24
N THR F 56 7.18 -49.03 -15.01
CA THR F 56 5.76 -49.34 -15.03
C THR F 56 5.32 -50.19 -13.85
N TYR F 57 4.07 -50.01 -13.44
CA TYR F 57 3.50 -50.83 -12.38
C TYR F 57 2.08 -51.28 -12.70
N TYR F 58 1.74 -52.48 -12.23
CA TYR F 58 0.43 -53.09 -12.41
C TYR F 58 -0.01 -53.75 -11.10
N PRO F 59 -1.31 -53.96 -10.88
CA PRO F 59 -1.88 -54.81 -9.84
C PRO F 59 -1.67 -56.26 -10.23
N ASP F 60 -1.72 -57.17 -9.25
CA ASP F 60 -1.47 -58.59 -9.51
C ASP F 60 -2.37 -59.22 -10.56
N SER F 61 -3.62 -58.77 -10.67
CA SER F 61 -4.58 -59.32 -11.63
C SER F 61 -4.31 -58.89 -13.07
N VAL F 62 -3.42 -57.92 -13.23
CA VAL F 62 -3.06 -57.34 -14.52
C VAL F 62 -1.64 -57.73 -14.95
N LYS F 63 -0.73 -57.88 -13.98
CA LYS F 63 0.64 -58.21 -14.30
C LYS F 63 0.69 -59.39 -15.26
N GLY F 64 1.44 -59.24 -16.35
CA GLY F 64 1.59 -60.31 -17.33
C GLY F 64 0.57 -60.24 -18.47
N ARG F 65 -0.45 -59.39 -18.34
CA ARG F 65 -1.47 -59.31 -19.39
C ARG F 65 -1.47 -57.95 -20.08
N PHE F 66 -1.31 -56.87 -19.31
CA PHE F 66 -1.38 -55.55 -19.93
C PHE F 66 0.00 -54.89 -20.00
N THR F 67 0.25 -54.17 -21.09
CA THR F 67 1.47 -53.39 -21.27
C THR F 67 1.17 -51.90 -21.46
N ILE F 68 1.81 -51.06 -20.66
CA ILE F 68 1.59 -49.63 -20.76
C ILE F 68 2.81 -48.96 -21.40
N SER F 69 2.55 -48.00 -22.27
CA SER F 69 3.61 -47.29 -22.95
C SER F 69 3.23 -45.84 -23.18
N ARG F 70 4.21 -45.01 -23.48
CA ARG F 70 3.95 -43.61 -23.75
C ARG F 70 4.86 -43.10 -24.84
N GLU F 71 4.32 -42.26 -25.71
CA GLU F 71 5.13 -41.60 -26.71
C GLU F 71 5.20 -40.12 -26.42
N ASP F 72 6.30 -39.70 -25.82
CA ASP F 72 6.42 -38.32 -25.41
C ASP F 72 6.46 -37.39 -26.61
N ALA F 73 7.01 -37.86 -27.72
CA ALA F 73 7.15 -37.05 -28.92
C ALA F 73 5.81 -36.64 -29.51
N LYS F 74 4.76 -37.40 -29.20
CA LYS F 74 3.44 -37.15 -29.76
C LYS F 74 2.45 -36.76 -28.69
N ASN F 75 2.90 -36.59 -27.46
CA ASN F 75 2.00 -36.31 -26.35
C ASN F 75 0.85 -37.31 -26.33
N SER F 76 1.18 -38.61 -26.41
CA SER F 76 0.13 -39.62 -26.49
C SER F 76 0.43 -40.85 -25.62
N LEU F 77 -0.56 -41.21 -24.81
CA LEU F 77 -0.49 -42.34 -23.88
C LEU F 77 -1.19 -43.58 -24.44
N TYR F 78 -0.58 -44.76 -24.28
CA TYR F 78 -1.19 -45.98 -24.77
C TYR F 78 -1.27 -47.10 -23.74
N LEU F 79 -2.29 -47.95 -23.87
CA LEU F 79 -2.37 -49.14 -23.04
C LEU F 79 -2.81 -50.35 -23.89
N GLN F 80 -1.93 -51.34 -23.97
CA GLN F 80 -2.20 -52.53 -24.77
C GLN F 80 -2.64 -53.66 -23.85
N MET F 81 -3.91 -54.01 -23.92
CA MET F 81 -4.44 -55.00 -23.01
C MET F 81 -4.72 -56.31 -23.70
N ASN F 82 -3.89 -57.32 -23.42
CA ASN F 82 -4.05 -58.61 -24.06
C ASN F 82 -4.69 -59.59 -23.10
N SER F 83 -4.95 -60.80 -23.57
CA SER F 83 -5.51 -61.83 -22.70
C SER F 83 -6.70 -61.31 -21.91
N LEU F 84 -7.63 -60.66 -22.60
CA LEU F 84 -8.80 -60.08 -21.95
C LEU F 84 -9.82 -61.12 -21.54
N ARG F 85 -10.53 -60.81 -20.47
CA ARG F 85 -11.56 -61.68 -19.91
C ARG F 85 -12.86 -60.89 -19.74
N ALA F 86 -13.97 -61.59 -19.58
CA ALA F 86 -15.26 -60.91 -19.44
C ALA F 86 -15.24 -59.92 -18.27
N GLY F 87 -14.46 -60.23 -17.24
CA GLY F 87 -14.36 -59.40 -16.05
C GLY F 87 -13.62 -58.09 -16.28
N ASP F 88 -13.06 -57.91 -17.47
CA ASP F 88 -12.35 -56.68 -17.80
C ASP F 88 -13.29 -55.63 -18.41
N THR F 89 -14.58 -55.95 -18.52
CA THR F 89 -15.53 -54.97 -19.04
C THR F 89 -15.61 -53.81 -18.05
N ALA F 90 -15.35 -52.61 -18.56
CA ALA F 90 -15.33 -51.41 -17.71
C ALA F 90 -15.17 -50.17 -18.58
N VAL F 91 -15.41 -49.00 -18.00
CA VAL F 91 -15.03 -47.77 -18.68
C VAL F 91 -13.61 -47.43 -18.29
N TYR F 92 -12.73 -47.32 -19.26
CA TYR F 92 -11.33 -47.04 -18.98
C TYR F 92 -11.02 -45.58 -19.19
N TYR F 93 -10.27 -45.04 -18.26
CA TYR F 93 -9.91 -43.63 -18.26
C TYR F 93 -8.39 -43.47 -18.20
N CYS F 94 -7.90 -42.38 -18.79
CA CYS F 94 -6.52 -41.93 -18.65
C CYS F 94 -6.52 -40.83 -17.59
N ALA F 95 -5.43 -40.73 -16.85
CA ALA F 95 -5.35 -39.73 -15.81
C ALA F 95 -3.93 -39.24 -15.57
N ARG F 96 -3.84 -38.03 -15.02
CA ARG F 96 -2.56 -37.46 -14.63
C ARG F 96 -2.41 -37.45 -13.13
N GLY F 97 -1.28 -37.96 -12.68
CA GLY F 97 -0.95 -37.91 -11.27
C GLY F 97 -0.11 -36.68 -10.97
N ASP F 98 -0.11 -36.25 -9.72
CA ASP F 98 0.73 -35.17 -9.26
C ASP F 98 1.01 -35.36 -7.77
N SER F 99 1.79 -34.48 -7.17
CA SER F 99 2.09 -34.63 -5.75
C SER F 99 2.44 -33.34 -5.03
N SER F 100 2.39 -33.41 -3.72
CA SER F 100 2.82 -32.33 -2.85
C SER F 100 3.66 -32.90 -1.72
N GLY F 101 4.95 -32.61 -1.73
CA GLY F 101 5.83 -33.24 -0.76
C GLY F 101 5.84 -34.75 -1.01
N TYR F 102 5.46 -35.50 0.02
CA TYR F 102 5.44 -36.96 -0.04
C TYR F 102 4.04 -37.53 -0.31
N TYR F 103 3.07 -36.67 -0.61
CA TYR F 103 1.71 -37.12 -0.84
C TYR F 103 1.32 -37.14 -2.30
N TYR F 104 0.84 -38.29 -2.76
CA TYR F 104 0.43 -38.46 -4.14
C TYR F 104 -1.08 -38.46 -4.31
N TYR F 105 -1.53 -37.81 -5.38
CA TYR F 105 -2.94 -37.78 -5.74
C TYR F 105 -3.16 -37.75 -7.24
N PHE F 106 -4.34 -38.16 -7.67
CA PHE F 106 -4.75 -38.03 -9.06
C PHE F 106 -5.46 -36.70 -9.21
N ASP F 107 -5.10 -35.93 -10.24
CA ASP F 107 -5.70 -34.60 -10.44
C ASP F 107 -6.57 -34.48 -11.70
N TYR F 108 -6.17 -35.14 -12.80
CA TYR F 108 -6.95 -35.00 -14.04
C TYR F 108 -7.36 -36.33 -14.64
N TRP F 109 -8.56 -36.35 -15.23
CA TRP F 109 -9.09 -37.53 -15.91
C TRP F 109 -9.74 -37.13 -17.23
N GLY F 110 -9.74 -38.03 -18.18
CA GLY F 110 -10.51 -37.82 -19.41
C GLY F 110 -11.95 -38.26 -19.17
N GLN F 111 -12.78 -38.26 -20.21
CA GLN F 111 -14.19 -38.66 -20.03
C GLN F 111 -14.34 -40.18 -19.97
N GLY F 112 -13.33 -40.89 -20.46
CA GLY F 112 -13.32 -42.35 -20.43
C GLY F 112 -13.92 -42.97 -21.69
N THR F 113 -13.58 -44.23 -21.94
CA THR F 113 -14.13 -44.96 -23.07
C THR F 113 -14.59 -46.34 -22.61
N LEU F 114 -15.73 -46.81 -23.14
CA LEU F 114 -16.28 -48.09 -22.69
C LEU F 114 -15.80 -49.28 -23.48
N LEU F 115 -15.23 -50.24 -22.76
CA LEU F 115 -14.73 -51.48 -23.34
C LEU F 115 -15.63 -52.64 -22.95
N THR F 116 -16.18 -53.32 -23.95
CA THR F 116 -17.08 -54.44 -23.70
C THR F 116 -16.47 -55.75 -24.14
N VAL F 117 -16.42 -56.72 -23.23
CA VAL F 117 -15.88 -58.02 -23.56
C VAL F 117 -16.99 -59.08 -23.55
N SER F 118 -17.26 -59.66 -24.71
CA SER F 118 -18.32 -60.66 -24.86
C SER F 118 -18.17 -61.44 -26.17
N SER F 119 -18.46 -62.72 -26.12
CA SER F 119 -18.36 -63.58 -27.28
C SER F 119 -19.51 -63.36 -28.26
N ALA F 120 -20.54 -62.67 -27.80
CA ALA F 120 -21.70 -62.42 -28.64
C ALA F 120 -21.39 -61.47 -29.78
N SER F 121 -21.87 -61.81 -30.95
CA SER F 121 -21.81 -60.92 -32.10
C SER F 121 -22.98 -59.96 -31.98
N THR F 122 -23.05 -58.96 -32.84
CA THR F 122 -24.16 -58.03 -32.76
C THR F 122 -25.50 -58.73 -32.98
N LYS F 123 -26.46 -58.47 -32.09
CA LYS F 123 -27.79 -59.04 -32.15
C LYS F 123 -28.86 -57.97 -32.02
N GLY F 124 -29.89 -58.03 -32.85
CA GLY F 124 -30.98 -57.08 -32.71
C GLY F 124 -31.84 -57.54 -31.55
N PRO F 125 -32.62 -56.64 -30.93
CA PRO F 125 -33.51 -56.88 -29.81
C PRO F 125 -34.76 -57.66 -30.15
N SER F 126 -35.22 -58.43 -29.17
CA SER F 126 -36.53 -59.05 -29.21
C SER F 126 -37.41 -58.18 -28.34
N VAL F 127 -38.43 -57.58 -28.93
CA VAL F 127 -39.25 -56.66 -28.17
C VAL F 127 -40.61 -57.27 -27.89
N PHE F 128 -40.98 -57.23 -26.63
CA PHE F 128 -42.26 -57.74 -26.18
C PHE F 128 -42.99 -56.63 -25.43
N PRO F 129 -44.32 -56.58 -25.47
CA PRO F 129 -45.14 -55.67 -24.71
C PRO F 129 -45.26 -56.13 -23.27
N LEU F 130 -45.48 -55.20 -22.36
CA LEU F 130 -45.90 -55.50 -21.00
C LEU F 130 -47.29 -54.93 -20.88
N ALA F 131 -48.27 -55.72 -21.32
CA ALA F 131 -49.63 -55.23 -21.46
C ALA F 131 -50.20 -54.85 -20.11
N PRO F 132 -51.04 -53.81 -20.04
CA PRO F 132 -51.78 -53.39 -18.88
C PRO F 132 -52.90 -54.38 -18.58
N SER F 133 -53.28 -54.45 -17.33
CA SER F 133 -54.35 -55.31 -16.86
C SER F 133 -54.86 -54.78 -15.54
N SER F 134 -55.80 -55.50 -14.93
CA SER F 134 -56.34 -55.09 -13.64
C SER F 134 -55.28 -55.14 -12.53
N LYS F 135 -54.16 -55.81 -12.80
CA LYS F 135 -53.07 -55.94 -11.84
C LYS F 135 -52.00 -54.87 -12.02
N SER F 136 -52.19 -53.98 -13.00
CA SER F 136 -51.28 -52.87 -13.26
C SER F 136 -52.02 -51.56 -13.04
N THR F 137 -53.17 -51.65 -12.35
CA THR F 137 -53.99 -50.48 -12.05
C THR F 137 -54.29 -50.40 -10.55
N SER F 138 -54.13 -49.20 -9.98
CA SER F 138 -54.44 -48.96 -8.58
C SER F 138 -54.82 -47.51 -8.29
N GLY F 139 -56.02 -47.30 -7.74
CA GLY F 139 -56.44 -45.95 -7.34
C GLY F 139 -56.72 -45.02 -8.51
N GLY F 140 -57.03 -45.58 -9.67
CA GLY F 140 -57.28 -44.77 -10.86
C GLY F 140 -56.00 -44.58 -11.69
N THR F 141 -54.86 -44.96 -11.14
CA THR F 141 -53.58 -44.82 -11.84
C THR F 141 -53.19 -46.16 -12.43
N ALA F 142 -52.71 -46.15 -13.65
CA ALA F 142 -52.33 -47.41 -14.28
C ALA F 142 -51.05 -47.28 -15.05
N ALA F 143 -50.39 -48.39 -15.28
CA ALA F 143 -49.18 -48.35 -16.09
C ALA F 143 -49.20 -49.44 -17.15
N LEU F 144 -48.57 -49.11 -18.28
CA LEU F 144 -48.35 -50.05 -19.38
C LEU F 144 -46.92 -49.89 -19.81
N GLY F 145 -46.29 -50.95 -20.31
CA GLY F 145 -44.90 -50.81 -20.71
C GLY F 145 -44.46 -51.82 -21.76
N CYS F 146 -43.14 -52.00 -21.87
CA CYS F 146 -42.49 -52.90 -22.81
C CYS F 146 -41.19 -53.47 -22.22
N LEU F 147 -40.76 -54.58 -22.78
CA LEU F 147 -39.54 -55.27 -22.39
C LEU F 147 -38.68 -55.59 -23.60
N VAL F 148 -37.42 -55.19 -23.55
CA VAL F 148 -36.49 -55.40 -24.64
C VAL F 148 -35.42 -56.40 -24.22
N LYS F 149 -35.37 -57.55 -24.90
CA LYS F 149 -34.48 -58.64 -24.49
C LYS F 149 -33.48 -59.11 -25.54
N ASP F 150 -32.35 -59.62 -25.06
CA ASP F 150 -31.31 -60.27 -25.86
C ASP F 150 -30.71 -59.46 -27.01
N TYR F 151 -30.34 -58.22 -26.76
CA TYR F 151 -29.69 -57.42 -27.79
C TYR F 151 -28.22 -57.22 -27.44
N PHE F 152 -27.41 -56.94 -28.43
CA PHE F 152 -26.00 -56.74 -28.14
C PHE F 152 -25.27 -56.03 -29.28
N PRO F 153 -24.37 -55.10 -28.97
CA PRO F 153 -24.01 -54.43 -27.72
C PRO F 153 -24.94 -53.27 -27.41
N GLU F 154 -24.62 -52.55 -26.35
CA GLU F 154 -25.31 -51.31 -26.00
C GLU F 154 -24.98 -50.23 -27.04
N PRO F 155 -25.76 -49.15 -27.11
CA PRO F 155 -27.02 -48.81 -26.44
C PRO F 155 -28.28 -49.25 -27.16
N VAL F 156 -29.40 -49.21 -26.44
CA VAL F 156 -30.74 -49.22 -27.01
C VAL F 156 -31.51 -48.00 -26.51
N THR F 157 -32.09 -47.25 -27.44
CA THR F 157 -32.89 -46.10 -27.07
C THR F 157 -34.35 -46.48 -27.06
N VAL F 158 -35.03 -46.21 -25.93
CA VAL F 158 -36.44 -46.53 -25.84
C VAL F 158 -37.25 -45.29 -25.47
N SER F 159 -38.27 -45.01 -26.26
CA SER F 159 -39.15 -43.86 -26.05
C SER F 159 -40.59 -44.23 -26.37
N TRP F 160 -41.52 -43.36 -26.00
CA TRP F 160 -42.93 -43.65 -26.28
C TRP F 160 -43.54 -42.68 -27.30
N ASN F 161 -44.29 -43.26 -28.23
CA ASN F 161 -44.98 -42.53 -29.29
C ASN F 161 -44.04 -41.59 -30.03
N SER F 162 -42.84 -42.09 -30.34
CA SER F 162 -41.80 -41.39 -31.07
C SER F 162 -41.41 -40.05 -30.44
N GLY F 163 -41.47 -39.96 -29.12
CA GLY F 163 -41.07 -38.75 -28.41
C GLY F 163 -42.26 -37.88 -28.03
N ALA F 164 -43.45 -38.23 -28.53
CA ALA F 164 -44.66 -37.48 -28.20
C ALA F 164 -44.95 -37.54 -26.70
N LEU F 165 -44.63 -38.66 -26.07
CA LEU F 165 -44.88 -38.79 -24.65
C LEU F 165 -43.58 -38.65 -23.89
N THR F 166 -43.42 -37.53 -23.19
CA THR F 166 -42.17 -37.24 -22.49
C THR F 166 -42.36 -37.28 -20.98
N SER F 167 -43.60 -37.16 -20.52
CA SER F 167 -43.87 -37.14 -19.09
C SER F 167 -44.46 -38.47 -18.66
N GLY F 168 -44.17 -38.88 -17.43
CA GLY F 168 -44.70 -40.13 -16.91
C GLY F 168 -43.92 -41.31 -17.48
N VAL F 169 -42.75 -41.04 -18.03
CA VAL F 169 -41.96 -42.09 -18.67
C VAL F 169 -40.74 -42.47 -17.86
N HIS F 170 -40.63 -43.76 -17.59
CA HIS F 170 -39.51 -44.30 -16.83
C HIS F 170 -38.78 -45.35 -17.66
N THR F 171 -37.63 -44.97 -18.20
CA THR F 171 -36.84 -45.89 -19.00
C THR F 171 -35.66 -46.34 -18.15
N PHE F 172 -35.49 -47.65 -18.02
CA PHE F 172 -34.49 -48.17 -17.11
C PHE F 172 -33.17 -48.46 -17.83
N PRO F 173 -32.04 -48.37 -17.12
CA PRO F 173 -30.72 -48.78 -17.55
C PRO F 173 -30.72 -50.25 -17.91
N ALA F 174 -29.91 -50.62 -18.90
CA ALA F 174 -29.82 -52.01 -19.30
C ALA F 174 -28.97 -52.81 -18.32
N VAL F 175 -29.29 -54.09 -18.21
CA VAL F 175 -28.54 -55.03 -17.40
C VAL F 175 -28.03 -56.19 -18.24
N LEU F 176 -26.75 -56.51 -18.10
CA LEU F 176 -26.17 -57.63 -18.83
C LEU F 176 -26.68 -58.94 -18.26
N GLN F 177 -27.19 -59.79 -19.13
CA GLN F 177 -27.73 -61.07 -18.75
C GLN F 177 -26.67 -62.17 -18.89
N SER F 178 -26.91 -63.31 -18.25
CA SER F 178 -25.96 -64.42 -18.26
C SER F 178 -25.72 -64.99 -19.66
N SER F 179 -26.60 -64.65 -20.59
CA SER F 179 -26.50 -65.09 -21.98
C SER F 179 -25.39 -64.34 -22.74
N GLY F 180 -24.92 -63.23 -22.15
CA GLY F 180 -23.91 -62.40 -22.79
C GLY F 180 -24.57 -61.23 -23.52
N LEU F 181 -25.89 -61.24 -23.56
CA LEU F 181 -26.69 -60.22 -24.21
C LEU F 181 -27.34 -59.32 -23.16
N TYR F 182 -27.79 -58.14 -23.56
CA TYR F 182 -28.40 -57.17 -22.63
C TYR F 182 -29.92 -57.13 -22.70
N SER F 183 -30.54 -56.67 -21.61
CA SER F 183 -31.98 -56.41 -21.60
C SER F 183 -32.32 -55.16 -20.79
N LEU F 184 -33.43 -54.51 -21.14
CA LEU F 184 -33.93 -53.34 -20.41
C LEU F 184 -35.44 -53.25 -20.57
N SER F 185 -36.06 -52.37 -19.81
CA SER F 185 -37.50 -52.17 -19.93
C SER F 185 -37.87 -50.70 -19.80
N SER F 186 -39.10 -50.39 -20.18
CA SER F 186 -39.62 -49.03 -20.07
C SER F 186 -41.12 -49.03 -19.83
N VAL F 187 -41.56 -48.10 -19.01
CA VAL F 187 -42.98 -47.98 -18.70
C VAL F 187 -43.47 -46.55 -18.80
N VAL F 188 -44.72 -46.39 -19.24
CA VAL F 188 -45.35 -45.09 -19.25
C VAL F 188 -46.57 -45.11 -18.33
N THR F 189 -46.64 -44.12 -17.46
CA THR F 189 -47.73 -44.00 -16.50
C THR F 189 -48.90 -43.30 -17.16
N VAL F 190 -50.07 -43.90 -17.04
CA VAL F 190 -51.24 -43.37 -17.68
C VAL F 190 -52.41 -43.34 -16.70
N PRO F 191 -53.46 -42.56 -16.96
CA PRO F 191 -54.76 -42.67 -16.31
C PRO F 191 -55.33 -44.02 -16.66
N SER F 192 -56.02 -44.68 -15.74
CA SER F 192 -56.58 -45.98 -16.07
C SER F 192 -57.66 -45.85 -17.14
N SER F 193 -58.28 -44.68 -17.20
CA SER F 193 -59.33 -44.39 -18.17
C SER F 193 -58.80 -44.28 -19.60
N SER F 194 -57.48 -44.13 -19.76
CA SER F 194 -56.90 -43.99 -21.09
C SER F 194 -56.64 -45.37 -21.70
N LEU F 195 -56.74 -46.42 -20.89
CA LEU F 195 -56.46 -47.75 -21.40
C LEU F 195 -57.55 -48.17 -22.36
N GLY F 196 -57.16 -48.60 -23.55
CA GLY F 196 -58.13 -49.01 -24.57
C GLY F 196 -58.66 -47.81 -25.36
N THR F 197 -58.16 -46.61 -25.04
CA THR F 197 -58.59 -45.38 -25.69
C THR F 197 -57.42 -44.70 -26.38
N GLN F 198 -56.38 -44.42 -25.61
CA GLN F 198 -55.17 -43.79 -26.13
C GLN F 198 -54.18 -44.86 -26.56
N THR F 199 -53.64 -44.71 -27.76
CA THR F 199 -52.63 -45.62 -28.25
C THR F 199 -51.26 -45.32 -27.69
N TYR F 200 -50.58 -46.36 -27.24
CA TYR F 200 -49.22 -46.26 -26.76
C TYR F 200 -48.32 -47.24 -27.49
N ILE F 201 -47.23 -46.74 -28.03
CA ILE F 201 -46.25 -47.53 -28.75
C ILE F 201 -44.85 -47.39 -28.16
N CYS F 202 -44.19 -48.52 -27.90
CA CYS F 202 -42.82 -48.56 -27.40
C CYS F 202 -41.89 -48.57 -28.60
N ASN F 203 -41.13 -47.50 -28.76
CA ASN F 203 -40.24 -47.35 -29.90
C ASN F 203 -38.82 -47.71 -29.48
N VAL F 204 -38.38 -48.90 -29.90
CA VAL F 204 -37.09 -49.43 -29.50
C VAL F 204 -36.08 -49.38 -30.63
N ASN F 205 -35.00 -48.63 -30.45
CA ASN F 205 -34.00 -48.47 -31.50
C ASN F 205 -32.61 -48.93 -31.06
N HIS F 206 -32.18 -50.06 -31.60
CA HIS F 206 -30.87 -50.62 -31.30
C HIS F 206 -29.91 -50.22 -32.41
N LYS F 207 -29.12 -49.17 -32.15
CA LYS F 207 -28.30 -48.59 -33.20
C LYS F 207 -27.30 -49.55 -33.84
N PRO F 208 -26.55 -50.37 -33.06
CA PRO F 208 -25.54 -51.30 -33.56
C PRO F 208 -26.03 -52.32 -34.58
N SER F 209 -27.34 -52.58 -34.65
CA SER F 209 -27.84 -53.57 -35.61
C SER F 209 -28.78 -52.94 -36.61
N ASN F 210 -28.94 -51.62 -36.54
CA ASN F 210 -29.89 -50.91 -37.38
C ASN F 210 -31.29 -51.50 -37.27
N THR F 211 -31.69 -51.86 -36.05
CA THR F 211 -33.01 -52.47 -35.85
C THR F 211 -33.94 -51.58 -35.03
N LYS F 212 -35.11 -51.31 -35.60
CA LYS F 212 -36.09 -50.49 -34.91
C LYS F 212 -37.45 -51.18 -34.89
N VAL F 213 -38.00 -51.33 -33.69
CA VAL F 213 -39.28 -51.99 -33.52
C VAL F 213 -40.31 -51.07 -32.90
N ASP F 214 -41.44 -50.91 -33.58
CA ASP F 214 -42.53 -50.10 -33.07
C ASP F 214 -43.58 -51.02 -32.47
N LYS F 215 -43.56 -51.17 -31.14
CA LYS F 215 -44.42 -52.15 -30.48
C LYS F 215 -45.65 -51.53 -29.83
N LYS F 216 -46.80 -51.74 -30.45
CA LYS F 216 -48.05 -51.21 -29.91
C LYS F 216 -48.43 -52.03 -28.69
N VAL F 217 -48.72 -51.36 -27.58
CA VAL F 217 -49.06 -52.04 -26.34
C VAL F 217 -50.53 -51.88 -26.01
N GLU F 218 -51.24 -53.01 -25.94
CA GLU F 218 -52.68 -53.00 -25.67
C GLU F 218 -52.99 -53.97 -24.51
N PRO F 219 -54.10 -53.77 -23.72
CA PRO F 219 -54.58 -54.65 -22.65
C PRO F 219 -54.62 -56.13 -23.07
N CYS G 34 39.14 -46.97 29.35
CA CYS G 34 39.56 -45.60 29.57
C CYS G 34 40.56 -45.51 30.72
N VAL G 35 41.50 -44.59 30.61
CA VAL G 35 42.54 -44.40 31.61
C VAL G 35 42.58 -42.95 32.10
N ASN G 36 42.54 -42.75 33.44
CA ASN G 36 42.65 -41.45 34.10
C ASN G 36 44.12 -41.13 34.42
N LEU G 37 44.71 -40.14 33.72
CA LEU G 37 46.12 -39.75 33.93
C LEU G 37 46.22 -38.74 35.07
N THR G 38 47.04 -39.06 36.06
CA THR G 38 47.16 -38.21 37.25
C THR G 38 48.49 -37.46 37.36
N THR G 39 49.50 -37.86 36.61
CA THR G 39 50.82 -37.25 36.74
C THR G 39 50.93 -35.96 35.94
N ARG G 40 50.17 -34.95 36.37
CA ARG G 40 50.14 -33.66 35.68
C ARG G 40 50.27 -32.49 36.64
N THR G 41 51.16 -31.56 36.29
CA THR G 41 51.37 -30.34 37.06
C THR G 41 50.17 -29.41 36.89
N GLN G 42 49.69 -28.85 37.99
CA GLN G 42 48.52 -27.97 37.95
C GLN G 42 48.89 -26.50 37.92
N LEU G 43 48.76 -25.88 36.75
CA LEU G 43 49.11 -24.49 36.52
C LEU G 43 47.91 -23.73 35.96
N PRO G 44 47.81 -22.42 36.16
CA PRO G 44 46.81 -21.53 35.59
C PRO G 44 47.05 -21.40 34.10
N PRO G 45 46.02 -21.03 33.32
CA PRO G 45 46.06 -20.80 31.89
C PRO G 45 46.87 -19.55 31.54
N ALA G 46 47.50 -19.58 30.37
CA ALA G 46 48.22 -18.43 29.87
C ALA G 46 47.41 -17.84 28.73
N TYR G 47 47.67 -16.58 28.39
CA TYR G 47 46.96 -15.97 27.27
C TYR G 47 47.94 -15.33 26.31
N THR G 48 47.60 -15.34 25.02
CA THR G 48 48.46 -14.66 24.06
C THR G 48 47.68 -13.79 23.08
N ASN G 49 48.43 -13.06 22.27
CA ASN G 49 47.91 -12.11 21.28
C ASN G 49 47.59 -12.80 19.95
N SER G 50 46.31 -12.78 19.54
CA SER G 50 45.88 -13.43 18.31
C SER G 50 46.25 -12.63 17.05
N PHE G 51 46.63 -11.38 17.25
CA PHE G 51 46.97 -10.46 16.16
C PHE G 51 45.87 -10.38 15.11
N THR G 52 46.17 -10.80 13.88
CA THR G 52 45.21 -10.70 12.79
C THR G 52 44.78 -12.07 12.29
N ARG G 53 45.02 -13.09 13.11
CA ARG G 53 44.65 -14.47 12.76
C ARG G 53 43.15 -14.67 12.94
N GLY G 54 42.60 -15.68 12.27
CA GLY G 54 41.18 -15.99 12.41
C GLY G 54 40.38 -15.52 11.20
N VAL G 55 41.10 -15.13 10.16
CA VAL G 55 40.54 -14.72 8.88
C VAL G 55 40.41 -15.94 7.98
N TYR G 56 39.30 -16.02 7.27
CA TYR G 56 39.05 -17.11 6.35
C TYR G 56 38.14 -16.64 5.24
N TYR G 57 38.07 -17.41 4.17
CA TYR G 57 37.16 -17.09 3.07
C TYR G 57 35.73 -17.42 3.52
N PRO G 58 34.83 -16.43 3.65
CA PRO G 58 33.49 -16.59 4.18
C PRO G 58 32.60 -17.44 3.27
N ASP G 59 32.99 -17.55 2.02
CA ASP G 59 32.23 -18.30 1.03
C ASP G 59 33.16 -18.92 0.00
N LYS G 60 32.58 -19.35 -1.11
CA LYS G 60 33.30 -20.00 -2.18
C LYS G 60 33.28 -19.14 -3.44
N VAL G 61 33.26 -17.82 -3.24
CA VAL G 61 33.19 -16.89 -4.36
C VAL G 61 34.53 -16.23 -4.68
N PHE G 62 34.91 -16.27 -5.95
CA PHE G 62 36.12 -15.65 -6.42
C PHE G 62 35.96 -14.15 -6.56
N ARG G 63 36.90 -13.43 -5.99
CA ARG G 63 36.95 -11.98 -6.06
C ARG G 63 38.40 -11.65 -6.33
N SER G 64 38.67 -10.58 -7.05
CA SER G 64 40.07 -10.19 -7.27
C SER G 64 40.24 -8.71 -7.43
N SER G 65 41.43 -8.23 -7.08
CA SER G 65 41.79 -6.82 -7.19
C SER G 65 40.70 -5.95 -6.59
N VAL G 66 40.24 -6.32 -5.39
CA VAL G 66 39.13 -5.64 -4.76
C VAL G 66 39.19 -5.69 -3.25
N LEU G 67 38.72 -4.61 -2.62
CA LEU G 67 38.54 -4.62 -1.19
C LEU G 67 37.07 -4.83 -0.90
N HIS G 68 36.75 -5.96 -0.27
CA HIS G 68 35.36 -6.33 -0.04
C HIS G 68 34.97 -6.27 1.43
N SER G 69 33.82 -5.67 1.70
CA SER G 69 33.31 -5.59 3.07
C SER G 69 32.28 -6.67 3.34
N THR G 70 32.54 -7.48 4.36
CA THR G 70 31.66 -8.58 4.73
C THR G 70 31.43 -8.66 6.24
N GLN G 71 30.47 -9.47 6.65
CA GLN G 71 30.24 -9.71 8.07
C GLN G 71 29.89 -11.17 8.30
N ASP G 72 30.66 -11.79 9.19
CA ASP G 72 30.52 -13.20 9.54
C ASP G 72 31.21 -13.40 10.87
N LEU G 73 31.23 -14.62 11.37
CA LEU G 73 31.92 -14.89 12.62
C LEU G 73 33.42 -15.04 12.37
N PHE G 74 34.20 -14.11 12.90
CA PHE G 74 35.66 -14.13 12.74
C PHE G 74 36.30 -13.86 14.08
N LEU G 75 37.56 -14.25 14.25
CA LEU G 75 38.24 -13.94 15.50
C LEU G 75 38.53 -12.43 15.52
N PRO G 76 38.12 -11.67 16.56
CA PRO G 76 38.36 -10.25 16.69
C PRO G 76 39.86 -10.00 16.67
N PHE G 77 40.28 -8.92 16.02
CA PHE G 77 41.72 -8.67 15.94
C PHE G 77 42.29 -8.27 17.29
N PHE G 78 43.48 -8.78 17.56
CA PHE G 78 44.27 -8.53 18.76
C PHE G 78 43.57 -9.01 20.03
N SER G 79 42.64 -9.95 19.89
CA SER G 79 41.94 -10.55 21.01
C SER G 79 42.83 -11.50 21.80
N ASN G 80 42.38 -11.84 23.03
CA ASN G 80 43.03 -12.84 23.89
C ASN G 80 42.55 -14.24 23.52
N VAL G 81 43.52 -15.17 23.35
CA VAL G 81 43.23 -16.59 23.13
C VAL G 81 43.90 -17.37 24.24
N THR G 82 43.23 -18.40 24.73
CA THR G 82 43.76 -19.15 25.84
C THR G 82 44.79 -20.15 25.37
N TRP G 83 45.94 -20.11 26.01
CA TRP G 83 47.09 -20.93 25.71
C TRP G 83 47.19 -22.14 26.63
N PHE G 84 47.04 -23.31 26.04
CA PHE G 84 47.02 -24.58 26.74
C PHE G 84 48.32 -25.36 26.50
N HIS G 85 48.78 -26.10 27.52
CA HIS G 85 49.97 -26.95 27.47
C HIS G 85 49.89 -27.97 28.59
N ASN G 100 43.81 -29.82 27.38
CA ASN G 100 43.42 -30.98 28.17
C ASN G 100 41.92 -30.99 28.62
N PRO G 101 41.31 -29.88 29.15
CA PRO G 101 39.91 -29.78 29.57
C PRO G 101 38.94 -29.64 28.39
N VAL G 102 37.65 -29.84 28.68
CA VAL G 102 36.59 -29.55 27.70
C VAL G 102 36.34 -28.06 27.67
N LEU G 103 36.30 -27.49 26.48
CA LEU G 103 36.11 -26.06 26.32
C LEU G 103 34.75 -25.75 25.67
N PRO G 104 34.16 -24.58 25.94
CA PRO G 104 32.95 -24.07 25.30
C PRO G 104 33.16 -23.93 23.80
N PHE G 105 32.10 -24.12 23.03
CA PHE G 105 32.14 -23.92 21.58
C PHE G 105 31.57 -22.54 21.26
N ASN G 106 30.47 -22.20 21.95
CA ASN G 106 29.73 -20.96 21.78
C ASN G 106 29.24 -20.74 20.34
N ASP G 107 29.63 -19.63 19.72
CA ASP G 107 29.17 -19.28 18.37
C ASP G 107 30.01 -19.94 17.30
N GLY G 108 31.27 -20.19 17.62
CA GLY G 108 32.22 -20.81 16.72
C GLY G 108 33.60 -20.73 17.34
N VAL G 109 34.50 -21.59 16.89
CA VAL G 109 35.81 -21.69 17.51
C VAL G 109 37.00 -21.51 16.58
N TYR G 110 37.94 -20.69 17.04
CA TYR G 110 39.22 -20.56 16.37
C TYR G 110 40.22 -21.43 17.10
N PHE G 111 40.83 -22.36 16.37
CA PHE G 111 41.77 -23.28 17.00
C PHE G 111 43.10 -23.25 16.26
N ALA G 112 44.19 -23.22 17.02
CA ALA G 112 45.51 -23.29 16.38
C ALA G 112 46.49 -24.03 17.26
N SER G 113 47.44 -24.72 16.64
CA SER G 113 48.47 -25.42 17.41
C SER G 113 49.83 -25.42 16.72
N THR G 114 50.88 -25.56 17.54
CA THR G 114 52.25 -25.63 17.03
C THR G 114 52.93 -26.89 17.55
N GLU G 115 53.28 -27.80 16.65
CA GLU G 115 53.82 -29.07 17.09
C GLU G 115 55.04 -29.58 16.35
N LYS G 116 55.85 -30.37 17.06
CA LYS G 116 56.98 -31.08 16.46
C LYS G 116 56.68 -32.56 16.29
N SER G 117 55.87 -33.11 17.20
CA SER G 117 55.60 -34.54 17.26
C SER G 117 54.15 -34.94 16.96
N ASN G 118 53.35 -34.02 16.42
CA ASN G 118 51.96 -34.32 16.07
C ASN G 118 51.15 -34.91 17.22
N ILE G 119 51.20 -34.24 18.38
CA ILE G 119 50.50 -34.70 19.58
C ILE G 119 48.98 -34.67 19.45
N ILE G 120 48.45 -33.58 18.89
CA ILE G 120 47.01 -33.45 18.71
C ILE G 120 46.56 -34.23 17.49
N ARG G 121 45.60 -35.11 17.72
CA ARG G 121 45.12 -36.00 16.68
C ARG G 121 43.70 -35.67 16.27
N GLY G 122 42.92 -35.06 17.15
CA GLY G 122 41.53 -34.84 16.77
C GLY G 122 40.71 -34.04 17.76
N TRP G 123 39.41 -33.99 17.48
CA TRP G 123 38.46 -33.25 18.29
C TRP G 123 37.13 -33.98 18.46
N ILE G 124 36.46 -33.70 19.58
CA ILE G 124 35.09 -34.15 19.78
C ILE G 124 34.17 -32.95 19.86
N PHE G 125 33.15 -32.88 19.01
CA PHE G 125 32.22 -31.76 19.06
C PHE G 125 30.80 -32.22 19.40
N GLY G 126 30.20 -31.63 20.44
CA GLY G 126 28.85 -32.03 20.84
C GLY G 126 28.32 -31.28 22.07
N THR G 127 27.29 -31.85 22.71
CA THR G 127 26.67 -31.28 23.90
C THR G 127 27.22 -32.00 25.12
N THR G 128 26.69 -33.19 25.37
CA THR G 128 27.22 -34.04 26.41
C THR G 128 28.18 -35.00 25.73
N LEU G 129 29.48 -34.78 25.94
CA LEU G 129 30.50 -35.58 25.28
C LEU G 129 30.71 -36.83 26.12
N ASP G 130 29.64 -37.61 26.21
CA ASP G 130 29.56 -38.80 27.03
C ASP G 130 28.31 -39.60 26.65
N SER G 131 28.43 -40.43 25.62
CA SER G 131 27.32 -41.23 25.10
C SER G 131 26.06 -40.38 24.93
N LYS G 132 24.91 -40.99 25.21
CA LYS G 132 23.59 -40.35 25.20
C LYS G 132 23.11 -39.86 23.84
N THR G 133 23.80 -38.89 23.25
CA THR G 133 23.36 -38.33 21.98
C THR G 133 24.49 -38.18 20.97
N GLN G 134 24.13 -37.67 19.80
CA GLN G 134 25.05 -37.56 18.66
C GLN G 134 26.24 -36.69 18.97
N SER G 135 27.42 -37.14 18.52
CA SER G 135 28.66 -36.41 18.76
C SER G 135 29.62 -36.62 17.61
N LEU G 136 30.28 -35.56 17.21
CA LEU G 136 31.18 -35.63 16.06
C LEU G 136 32.62 -35.87 16.45
N LEU G 137 33.13 -37.04 16.09
CA LEU G 137 34.50 -37.43 16.41
C LEU G 137 35.40 -37.44 15.18
N ILE G 138 36.37 -36.53 15.16
CA ILE G 138 37.29 -36.42 14.02
C ILE G 138 38.71 -36.77 14.44
N VAL G 139 39.21 -37.93 14.00
CA VAL G 139 40.56 -38.35 14.41
C VAL G 139 41.52 -38.69 13.28
N ASN G 140 42.68 -38.07 13.33
CA ASN G 140 43.79 -38.32 12.42
C ASN G 140 44.75 -39.34 13.04
N ASN G 141 44.84 -40.56 12.45
CA ASN G 141 45.67 -41.65 13.01
C ASN G 141 46.34 -42.46 11.89
N ALA G 142 47.65 -42.74 12.08
CA ALA G 142 48.50 -43.51 11.15
C ALA G 142 48.51 -42.92 9.75
N THR G 143 47.84 -43.57 8.80
CA THR G 143 47.86 -43.15 7.41
C THR G 143 46.56 -42.50 6.91
N ASN G 144 45.56 -42.32 7.78
CA ASN G 144 44.31 -41.71 7.31
C ASN G 144 43.54 -40.96 8.40
N VAL G 145 42.42 -40.37 8.00
CA VAL G 145 41.56 -39.63 8.92
C VAL G 145 40.17 -40.24 8.92
N VAL G 146 39.66 -40.53 10.12
CA VAL G 146 38.37 -41.17 10.26
C VAL G 146 37.37 -40.30 11.02
N ILE G 147 36.21 -40.07 10.41
CA ILE G 147 35.14 -39.28 11.03
C ILE G 147 33.92 -40.15 11.29
N LYS G 148 33.47 -40.16 12.55
CA LYS G 148 32.28 -40.92 12.94
C LYS G 148 31.36 -40.08 13.81
N VAL G 149 30.06 -40.34 13.73
CA VAL G 149 29.11 -39.62 14.59
C VAL G 149 28.37 -40.43 15.67
N CYS G 150 28.75 -41.71 15.87
CA CYS G 150 28.10 -42.60 16.83
C CYS G 150 28.14 -42.03 18.24
N GLU G 151 27.12 -42.30 19.01
CA GLU G 151 27.23 -41.96 20.41
C GLU G 151 28.35 -42.84 20.92
N PHE G 152 29.31 -42.26 21.61
CA PHE G 152 30.40 -43.03 22.15
C PHE G 152 30.55 -42.79 23.64
N GLN G 153 30.96 -43.81 24.37
CA GLN G 153 31.23 -43.61 25.78
C GLN G 153 32.61 -43.03 25.92
N PHE G 154 32.67 -41.72 25.79
CA PHE G 154 33.92 -41.01 25.79
C PHE G 154 34.58 -41.10 27.17
N CYS G 155 35.92 -41.07 27.16
CA CYS G 155 36.77 -41.09 28.34
C CYS G 155 36.79 -39.70 28.97
N ASN G 156 36.97 -39.64 30.28
CA ASN G 156 37.01 -38.37 31.00
C ASN G 156 38.40 -37.75 30.91
N ASP G 157 39.29 -38.48 30.28
CA ASP G 157 40.65 -38.07 30.00
C ASP G 157 41.11 -38.80 28.74
N PRO G 158 40.55 -38.44 27.57
CA PRO G 158 40.73 -39.11 26.30
C PRO G 158 42.11 -38.86 25.72
N PHE G 159 42.60 -39.79 24.90
CA PHE G 159 43.88 -39.71 24.18
C PHE G 159 44.09 -40.98 23.34
N MET G 172 56.10 -45.49 17.09
CA MET G 172 54.94 -46.11 16.49
C MET G 172 53.71 -45.88 17.38
N GLU G 173 52.51 -45.99 16.79
CA GLU G 173 51.23 -45.85 17.50
C GLU G 173 50.85 -47.15 18.19
N SER G 174 50.12 -47.05 19.29
CA SER G 174 49.69 -48.23 20.03
C SER G 174 48.33 -48.01 20.67
N GLU G 175 48.31 -47.25 21.74
CA GLU G 175 47.08 -47.02 22.50
C GLU G 175 46.12 -46.07 21.80
N PHE G 176 44.83 -46.37 21.92
CA PHE G 176 43.75 -45.51 21.49
C PHE G 176 42.71 -45.52 22.60
N ARG G 177 42.52 -44.39 23.26
CA ARG G 177 41.65 -44.34 24.42
C ARG G 177 40.82 -43.07 24.41
N VAL G 178 39.93 -42.97 23.43
CA VAL G 178 39.07 -41.80 23.30
C VAL G 178 37.72 -42.14 23.90
N TYR G 179 37.28 -43.36 23.65
CA TYR G 179 35.98 -43.86 24.08
C TYR G 179 36.00 -45.38 24.22
N SER G 180 35.00 -45.92 24.90
CA SER G 180 34.83 -47.37 24.98
C SER G 180 33.68 -47.88 24.09
N SER G 181 32.45 -47.84 24.59
CA SER G 181 31.28 -48.34 23.87
C SER G 181 30.80 -47.45 22.74
N ALA G 182 29.97 -48.02 21.86
CA ALA G 182 29.32 -47.28 20.79
C ALA G 182 27.99 -47.95 20.43
N ASN G 183 27.03 -47.14 19.98
CA ASN G 183 25.73 -47.70 19.54
C ASN G 183 25.52 -47.66 18.01
N ASN G 184 25.06 -46.52 17.44
CA ASN G 184 24.80 -46.43 16.00
C ASN G 184 25.18 -45.07 15.41
N CYS G 185 25.82 -45.09 14.22
CA CYS G 185 26.22 -43.92 13.43
C CYS G 185 25.24 -43.68 12.29
N THR G 186 25.07 -42.41 11.95
CA THR G 186 24.29 -41.99 10.80
C THR G 186 25.22 -41.44 9.72
N PHE G 187 26.48 -41.27 10.10
CA PHE G 187 27.50 -40.69 9.23
C PHE G 187 28.86 -41.32 9.50
N GLU G 188 29.57 -41.62 8.42
CA GLU G 188 30.92 -42.13 8.51
C GLU G 188 31.71 -41.73 7.26
N TYR G 189 32.93 -41.28 7.48
CA TYR G 189 33.82 -40.91 6.37
C TYR G 189 35.28 -41.24 6.64
N VAL G 190 35.96 -41.79 5.64
CA VAL G 190 37.39 -42.05 5.78
C VAL G 190 38.18 -41.43 4.61
N LYS G 206 57.44 -27.41 14.89
CA LYS G 206 57.43 -26.24 14.02
C LYS G 206 56.34 -26.33 12.90
N ASN G 207 55.30 -27.14 13.12
CA ASN G 207 54.13 -27.24 12.25
C ASN G 207 52.96 -26.45 12.81
N LEU G 208 52.57 -25.38 12.11
CA LEU G 208 51.46 -24.56 12.58
C LEU G 208 50.20 -24.92 11.83
N ARG G 209 49.22 -25.39 12.59
CA ARG G 209 47.96 -25.79 12.00
C ARG G 209 46.85 -24.91 12.55
N GLU G 210 46.08 -24.33 11.65
CA GLU G 210 44.98 -23.47 12.04
C GLU G 210 43.66 -24.00 11.51
N PHE G 211 42.63 -23.93 12.34
CA PHE G 211 41.30 -24.37 11.98
C PHE G 211 40.21 -23.41 12.44
N VAL G 212 39.15 -23.33 11.65
CA VAL G 212 37.93 -22.66 12.09
C VAL G 212 36.78 -23.63 12.05
N PHE G 213 36.14 -23.80 13.20
CA PHE G 213 35.03 -24.71 13.34
C PHE G 213 33.74 -23.96 13.61
N LYS G 214 32.78 -24.05 12.69
CA LYS G 214 31.50 -23.38 12.87
C LYS G 214 30.35 -24.26 12.40
N ASN G 215 29.17 -24.08 12.98
CA ASN G 215 28.01 -24.87 12.58
C ASN G 215 26.84 -23.99 12.15
N ILE G 216 26.60 -23.94 10.85
CA ILE G 216 25.56 -23.09 10.30
C ILE G 216 24.45 -23.91 9.66
N ASP G 217 23.23 -23.77 10.18
CA ASP G 217 22.06 -24.45 9.66
C ASP G 217 22.25 -25.97 9.51
N GLY G 218 22.92 -26.58 10.49
CA GLY G 218 23.13 -28.03 10.50
C GLY G 218 24.42 -28.48 9.83
N TYR G 219 25.10 -27.56 9.15
CA TYR G 219 26.34 -27.90 8.46
C TYR G 219 27.55 -27.53 9.29
N PHE G 220 28.41 -28.52 9.55
CA PHE G 220 29.63 -28.24 10.27
C PHE G 220 30.71 -27.98 9.25
N LYS G 221 31.19 -26.73 9.24
CA LYS G 221 32.14 -26.30 8.24
C LYS G 221 33.54 -26.25 8.82
N ILE G 222 34.47 -26.93 8.15
CA ILE G 222 35.84 -26.95 8.60
C ILE G 222 36.76 -26.21 7.63
N TYR G 223 37.37 -25.14 8.12
CA TYR G 223 38.31 -24.34 7.35
C TYR G 223 39.69 -24.64 7.88
N SER G 224 40.70 -24.65 7.03
CA SER G 224 42.04 -24.92 7.53
C SER G 224 43.19 -24.32 6.74
N LYS G 225 44.34 -24.24 7.42
CA LYS G 225 45.62 -23.80 6.86
C LYS G 225 46.77 -24.53 7.57
N HIS G 226 47.76 -24.98 6.81
CA HIS G 226 48.96 -25.62 7.40
C HIS G 226 50.23 -25.04 6.81
N THR G 227 51.03 -24.40 7.67
CA THR G 227 52.30 -23.80 7.25
C THR G 227 53.41 -24.16 8.23
N PRO G 228 54.68 -24.20 7.79
CA PRO G 228 55.85 -24.30 8.63
C PRO G 228 56.11 -22.98 9.33
N ILE G 229 56.66 -23.03 10.53
CA ILE G 229 57.04 -21.83 11.27
C ILE G 229 58.45 -21.97 11.83
N ASN G 230 59.04 -20.85 12.25
CA ASN G 230 60.33 -20.89 12.92
C ASN G 230 60.23 -20.58 14.41
N LEU G 231 59.03 -20.75 14.98
CA LEU G 231 58.82 -20.50 16.39
C LEU G 231 58.53 -21.76 17.17
N VAL G 232 59.18 -21.88 18.32
CA VAL G 232 58.97 -23.00 19.22
C VAL G 232 58.59 -22.55 20.63
N ARG G 233 58.10 -21.31 20.75
CA ARG G 233 57.74 -20.77 22.06
C ARG G 233 56.32 -20.17 22.15
N ASP G 234 55.84 -19.55 21.07
CA ASP G 234 54.55 -18.85 21.12
C ASP G 234 53.91 -18.82 19.72
N LEU G 235 52.72 -18.23 19.63
CA LEU G 235 51.98 -18.09 18.39
C LEU G 235 52.63 -16.98 17.52
N PRO G 236 53.09 -17.27 16.28
CA PRO G 236 53.74 -16.33 15.39
C PRO G 236 52.83 -15.18 14.97
N GLN G 237 53.44 -14.03 14.71
CA GLN G 237 52.73 -12.87 14.19
C GLN G 237 52.85 -12.80 12.68
N GLY G 238 51.73 -12.59 12.00
CA GLY G 238 51.73 -12.48 10.54
C GLY G 238 50.32 -12.59 10.00
N PHE G 239 50.16 -12.47 8.69
CA PHE G 239 48.83 -12.55 8.12
C PHE G 239 48.63 -13.81 7.28
N SER G 240 47.47 -14.44 7.47
CA SER G 240 47.08 -15.59 6.69
C SER G 240 45.56 -15.69 6.65
N ALA G 241 45.04 -16.50 5.75
CA ALA G 241 43.60 -16.76 5.71
C ALA G 241 43.37 -18.24 5.44
N LEU G 242 42.34 -18.79 6.06
CA LEU G 242 42.02 -20.21 5.94
C LEU G 242 40.95 -20.42 4.88
N GLU G 243 40.96 -21.60 4.27
CA GLU G 243 39.99 -21.91 3.23
C GLU G 243 39.16 -23.13 3.62
N PRO G 244 37.91 -23.24 3.18
CA PRO G 244 37.04 -24.36 3.46
C PRO G 244 37.63 -25.61 2.86
N LEU G 245 37.66 -26.67 3.65
CA LEU G 245 38.18 -27.95 3.19
C LEU G 245 37.12 -29.04 3.27
N VAL G 246 36.44 -29.12 4.42
CA VAL G 246 35.47 -30.20 4.62
C VAL G 246 34.09 -29.69 5.00
N ASP G 247 33.07 -30.19 4.23
CA ASP G 247 31.67 -29.88 4.51
C ASP G 247 30.98 -31.12 5.10
N LEU G 248 30.55 -31.05 6.35
CA LEU G 248 29.90 -32.21 6.97
C LEU G 248 28.40 -31.96 7.26
N PRO G 249 27.49 -32.41 6.37
CA PRO G 249 26.05 -32.21 6.42
C PRO G 249 25.41 -33.19 7.40
N ILE G 250 25.72 -33.01 8.68
CA ILE G 250 25.20 -33.84 9.76
C ILE G 250 24.77 -32.91 10.88
N GLY G 251 23.46 -32.80 11.07
CA GLY G 251 22.91 -31.91 12.09
C GLY G 251 23.24 -32.17 13.55
N ILE G 252 24.53 -32.24 13.88
CA ILE G 252 24.87 -32.44 15.31
C ILE G 252 24.91 -31.13 16.11
N ASN G 253 24.34 -31.02 17.35
CA ASN G 253 24.32 -29.89 18.29
C ASN G 253 25.66 -29.80 19.03
N ILE G 254 26.41 -28.71 18.80
CA ILE G 254 27.72 -28.50 19.40
C ILE G 254 27.70 -27.31 20.33
N THR G 255 27.94 -27.55 21.62
CA THR G 255 27.97 -26.48 22.60
C THR G 255 29.34 -26.44 23.28
N ARG G 256 30.04 -27.58 23.22
CA ARG G 256 31.36 -27.79 23.82
C ARG G 256 32.23 -28.65 22.91
N PHE G 257 33.55 -28.59 23.10
CA PHE G 257 34.41 -29.50 22.37
C PHE G 257 35.63 -29.93 23.20
N GLN G 258 36.17 -31.08 22.83
CA GLN G 258 37.37 -31.63 23.47
C GLN G 258 38.51 -31.79 22.49
N THR G 259 39.69 -31.29 22.86
CA THR G 259 40.88 -31.45 22.04
C THR G 259 41.55 -32.78 22.42
N LEU G 260 41.82 -33.62 21.44
CA LEU G 260 42.40 -34.95 21.68
C LEU G 260 43.90 -34.97 21.36
N LEU G 261 44.72 -35.20 22.40
CA LEU G 261 46.18 -35.18 22.33
C LEU G 261 46.75 -36.59 22.13
N ALA G 283 50.61 -28.01 22.97
CA ALA G 283 50.73 -26.56 22.80
C ALA G 283 49.72 -26.06 21.76
N TYR G 284 48.59 -25.50 22.24
CA TYR G 284 47.52 -24.99 21.36
C TYR G 284 46.80 -23.79 21.95
N TYR G 285 46.10 -23.06 21.09
CA TYR G 285 45.39 -21.85 21.45
C TYR G 285 43.92 -21.93 21.06
N VAL G 286 43.05 -21.44 21.94
CA VAL G 286 41.63 -21.38 21.62
C VAL G 286 41.02 -20.00 21.79
N GLY G 287 40.39 -19.52 20.72
CA GLY G 287 39.71 -18.23 20.74
C GLY G 287 38.25 -18.40 20.33
N TYR G 288 37.50 -17.32 20.37
CA TYR G 288 36.10 -17.37 20.00
C TYR G 288 35.75 -16.33 18.97
N LEU G 289 34.86 -16.69 18.08
CA LEU G 289 34.48 -15.83 16.97
C LEU G 289 33.35 -14.89 17.35
N GLN G 290 33.32 -13.73 16.70
CA GLN G 290 32.26 -12.74 16.90
C GLN G 290 31.74 -12.22 15.56
N PRO G 291 30.46 -11.81 15.47
CA PRO G 291 29.82 -11.27 14.28
C PRO G 291 30.20 -9.82 14.05
N ARG G 292 31.48 -9.62 13.78
CA ARG G 292 32.05 -8.29 13.56
C ARG G 292 32.22 -8.06 12.06
N THR G 293 32.16 -6.81 11.63
CA THR G 293 32.38 -6.45 10.23
C THR G 293 33.87 -6.35 9.92
N PHE G 294 34.26 -6.94 8.79
CA PHE G 294 35.66 -6.94 8.34
C PHE G 294 35.82 -6.59 6.88
N LEU G 295 36.98 -6.04 6.54
CA LEU G 295 37.32 -5.84 5.16
C LEU G 295 38.32 -6.91 4.76
N LEU G 296 38.14 -7.50 3.59
CA LEU G 296 39.07 -8.49 3.07
C LEU G 296 39.70 -7.98 1.78
N LYS G 297 41.02 -7.87 1.75
CA LYS G 297 41.71 -7.38 0.58
C LYS G 297 42.17 -8.52 -0.31
N TYR G 298 41.61 -8.58 -1.52
CA TYR G 298 41.91 -9.62 -2.50
C TYR G 298 42.89 -9.13 -3.56
N ASN G 299 43.93 -9.91 -3.82
CA ASN G 299 44.92 -9.56 -4.84
C ASN G 299 44.46 -10.02 -6.22
N GLU G 300 45.33 -9.91 -7.22
CA GLU G 300 44.99 -10.24 -8.60
C GLU G 300 44.51 -11.70 -8.82
N ASN G 301 45.05 -12.66 -8.04
CA ASN G 301 44.68 -14.08 -8.12
C ASN G 301 43.54 -14.46 -7.16
N GLY G 302 42.95 -13.47 -6.47
CA GLY G 302 41.83 -13.66 -5.55
C GLY G 302 42.21 -14.21 -4.18
N THR G 303 43.46 -14.06 -3.79
CA THR G 303 43.89 -14.52 -2.50
C THR G 303 43.75 -13.38 -1.51
N ILE G 304 43.28 -13.68 -0.31
CA ILE G 304 43.19 -12.63 0.70
C ILE G 304 44.60 -12.37 1.20
N THR G 305 45.06 -11.13 1.08
CA THR G 305 46.41 -10.79 1.48
C THR G 305 46.44 -9.92 2.71
N ASP G 306 45.32 -9.26 3.00
CA ASP G 306 45.25 -8.47 4.23
C ASP G 306 43.80 -8.31 4.69
N ALA G 307 43.59 -7.69 5.85
CA ALA G 307 42.24 -7.49 6.37
C ALA G 307 42.16 -6.38 7.42
N VAL G 308 40.95 -5.83 7.58
CA VAL G 308 40.67 -4.80 8.61
C VAL G 308 39.50 -5.17 9.51
N ASP G 309 39.71 -5.06 10.82
CA ASP G 309 38.64 -5.23 11.80
C ASP G 309 37.99 -3.88 12.05
N CYS G 310 36.75 -3.70 11.56
CA CYS G 310 36.06 -2.42 11.51
C CYS G 310 35.68 -1.90 12.90
N ALA G 311 35.83 -2.72 13.93
CA ALA G 311 35.48 -2.27 15.26
C ALA G 311 36.67 -2.35 16.20
N LEU G 312 37.87 -2.39 15.64
CA LEU G 312 39.10 -2.45 16.45
C LEU G 312 39.48 -1.08 17.02
N ASP G 313 39.47 -0.05 16.19
CA ASP G 313 39.86 1.29 16.62
C ASP G 313 39.29 2.31 15.60
N PRO G 314 39.38 3.63 15.85
CA PRO G 314 38.90 4.70 14.97
C PRO G 314 39.61 4.78 13.61
N LEU G 315 40.78 4.18 13.46
CA LEU G 315 41.44 4.26 12.17
C LEU G 315 40.83 3.22 11.25
N SER G 316 40.55 2.06 11.81
CA SER G 316 39.88 1.00 11.07
C SER G 316 38.48 1.46 10.70
N GLU G 317 37.83 2.22 11.60
CA GLU G 317 36.50 2.75 11.29
C GLU G 317 36.58 3.63 10.06
N THR G 318 37.65 4.42 9.95
CA THR G 318 37.83 5.29 8.79
C THR G 318 38.03 4.46 7.53
N LYS G 319 38.87 3.43 7.60
CA LYS G 319 39.11 2.57 6.44
C LYS G 319 37.83 1.88 5.92
N CYS G 320 36.98 1.39 6.84
CA CYS G 320 35.74 0.71 6.50
C CYS G 320 34.73 1.70 5.92
N THR G 321 34.64 2.89 6.51
CA THR G 321 33.73 3.92 6.04
C THR G 321 34.04 4.34 4.61
N LEU G 322 35.32 4.48 4.31
CA LEU G 322 35.77 4.94 3.01
C LEU G 322 35.92 3.80 1.99
N LYS G 323 35.69 2.56 2.43
CA LYS G 323 35.89 1.40 1.56
C LYS G 323 37.26 1.42 0.91
N SER G 324 38.29 1.69 1.72
CA SER G 324 39.66 1.76 1.23
C SER G 324 40.58 1.15 2.25
N PHE G 325 41.67 0.55 1.78
CA PHE G 325 42.60 -0.04 2.72
C PHE G 325 43.65 0.99 3.11
N THR G 326 43.65 2.11 2.39
CA THR G 326 44.60 3.20 2.59
C THR G 326 43.84 4.48 2.83
N VAL G 327 44.24 5.20 3.87
CA VAL G 327 43.56 6.45 4.20
C VAL G 327 44.50 7.63 4.03
N GLU G 328 44.06 8.60 3.25
CA GLU G 328 44.85 9.77 2.98
C GLU G 328 44.69 10.77 4.12
N LYS G 329 45.38 11.89 4.02
CA LYS G 329 45.34 12.90 5.06
C LYS G 329 43.99 13.65 5.04
N GLY G 330 43.36 13.80 6.20
CA GLY G 330 42.06 14.49 6.25
C GLY G 330 41.17 14.07 7.42
N ILE G 331 39.91 14.51 7.38
CA ILE G 331 38.93 14.20 8.42
C ILE G 331 37.71 13.52 7.81
N TYR G 332 37.30 12.41 8.40
CA TYR G 332 36.17 11.68 7.85
C TYR G 332 35.11 11.38 8.91
N GLN G 333 33.85 11.43 8.51
CA GLN G 333 32.75 11.08 9.42
C GLN G 333 32.48 9.59 9.31
N THR G 334 32.68 8.87 10.41
CA THR G 334 32.54 7.42 10.38
C THR G 334 31.36 6.92 11.18
N SER G 335 30.91 7.72 12.14
CA SER G 335 29.82 7.27 13.00
C SER G 335 29.05 8.44 13.58
N ASN G 336 28.18 8.13 14.54
CA ASN G 336 27.33 9.09 15.22
C ASN G 336 27.28 8.79 16.72
N PHE G 337 27.53 9.81 17.51
CA PHE G 337 27.51 9.69 18.96
C PHE G 337 26.17 10.15 19.50
N ARG G 338 25.60 9.36 20.39
CA ARG G 338 24.36 9.75 21.01
C ARG G 338 24.28 9.32 22.46
N VAL G 339 23.87 10.23 23.31
CA VAL G 339 23.60 9.91 24.69
C VAL G 339 22.23 9.27 24.80
N GLN G 340 22.17 8.08 25.40
CA GLN G 340 20.92 7.38 25.51
C GLN G 340 20.26 7.66 26.86
N PRO G 341 18.92 7.73 26.94
CA PRO G 341 18.15 7.78 28.16
C PRO G 341 18.40 6.55 29.00
N THR G 342 18.42 6.75 30.31
CA THR G 342 18.62 5.64 31.25
C THR G 342 17.38 5.48 32.11
N GLU G 343 17.29 6.29 33.15
CA GLU G 343 16.17 6.31 34.06
C GLU G 343 14.98 7.03 33.45
N SER G 344 13.80 6.74 33.97
CA SER G 344 12.61 7.49 33.59
C SER G 344 12.08 8.19 34.82
N ILE G 345 11.46 9.35 34.61
CA ILE G 345 10.86 10.09 35.71
C ILE G 345 9.43 10.50 35.41
N VAL G 346 8.52 10.04 36.25
CA VAL G 346 7.10 10.36 36.12
C VAL G 346 6.70 11.31 37.24
N ARG G 347 6.13 12.45 36.87
CA ARG G 347 5.78 13.45 37.87
C ARG G 347 4.28 13.73 37.94
N PHE G 348 3.77 13.72 39.16
CA PHE G 348 2.38 13.99 39.48
C PHE G 348 2.36 15.19 40.43
N PRO G 349 1.25 15.95 40.46
CA PRO G 349 1.02 17.07 41.35
C PRO G 349 0.81 16.57 42.77
N ASN G 350 0.93 17.47 43.77
CA ASN G 350 0.71 17.15 45.19
C ASN G 350 -0.68 16.57 45.40
N ILE G 351 -0.76 15.47 46.16
CA ILE G 351 -2.02 14.78 46.42
C ILE G 351 -2.75 15.43 47.58
N THR G 352 -3.84 16.09 47.24
CA THR G 352 -4.65 16.86 48.17
C THR G 352 -6.10 16.50 47.94
N ASN G 353 -6.99 17.00 48.77
CA ASN G 353 -8.42 16.77 48.56
C ASN G 353 -8.74 15.28 48.42
N LEU G 354 -8.37 14.50 49.42
CA LEU G 354 -8.62 13.08 49.39
C LEU G 354 -10.12 12.85 49.57
N CYS G 355 -10.66 11.77 48.96
CA CYS G 355 -12.05 11.37 49.12
C CYS G 355 -12.33 10.97 50.57
N PRO G 356 -13.45 11.41 51.15
CA PRO G 356 -13.80 11.26 52.56
C PRO G 356 -14.23 9.85 52.95
N PHE G 357 -13.34 8.88 52.73
CA PHE G 357 -13.64 7.52 53.13
C PHE G 357 -13.43 7.39 54.62
N GLY G 358 -12.51 8.18 55.16
CA GLY G 358 -12.27 8.17 56.59
C GLY G 358 -13.52 8.61 57.31
N GLU G 359 -14.10 9.72 56.89
CA GLU G 359 -15.29 10.25 57.55
C GLU G 359 -16.46 9.26 57.52
N VAL G 360 -16.60 8.52 56.42
CA VAL G 360 -17.67 7.53 56.31
C VAL G 360 -17.44 6.29 57.17
N PHE G 361 -16.23 5.73 57.10
CA PHE G 361 -15.90 4.49 57.82
C PHE G 361 -15.55 4.66 59.32
N ASN G 362 -14.98 5.82 59.70
CA ASN G 362 -14.61 6.16 61.08
C ASN G 362 -15.65 7.09 61.73
N ALA G 363 -16.89 7.12 61.18
CA ALA G 363 -17.99 7.99 61.61
C ALA G 363 -18.38 7.76 63.07
N THR G 364 -18.74 8.84 63.74
CA THR G 364 -19.16 8.76 65.13
C THR G 364 -20.47 7.97 65.21
N ARG G 365 -21.38 8.25 64.28
CA ARG G 365 -22.68 7.58 64.24
C ARG G 365 -23.07 7.18 62.83
N PHE G 366 -23.75 6.05 62.74
CA PHE G 366 -24.36 5.54 61.52
C PHE G 366 -25.87 5.68 61.59
N ALA G 367 -26.50 5.74 60.43
CA ALA G 367 -27.95 5.82 60.35
C ALA G 367 -28.62 4.47 60.50
N SER G 368 -29.89 4.52 60.82
CA SER G 368 -30.76 3.36 60.83
C SER G 368 -30.87 2.84 59.40
N VAL G 369 -31.03 1.54 59.25
CA VAL G 369 -31.12 0.96 57.92
C VAL G 369 -32.35 1.43 57.16
N TYR G 370 -33.45 1.74 57.86
CA TYR G 370 -34.65 2.23 57.19
C TYR G 370 -34.44 3.63 56.60
N ALA G 371 -33.44 4.33 57.11
CA ALA G 371 -33.14 5.70 56.72
C ALA G 371 -31.66 5.86 56.53
N TRP G 372 -31.11 5.07 55.62
CA TRP G 372 -29.68 5.03 55.40
C TRP G 372 -29.17 6.37 54.89
N ASN G 373 -27.95 6.74 55.28
CA ASN G 373 -27.40 8.02 54.83
C ASN G 373 -26.66 7.85 53.53
N ARG G 374 -26.57 8.92 52.76
CA ARG G 374 -25.76 8.92 51.56
C ARG G 374 -24.87 10.13 51.46
N LYS G 375 -23.59 9.89 51.22
CA LYS G 375 -22.62 10.95 50.99
C LYS G 375 -22.07 10.86 49.58
N ARG G 376 -22.04 11.97 48.87
CA ARG G 376 -21.51 11.96 47.51
C ARG G 376 -20.01 12.20 47.49
N ILE G 377 -19.32 11.32 46.80
CA ILE G 377 -17.89 11.39 46.63
C ILE G 377 -17.58 11.72 45.16
N SER G 378 -16.96 12.88 44.93
CA SER G 378 -16.65 13.32 43.57
C SER G 378 -15.50 14.32 43.60
N ASN G 379 -14.86 14.52 42.45
CA ASN G 379 -13.80 15.53 42.32
C ASN G 379 -12.73 15.40 43.41
N CYS G 380 -12.30 14.18 43.71
CA CYS G 380 -11.36 13.88 44.79
C CYS G 380 -10.51 12.66 44.47
N VAL G 381 -9.47 12.47 45.27
CA VAL G 381 -8.53 11.36 45.09
C VAL G 381 -9.02 10.06 45.72
N ALA G 382 -9.06 8.99 44.92
CA ALA G 382 -9.58 7.71 45.37
C ALA G 382 -8.55 6.95 46.19
N ASP G 383 -8.32 7.44 47.39
CA ASP G 383 -7.37 6.84 48.31
C ASP G 383 -8.06 5.79 49.17
N TYR G 384 -7.84 4.54 48.84
CA TYR G 384 -8.48 3.43 49.53
C TYR G 384 -7.49 2.75 50.45
N SER G 385 -6.37 3.39 50.74
CA SER G 385 -5.34 2.72 51.53
C SER G 385 -5.83 2.30 52.91
N VAL G 386 -6.76 3.07 53.46
CA VAL G 386 -7.31 2.78 54.77
C VAL G 386 -8.25 1.57 54.72
N LEU G 387 -8.66 1.20 53.51
CA LEU G 387 -9.57 0.08 53.32
C LEU G 387 -8.82 -1.17 52.80
N TYR G 388 -7.50 -1.08 52.61
CA TYR G 388 -6.75 -2.20 52.03
C TYR G 388 -6.55 -3.33 53.04
N ASN G 389 -6.32 -2.97 54.29
CA ASN G 389 -6.09 -3.93 55.35
C ASN G 389 -6.46 -3.31 56.70
N SER G 390 -7.74 -3.08 56.91
CA SER G 390 -8.20 -2.42 58.13
C SER G 390 -8.24 -3.38 59.31
N ALA G 391 -8.15 -4.69 59.01
CA ALA G 391 -8.20 -5.79 59.98
C ALA G 391 -9.62 -6.02 60.54
N SER G 392 -10.31 -4.93 60.88
CA SER G 392 -11.64 -4.99 61.47
C SER G 392 -12.74 -5.39 60.49
N PHE G 393 -12.47 -5.33 59.19
CA PHE G 393 -13.51 -5.67 58.23
C PHE G 393 -13.59 -7.18 58.07
N SER G 394 -14.75 -7.75 58.37
CA SER G 394 -14.91 -9.19 58.25
C SER G 394 -15.50 -9.51 56.90
N THR G 395 -16.24 -8.55 56.37
CA THR G 395 -16.88 -8.68 55.08
C THR G 395 -16.31 -7.68 54.10
N PHE G 396 -15.84 -8.21 52.98
CA PHE G 396 -15.33 -7.38 51.91
C PHE G 396 -15.60 -8.08 50.59
N LYS G 397 -16.57 -7.58 49.85
CA LYS G 397 -16.91 -8.18 48.57
C LYS G 397 -17.28 -7.10 47.56
N CYS G 398 -16.82 -7.25 46.31
CA CYS G 398 -17.07 -6.29 45.24
C CYS G 398 -17.83 -6.93 44.09
N TYR G 399 -18.85 -6.21 43.66
CA TYR G 399 -19.73 -6.60 42.57
C TYR G 399 -19.40 -5.82 41.30
N GLY G 400 -18.69 -4.71 41.48
CA GLY G 400 -18.30 -3.88 40.34
C GLY G 400 -17.00 -4.39 39.74
N VAL G 401 -15.89 -4.01 40.35
CA VAL G 401 -14.59 -4.43 39.87
C VAL G 401 -13.72 -4.89 41.03
N SER G 402 -12.85 -5.85 40.76
CA SER G 402 -11.92 -6.30 41.78
C SER G 402 -11.26 -5.10 42.48
N PRO G 403 -11.10 -5.16 43.82
CA PRO G 403 -10.55 -4.10 44.66
C PRO G 403 -9.10 -3.80 44.32
N THR G 404 -8.44 -4.69 43.58
CA THR G 404 -7.05 -4.49 43.21
C THR G 404 -6.93 -3.66 41.94
N LYS G 405 -8.06 -3.40 41.28
CA LYS G 405 -8.10 -2.59 40.07
C LYS G 405 -8.86 -1.31 40.37
N LEU G 406 -9.76 -1.40 41.36
CA LEU G 406 -10.60 -0.30 41.80
C LEU G 406 -9.77 0.92 42.18
N ASN G 407 -8.60 0.67 42.76
CA ASN G 407 -7.70 1.71 43.23
C ASN G 407 -7.01 2.49 42.12
N ASP G 408 -7.04 1.98 40.89
CA ASP G 408 -6.40 2.69 39.79
C ASP G 408 -7.40 3.39 38.88
N LEU G 409 -8.43 2.66 38.46
CA LEU G 409 -9.35 3.17 37.44
C LEU G 409 -10.28 4.26 37.98
N CYS G 410 -10.73 5.15 37.07
CA CYS G 410 -11.49 6.35 37.39
C CYS G 410 -13.01 6.16 37.27
N PHE G 411 -13.75 6.91 38.10
CA PHE G 411 -15.21 6.96 38.10
C PHE G 411 -15.74 8.40 38.03
N THR G 412 -16.98 8.56 37.56
CA THR G 412 -17.58 9.90 37.56
C THR G 412 -18.18 10.22 38.92
N ASN G 413 -18.79 9.20 39.54
CA ASN G 413 -19.42 9.40 40.84
C ASN G 413 -19.29 8.18 41.72
N VAL G 414 -19.03 8.41 43.01
CA VAL G 414 -19.02 7.35 43.99
C VAL G 414 -19.96 7.73 45.13
N TYR G 415 -20.83 6.83 45.54
CA TYR G 415 -21.74 7.18 46.63
C TYR G 415 -21.55 6.26 47.81
N ALA G 416 -21.47 6.84 49.00
CA ALA G 416 -21.28 6.05 50.21
C ALA G 416 -22.57 5.95 51.02
N ASP G 417 -23.15 4.75 51.02
CA ASP G 417 -24.38 4.47 51.74
C ASP G 417 -24.08 3.86 53.10
N SER G 418 -24.43 4.57 54.17
CA SER G 418 -24.05 4.21 55.54
C SER G 418 -25.22 3.84 56.47
N PHE G 419 -25.16 2.61 57.00
CA PHE G 419 -26.21 2.12 57.89
C PHE G 419 -25.81 0.97 58.85
N VAL G 420 -26.63 0.73 59.87
CA VAL G 420 -26.42 -0.39 60.81
C VAL G 420 -27.52 -1.46 60.76
N ILE G 421 -27.07 -2.71 60.63
CA ILE G 421 -27.92 -3.91 60.58
C ILE G 421 -27.43 -5.00 61.53
N ARG G 422 -28.21 -6.08 61.66
CA ARG G 422 -27.77 -7.24 62.45
C ARG G 422 -26.75 -8.07 61.68
N GLY G 423 -25.93 -8.84 62.39
CA GLY G 423 -24.96 -9.72 61.73
C GLY G 423 -25.58 -10.70 60.73
N ASP G 424 -26.75 -11.24 61.06
CA ASP G 424 -27.39 -12.23 60.18
C ASP G 424 -27.98 -11.57 58.94
N GLU G 425 -28.05 -10.24 58.93
CA GLU G 425 -28.61 -9.49 57.81
C GLU G 425 -27.53 -9.05 56.83
N VAL G 426 -26.26 -9.31 57.14
CA VAL G 426 -25.16 -8.87 56.28
C VAL G 426 -25.28 -9.52 54.91
N ARG G 427 -25.77 -10.75 54.89
CA ARG G 427 -25.98 -11.53 53.66
C ARG G 427 -26.88 -10.78 52.68
N GLN G 428 -27.83 -9.99 53.19
CA GLN G 428 -28.81 -9.31 52.36
C GLN G 428 -28.26 -8.10 51.62
N ILE G 429 -27.09 -7.59 52.01
CA ILE G 429 -26.60 -6.40 51.32
C ILE G 429 -25.84 -6.83 50.09
N ALA G 430 -26.59 -7.16 49.06
CA ALA G 430 -26.04 -7.66 47.81
C ALA G 430 -27.12 -7.68 46.73
N PRO G 431 -26.73 -7.73 45.45
CA PRO G 431 -27.54 -8.06 44.30
C PRO G 431 -28.13 -9.46 44.44
N GLY G 432 -29.36 -9.63 43.93
CA GLY G 432 -30.01 -10.93 43.89
C GLY G 432 -30.61 -11.38 45.22
N GLN G 433 -30.57 -10.53 46.23
CA GLN G 433 -31.03 -10.93 47.54
C GLN G 433 -32.43 -10.45 47.85
N THR G 434 -33.09 -11.19 48.73
CA THR G 434 -34.40 -10.85 49.26
C THR G 434 -34.36 -10.90 50.78
N GLY G 435 -35.37 -10.32 51.42
CA GLY G 435 -35.44 -10.32 52.88
C GLY G 435 -35.89 -8.95 53.38
N LYS G 436 -36.03 -8.80 54.69
CA LYS G 436 -36.56 -7.55 55.21
C LYS G 436 -35.67 -6.35 54.86
N ILE G 437 -34.37 -6.55 54.78
CA ILE G 437 -33.51 -5.42 54.47
C ILE G 437 -33.45 -5.25 52.97
N ALA G 438 -33.16 -6.34 52.26
CA ALA G 438 -33.03 -6.26 50.81
C ALA G 438 -34.29 -5.72 50.15
N ASP G 439 -35.46 -6.06 50.68
CA ASP G 439 -36.71 -5.63 50.08
C ASP G 439 -37.31 -4.34 50.66
N TYR G 440 -37.15 -4.07 51.96
CA TYR G 440 -37.83 -2.91 52.51
C TYR G 440 -36.94 -1.79 53.06
N ASN G 441 -35.64 -2.01 53.18
CA ASN G 441 -34.79 -0.98 53.79
C ASN G 441 -33.68 -0.47 52.88
N TYR G 442 -32.99 -1.39 52.22
CA TYR G 442 -31.86 -1.03 51.38
C TYR G 442 -31.73 -1.98 50.20
N LYS G 443 -32.20 -1.54 49.06
CA LYS G 443 -32.21 -2.35 47.85
C LYS G 443 -31.10 -1.96 46.89
N LEU G 444 -30.32 -2.95 46.45
CA LEU G 444 -29.31 -2.73 45.44
C LEU G 444 -29.82 -3.24 44.10
N PRO G 445 -29.37 -2.66 42.98
CA PRO G 445 -29.61 -3.13 41.63
C PRO G 445 -29.07 -4.55 41.48
N ASP G 446 -29.70 -5.36 40.66
CA ASP G 446 -29.21 -6.72 40.48
C ASP G 446 -28.05 -6.76 39.51
N ASP G 447 -27.78 -5.60 38.89
CA ASP G 447 -26.65 -5.37 38.01
C ASP G 447 -25.72 -4.33 38.64
N PHE G 448 -25.80 -4.20 39.97
CA PHE G 448 -25.04 -3.23 40.74
C PHE G 448 -23.55 -3.34 40.61
N THR G 449 -22.91 -2.19 40.52
CA THR G 449 -21.47 -2.13 40.50
C THR G 449 -20.99 -1.33 41.71
N GLY G 450 -20.04 -1.91 42.43
CA GLY G 450 -19.49 -1.30 43.63
C GLY G 450 -19.02 -2.35 44.63
N CYS G 451 -18.77 -1.91 45.89
CA CYS G 451 -18.23 -2.76 46.95
C CYS G 451 -19.01 -2.63 48.27
N VAL G 452 -19.21 -3.78 48.90
CA VAL G 452 -19.88 -3.85 50.19
C VAL G 452 -18.90 -4.24 51.28
N ILE G 453 -18.74 -3.35 52.25
CA ILE G 453 -17.81 -3.57 53.35
C ILE G 453 -18.54 -3.52 54.69
N ALA G 454 -18.30 -4.50 55.55
CA ALA G 454 -18.98 -4.50 56.84
C ALA G 454 -18.10 -5.03 57.97
N TRP G 455 -18.36 -4.51 59.17
CA TRP G 455 -17.64 -4.94 60.35
C TRP G 455 -18.47 -4.91 61.61
N ASN G 456 -18.06 -5.72 62.57
CA ASN G 456 -18.71 -5.80 63.87
C ASN G 456 -18.53 -4.51 64.65
N SER G 457 -19.64 -3.96 65.14
CA SER G 457 -19.61 -2.72 65.90
C SER G 457 -20.25 -2.94 67.27
N ASN G 458 -20.09 -4.15 67.80
CA ASN G 458 -20.70 -4.49 69.08
C ASN G 458 -20.26 -3.55 70.21
N ASN G 459 -19.02 -3.07 70.15
CA ASN G 459 -18.51 -2.19 71.18
C ASN G 459 -18.77 -0.71 70.89
N LEU G 460 -19.53 -0.43 69.83
CA LEU G 460 -19.82 0.95 69.45
C LEU G 460 -21.32 1.25 69.45
N ASP G 461 -22.09 0.31 68.90
CA ASP G 461 -23.51 0.50 68.62
C ASP G 461 -24.47 -0.30 69.51
N SER G 462 -24.03 -0.71 70.69
CA SER G 462 -24.92 -1.47 71.59
C SER G 462 -24.74 -1.01 73.04
N LYS G 463 -25.66 -1.42 73.93
CA LYS G 463 -25.60 -1.08 75.36
C LYS G 463 -26.51 -2.00 76.16
N GLY G 466 -30.57 -1.75 76.06
CA GLY G 466 -30.37 -2.00 74.65
C GLY G 466 -30.38 -0.69 73.84
N ASN G 467 -29.62 -0.67 72.73
CA ASN G 467 -29.52 0.47 71.82
C ASN G 467 -30.59 0.39 70.76
N TYR G 468 -31.66 1.15 70.96
CA TYR G 468 -32.85 1.11 70.13
C TYR G 468 -32.88 2.29 69.18
N ASN G 469 -31.73 2.93 68.97
CA ASN G 469 -31.66 4.07 68.08
C ASN G 469 -31.57 3.60 66.63
N TYR G 470 -31.43 2.28 66.47
CA TYR G 470 -31.34 1.69 65.15
C TYR G 470 -32.62 0.95 64.81
N LEU G 471 -33.27 1.41 63.77
CA LEU G 471 -34.55 0.86 63.34
C LEU G 471 -34.52 0.32 61.91
N TYR G 472 -35.43 -0.60 61.65
CA TYR G 472 -35.60 -1.17 60.33
C TYR G 472 -37.07 -1.22 59.99
N ARG G 473 -37.37 -1.24 58.70
CA ARG G 473 -38.72 -1.37 58.25
C ARG G 473 -39.13 -2.82 58.22
N LEU G 474 -40.20 -3.11 58.92
CA LEU G 474 -40.77 -4.43 59.04
C LEU G 474 -41.98 -4.54 58.12
N PHE G 475 -42.69 -3.41 57.96
CA PHE G 475 -43.90 -3.44 57.15
C PHE G 475 -43.91 -2.40 56.02
N ARG G 476 -44.38 -2.85 54.86
CA ARG G 476 -44.59 -2.02 53.69
C ARG G 476 -45.53 -2.77 52.73
N LYS G 477 -46.21 -2.04 51.85
CA LYS G 477 -47.13 -2.65 50.88
C LYS G 477 -46.42 -3.28 49.67
N SER G 478 -45.26 -2.76 49.30
CA SER G 478 -44.51 -3.25 48.15
C SER G 478 -43.02 -3.11 48.43
N ASN G 479 -42.18 -3.68 47.58
CA ASN G 479 -40.76 -3.60 47.86
C ASN G 479 -40.16 -2.29 47.37
N LEU G 480 -38.88 -2.10 47.64
CA LEU G 480 -38.16 -0.90 47.24
C LEU G 480 -37.53 -0.98 45.87
N LYS G 481 -37.40 0.17 45.23
CA LYS G 481 -36.62 0.27 44.01
C LYS G 481 -35.17 0.46 44.44
N PRO G 482 -34.18 0.15 43.60
CA PRO G 482 -32.79 0.34 43.90
C PRO G 482 -32.51 1.76 44.35
N PHE G 483 -31.77 1.87 45.45
CA PHE G 483 -31.38 3.13 46.07
C PHE G 483 -32.56 3.98 46.55
N GLU G 484 -33.72 3.36 46.76
CA GLU G 484 -34.86 4.07 47.34
C GLU G 484 -34.72 4.10 48.86
N ARG G 485 -35.09 5.24 49.45
CA ARG G 485 -35.05 5.39 50.89
C ARG G 485 -36.42 5.78 51.43
N ASP G 486 -37.15 4.80 51.95
CA ASP G 486 -38.50 5.04 52.47
C ASP G 486 -38.46 5.33 53.97
N ILE G 487 -38.71 6.58 54.34
CA ILE G 487 -38.61 6.99 55.74
C ILE G 487 -39.97 7.38 56.31
N SER G 488 -41.04 6.95 55.64
CA SER G 488 -42.39 7.21 56.11
C SER G 488 -42.68 6.46 57.40
N THR G 489 -43.43 7.11 58.29
CA THR G 489 -43.82 6.52 59.56
C THR G 489 -45.32 6.23 59.62
N GLU G 490 -45.98 6.33 58.47
CA GLU G 490 -47.42 6.10 58.38
C GLU G 490 -47.75 4.67 58.80
N ILE G 491 -48.76 4.52 59.64
CA ILE G 491 -49.13 3.19 60.15
C ILE G 491 -49.54 2.27 59.02
N TYR G 492 -48.96 1.08 59.04
CA TYR G 492 -49.21 0.06 58.05
C TYR G 492 -50.49 -0.68 58.35
N GLN G 493 -51.34 -0.80 57.34
CA GLN G 493 -52.59 -1.51 57.50
C GLN G 493 -52.46 -2.92 56.94
N ALA G 494 -52.51 -3.90 57.82
CA ALA G 494 -52.38 -5.30 57.42
C ALA G 494 -53.76 -5.85 57.07
N GLY G 495 -54.77 -5.34 57.76
CA GLY G 495 -56.13 -5.82 57.59
C GLY G 495 -56.96 -4.96 56.66
N SER G 496 -58.28 -5.06 56.79
CA SER G 496 -59.21 -4.33 55.93
C SER G 496 -59.74 -3.06 56.61
N THR G 497 -59.61 -3.00 57.93
CA THR G 497 -60.12 -1.89 58.72
C THR G 497 -59.10 -0.74 58.72
N PRO G 498 -59.48 0.50 58.36
CA PRO G 498 -58.63 1.68 58.37
C PRO G 498 -57.98 1.86 59.73
N CYS G 499 -56.68 2.19 59.74
CA CYS G 499 -55.90 2.37 60.96
C CYS G 499 -56.11 3.76 61.54
N ASN G 500 -56.44 4.72 60.68
CA ASN G 500 -56.71 6.09 61.08
C ASN G 500 -55.54 6.72 61.85
N GLY G 501 -54.31 6.37 61.45
CA GLY G 501 -53.11 6.96 62.05
C GLY G 501 -52.59 6.26 63.32
N VAL G 502 -53.28 5.23 63.81
CA VAL G 502 -52.82 4.59 65.04
C VAL G 502 -52.66 3.07 64.92
N GLU G 503 -51.91 2.50 65.85
CA GLU G 503 -51.72 1.05 65.92
C GLU G 503 -52.95 0.37 66.51
N GLY G 504 -53.11 -0.92 66.22
CA GLY G 504 -54.26 -1.66 66.68
C GLY G 504 -54.32 -3.03 66.03
N PHE G 505 -55.49 -3.66 66.05
CA PHE G 505 -55.57 -4.99 65.46
C PHE G 505 -55.34 -4.88 63.97
N ASN G 506 -54.34 -5.62 63.49
CA ASN G 506 -53.88 -5.57 62.11
C ASN G 506 -53.45 -4.17 61.61
N CYS G 507 -52.84 -3.37 62.51
CA CYS G 507 -52.28 -2.04 62.25
C CYS G 507 -50.96 -1.92 63.01
N TYR G 508 -49.89 -1.60 62.28
CA TYR G 508 -48.56 -1.60 62.91
C TYR G 508 -47.73 -0.38 62.58
N PHE G 509 -46.90 0.05 63.53
CA PHE G 509 -45.92 1.08 63.21
C PHE G 509 -44.87 0.37 62.35
N PRO G 510 -44.60 0.85 61.12
CA PRO G 510 -43.80 0.18 60.11
C PRO G 510 -42.34 -0.03 60.48
N LEU G 511 -41.84 0.78 61.41
CA LEU G 511 -40.44 0.72 61.80
C LEU G 511 -40.25 0.15 63.18
N GLN G 512 -39.44 -0.89 63.28
CA GLN G 512 -39.18 -1.51 64.57
C GLN G 512 -37.73 -1.34 64.97
N SER G 513 -37.49 -1.26 66.26
CA SER G 513 -36.14 -1.10 66.76
C SER G 513 -35.46 -2.42 67.05
N TYR G 514 -34.14 -2.40 67.02
CA TYR G 514 -33.35 -3.58 67.36
C TYR G 514 -32.91 -3.53 68.81
N GLY G 515 -33.02 -4.66 69.49
CA GLY G 515 -32.52 -4.76 70.85
C GLY G 515 -31.03 -5.07 70.86
N PHE G 516 -30.22 -4.11 70.41
CA PHE G 516 -28.79 -4.33 70.31
C PHE G 516 -28.12 -4.22 71.68
N GLN G 517 -27.51 -5.32 72.10
CA GLN G 517 -26.86 -5.42 73.40
C GLN G 517 -25.49 -6.09 73.23
N PRO G 518 -24.49 -5.74 74.05
CA PRO G 518 -23.14 -6.24 74.00
C PRO G 518 -23.05 -7.73 74.29
N THR G 519 -24.11 -8.28 74.90
CA THR G 519 -24.16 -9.69 75.27
C THR G 519 -24.94 -10.54 74.26
N ASN G 520 -25.37 -9.93 73.16
CA ASN G 520 -26.09 -10.67 72.13
C ASN G 520 -25.17 -11.65 71.43
N GLY G 521 -25.77 -12.70 70.85
CA GLY G 521 -24.99 -13.63 70.04
C GLY G 521 -24.54 -12.89 68.80
N VAL G 522 -23.53 -13.41 68.11
CA VAL G 522 -22.93 -12.69 66.99
C VAL G 522 -23.92 -12.29 65.90
N GLY G 523 -24.85 -13.16 65.58
CA GLY G 523 -25.83 -12.87 64.52
C GLY G 523 -26.77 -11.73 64.90
N TYR G 524 -26.82 -11.39 66.19
CA TYR G 524 -27.69 -10.33 66.69
C TYR G 524 -26.91 -9.11 67.14
N GLN G 525 -25.60 -9.10 66.90
CA GLN G 525 -24.80 -7.94 67.23
C GLN G 525 -24.95 -6.97 66.08
N PRO G 526 -24.79 -5.65 66.30
CA PRO G 526 -24.82 -4.63 65.28
C PRO G 526 -23.59 -4.70 64.41
N TYR G 527 -23.79 -4.44 63.13
CA TYR G 527 -22.73 -4.33 62.15
C TYR G 527 -22.84 -3.04 61.37
N ARG G 528 -21.70 -2.41 61.16
CA ARG G 528 -21.65 -1.19 60.39
C ARG G 528 -21.36 -1.52 58.96
N VAL G 529 -22.27 -1.11 58.10
CA VAL G 529 -22.14 -1.42 56.70
C VAL G 529 -21.99 -0.17 55.87
N VAL G 530 -20.97 -0.17 55.03
CA VAL G 530 -20.80 0.92 54.10
C VAL G 530 -20.78 0.34 52.71
N VAL G 531 -21.69 0.83 51.88
CA VAL G 531 -21.73 0.37 50.51
C VAL G 531 -21.26 1.48 49.61
N LEU G 532 -20.23 1.21 48.85
CA LEU G 532 -19.71 2.20 47.94
C LEU G 532 -20.20 1.89 46.53
N SER G 533 -21.13 2.71 46.07
CA SER G 533 -21.76 2.55 44.77
C SER G 533 -20.96 3.31 43.74
N PHE G 534 -20.50 2.61 42.71
CA PHE G 534 -19.64 3.23 41.72
C PHE G 534 -20.25 3.27 40.34
N GLU G 535 -20.15 4.42 39.67
CA GLU G 535 -20.66 4.51 38.30
C GLU G 535 -19.73 5.29 37.36
N LEU G 536 -19.81 4.90 36.09
CA LEU G 536 -19.12 5.59 35.00
C LEU G 536 -20.16 6.08 34.00
N LEU G 537 -20.19 7.38 33.78
CA LEU G 537 -21.14 8.04 32.89
C LEU G 537 -20.44 8.56 31.66
N HIS G 538 -21.20 9.23 30.78
CA HIS G 538 -20.66 9.87 29.59
C HIS G 538 -19.77 11.05 29.98
N ALA G 539 -19.99 11.52 31.20
CA ALA G 539 -19.25 12.63 31.78
C ALA G 539 -17.81 12.18 32.00
N PRO G 540 -16.84 13.08 31.99
CA PRO G 540 -15.46 12.79 32.29
C PRO G 540 -15.36 12.29 33.73
N ALA G 541 -14.55 11.27 33.96
CA ALA G 541 -14.36 10.74 35.29
C ALA G 541 -13.61 11.75 36.15
N THR G 542 -13.94 11.81 37.44
CA THR G 542 -13.28 12.76 38.32
C THR G 542 -12.60 12.11 39.53
N VAL G 543 -12.98 10.87 39.84
CA VAL G 543 -12.43 10.19 41.01
C VAL G 543 -11.47 9.07 40.57
N CYS G 544 -10.16 9.36 40.66
CA CYS G 544 -9.06 8.51 40.17
C CYS G 544 -8.12 8.17 41.31
N GLY G 545 -7.40 7.07 41.22
CA GLY G 545 -6.47 6.73 42.28
C GLY G 545 -5.30 7.70 42.32
N PRO G 546 -4.62 7.79 43.47
CA PRO G 546 -3.41 8.57 43.70
C PRO G 546 -2.24 7.90 43.01
N LYS G 547 -1.28 8.69 42.55
CA LYS G 547 -0.06 8.14 41.99
C LYS G 547 1.13 8.86 42.60
N LYS G 548 2.16 8.09 42.94
CA LYS G 548 3.37 8.65 43.53
C LYS G 548 4.33 9.16 42.48
N SER G 549 5.02 10.25 42.79
CA SER G 549 6.01 10.82 41.88
C SER G 549 7.37 10.20 42.04
N THR G 550 8.12 10.18 40.94
CA THR G 550 9.51 9.77 40.92
C THR G 550 10.38 10.97 41.21
N ASN G 551 11.48 10.76 41.92
CA ASN G 551 12.39 11.85 42.23
C ASN G 551 12.86 12.56 40.96
N LEU G 552 12.75 13.88 40.96
CA LEU G 552 13.12 14.66 39.80
C LEU G 552 14.61 14.93 39.79
N VAL G 553 15.27 14.53 38.71
CA VAL G 553 16.71 14.65 38.59
C VAL G 553 17.08 15.52 37.39
N LYS G 554 17.89 16.53 37.65
CA LYS G 554 18.33 17.46 36.62
C LYS G 554 19.71 17.08 36.07
N ASN G 555 20.01 17.59 34.87
CA ASN G 555 21.28 17.38 34.18
C ASN G 555 21.58 15.90 33.86
N LYS G 556 20.55 15.11 33.57
CA LYS G 556 20.69 13.71 33.18
C LYS G 556 19.78 13.43 31.97
N CYS G 557 20.16 12.45 31.12
CA CYS G 557 19.35 12.04 29.98
C CYS G 557 18.29 11.03 30.43
N VAL G 558 17.05 11.51 30.45
CA VAL G 558 15.92 10.81 31.05
C VAL G 558 14.66 10.79 30.19
N ASN G 559 13.88 9.73 30.34
CA ASN G 559 12.57 9.62 29.72
C ASN G 559 11.55 10.27 30.65
N PHE G 560 10.84 11.29 30.19
CA PHE G 560 9.96 12.03 31.09
C PHE G 560 8.47 11.87 30.86
N ASN G 561 7.72 11.98 31.95
CA ASN G 561 6.27 12.00 31.88
C ASN G 561 5.69 12.98 32.90
N PHE G 562 5.28 14.15 32.43
CA PHE G 562 4.74 15.20 33.30
C PHE G 562 3.24 15.34 33.11
N ASN G 563 2.46 14.91 34.09
CA ASN G 563 1.01 14.89 33.92
C ASN G 563 0.66 14.02 32.70
N GLY G 564 0.11 14.63 31.65
CA GLY G 564 -0.26 13.88 30.45
C GLY G 564 0.72 14.04 29.29
N LEU G 565 1.86 14.71 29.52
CA LEU G 565 2.83 14.99 28.47
C LEU G 565 4.08 14.13 28.54
N THR G 566 4.33 13.38 27.47
CA THR G 566 5.52 12.53 27.40
C THR G 566 6.65 13.29 26.72
N GLY G 567 7.82 13.28 27.36
CA GLY G 567 8.98 14.00 26.85
C GLY G 567 10.27 13.19 26.99
N THR G 568 11.38 13.86 26.76
CA THR G 568 12.70 13.24 26.83
C THR G 568 13.74 14.32 27.03
N GLY G 569 15.00 13.99 26.82
CA GLY G 569 16.06 14.97 26.92
C GLY G 569 16.56 15.18 28.33
N VAL G 570 17.13 16.36 28.54
CA VAL G 570 17.76 16.75 29.78
C VAL G 570 17.12 18.02 30.31
N LEU G 571 16.76 18.04 31.59
CA LEU G 571 16.16 19.24 32.15
C LEU G 571 17.18 20.10 32.89
N THR G 572 17.08 21.41 32.68
CA THR G 572 17.92 22.40 33.35
C THR G 572 17.05 23.54 33.85
N GLU G 573 17.57 24.36 34.76
CA GLU G 573 16.78 25.48 35.29
C GLU G 573 16.40 26.47 34.20
N SER G 574 15.13 26.88 34.18
CA SER G 574 14.62 27.85 33.21
C SER G 574 14.61 29.25 33.77
N ASN G 575 14.73 30.24 32.89
CA ASN G 575 14.57 31.64 33.28
C ASN G 575 13.28 32.22 32.71
N LYS G 576 12.35 31.34 32.33
CA LYS G 576 11.07 31.76 31.79
C LYS G 576 10.04 31.96 32.87
N LYS G 577 9.07 32.83 32.59
CA LYS G 577 7.96 33.03 33.50
C LYS G 577 6.68 32.68 32.78
N PHE G 578 6.01 31.65 33.27
CA PHE G 578 4.77 31.18 32.68
C PHE G 578 3.60 31.89 33.33
N LEU G 579 2.50 32.01 32.59
CA LEU G 579 1.30 32.56 33.19
C LEU G 579 0.80 31.53 34.22
N PRO G 580 0.03 31.95 35.24
CA PRO G 580 -0.45 31.14 36.35
C PRO G 580 -1.17 29.84 35.96
N PHE G 581 -1.75 29.81 34.76
CA PHE G 581 -2.51 28.64 34.31
C PHE G 581 -1.73 27.72 33.37
N GLN G 582 -0.56 28.15 32.92
CA GLN G 582 0.18 27.40 31.92
C GLN G 582 1.00 26.28 32.53
N GLN G 583 1.05 25.15 31.83
CA GLN G 583 1.71 23.95 32.36
C GLN G 583 3.05 23.67 31.68
N PHE G 584 3.16 24.05 30.42
CA PHE G 584 4.38 23.82 29.66
C PHE G 584 4.44 24.84 28.54
N GLY G 585 5.60 25.02 27.94
CA GLY G 585 5.74 25.93 26.81
C GLY G 585 6.29 25.22 25.60
N ARG G 586 6.22 25.90 24.46
CA ARG G 586 6.71 25.34 23.19
C ARG G 586 7.59 26.28 22.39
N ASP G 587 8.44 25.65 21.58
CA ASP G 587 9.26 26.30 20.58
C ASP G 587 8.44 26.42 19.31
N ILE G 588 9.03 26.98 18.27
CA ILE G 588 8.28 27.24 17.05
C ILE G 588 7.81 25.96 16.35
N ALA G 589 8.70 24.97 16.22
CA ALA G 589 8.34 23.76 15.47
C ALA G 589 7.65 22.69 16.33
N ASP G 590 6.52 23.05 16.93
CA ASP G 590 5.67 22.14 17.70
C ASP G 590 6.46 21.27 18.69
N THR G 591 7.42 21.87 19.37
CA THR G 591 8.29 21.14 20.28
C THR G 591 8.23 21.68 21.70
N THR G 592 8.05 20.82 22.70
CA THR G 592 7.99 21.31 24.06
C THR G 592 9.34 21.94 24.38
N ASP G 593 9.33 23.19 24.84
CA ASP G 593 10.56 23.92 25.13
C ASP G 593 10.92 23.83 26.60
N ALA G 594 9.88 23.87 27.44
CA ALA G 594 10.08 23.86 28.88
C ALA G 594 8.84 23.32 29.55
N VAL G 595 9.00 22.79 30.76
CA VAL G 595 7.88 22.27 31.51
C VAL G 595 7.83 22.81 32.95
N ARG G 596 6.62 23.11 33.41
CA ARG G 596 6.41 23.54 34.79
C ARG G 596 6.12 22.31 35.64
N ASP G 597 7.00 22.02 36.59
CA ASP G 597 6.87 20.81 37.38
C ASP G 597 5.63 20.84 38.29
N PRO G 598 4.78 19.80 38.25
CA PRO G 598 3.56 19.63 39.03
C PRO G 598 3.70 19.82 40.55
N GLN G 599 4.88 19.56 41.14
CA GLN G 599 5.01 19.70 42.59
C GLN G 599 5.79 20.93 43.02
N THR G 600 6.82 21.28 42.27
CA THR G 600 7.69 22.35 42.72
C THR G 600 7.24 23.72 42.22
N LEU G 601 6.46 23.75 41.15
CA LEU G 601 6.01 24.98 40.49
C LEU G 601 7.18 25.72 39.87
N GLU G 602 8.31 25.02 39.75
CA GLU G 602 9.51 25.53 39.09
C GLU G 602 9.48 25.13 37.64
N ILE G 603 10.14 25.91 36.80
CA ILE G 603 10.17 25.58 35.38
C ILE G 603 11.55 25.14 34.96
N LEU G 604 11.59 24.02 34.25
CA LEU G 604 12.84 23.49 33.72
C LEU G 604 12.81 23.45 32.20
N ASP G 605 13.89 23.94 31.58
CA ASP G 605 14.02 23.95 30.13
C ASP G 605 14.40 22.57 29.63
N ILE G 606 13.98 22.24 28.43
CA ILE G 606 14.28 20.94 27.86
C ILE G 606 15.30 21.02 26.75
N THR G 607 16.44 20.38 26.95
CA THR G 607 17.46 20.33 25.92
C THR G 607 17.45 18.89 25.45
N PRO G 608 17.91 18.60 24.23
CA PRO G 608 18.06 17.25 23.73
C PRO G 608 19.22 16.60 24.43
N CYS G 609 19.24 15.25 24.47
CA CYS G 609 20.38 14.49 24.96
C CYS G 609 21.48 14.66 23.91
N SER G 610 22.68 15.00 24.35
CA SER G 610 23.73 15.37 23.42
C SER G 610 23.97 14.31 22.35
N PHE G 611 24.12 14.78 21.12
CA PHE G 611 24.39 13.92 19.99
C PHE G 611 25.14 14.71 18.94
N GLY G 612 25.77 14.00 18.03
CA GLY G 612 26.45 14.63 16.90
C GLY G 612 27.28 13.62 16.12
N GLY G 613 27.82 14.05 15.00
CA GLY G 613 28.62 13.13 14.18
C GLY G 613 29.95 12.84 14.85
N VAL G 614 30.54 11.71 14.48
CA VAL G 614 31.86 11.37 15.01
C VAL G 614 32.84 11.30 13.86
N SER G 615 33.85 12.17 13.96
CA SER G 615 34.84 12.27 12.92
C SER G 615 36.22 11.86 13.38
N VAL G 616 36.94 11.19 12.51
CA VAL G 616 38.29 10.78 12.80
C VAL G 616 39.26 11.67 12.06
N ILE G 617 40.15 12.29 12.82
CA ILE G 617 41.13 13.22 12.31
C ILE G 617 42.45 12.50 12.17
N THR G 618 42.93 12.37 10.95
CA THR G 618 44.11 11.55 10.77
C THR G 618 45.09 12.11 9.74
N PRO G 619 46.40 11.90 9.95
CA PRO G 619 47.46 12.08 8.99
C PRO G 619 47.32 10.92 8.03
N GLY G 620 47.96 10.98 6.88
CA GLY G 620 47.83 9.83 6.00
C GLY G 620 48.51 8.62 6.64
N THR G 621 47.95 7.43 6.39
CA THR G 621 48.50 6.17 6.92
C THR G 621 49.87 5.79 6.33
N ASN G 622 50.31 6.55 5.32
CA ASN G 622 51.62 6.45 4.68
C ASN G 622 52.75 6.87 5.64
N THR G 623 52.46 7.82 6.58
CA THR G 623 53.45 8.33 7.54
C THR G 623 53.08 8.06 9.01
N SER G 624 51.78 7.91 9.32
CA SER G 624 51.37 7.73 10.72
C SER G 624 50.02 7.05 10.88
N ASN G 625 49.93 6.16 11.88
CA ASN G 625 48.68 5.48 12.21
C ASN G 625 48.06 6.04 13.49
N GLN G 626 48.54 7.20 13.92
CA GLN G 626 48.02 7.89 15.09
C GLN G 626 46.81 8.72 14.72
N VAL G 627 45.73 8.62 15.48
CA VAL G 627 44.53 9.39 15.16
C VAL G 627 43.97 10.13 16.37
N ALA G 628 43.16 11.16 16.08
CA ALA G 628 42.41 11.87 17.11
C ALA G 628 40.93 11.79 16.76
N VAL G 629 40.05 11.77 17.76
CA VAL G 629 38.63 11.67 17.44
C VAL G 629 37.84 12.88 17.92
N LEU G 630 37.10 13.46 17.00
CA LEU G 630 36.29 14.62 17.27
C LEU G 630 34.81 14.27 17.36
N TYR G 631 34.23 14.56 18.50
CA TYR G 631 32.81 14.35 18.70
C TYR G 631 32.16 15.68 18.45
N GLN G 632 31.46 15.78 17.33
CA GLN G 632 30.95 17.05 16.87
C GLN G 632 29.77 17.52 17.69
N ASP G 633 29.75 18.82 17.97
CA ASP G 633 28.64 19.49 18.65
C ASP G 633 28.26 18.91 20.01
N VAL G 634 29.22 18.35 20.75
CA VAL G 634 28.90 17.79 22.07
C VAL G 634 29.91 18.22 23.14
N ASN G 635 29.51 18.04 24.41
CA ASN G 635 30.31 18.27 25.60
C ASN G 635 31.21 17.06 25.91
N CYS G 636 32.42 17.34 26.41
CA CYS G 636 33.39 16.32 26.82
C CYS G 636 32.91 15.55 28.05
N THR G 637 31.94 16.12 28.76
CA THR G 637 31.38 15.48 29.95
C THR G 637 30.34 14.42 29.58
N GLU G 638 29.88 14.45 28.32
CA GLU G 638 28.89 13.48 27.84
C GLU G 638 29.54 12.25 27.19
N VAL G 639 30.69 12.47 26.50
CA VAL G 639 31.44 11.43 25.80
C VAL G 639 32.15 10.54 26.85
N ASN G 660 44.65 14.99 27.49
CA ASN G 660 44.68 15.28 26.06
C ASN G 660 43.25 15.45 25.49
N VAL G 661 42.42 16.24 26.20
CA VAL G 661 41.04 16.55 25.81
C VAL G 661 40.84 18.05 25.66
N PHE G 662 40.40 18.47 24.47
CA PHE G 662 40.19 19.88 24.16
C PHE G 662 38.74 20.19 23.79
N GLN G 663 38.11 21.02 24.61
CA GLN G 663 36.71 21.39 24.36
C GLN G 663 36.67 22.66 23.52
N THR G 664 36.07 22.57 22.33
CA THR G 664 35.98 23.73 21.46
C THR G 664 34.56 23.92 20.92
N ARG G 665 34.37 24.99 20.16
CA ARG G 665 33.06 25.34 19.62
C ARG G 665 32.50 24.27 18.70
N ALA G 666 33.38 23.59 17.97
CA ALA G 666 32.98 22.57 17.02
C ALA G 666 32.69 21.22 17.67
N GLY G 667 32.94 21.07 18.97
CA GLY G 667 32.78 19.77 19.62
C GLY G 667 33.93 19.43 20.57
N CYS G 668 33.98 18.17 21.02
CA CYS G 668 34.99 17.67 21.96
C CYS G 668 36.07 16.88 21.20
N LEU G 669 37.29 17.38 21.26
CA LEU G 669 38.40 16.71 20.57
C LEU G 669 39.23 15.90 21.56
N ILE G 670 39.24 14.58 21.36
CA ILE G 670 39.94 13.69 22.26
C ILE G 670 41.11 12.99 21.58
N GLY G 671 42.32 13.19 22.11
CA GLY G 671 43.50 12.56 21.57
C GLY G 671 44.63 13.54 21.27
N ALA G 672 44.29 14.64 20.60
CA ALA G 672 45.25 15.68 20.23
C ALA G 672 45.50 16.62 21.40
N GLU G 673 46.72 17.15 21.47
CA GLU G 673 47.03 18.16 22.47
C GLU G 673 46.78 19.54 21.91
N HIS G 674 46.32 20.47 22.74
CA HIS G 674 46.12 21.84 22.28
C HIS G 674 47.35 22.67 22.60
N VAL G 675 47.71 23.56 21.67
CA VAL G 675 48.87 24.42 21.86
C VAL G 675 48.52 25.91 21.69
N ASN G 676 49.36 26.81 22.24
CA ASN G 676 49.20 28.26 22.14
C ASN G 676 49.59 28.81 20.76
N ASN G 677 50.57 28.19 20.10
CA ASN G 677 51.09 28.66 18.81
C ASN G 677 50.13 28.38 17.67
N SER G 678 49.87 29.40 16.87
CA SER G 678 49.03 29.25 15.70
C SER G 678 49.91 28.85 14.53
N TYR G 679 49.31 28.15 13.59
CA TYR G 679 50.01 27.76 12.38
C TYR G 679 49.07 27.91 11.22
N GLU G 680 49.59 28.01 10.01
CA GLU G 680 48.70 28.02 8.87
C GLU G 680 47.86 26.74 8.94
N CYS G 681 46.59 26.82 8.51
CA CYS G 681 45.69 25.68 8.58
C CYS G 681 46.16 24.55 7.67
N ASP G 682 46.14 23.34 8.21
CA ASP G 682 46.49 22.15 7.49
C ASP G 682 45.22 21.34 7.30
N ILE G 683 44.81 20.60 8.33
CA ILE G 683 43.55 19.88 8.25
C ILE G 683 42.53 20.50 9.21
N PRO G 684 41.53 21.23 8.70
CA PRO G 684 40.58 22.04 9.45
C PRO G 684 39.59 21.25 10.27
N ILE G 685 39.25 21.76 11.45
CA ILE G 685 38.21 21.19 12.30
C ILE G 685 36.96 22.03 12.18
N GLY G 686 37.14 23.35 12.24
CA GLY G 686 36.04 24.30 12.16
C GLY G 686 36.09 25.29 13.31
N ALA G 687 35.36 26.41 13.17
CA ALA G 687 35.28 27.43 14.20
C ALA G 687 36.64 27.98 14.61
N GLY G 688 37.52 28.21 13.64
CA GLY G 688 38.83 28.78 13.94
C GLY G 688 39.90 27.75 14.27
N ILE G 689 39.53 26.47 14.41
CA ILE G 689 40.48 25.43 14.80
C ILE G 689 40.89 24.50 13.64
N CYS G 690 42.20 24.23 13.54
CA CYS G 690 42.81 23.27 12.59
C CYS G 690 43.74 22.32 13.37
N ALA G 691 44.05 21.19 12.76
CA ALA G 691 44.98 20.23 13.37
C ALA G 691 46.11 19.87 12.43
N SER G 692 47.22 19.44 13.01
CA SER G 692 48.40 19.02 12.26
C SER G 692 49.22 18.00 13.06
N TYR G 693 50.20 17.38 12.39
CA TYR G 693 51.08 16.40 13.03
C TYR G 693 52.47 17.01 13.17
N GLN G 694 52.85 17.35 14.40
CA GLN G 694 54.09 18.09 14.66
C GLN G 694 54.83 17.58 15.90
N THR G 695 56.16 17.81 15.97
CA THR G 695 57.05 17.44 17.08
C THR G 695 56.39 17.66 18.46
N SER G 708 58.35 11.39 18.79
CA SER G 708 58.60 12.82 18.79
C SER G 708 57.40 13.64 18.29
N GLN G 709 56.70 13.13 17.25
CA GLN G 709 55.57 13.80 16.59
C GLN G 709 54.25 13.37 17.23
N SER G 710 53.30 14.29 17.26
CA SER G 710 51.96 13.98 17.77
C SER G 710 50.92 14.88 17.12
N ILE G 711 49.63 14.53 17.27
CA ILE G 711 48.59 15.36 16.71
C ILE G 711 48.28 16.52 17.65
N ILE G 712 48.23 17.72 17.09
CA ILE G 712 47.92 18.90 17.88
C ILE G 712 46.76 19.69 17.31
N ALA G 713 46.14 20.48 18.17
CA ALA G 713 45.07 21.39 17.78
C ALA G 713 45.52 22.82 18.03
N TYR G 714 45.16 23.72 17.11
CA TYR G 714 45.54 25.11 17.24
C TYR G 714 44.56 26.05 16.58
N THR G 715 44.58 27.31 17.01
CA THR G 715 43.81 28.34 16.31
C THR G 715 44.55 28.61 15.02
N MET G 716 43.83 28.58 13.91
CA MET G 716 44.50 28.70 12.62
C MET G 716 45.00 30.10 12.36
N SER G 717 46.13 30.16 11.68
CA SER G 717 46.67 31.40 11.16
C SER G 717 46.18 31.57 9.73
N LEU G 718 45.99 32.80 9.31
CA LEU G 718 45.53 33.05 7.96
C LEU G 718 46.69 33.44 7.06
N GLY G 719 47.90 33.36 7.60
CA GLY G 719 49.11 33.71 6.89
C GLY G 719 50.03 34.51 7.79
N ALA G 720 51.28 34.65 7.38
CA ALA G 720 52.26 35.39 8.16
C ALA G 720 51.85 36.85 8.26
N GLU G 721 52.14 37.48 9.40
CA GLU G 721 51.88 38.90 9.54
C GLU G 721 52.88 39.69 8.71
N ASN G 722 52.40 40.76 8.09
CA ASN G 722 53.25 41.63 7.30
C ASN G 722 52.71 43.05 7.32
N SER G 723 53.39 43.96 6.65
CA SER G 723 52.95 45.35 6.58
C SER G 723 53.54 46.04 5.36
N VAL G 724 53.02 47.21 5.06
CA VAL G 724 53.52 48.01 3.96
C VAL G 724 54.20 49.26 4.53
N ALA G 725 55.42 49.52 4.08
CA ALA G 725 56.17 50.67 4.58
C ALA G 725 55.67 51.94 3.94
N TYR G 726 54.46 52.31 4.33
CA TYR G 726 53.74 53.42 3.73
C TYR G 726 54.20 54.79 4.16
N SER G 727 55.38 55.17 3.72
CA SER G 727 55.80 56.55 3.87
C SER G 727 55.12 57.28 2.70
N ASN G 728 54.68 58.52 2.90
CA ASN G 728 53.88 59.27 1.93
C ASN G 728 54.69 59.76 0.71
N ASN G 729 56.02 59.52 0.69
CA ASN G 729 56.90 59.85 -0.44
C ASN G 729 57.77 58.66 -0.83
N SER G 730 57.37 57.44 -0.46
CA SER G 730 58.19 56.27 -0.77
C SER G 730 57.50 55.28 -1.71
N ILE G 731 58.24 54.84 -2.71
CA ILE G 731 57.72 53.88 -3.67
C ILE G 731 58.66 52.68 -3.82
N ALA G 732 58.08 51.49 -3.93
CA ALA G 732 58.88 50.32 -4.24
C ALA G 732 58.67 49.99 -5.70
N ILE G 733 59.77 49.73 -6.39
CA ILE G 733 59.74 49.41 -7.81
C ILE G 733 60.58 48.17 -8.04
N PRO G 734 60.07 47.14 -8.74
CA PRO G 734 60.79 45.92 -9.01
C PRO G 734 61.95 46.23 -9.90
N THR G 735 63.09 45.61 -9.64
CA THR G 735 64.30 45.76 -10.46
C THR G 735 64.63 44.49 -11.27
N ASN G 736 64.10 43.34 -10.83
CA ASN G 736 64.23 42.04 -11.48
C ASN G 736 62.87 41.35 -11.47
N PHE G 737 62.73 40.29 -12.25
CA PHE G 737 61.49 39.52 -12.36
C PHE G 737 61.76 38.10 -12.77
N THR G 738 60.77 37.25 -12.58
CA THR G 738 60.82 35.90 -13.06
C THR G 738 59.57 35.57 -13.85
N ILE G 739 59.68 34.57 -14.71
CA ILE G 739 58.52 34.06 -15.40
C ILE G 739 58.17 32.71 -14.81
N SER G 740 56.95 32.59 -14.33
CA SER G 740 56.52 31.35 -13.70
C SER G 740 55.43 30.71 -14.52
N VAL G 741 55.31 29.40 -14.39
CA VAL G 741 54.23 28.69 -15.06
C VAL G 741 53.43 27.92 -14.03
N THR G 742 52.14 28.21 -13.99
CA THR G 742 51.26 27.52 -13.05
C THR G 742 50.22 26.74 -13.82
N THR G 743 49.63 25.75 -13.16
CA THR G 743 48.64 24.93 -13.84
C THR G 743 47.25 25.08 -13.23
N GLU G 744 46.28 25.33 -14.10
CA GLU G 744 44.89 25.43 -13.69
C GLU G 744 44.09 24.34 -14.38
N ILE G 745 43.35 23.56 -13.61
CA ILE G 745 42.63 22.44 -14.19
C ILE G 745 41.13 22.58 -14.04
N LEU G 746 40.42 22.44 -15.16
CA LEU G 746 38.97 22.51 -15.16
C LEU G 746 38.39 21.26 -15.83
N PRO G 747 37.29 20.70 -15.31
CA PRO G 747 36.53 19.63 -15.93
C PRO G 747 35.76 20.20 -17.10
N VAL G 748 35.52 19.39 -18.11
CA VAL G 748 34.70 19.82 -19.23
C VAL G 748 33.48 18.95 -19.42
N SER G 749 33.63 17.64 -19.26
CA SER G 749 32.53 16.75 -19.58
C SER G 749 32.43 15.53 -18.66
N MET G 750 31.22 14.99 -18.60
CA MET G 750 30.87 13.80 -17.85
C MET G 750 30.75 12.60 -18.75
N THR G 751 30.78 11.42 -18.14
CA THR G 751 30.53 10.19 -18.86
C THR G 751 29.12 10.20 -19.45
N LYS G 752 29.00 9.87 -20.73
CA LYS G 752 27.70 9.89 -21.40
C LYS G 752 26.92 8.63 -21.11
N THR G 753 26.36 8.55 -19.92
CA THR G 753 25.65 7.36 -19.51
C THR G 753 24.25 7.34 -20.10
N SER G 754 23.66 6.15 -20.13
CA SER G 754 22.28 5.97 -20.56
C SER G 754 21.67 4.80 -19.80
N VAL G 755 20.39 4.93 -19.44
CA VAL G 755 19.75 3.88 -18.64
C VAL G 755 18.46 3.38 -19.26
N ASP G 756 18.34 2.06 -19.44
CA ASP G 756 17.09 1.48 -19.92
C ASP G 756 16.24 1.11 -18.69
N CYS G 757 15.15 1.88 -18.44
CA CYS G 757 14.32 1.75 -17.24
C CYS G 757 13.56 0.41 -17.23
N THR G 758 13.36 -0.16 -18.40
CA THR G 758 12.61 -1.40 -18.44
C THR G 758 13.54 -2.50 -17.98
N MET G 759 14.77 -2.49 -18.51
CA MET G 759 15.73 -3.49 -18.10
C MET G 759 16.11 -3.31 -16.62
N TYR G 760 16.18 -2.06 -16.17
CA TYR G 760 16.51 -1.74 -14.78
C TYR G 760 15.41 -2.17 -13.82
N ILE G 761 14.15 -1.86 -14.13
CA ILE G 761 13.03 -2.16 -13.22
C ILE G 761 12.38 -3.53 -13.48
N CYS G 762 12.06 -3.83 -14.76
CA CYS G 762 11.27 -4.98 -15.19
C CYS G 762 12.03 -5.81 -16.23
N GLY G 763 13.31 -6.05 -15.97
CA GLY G 763 14.08 -6.82 -16.93
C GLY G 763 13.49 -8.20 -17.08
N ASP G 764 13.26 -8.60 -18.33
CA ASP G 764 12.71 -9.90 -18.69
C ASP G 764 11.40 -10.25 -17.95
N SER G 765 10.54 -9.26 -17.73
CA SER G 765 9.26 -9.54 -17.07
C SER G 765 8.08 -8.83 -17.70
N THR G 766 7.19 -9.61 -18.31
CA THR G 766 6.01 -9.08 -18.97
C THR G 766 5.03 -8.53 -17.95
N GLU G 767 4.86 -9.26 -16.86
CA GLU G 767 3.90 -8.85 -15.83
C GLU G 767 4.30 -7.53 -15.17
N CYS G 768 5.61 -7.35 -14.89
CA CYS G 768 6.15 -6.12 -14.32
C CYS G 768 5.99 -4.98 -15.31
N SER G 769 6.29 -5.21 -16.59
CA SER G 769 6.17 -4.15 -17.58
C SER G 769 4.72 -3.66 -17.65
N ASN G 770 3.77 -4.58 -17.62
CA ASN G 770 2.37 -4.19 -17.67
C ASN G 770 2.00 -3.28 -16.50
N LEU G 771 2.61 -3.53 -15.34
CA LEU G 771 2.39 -2.69 -14.16
C LEU G 771 3.16 -1.37 -14.27
N LEU G 772 4.37 -1.41 -14.85
CA LEU G 772 5.21 -0.23 -14.99
C LEU G 772 4.53 0.81 -15.88
N LEU G 773 3.80 0.33 -16.88
CA LEU G 773 3.08 1.18 -17.81
C LEU G 773 1.91 1.89 -17.15
N GLN G 774 1.52 1.46 -15.94
CA GLN G 774 0.38 2.07 -15.27
C GLN G 774 0.78 3.37 -14.64
N TYR G 775 2.09 3.64 -14.62
CA TYR G 775 2.60 4.84 -13.99
C TYR G 775 2.82 5.92 -15.03
N GLY G 776 2.39 5.67 -16.26
CA GLY G 776 2.48 6.68 -17.31
C GLY G 776 3.81 6.69 -18.04
N SER G 777 4.27 7.89 -18.36
CA SER G 777 5.43 8.12 -19.21
C SER G 777 6.66 8.55 -18.43
N PHE G 778 6.75 8.19 -17.16
CA PHE G 778 7.92 8.57 -16.36
C PHE G 778 9.24 8.18 -17.01
N CYS G 779 9.31 6.98 -17.64
CA CYS G 779 10.50 6.50 -18.34
C CYS G 779 10.86 7.41 -19.50
N THR G 780 9.87 7.91 -20.21
CA THR G 780 10.12 8.77 -21.35
C THR G 780 10.72 10.07 -20.85
N GLN G 781 10.17 10.58 -19.75
CA GLN G 781 10.64 11.83 -19.16
C GLN G 781 12.08 11.71 -18.64
N LEU G 782 12.39 10.58 -17.99
CA LEU G 782 13.72 10.36 -17.44
C LEU G 782 14.73 10.06 -18.54
N ASN G 783 14.30 9.33 -19.56
CA ASN G 783 15.20 8.98 -20.66
C ASN G 783 15.57 10.24 -21.43
N ARG G 784 14.61 11.14 -21.61
CA ARG G 784 14.89 12.38 -22.32
C ARG G 784 15.83 13.26 -21.49
N ALA G 785 15.66 13.26 -20.17
CA ALA G 785 16.52 14.06 -19.32
C ALA G 785 17.97 13.60 -19.43
N LEU G 786 18.20 12.28 -19.41
CA LEU G 786 19.56 11.77 -19.51
C LEU G 786 20.13 11.91 -20.92
N THR G 787 19.29 11.74 -21.93
CA THR G 787 19.74 11.86 -23.31
C THR G 787 20.18 13.30 -23.56
N GLY G 788 19.39 14.25 -23.06
CA GLY G 788 19.71 15.67 -23.22
C GLY G 788 21.07 15.98 -22.64
N ILE G 789 21.37 15.42 -21.46
CA ILE G 789 22.67 15.66 -20.85
C ILE G 789 23.78 15.04 -21.68
N ALA G 790 23.59 13.82 -22.17
CA ALA G 790 24.63 13.18 -22.96
C ALA G 790 24.98 14.06 -24.17
N VAL G 791 23.97 14.68 -24.77
CA VAL G 791 24.20 15.58 -25.89
C VAL G 791 24.97 16.83 -25.44
N GLU G 792 24.59 17.38 -24.29
CA GLU G 792 25.26 18.57 -23.76
C GLU G 792 26.73 18.29 -23.46
N GLN G 793 27.08 17.05 -23.11
CA GLN G 793 28.47 16.75 -22.83
C GLN G 793 29.34 16.93 -24.08
N ASP G 794 28.78 16.72 -25.27
CA ASP G 794 29.56 16.94 -26.48
C ASP G 794 29.55 18.43 -26.80
N LYS G 795 28.45 19.10 -26.45
CA LYS G 795 28.37 20.54 -26.64
C LYS G 795 29.43 21.24 -25.81
N ASN G 796 29.65 20.74 -24.60
CA ASN G 796 30.63 21.31 -23.69
C ASN G 796 32.04 21.09 -24.23
N THR G 797 32.30 19.89 -24.74
CA THR G 797 33.60 19.58 -25.31
C THR G 797 33.85 20.43 -26.54
N GLN G 798 32.83 20.59 -27.36
CA GLN G 798 32.95 21.35 -28.59
C GLN G 798 33.26 22.82 -28.30
N GLU G 799 32.57 23.40 -27.32
CA GLU G 799 32.76 24.81 -27.00
C GLU G 799 34.15 25.07 -26.42
N VAL G 800 34.66 24.15 -25.61
CA VAL G 800 35.97 24.32 -25.00
C VAL G 800 37.14 24.08 -25.95
N PHE G 801 37.09 23.03 -26.77
CA PHE G 801 38.26 22.71 -27.59
C PHE G 801 38.18 23.10 -29.06
N ALA G 802 36.99 23.08 -29.67
CA ALA G 802 36.90 23.33 -31.10
C ALA G 802 36.81 24.83 -31.37
N GLN G 803 37.92 25.52 -31.11
CA GLN G 803 37.95 26.97 -31.23
C GLN G 803 38.77 27.45 -32.41
N VAL G 804 39.00 26.56 -33.37
CA VAL G 804 39.73 26.90 -34.58
C VAL G 804 38.91 26.50 -35.80
N LYS G 805 39.20 27.11 -36.93
CA LYS G 805 38.53 26.74 -38.18
C LYS G 805 39.40 25.84 -39.04
N GLN G 806 40.72 25.91 -38.81
CA GLN G 806 41.69 25.10 -39.54
C GLN G 806 42.61 24.45 -38.53
N ILE G 807 43.16 23.30 -38.90
CA ILE G 807 44.13 22.63 -38.03
C ILE G 807 45.53 23.01 -38.46
N TYR G 808 46.20 23.80 -37.62
CA TYR G 808 47.52 24.31 -37.94
C TYR G 808 48.62 23.40 -37.43
N LYS G 809 49.57 23.12 -38.30
CA LYS G 809 50.70 22.29 -37.98
C LYS G 809 51.84 23.12 -37.40
N THR G 810 52.70 22.47 -36.64
CA THR G 810 53.89 23.13 -36.12
C THR G 810 54.90 23.22 -37.26
N PRO G 811 55.87 24.14 -37.19
CA PRO G 811 56.95 24.28 -38.16
C PRO G 811 57.90 23.09 -38.05
N PRO G 812 58.60 22.74 -39.14
CA PRO G 812 59.62 21.70 -39.22
C PRO G 812 60.87 22.07 -38.42
N ILE G 813 61.03 23.36 -38.17
CA ILE G 813 62.18 23.86 -37.41
C ILE G 813 61.71 24.45 -36.11
N LYS G 814 61.99 23.77 -35.01
CA LYS G 814 61.52 24.22 -33.71
C LYS G 814 62.48 25.23 -33.09
N ASP G 815 62.57 26.38 -33.73
CA ASP G 815 63.44 27.46 -33.25
C ASP G 815 62.63 28.67 -32.85
N PHE G 816 62.45 28.84 -31.56
CA PHE G 816 61.60 29.89 -31.05
C PHE G 816 62.40 30.89 -30.22
N GLY G 817 63.63 31.17 -30.63
CA GLY G 817 64.41 32.21 -29.97
C GLY G 817 64.91 31.81 -28.59
N GLY G 818 65.13 30.50 -28.39
CA GLY G 818 65.59 30.00 -27.10
C GLY G 818 64.47 29.38 -26.27
N PHE G 819 63.21 29.57 -26.68
CA PHE G 819 62.10 28.99 -25.94
C PHE G 819 61.84 27.53 -26.37
N ASN G 820 61.96 26.61 -25.41
CA ASN G 820 61.81 25.16 -25.59
C ASN G 820 60.39 24.71 -25.21
N PHE G 821 59.59 24.34 -26.22
CA PHE G 821 58.19 23.93 -26.08
C PHE G 821 58.03 22.43 -26.32
N SER G 822 59.12 21.68 -26.30
CA SER G 822 59.08 20.26 -26.66
C SER G 822 58.20 19.41 -25.75
N GLN G 823 57.95 19.89 -24.53
CA GLN G 823 57.14 19.12 -23.60
C GLN G 823 55.64 19.37 -23.74
N ILE G 824 55.25 20.47 -24.41
CA ILE G 824 53.83 20.78 -24.58
C ILE G 824 53.35 20.46 -25.99
N LEU G 825 54.30 20.36 -26.94
CA LEU G 825 53.98 20.00 -28.31
C LEU G 825 53.81 18.47 -28.41
N PRO G 826 52.96 17.98 -29.32
CA PRO G 826 52.69 16.56 -29.54
C PRO G 826 53.92 15.82 -30.05
N ASP G 827 54.10 14.58 -29.59
CA ASP G 827 55.20 13.72 -29.99
C ASP G 827 54.81 12.84 -31.20
N PRO G 828 55.38 13.09 -32.39
CA PRO G 828 55.03 12.47 -33.66
C PRO G 828 55.38 10.99 -33.73
N SER G 829 56.20 10.51 -32.79
CA SER G 829 56.60 9.10 -32.81
C SER G 829 55.57 8.14 -32.18
N LYS G 830 54.53 8.69 -31.51
CA LYS G 830 53.49 7.92 -30.82
C LYS G 830 52.37 7.53 -31.78
N SER G 832 49.08 7.62 -30.52
CA SER G 832 48.36 8.87 -30.27
C SER G 832 49.39 10.02 -30.08
N LYS G 833 49.35 11.01 -30.99
CA LYS G 833 50.30 12.13 -31.00
C LYS G 833 49.98 13.16 -29.92
N ARG G 834 50.34 12.81 -28.69
CA ARG G 834 50.13 13.68 -27.53
C ARG G 834 51.47 14.14 -27.03
N SER G 835 51.47 15.22 -26.26
CA SER G 835 52.71 15.77 -25.71
C SER G 835 53.19 14.94 -24.53
N PHE G 836 54.43 15.17 -24.11
CA PHE G 836 54.97 14.46 -22.96
C PHE G 836 54.12 14.75 -21.72
N ILE G 837 53.80 16.03 -21.52
CA ILE G 837 52.98 16.43 -20.39
C ILE G 837 51.59 15.82 -20.47
N GLU G 838 50.99 15.80 -21.65
CA GLU G 838 49.66 15.20 -21.77
C GLU G 838 49.68 13.73 -21.38
N ASP G 839 50.68 12.97 -21.82
CA ASP G 839 50.73 11.56 -21.41
C ASP G 839 50.77 11.43 -19.90
N LEU G 840 51.51 12.30 -19.23
CA LEU G 840 51.59 12.24 -17.78
C LEU G 840 50.23 12.53 -17.15
N LEU G 841 49.47 13.46 -17.75
CA LEU G 841 48.15 13.79 -17.21
C LEU G 841 47.17 12.63 -17.36
N PHE G 842 47.18 11.99 -18.52
CA PHE G 842 46.25 10.90 -18.77
C PHE G 842 46.54 9.69 -17.91
N ASN G 843 47.83 9.48 -17.62
CA ASN G 843 48.26 8.33 -16.84
C ASN G 843 47.86 8.42 -15.37
N LYS G 844 47.35 9.58 -14.93
CA LYS G 844 46.94 9.74 -13.52
C LYS G 844 45.43 9.72 -13.23
N VAL G 845 44.57 9.44 -14.24
CA VAL G 845 43.11 9.37 -14.04
C VAL G 845 42.59 8.07 -14.67
N ASN G 875 22.74 -5.27 -16.32
CA ASN G 875 21.94 -4.36 -15.50
C ASN G 875 21.06 -3.38 -16.32
N GLY G 876 21.20 -3.38 -17.65
CA GLY G 876 20.43 -2.53 -18.57
C GLY G 876 21.01 -1.14 -18.75
N LEU G 877 22.22 -0.92 -18.25
CA LEU G 877 22.85 0.37 -18.35
C LEU G 877 23.99 0.34 -19.36
N THR G 878 24.21 1.44 -20.05
CA THR G 878 25.33 1.55 -20.99
C THR G 878 26.02 2.88 -20.92
N VAL G 879 27.14 2.98 -21.63
CA VAL G 879 27.89 4.22 -21.78
C VAL G 879 28.17 4.50 -23.25
N LEU G 880 27.79 5.68 -23.70
CA LEU G 880 27.99 6.07 -25.09
C LEU G 880 29.37 6.72 -25.23
N PRO G 881 30.04 6.59 -26.39
CA PRO G 881 31.28 7.23 -26.71
C PRO G 881 31.03 8.71 -26.98
N PRO G 882 32.03 9.57 -26.78
CA PRO G 882 32.07 10.97 -27.13
C PRO G 882 32.26 11.10 -28.63
N LEU G 883 31.85 12.23 -29.19
CA LEU G 883 32.18 12.50 -30.59
C LEU G 883 33.67 12.68 -30.79
N LEU G 884 34.27 13.42 -29.87
CA LEU G 884 35.69 13.73 -29.95
C LEU G 884 36.47 12.92 -28.94
N THR G 885 37.22 11.95 -29.44
CA THR G 885 38.02 11.05 -28.63
C THR G 885 39.34 11.74 -28.31
N ASP G 886 40.16 11.12 -27.46
CA ASP G 886 41.42 11.74 -27.05
C ASP G 886 42.26 12.18 -28.24
N GLU G 887 42.20 11.42 -29.33
CA GLU G 887 42.94 11.75 -30.54
C GLU G 887 42.46 13.05 -31.18
N MET G 888 41.15 13.29 -31.14
CA MET G 888 40.59 14.48 -31.77
C MET G 888 40.86 15.71 -30.91
N ILE G 889 40.89 15.51 -29.60
CA ILE G 889 41.15 16.58 -28.68
C ILE G 889 42.61 16.98 -28.81
N ALA G 890 43.49 15.98 -28.92
CA ALA G 890 44.91 16.24 -29.09
C ALA G 890 45.14 17.01 -30.39
N GLN G 891 44.38 16.69 -31.44
CA GLN G 891 44.52 17.38 -32.72
C GLN G 891 44.11 18.86 -32.60
N TYR G 892 43.02 19.14 -31.87
CA TYR G 892 42.64 20.53 -31.66
C TYR G 892 43.69 21.27 -30.84
N THR G 893 44.23 20.58 -29.83
CA THR G 893 45.23 21.17 -28.95
C THR G 893 46.47 21.52 -29.75
N SER G 894 46.88 20.63 -30.65
CA SER G 894 48.05 20.87 -31.48
C SER G 894 47.86 22.13 -32.31
N ALA G 895 46.69 22.29 -32.92
CA ALA G 895 46.40 23.47 -33.73
C ALA G 895 46.45 24.75 -32.88
N LEU G 896 45.94 24.68 -31.67
CA LEU G 896 45.92 25.83 -30.78
C LEU G 896 47.33 26.26 -30.39
N LEU G 897 48.20 25.29 -30.12
CA LEU G 897 49.58 25.61 -29.76
C LEU G 897 50.38 26.10 -30.95
N ALA G 898 50.18 25.46 -32.11
CA ALA G 898 50.93 25.88 -33.28
C ALA G 898 50.60 27.32 -33.57
N GLY G 899 49.32 27.68 -33.44
CA GLY G 899 48.90 29.06 -33.63
C GLY G 899 49.49 29.99 -32.58
N THR G 900 49.33 29.65 -31.31
CA THR G 900 49.79 30.51 -30.22
C THR G 900 51.27 30.85 -30.35
N ILE G 901 52.07 29.84 -30.70
CA ILE G 901 53.51 30.01 -30.80
C ILE G 901 53.96 30.75 -32.07
N THR G 902 53.38 30.44 -33.23
CA THR G 902 53.87 31.03 -34.48
C THR G 902 53.06 32.17 -35.12
N SER G 903 51.78 32.33 -34.75
CA SER G 903 50.93 33.37 -35.34
C SER G 903 50.27 34.24 -34.26
N GLY G 904 50.74 34.11 -33.04
CA GLY G 904 50.20 34.87 -31.92
C GLY G 904 48.73 34.60 -31.72
N TRP G 905 47.95 35.66 -31.55
CA TRP G 905 46.52 35.55 -31.37
C TRP G 905 45.71 35.80 -32.64
N THR G 906 46.40 36.03 -33.76
CA THR G 906 45.68 36.41 -34.96
C THR G 906 44.79 35.30 -35.47
N PHE G 907 45.22 34.05 -35.26
CA PHE G 907 44.47 32.88 -35.70
C PHE G 907 43.18 32.70 -34.89
N GLY G 908 43.14 33.33 -33.71
CA GLY G 908 41.97 33.27 -32.88
C GLY G 908 40.94 34.25 -33.40
N ALA G 909 41.40 35.48 -33.67
CA ALA G 909 40.55 36.55 -34.20
C ALA G 909 40.10 36.27 -35.64
N GLY G 910 40.96 35.64 -36.43
CA GLY G 910 40.69 35.37 -37.84
C GLY G 910 41.77 34.49 -38.47
N ALA G 911 42.36 34.98 -39.55
CA ALA G 911 43.42 34.25 -40.27
C ALA G 911 44.69 34.19 -39.44
N ALA G 912 45.44 33.10 -39.57
CA ALA G 912 46.71 32.96 -38.85
C ALA G 912 47.85 33.65 -39.58
N LEU G 913 48.33 34.74 -39.01
CA LEU G 913 49.39 35.56 -39.59
C LEU G 913 50.70 35.34 -38.85
N GLN G 914 51.73 34.90 -39.56
CA GLN G 914 53.02 34.59 -38.93
C GLN G 914 53.69 35.80 -38.31
N ILE G 915 54.36 35.55 -37.20
CA ILE G 915 55.17 36.55 -36.50
C ILE G 915 56.26 35.80 -35.72
N PRO G 916 57.53 36.26 -35.68
CA PRO G 916 58.60 35.65 -34.90
C PRO G 916 58.19 35.57 -33.44
N PHE G 917 58.56 34.49 -32.77
CA PHE G 917 58.15 34.31 -31.39
C PHE G 917 58.60 35.47 -30.49
N ALA G 918 59.85 35.90 -30.64
CA ALA G 918 60.36 36.99 -29.80
C ALA G 918 59.55 38.27 -30.02
N MET G 919 59.11 38.51 -31.26
CA MET G 919 58.35 39.70 -31.55
C MET G 919 56.98 39.61 -30.89
N GLN G 920 56.44 38.40 -30.84
CA GLN G 920 55.15 38.20 -30.20
C GLN G 920 55.25 38.47 -28.70
N MET G 921 56.36 38.05 -28.09
CA MET G 921 56.54 38.28 -26.66
C MET G 921 56.67 39.77 -26.38
N ALA G 922 57.29 40.52 -27.30
CA ALA G 922 57.45 41.95 -27.11
C ALA G 922 56.09 42.63 -26.94
N TYR G 923 55.10 42.15 -27.68
CA TYR G 923 53.76 42.71 -27.57
C TYR G 923 53.11 42.27 -26.27
N ARG G 924 53.34 41.02 -25.89
CA ARG G 924 52.75 40.48 -24.67
C ARG G 924 53.26 41.21 -23.43
N PHE G 925 54.54 41.59 -23.44
CA PHE G 925 55.15 42.34 -22.34
C PHE G 925 54.64 43.78 -22.32
N ASN G 926 54.53 44.41 -23.50
CA ASN G 926 54.04 45.78 -23.55
C ASN G 926 52.63 45.85 -22.97
N GLY G 927 51.86 44.79 -23.19
CA GLY G 927 50.48 44.68 -22.73
C GLY G 927 50.34 44.64 -21.21
N ILE G 928 51.43 44.43 -20.48
CA ILE G 928 51.38 44.41 -19.02
C ILE G 928 52.15 45.57 -18.42
N GLY G 929 52.49 46.56 -19.24
CA GLY G 929 53.21 47.73 -18.75
C GLY G 929 54.73 47.58 -18.73
N VAL G 930 55.27 46.64 -19.51
CA VAL G 930 56.71 46.47 -19.56
C VAL G 930 57.21 46.77 -20.97
N THR G 931 58.04 47.80 -21.10
CA THR G 931 58.49 48.27 -22.41
C THR G 931 59.23 47.15 -23.14
N GLN G 932 59.02 47.07 -24.45
CA GLN G 932 59.54 46.01 -25.32
C GLN G 932 61.05 45.77 -25.20
N ASN G 933 61.80 46.81 -24.89
CA ASN G 933 63.25 46.68 -24.83
C ASN G 933 63.67 45.77 -23.69
N VAL G 934 62.81 45.60 -22.68
CA VAL G 934 63.14 44.79 -21.51
C VAL G 934 63.27 43.34 -21.93
N LEU G 935 62.36 42.90 -22.80
CA LEU G 935 62.39 41.55 -23.32
C LEU G 935 63.69 41.26 -24.02
N TYR G 936 64.09 42.18 -24.89
CA TYR G 936 65.28 41.93 -25.68
C TYR G 936 66.55 41.96 -24.83
N GLU G 937 66.63 42.88 -23.88
CA GLU G 937 67.82 42.96 -23.03
C GLU G 937 67.96 41.67 -22.22
N ASN G 938 66.83 41.11 -21.81
CA ASN G 938 66.80 39.89 -21.02
C ASN G 938 66.27 38.68 -21.78
N GLN G 939 66.30 38.69 -23.11
CA GLN G 939 65.71 37.56 -23.83
C GLN G 939 66.31 36.21 -23.43
N LYS G 940 67.63 36.18 -23.22
CA LYS G 940 68.27 34.93 -22.85
C LYS G 940 67.78 34.46 -21.49
N LEU G 941 67.69 35.40 -20.55
CA LEU G 941 67.23 35.11 -19.20
C LEU G 941 65.79 34.64 -19.19
N ILE G 942 64.95 35.31 -19.95
CA ILE G 942 63.54 35.00 -20.00
C ILE G 942 63.31 33.61 -20.58
N ALA G 943 64.01 33.30 -21.68
CA ALA G 943 63.89 31.98 -22.28
C ALA G 943 64.35 30.90 -21.30
N ASN G 944 65.41 31.17 -20.54
CA ASN G 944 65.91 30.19 -19.58
C ASN G 944 64.93 30.00 -18.43
N GLN G 945 64.32 31.08 -17.95
CA GLN G 945 63.36 30.98 -16.87
C GLN G 945 62.12 30.22 -17.32
N PHE G 946 61.70 30.48 -18.56
CA PHE G 946 60.56 29.79 -19.13
C PHE G 946 60.82 28.30 -19.22
N ASN G 947 61.98 27.93 -19.77
CA ASN G 947 62.30 26.53 -19.96
C ASN G 947 62.36 25.80 -18.63
N SER G 948 62.89 26.47 -17.61
CA SER G 948 62.97 25.91 -16.27
C SER G 948 61.56 25.71 -15.72
N ALA G 949 60.70 26.71 -15.90
CA ALA G 949 59.33 26.65 -15.40
C ALA G 949 58.57 25.48 -16.01
N ILE G 950 58.83 25.16 -17.27
CA ILE G 950 58.16 24.03 -17.89
C ILE G 950 58.64 22.74 -17.23
N GLY G 951 59.93 22.62 -16.98
CA GLY G 951 60.43 21.44 -16.29
C GLY G 951 59.80 21.31 -14.89
N LYS G 952 59.59 22.43 -14.21
CA LYS G 952 58.99 22.42 -12.88
C LYS G 952 57.56 21.88 -12.88
N ILE G 953 56.75 22.27 -13.87
CA ILE G 953 55.39 21.74 -13.92
C ILE G 953 55.39 20.25 -14.25
N GLN G 954 56.35 19.79 -15.04
CA GLN G 954 56.44 18.37 -15.34
C GLN G 954 56.64 17.56 -14.07
N ASP G 955 57.54 18.02 -13.20
CA ASP G 955 57.82 17.31 -11.96
C ASP G 955 56.67 17.40 -10.98
N SER G 956 55.95 18.52 -10.98
CA SER G 956 54.79 18.68 -10.11
C SER G 956 53.65 17.74 -10.50
N LEU G 957 53.39 17.63 -11.80
CA LEU G 957 52.33 16.77 -12.32
C LEU G 957 52.72 15.29 -12.29
N SER G 958 54.01 15.01 -12.47
CA SER G 958 54.51 13.64 -12.44
C SER G 958 54.38 12.27 -11.78
N SER G 959 54.43 12.25 -10.45
CA SER G 959 54.24 11.03 -9.63
C SER G 959 53.00 11.30 -8.77
N THR G 960 52.76 12.56 -8.42
CA THR G 960 51.64 12.93 -7.55
C THR G 960 50.34 13.17 -8.33
N ALA G 961 49.31 12.39 -8.02
CA ALA G 961 48.03 12.50 -8.72
C ALA G 961 47.11 13.56 -8.14
N SER G 962 47.47 14.11 -6.98
CA SER G 962 46.60 15.07 -6.29
C SER G 962 46.40 16.34 -7.11
N ALA G 963 47.34 16.61 -8.00
CA ALA G 963 47.28 17.78 -8.86
C ALA G 963 46.03 17.77 -9.72
N LEU G 964 45.56 16.56 -10.07
CA LEU G 964 44.42 16.40 -10.97
C LEU G 964 43.17 15.96 -10.23
N GLY G 965 43.15 16.19 -8.91
CA GLY G 965 42.02 15.78 -8.09
C GLY G 965 40.69 16.32 -8.63
N LYS G 966 40.71 17.52 -9.20
CA LYS G 966 39.49 18.10 -9.73
C LYS G 966 38.85 17.26 -10.84
N LEU G 967 39.67 16.57 -11.64
CA LEU G 967 39.13 15.74 -12.72
C LEU G 967 38.73 14.39 -12.12
N GLN G 968 39.51 13.94 -11.14
CA GLN G 968 39.28 12.66 -10.50
C GLN G 968 37.96 12.67 -9.72
N ASP G 969 37.64 13.82 -9.13
CA ASP G 969 36.41 13.99 -8.35
C ASP G 969 35.16 13.83 -9.21
N VAL G 970 35.22 14.31 -10.45
CA VAL G 970 34.06 14.22 -11.34
C VAL G 970 33.83 12.76 -11.70
N VAL G 971 34.92 12.06 -12.00
CA VAL G 971 34.86 10.67 -12.35
C VAL G 971 34.36 9.83 -11.18
N ASN G 972 34.87 10.12 -9.98
CA ASN G 972 34.50 9.36 -8.81
C ASN G 972 33.05 9.59 -8.42
N GLN G 973 32.58 10.82 -8.52
CA GLN G 973 31.20 11.11 -8.15
C GLN G 973 30.22 10.43 -9.09
N ASN G 974 30.56 10.40 -10.38
CA ASN G 974 29.68 9.76 -11.34
C ASN G 974 29.67 8.25 -11.10
N ALA G 975 30.84 7.68 -10.83
CA ALA G 975 30.94 6.25 -10.59
C ALA G 975 30.14 5.86 -9.36
N GLN G 976 30.19 6.70 -8.32
CA GLN G 976 29.45 6.41 -7.10
C GLN G 976 27.95 6.48 -7.35
N ALA G 977 27.50 7.45 -8.16
CA ALA G 977 26.08 7.57 -8.47
C ALA G 977 25.59 6.32 -9.19
N LEU G 978 26.41 5.79 -10.10
CA LEU G 978 26.06 4.59 -10.84
C LEU G 978 26.08 3.35 -9.96
N ASN G 979 27.07 3.27 -9.07
CA ASN G 979 27.19 2.12 -8.20
C ASN G 979 26.02 2.08 -7.22
N THR G 980 25.60 3.25 -6.75
CA THR G 980 24.47 3.32 -5.84
C THR G 980 23.20 2.90 -6.53
N LEU G 981 22.99 3.37 -7.76
CA LEU G 981 21.79 3.05 -8.51
C LEU G 981 21.67 1.53 -8.72
N VAL G 982 22.77 0.89 -9.09
CA VAL G 982 22.75 -0.55 -9.33
C VAL G 982 22.56 -1.33 -8.02
N LYS G 983 23.24 -0.92 -6.95
CA LYS G 983 23.12 -1.61 -5.67
C LYS G 983 21.68 -1.59 -5.14
N GLN G 984 20.94 -0.52 -5.42
CA GLN G 984 19.55 -0.38 -4.98
C GLN G 984 18.64 -1.46 -5.55
N LEU G 985 19.06 -2.14 -6.62
CA LEU G 985 18.25 -3.19 -7.21
C LEU G 985 18.09 -4.37 -6.25
N SER G 986 19.00 -4.49 -5.29
CA SER G 986 18.99 -5.59 -4.34
C SER G 986 18.08 -5.32 -3.14
N SER G 987 17.55 -4.10 -3.04
CA SER G 987 16.70 -3.70 -1.93
C SER G 987 15.26 -4.17 -2.10
N ASN G 988 14.61 -4.48 -0.97
CA ASN G 988 13.24 -4.95 -0.97
C ASN G 988 12.20 -3.84 -1.08
N PHE G 989 12.49 -2.69 -0.49
CA PHE G 989 11.56 -1.55 -0.48
C PHE G 989 10.21 -1.93 0.12
N GLY G 990 10.20 -2.85 1.07
CA GLY G 990 8.96 -3.31 1.71
C GLY G 990 8.45 -4.63 1.12
N ALA G 991 9.02 -5.05 -0.01
CA ALA G 991 8.63 -6.29 -0.66
C ALA G 991 9.18 -7.51 0.08
N ILE G 992 8.57 -8.67 -0.18
CA ILE G 992 9.03 -9.93 0.38
C ILE G 992 10.39 -10.33 -0.17
N SER G 993 10.70 -9.88 -1.38
CA SER G 993 11.96 -10.16 -2.03
C SER G 993 12.30 -9.09 -3.04
N SER G 994 13.59 -8.78 -3.13
CA SER G 994 14.11 -7.81 -4.09
C SER G 994 14.25 -8.41 -5.48
N VAL G 995 14.08 -9.73 -5.57
CA VAL G 995 14.21 -10.42 -6.82
C VAL G 995 12.86 -10.62 -7.48
N LEU G 996 12.71 -10.02 -8.66
CA LEU G 996 11.45 -10.03 -9.38
C LEU G 996 11.03 -11.44 -9.76
N ASN G 997 12.01 -12.27 -10.11
CA ASN G 997 11.74 -13.63 -10.52
C ASN G 997 11.22 -14.48 -9.36
N ASP G 998 11.65 -14.15 -8.12
CA ASP G 998 11.21 -14.91 -6.97
C ASP G 998 9.76 -14.58 -6.64
N ILE G 999 9.37 -13.33 -6.92
CA ILE G 999 7.98 -12.94 -6.72
C ILE G 999 7.10 -13.63 -7.76
N LEU G 1000 7.52 -13.57 -9.02
CA LEU G 1000 6.73 -14.11 -10.11
C LEU G 1000 6.50 -15.62 -10.01
N SER G 1001 7.52 -16.36 -9.56
CA SER G 1001 7.40 -17.81 -9.45
C SER G 1001 6.79 -18.27 -8.12
N ARG G 1002 6.52 -17.33 -7.21
CA ARG G 1002 6.03 -17.69 -5.89
C ARG G 1002 4.59 -17.28 -5.66
N LEU G 1003 4.22 -16.11 -6.13
CA LEU G 1003 2.88 -15.60 -5.88
C LEU G 1003 2.02 -15.58 -7.12
N ASP G 1004 0.74 -15.88 -6.95
CA ASP G 1004 -0.25 -15.73 -8.00
C ASP G 1004 -0.42 -14.22 -8.21
N PRO G 1005 -0.81 -13.76 -9.42
CA PRO G 1005 -0.99 -12.35 -9.78
C PRO G 1005 -1.69 -11.45 -8.71
N PRO G 1006 -2.78 -11.86 -8.04
CA PRO G 1006 -3.48 -11.04 -7.05
C PRO G 1006 -2.56 -10.56 -5.93
N GLU G 1007 -1.47 -11.30 -5.69
CA GLU G 1007 -0.50 -10.94 -4.67
C GLU G 1007 0.83 -10.53 -5.28
N ALA G 1008 1.19 -11.15 -6.41
CA ALA G 1008 2.46 -10.90 -7.07
C ALA G 1008 2.53 -9.47 -7.54
N GLU G 1009 1.41 -8.95 -8.04
CA GLU G 1009 1.37 -7.60 -8.58
C GLU G 1009 1.67 -6.58 -7.50
N VAL G 1010 1.24 -6.85 -6.28
CA VAL G 1010 1.47 -5.93 -5.18
C VAL G 1010 2.94 -5.87 -4.85
N GLN G 1011 3.58 -7.04 -4.78
CA GLN G 1011 4.99 -7.10 -4.45
C GLN G 1011 5.81 -6.47 -5.57
N ILE G 1012 5.36 -6.63 -6.81
CA ILE G 1012 6.06 -6.04 -7.94
C ILE G 1012 5.93 -4.52 -7.87
N ASP G 1013 4.74 -3.99 -7.59
CA ASP G 1013 4.56 -2.55 -7.46
C ASP G 1013 5.48 -1.97 -6.40
N ARG G 1014 5.71 -2.71 -5.32
CA ARG G 1014 6.61 -2.23 -4.29
C ARG G 1014 8.03 -2.06 -4.85
N LEU G 1015 8.45 -2.99 -5.71
CA LEU G 1015 9.78 -2.89 -6.30
C LEU G 1015 9.81 -1.83 -7.40
N ILE G 1016 8.71 -1.66 -8.13
CA ILE G 1016 8.66 -0.65 -9.17
C ILE G 1016 8.77 0.73 -8.54
N THR G 1017 8.02 0.95 -7.47
CA THR G 1017 8.05 2.25 -6.81
C THR G 1017 9.45 2.55 -6.29
N GLY G 1018 10.08 1.58 -5.63
CA GLY G 1018 11.41 1.77 -5.09
C GLY G 1018 12.45 2.04 -6.18
N ARG G 1019 12.45 1.21 -7.21
CA ARG G 1019 13.41 1.33 -8.30
C ARG G 1019 13.16 2.57 -9.14
N LEU G 1020 11.89 2.95 -9.32
CA LEU G 1020 11.56 4.14 -10.09
C LEU G 1020 12.00 5.37 -9.30
N GLN G 1021 11.78 5.37 -7.99
CA GLN G 1021 12.22 6.49 -7.15
C GLN G 1021 13.74 6.61 -7.18
N SER G 1022 14.43 5.47 -7.22
CA SER G 1022 15.88 5.45 -7.29
C SER G 1022 16.35 6.08 -8.61
N LEU G 1023 15.70 5.74 -9.72
CA LEU G 1023 16.03 6.34 -11.01
C LEU G 1023 15.73 7.82 -11.02
N GLN G 1024 14.62 8.23 -10.42
CA GLN G 1024 14.27 9.64 -10.40
C GLN G 1024 15.29 10.43 -9.60
N THR G 1025 15.74 9.86 -8.48
CA THR G 1025 16.76 10.48 -7.65
C THR G 1025 18.06 10.57 -8.41
N TYR G 1026 18.45 9.48 -9.07
CA TYR G 1026 19.67 9.43 -9.86
C TYR G 1026 19.67 10.48 -10.95
N VAL G 1027 18.59 10.55 -11.72
CA VAL G 1027 18.53 11.48 -12.83
C VAL G 1027 18.59 12.91 -12.32
N THR G 1028 17.86 13.21 -11.24
CA THR G 1028 17.89 14.55 -10.67
C THR G 1028 19.31 14.90 -10.24
N GLN G 1029 19.99 13.95 -9.60
CA GLN G 1029 21.36 14.18 -9.12
C GLN G 1029 22.30 14.41 -10.30
N GLN G 1030 22.08 13.69 -11.40
CA GLN G 1030 22.90 13.85 -12.60
C GLN G 1030 22.65 15.20 -13.26
N LEU G 1031 21.40 15.66 -13.25
CA LEU G 1031 21.06 16.94 -13.85
C LEU G 1031 21.70 18.09 -13.08
N ILE G 1032 21.75 17.97 -11.76
CA ILE G 1032 22.35 19.01 -10.94
C ILE G 1032 23.87 19.00 -11.10
N ARG G 1033 24.48 17.81 -11.03
CA ARG G 1033 25.91 17.72 -11.23
C ARG G 1033 26.29 18.21 -12.62
N ALA G 1034 25.49 17.85 -13.61
CA ALA G 1034 25.72 18.27 -14.98
C ALA G 1034 25.65 19.78 -15.10
N ALA G 1035 24.77 20.41 -14.32
CA ALA G 1035 24.67 21.88 -14.34
C ALA G 1035 25.97 22.51 -13.87
N GLU G 1036 26.63 21.89 -12.89
CA GLU G 1036 27.91 22.39 -12.44
C GLU G 1036 28.95 22.29 -13.54
N ILE G 1037 28.94 21.14 -14.23
CA ILE G 1037 29.86 20.90 -15.34
C ILE G 1037 29.57 21.86 -16.48
N ARG G 1038 28.29 22.12 -16.74
CA ARG G 1038 27.89 23.07 -17.76
C ARG G 1038 28.59 24.40 -17.50
N ALA G 1039 28.52 24.88 -16.26
CA ALA G 1039 29.15 26.14 -15.88
C ALA G 1039 30.68 26.06 -15.98
N SER G 1040 31.27 24.94 -15.58
CA SER G 1040 32.72 24.79 -15.65
C SER G 1040 33.22 24.78 -17.08
N ALA G 1041 32.47 24.14 -17.97
CA ALA G 1041 32.82 24.10 -19.39
C ALA G 1041 32.73 25.50 -19.97
N ASN G 1042 31.74 26.29 -19.55
CA ASN G 1042 31.62 27.66 -20.05
C ASN G 1042 32.81 28.49 -19.62
N LEU G 1043 33.25 28.28 -18.38
CA LEU G 1043 34.40 29.00 -17.87
C LEU G 1043 35.66 28.56 -18.58
N ALA G 1044 35.80 27.26 -18.80
CA ALA G 1044 36.98 26.73 -19.47
C ALA G 1044 37.07 27.26 -20.89
N ALA G 1045 35.93 27.35 -21.57
CA ALA G 1045 35.90 27.89 -22.93
C ALA G 1045 36.25 29.37 -22.92
N THR G 1046 35.74 30.08 -21.91
CA THR G 1046 36.02 31.51 -21.79
C THR G 1046 37.52 31.70 -21.58
N LYS G 1047 38.10 30.87 -20.72
CA LYS G 1047 39.52 30.94 -20.45
C LYS G 1047 40.33 30.67 -21.68
N MET G 1048 39.98 29.66 -22.46
CA MET G 1048 40.77 29.44 -23.66
C MET G 1048 40.70 30.64 -24.60
N SER G 1049 39.50 31.19 -24.80
CA SER G 1049 39.36 32.30 -25.72
C SER G 1049 40.12 33.55 -25.27
N GLU G 1050 40.05 33.86 -23.98
CA GLU G 1050 40.68 35.08 -23.48
C GLU G 1050 42.11 34.94 -22.94
N CYS G 1051 42.54 33.72 -22.58
CA CYS G 1051 43.85 33.44 -21.99
C CYS G 1051 44.82 32.86 -23.04
N VAL G 1052 44.31 32.06 -23.98
CA VAL G 1052 45.13 31.38 -25.00
C VAL G 1052 45.07 32.10 -26.35
N LEU G 1053 43.88 32.50 -26.77
CA LEU G 1053 43.69 33.12 -28.09
C LEU G 1053 43.82 34.64 -28.02
N GLY G 1054 44.39 35.12 -26.92
CA GLY G 1054 44.63 36.52 -26.68
C GLY G 1054 45.11 36.65 -25.25
N GLN G 1055 45.47 37.85 -24.84
CA GLN G 1055 45.89 38.02 -23.45
C GLN G 1055 44.92 38.91 -22.71
N SER G 1056 44.31 38.37 -21.67
CA SER G 1056 43.40 39.15 -20.88
C SER G 1056 44.24 39.94 -19.90
N LYS G 1057 43.65 40.99 -19.34
CA LYS G 1057 44.32 41.79 -18.34
C LYS G 1057 43.60 41.62 -17.00
N ARG G 1058 42.84 40.55 -16.92
CA ARG G 1058 42.04 40.22 -15.76
C ARG G 1058 42.87 39.56 -14.66
N VAL G 1059 42.78 40.12 -13.46
CA VAL G 1059 43.55 39.66 -12.32
C VAL G 1059 43.04 38.32 -11.81
N ASP G 1060 43.96 37.39 -11.58
CA ASP G 1060 43.70 36.04 -11.10
C ASP G 1060 42.89 35.20 -12.09
N PHE G 1061 42.73 35.69 -13.32
CA PHE G 1061 42.02 34.94 -14.34
C PHE G 1061 42.87 33.77 -14.89
N CYS G 1062 44.16 34.04 -15.16
CA CYS G 1062 45.13 33.09 -15.71
C CYS G 1062 46.21 32.81 -14.64
N GLY G 1063 45.76 32.53 -13.42
CA GLY G 1063 46.69 32.29 -12.33
C GLY G 1063 47.17 33.62 -11.75
N LYS G 1064 48.22 33.55 -10.95
CA LYS G 1064 48.75 34.74 -10.28
C LYS G 1064 49.80 35.43 -11.14
N GLY G 1065 49.94 36.74 -10.97
CA GLY G 1065 50.91 37.53 -11.71
C GLY G 1065 50.27 38.20 -12.91
N TYR G 1066 51.08 38.90 -13.71
CA TYR G 1066 50.56 39.59 -14.87
C TYR G 1066 50.56 38.64 -16.05
N HIS G 1067 49.42 38.48 -16.71
CA HIS G 1067 49.33 37.49 -17.76
C HIS G 1067 50.00 37.87 -19.06
N LEU G 1068 50.83 36.96 -19.58
CA LEU G 1068 51.48 37.14 -20.87
C LEU G 1068 50.87 36.21 -21.92
N MET G 1069 50.96 34.89 -21.66
CA MET G 1069 50.49 33.86 -22.59
C MET G 1069 50.10 32.58 -21.85
N SER G 1070 49.40 31.69 -22.54
CA SER G 1070 49.08 30.39 -21.98
C SER G 1070 48.99 29.34 -23.07
N PHE G 1071 49.10 28.09 -22.66
CA PHE G 1071 48.97 26.99 -23.59
C PHE G 1071 48.04 25.92 -22.99
N PRO G 1072 47.04 25.45 -23.73
CA PRO G 1072 46.16 24.37 -23.35
C PRO G 1072 46.87 23.03 -23.47
N GLN G 1073 46.42 22.07 -22.69
CA GLN G 1073 46.83 20.67 -22.80
C GLN G 1073 45.58 19.79 -22.71
N SER G 1074 45.58 18.69 -23.46
CA SER G 1074 44.50 17.73 -23.40
C SER G 1074 44.53 16.97 -22.08
N ALA G 1075 43.37 16.65 -21.55
CA ALA G 1075 43.29 15.94 -20.28
C ALA G 1075 42.04 15.08 -20.24
N PRO G 1076 42.03 14.00 -19.47
CA PRO G 1076 40.89 13.12 -19.33
C PRO G 1076 39.71 13.86 -18.74
N HIS G 1077 38.60 13.85 -19.47
CA HIS G 1077 37.35 14.48 -19.06
C HIS G 1077 37.47 15.98 -18.80
N GLY G 1078 38.51 16.62 -19.33
CA GLY G 1078 38.67 18.05 -19.07
C GLY G 1078 39.84 18.69 -19.77
N VAL G 1079 40.16 19.91 -19.36
CA VAL G 1079 41.22 20.70 -19.98
C VAL G 1079 42.20 21.24 -18.96
N VAL G 1080 43.47 21.21 -19.31
CA VAL G 1080 44.51 21.73 -18.43
C VAL G 1080 45.16 22.94 -19.06
N PHE G 1081 45.19 24.04 -18.32
CA PHE G 1081 45.80 25.25 -18.84
C PHE G 1081 47.11 25.57 -18.15
N LEU G 1082 48.14 25.82 -18.95
CA LEU G 1082 49.43 26.23 -18.44
C LEU G 1082 49.56 27.73 -18.60
N HIS G 1083 49.60 28.45 -17.49
CA HIS G 1083 49.60 29.90 -17.52
C HIS G 1083 50.97 30.48 -17.31
N VAL G 1084 51.41 31.29 -18.26
CA VAL G 1084 52.74 31.89 -18.19
C VAL G 1084 52.60 33.35 -17.77
N THR G 1085 53.08 33.67 -16.57
CA THR G 1085 52.87 35.01 -16.04
C THR G 1085 54.15 35.69 -15.58
N TYR G 1086 54.09 37.02 -15.58
CA TYR G 1086 55.16 37.90 -15.16
C TYR G 1086 55.02 38.26 -13.68
N VAL G 1087 56.04 37.91 -12.91
CA VAL G 1087 56.01 38.18 -11.49
C VAL G 1087 57.26 38.96 -11.08
N PRO G 1088 57.13 40.12 -10.42
CA PRO G 1088 58.23 40.94 -9.97
C PRO G 1088 59.01 40.17 -8.91
N ALA G 1089 60.32 40.40 -8.86
CA ALA G 1089 61.16 39.71 -7.89
C ALA G 1089 61.79 40.73 -6.96
N GLN G 1090 63.11 40.92 -7.05
CA GLN G 1090 63.76 41.90 -6.21
C GLN G 1090 63.18 43.28 -6.48
N GLU G 1091 63.02 44.03 -5.40
CA GLU G 1091 62.50 45.39 -5.45
C GLU G 1091 63.45 46.32 -4.76
N LYS G 1092 63.45 47.58 -5.16
CA LYS G 1092 64.30 48.55 -4.51
C LYS G 1092 63.48 49.75 -3.99
N ASN G 1093 63.98 50.32 -2.89
CA ASN G 1093 63.42 51.44 -2.12
C ASN G 1093 63.80 52.79 -2.78
N PHE G 1094 62.81 53.50 -3.35
CA PHE G 1094 63.03 54.79 -4.04
C PHE G 1094 62.16 55.90 -3.45
N THR G 1095 62.65 57.13 -3.54
CA THR G 1095 61.85 58.28 -3.16
C THR G 1095 61.05 58.73 -4.38
N THR G 1096 59.82 59.18 -4.18
CA THR G 1096 59.00 59.62 -5.30
C THR G 1096 58.39 61.01 -5.13
N ALA G 1097 57.76 61.48 -6.20
CA ALA G 1097 57.07 62.75 -6.25
C ALA G 1097 56.08 62.72 -7.41
N PRO G 1098 54.93 63.39 -7.31
CA PRO G 1098 53.93 63.53 -8.35
C PRO G 1098 54.33 64.41 -9.52
N ALA G 1099 55.28 65.30 -9.31
CA ALA G 1099 55.68 66.22 -10.37
C ALA G 1099 57.03 66.83 -10.13
N ILE G 1100 57.59 67.36 -11.19
CA ILE G 1100 58.81 68.14 -11.13
C ILE G 1100 58.52 69.63 -11.40
N CYS G 1101 59.06 70.50 -10.54
CA CYS G 1101 58.96 71.95 -10.68
C CYS G 1101 60.19 72.47 -11.42
N HIS G 1102 59.96 73.13 -12.56
CA HIS G 1102 61.08 73.59 -13.38
C HIS G 1102 61.16 75.12 -13.45
N ASP G 1103 60.39 75.73 -14.35
CA ASP G 1103 60.36 77.19 -14.49
C ASP G 1103 59.16 77.81 -13.79
N GLY G 1104 58.60 77.08 -12.85
CA GLY G 1104 57.40 77.48 -12.12
C GLY G 1104 56.21 76.68 -12.67
N LYS G 1105 56.48 76.00 -13.79
CA LYS G 1105 55.53 75.15 -14.46
C LYS G 1105 55.61 73.74 -13.88
N ALA G 1106 54.49 73.02 -13.88
CA ALA G 1106 54.48 71.66 -13.34
C ALA G 1106 54.59 70.61 -14.44
N HIS G 1107 55.63 69.77 -14.33
CA HIS G 1107 55.89 68.70 -15.29
C HIS G 1107 55.48 67.34 -14.73
N PHE G 1108 54.57 66.67 -15.43
CA PHE G 1108 54.08 65.35 -15.02
C PHE G 1108 54.56 64.31 -16.05
N PRO G 1109 54.77 63.04 -15.69
CA PRO G 1109 55.21 62.00 -16.61
C PRO G 1109 54.12 61.73 -17.63
N ARG G 1110 54.49 61.43 -18.87
CA ARG G 1110 53.50 61.01 -19.83
C ARG G 1110 53.00 59.63 -19.42
N GLU G 1111 53.94 58.82 -18.96
CA GLU G 1111 53.71 57.48 -18.45
C GLU G 1111 54.85 57.13 -17.50
N GLY G 1112 54.53 56.65 -16.31
CA GLY G 1112 55.56 56.27 -15.36
C GLY G 1112 55.54 57.12 -14.09
N VAL G 1113 56.57 56.94 -13.28
CA VAL G 1113 56.68 57.59 -11.98
C VAL G 1113 58.04 58.28 -11.81
N PHE G 1114 58.04 59.45 -11.18
CA PHE G 1114 59.31 60.11 -10.89
C PHE G 1114 59.91 59.45 -9.66
N VAL G 1115 61.19 59.15 -9.73
CA VAL G 1115 61.88 58.47 -8.65
C VAL G 1115 63.17 59.17 -8.31
N SER G 1116 63.68 58.92 -7.11
CA SER G 1116 64.98 59.44 -6.74
C SER G 1116 65.81 58.43 -5.96
N ASN G 1117 67.10 58.41 -6.29
CA ASN G 1117 68.11 57.55 -5.63
C ASN G 1117 68.77 58.26 -4.43
N GLY G 1118 68.27 59.45 -4.05
CA GLY G 1118 68.75 60.27 -2.94
C GLY G 1118 69.63 61.41 -3.42
N THR G 1119 70.12 61.33 -4.65
CA THR G 1119 70.99 62.37 -5.22
C THR G 1119 70.42 62.97 -6.51
N HIS G 1120 69.68 62.17 -7.27
CA HIS G 1120 69.21 62.58 -8.59
C HIS G 1120 67.83 61.98 -8.93
N TRP G 1121 67.01 62.80 -9.60
CA TRP G 1121 65.67 62.39 -10.04
C TRP G 1121 65.66 61.83 -11.45
N PHE G 1122 64.94 60.71 -11.60
CA PHE G 1122 64.76 59.99 -12.85
C PHE G 1122 63.28 59.69 -13.06
N VAL G 1123 62.91 59.33 -14.28
CA VAL G 1123 61.54 58.88 -14.52
C VAL G 1123 61.55 57.47 -15.09
N THR G 1124 60.71 56.59 -14.58
CA THR G 1124 60.71 55.22 -15.08
C THR G 1124 59.33 54.56 -15.10
N GLN G 1125 59.23 53.47 -15.85
CA GLN G 1125 58.01 52.66 -15.90
C GLN G 1125 57.79 51.92 -14.58
N ARG G 1126 56.54 51.84 -14.17
CA ARG G 1126 56.19 51.25 -12.87
C ARG G 1126 56.53 49.76 -12.71
N ASN G 1127 56.42 48.97 -13.76
CA ASN G 1127 56.58 47.52 -13.60
C ASN G 1127 57.99 46.97 -13.87
N PHE G 1128 58.97 47.85 -14.05
CA PHE G 1128 60.36 47.40 -14.23
C PHE G 1128 61.33 48.57 -14.17
N TYR G 1129 62.07 48.68 -13.08
CA TYR G 1129 62.94 49.83 -12.87
C TYR G 1129 63.99 49.97 -13.95
N GLU G 1130 63.94 51.09 -14.62
CA GLU G 1130 64.88 51.41 -15.67
C GLU G 1130 64.87 52.93 -15.84
N PRO G 1131 65.68 53.65 -15.05
CA PRO G 1131 65.62 55.09 -14.85
C PRO G 1131 66.03 55.86 -16.09
N GLN G 1132 65.23 56.84 -16.46
CA GLN G 1132 65.53 57.69 -17.59
C GLN G 1132 65.80 59.10 -17.14
N ILE G 1133 66.53 59.86 -17.94
CA ILE G 1133 66.71 61.28 -17.66
C ILE G 1133 65.38 61.98 -17.90
N ILE G 1134 65.01 62.87 -16.99
CA ILE G 1134 63.75 63.58 -17.12
C ILE G 1134 63.91 64.69 -18.15
N THR G 1135 63.14 64.59 -19.23
CA THR G 1135 63.22 65.53 -20.33
C THR G 1135 61.83 65.98 -20.74
N THR G 1136 61.80 66.97 -21.61
CA THR G 1136 60.56 67.51 -22.14
C THR G 1136 59.85 66.54 -23.08
N ASP G 1137 60.54 65.46 -23.46
CA ASP G 1137 59.96 64.45 -24.34
C ASP G 1137 59.33 63.32 -23.54
N ASN G 1138 59.50 63.36 -22.22
CA ASN G 1138 58.97 62.33 -21.35
C ASN G 1138 57.79 62.86 -20.56
N THR G 1139 57.87 64.14 -20.18
CA THR G 1139 56.86 64.78 -19.35
C THR G 1139 55.98 65.72 -20.16
N PHE G 1140 54.93 66.20 -19.55
CA PHE G 1140 54.07 67.20 -20.16
C PHE G 1140 53.78 68.28 -19.14
N VAL G 1141 53.45 69.47 -19.61
CA VAL G 1141 53.18 70.56 -18.68
C VAL G 1141 51.71 70.91 -18.56
N SER G 1142 51.23 70.91 -17.34
CA SER G 1142 49.85 71.27 -17.05
C SER G 1142 49.72 71.74 -15.61
N GLY G 1143 49.26 72.96 -15.41
CA GLY G 1143 49.19 73.51 -14.07
C GLY G 1143 50.55 74.07 -13.68
N ASN G 1144 50.75 74.31 -12.39
CA ASN G 1144 51.96 74.96 -11.93
C ASN G 1144 52.43 74.41 -10.57
N CYS G 1145 53.57 74.92 -10.09
CA CYS G 1145 54.22 74.43 -8.88
C CYS G 1145 53.49 74.76 -7.59
N ASP G 1146 52.52 75.67 -7.65
CA ASP G 1146 51.81 76.08 -6.44
C ASP G 1146 50.59 75.24 -6.16
N VAL G 1147 50.23 74.34 -7.09
CA VAL G 1147 49.02 73.55 -6.90
C VAL G 1147 49.28 72.05 -6.78
N VAL G 1148 50.55 71.64 -6.83
CA VAL G 1148 50.84 70.22 -6.73
C VAL G 1148 51.44 69.86 -5.38
N ILE G 1149 50.73 69.01 -4.65
CA ILE G 1149 51.17 68.61 -3.33
C ILE G 1149 52.30 67.61 -3.43
N GLY G 1150 53.43 67.92 -2.83
CA GLY G 1150 54.58 67.01 -2.87
C GLY G 1150 55.50 67.25 -4.07
N ILE G 1151 55.28 68.33 -4.82
CA ILE G 1151 56.14 68.63 -5.97
C ILE G 1151 57.55 68.97 -5.51
N VAL G 1152 58.55 68.54 -6.29
CA VAL G 1152 59.95 68.78 -5.93
C VAL G 1152 60.68 69.62 -6.99
N ASN G 1153 61.81 70.24 -6.59
CA ASN G 1153 62.67 71.06 -7.46
C ASN G 1153 63.73 70.21 -8.16
N ASN G 1154 63.72 70.21 -9.50
CA ASN G 1154 64.69 69.48 -10.34
C ASN G 1154 64.89 70.23 -11.64
N THR G 1155 65.76 69.71 -12.50
CA THR G 1155 65.97 70.32 -13.80
C THR G 1155 65.44 69.42 -14.90
N VAL G 1156 64.55 69.94 -15.72
CA VAL G 1156 64.03 69.18 -16.85
C VAL G 1156 64.86 69.50 -18.08
N TYR G 1157 65.39 68.47 -18.72
CA TYR G 1157 66.28 68.65 -19.85
C TYR G 1157 65.57 68.79 -21.19
N ASP G 1158 65.99 69.79 -21.97
CA ASP G 1158 65.48 70.03 -23.31
C ASP G 1158 66.54 69.68 -24.36
N PRO G 1159 66.41 68.53 -25.06
CA PRO G 1159 67.31 68.02 -26.08
C PRO G 1159 67.50 68.99 -27.24
N LEU G 1160 66.59 69.94 -27.39
CA LEU G 1160 66.67 70.91 -28.47
C LEU G 1160 67.67 72.02 -28.21
N GLN G 1161 67.90 72.40 -26.95
CA GLN G 1161 68.73 73.58 -26.77
C GLN G 1161 70.17 73.37 -27.25
N PRO G 1162 70.86 72.25 -26.91
CA PRO G 1162 72.20 71.95 -27.38
C PRO G 1162 72.30 71.99 -28.89
N GLU G 1163 71.21 71.61 -29.58
CA GLU G 1163 71.18 71.58 -31.03
C GLU G 1163 71.13 72.99 -31.62
N LEU G 1164 70.41 73.87 -30.94
CA LEU G 1164 70.29 75.25 -31.39
C LEU G 1164 71.62 75.98 -31.17
N ASP G 1165 72.28 75.63 -30.07
CA ASP G 1165 73.57 76.24 -29.71
C ASP G 1165 74.74 75.76 -30.59
N SER G 1166 74.72 74.46 -30.98
CA SER G 1166 75.74 73.85 -31.82
C SER G 1166 75.59 74.31 -33.28
N ILE H 2 -21.75 -16.57 44.68
CA ILE H 2 -22.69 -17.04 43.68
C ILE H 2 -22.25 -18.45 43.25
N GLU H 3 -23.22 -19.35 43.03
CA GLU H 3 -22.98 -20.72 42.61
C GLU H 3 -23.17 -20.87 41.12
N MET H 4 -22.30 -21.66 40.50
CA MET H 4 -22.43 -21.94 39.07
C MET H 4 -22.65 -23.42 38.81
N THR H 5 -23.56 -23.73 37.90
CA THR H 5 -23.85 -25.11 37.52
C THR H 5 -23.61 -25.35 36.04
N GLN H 6 -22.87 -26.39 35.72
CA GLN H 6 -22.58 -26.72 34.33
C GLN H 6 -23.38 -27.93 33.87
N SER H 7 -23.68 -27.95 32.58
CA SER H 7 -24.42 -29.05 31.99
C SER H 7 -24.01 -29.32 30.54
N PRO H 8 -23.81 -30.58 30.19
CA PRO H 8 -23.90 -31.80 30.99
C PRO H 8 -22.68 -31.92 31.87
N SER H 9 -22.70 -32.83 32.84
CA SER H 9 -21.48 -33.10 33.60
C SER H 9 -20.44 -33.79 32.73
N SER H 10 -20.93 -34.51 31.71
CA SER H 10 -20.11 -35.21 30.75
C SER H 10 -20.74 -35.13 29.37
N LEU H 11 -19.97 -34.64 28.42
CA LEU H 11 -20.43 -34.44 27.05
C LEU H 11 -19.75 -35.42 26.13
N SER H 12 -20.54 -36.13 25.33
CA SER H 12 -19.99 -37.11 24.39
C SER H 12 -20.14 -36.61 22.96
N ALA H 13 -19.02 -36.34 22.30
CA ALA H 13 -19.07 -35.85 20.93
C ALA H 13 -17.89 -36.38 20.14
N ALA H 14 -18.10 -36.62 18.84
CA ALA H 14 -17.06 -37.15 17.99
C ALA H 14 -16.15 -36.05 17.51
N VAL H 15 -14.98 -36.41 17.01
CA VAL H 15 -14.14 -35.40 16.40
C VAL H 15 -14.83 -34.90 15.14
N GLY H 16 -14.94 -33.58 15.03
CA GLY H 16 -15.62 -32.94 13.91
C GLY H 16 -17.02 -32.46 14.29
N ASP H 17 -17.55 -32.93 15.42
CA ASP H 17 -18.86 -32.51 15.91
C ASP H 17 -18.82 -31.14 16.55
N ARG H 18 -19.97 -30.46 16.55
CA ARG H 18 -20.09 -29.20 17.26
C ARG H 18 -20.35 -29.49 18.73
N VAL H 19 -19.60 -28.82 19.60
CA VAL H 19 -19.75 -29.01 21.03
C VAL H 19 -20.22 -27.77 21.75
N THR H 20 -21.32 -27.91 22.47
CA THR H 20 -21.85 -26.80 23.24
C THR H 20 -21.96 -27.17 24.71
N ILE H 21 -21.39 -26.32 25.56
CA ILE H 21 -21.38 -26.51 27.00
C ILE H 21 -22.08 -25.35 27.68
N THR H 22 -23.05 -25.63 28.54
CA THR H 22 -23.75 -24.52 29.16
C THR H 22 -23.34 -24.36 30.62
N CYS H 23 -23.53 -23.14 31.15
CA CYS H 23 -23.28 -22.78 32.54
C CYS H 23 -24.34 -21.80 33.03
N ARG H 24 -24.93 -22.10 34.19
CA ARG H 24 -25.96 -21.27 34.75
C ARG H 24 -25.61 -20.68 36.11
N ALA H 25 -25.90 -19.40 36.28
CA ALA H 25 -25.67 -18.73 37.56
C ALA H 25 -26.90 -18.82 38.43
N SER H 26 -26.69 -18.94 39.75
CA SER H 26 -27.79 -18.90 40.71
C SER H 26 -28.47 -17.52 40.76
N GLN H 27 -27.76 -16.51 40.25
CA GLN H 27 -28.29 -15.15 40.14
C GLN H 27 -27.53 -14.44 39.03
N SER H 28 -28.08 -13.35 38.52
CA SER H 28 -27.40 -12.64 37.43
C SER H 28 -25.99 -12.22 37.78
N ILE H 29 -25.09 -12.47 36.84
CA ILE H 29 -23.69 -12.08 36.92
C ILE H 29 -23.32 -11.16 35.77
N GLY H 30 -24.31 -10.50 35.16
CA GLY H 30 -24.01 -9.61 34.05
C GLY H 30 -23.36 -10.41 32.93
N SER H 31 -22.18 -9.98 32.49
CA SER H 31 -21.42 -10.65 31.45
C SER H 31 -20.11 -11.16 32.04
N TYR H 32 -20.07 -11.19 33.36
CA TYR H 32 -18.87 -11.56 34.09
C TYR H 32 -18.72 -13.06 34.24
N LEU H 33 -18.40 -13.74 33.15
CA LEU H 33 -18.16 -15.17 33.21
C LEU H 33 -16.95 -15.56 32.37
N ASN H 34 -16.04 -16.32 32.94
CA ASN H 34 -14.87 -16.79 32.21
C ASN H 34 -14.97 -18.29 31.94
N TRP H 35 -14.34 -18.76 30.87
CA TRP H 35 -14.27 -20.19 30.58
C TRP H 35 -12.83 -20.66 30.45
N TYR H 36 -12.56 -21.83 31.02
CA TYR H 36 -11.25 -22.45 31.02
C TYR H 36 -11.25 -23.88 30.49
N GLN H 37 -10.14 -24.28 29.89
CA GLN H 37 -9.95 -25.63 29.38
C GLN H 37 -8.74 -26.30 30.03
N GLN H 38 -8.95 -27.38 30.75
CA GLN H 38 -7.85 -28.05 31.41
C GLN H 38 -7.62 -29.45 30.86
N LYS H 39 -6.45 -29.65 30.26
CA LYS H 39 -6.12 -30.95 29.70
C LYS H 39 -5.68 -31.87 30.83
N PRO H 40 -5.82 -33.19 30.71
CA PRO H 40 -5.35 -34.15 31.69
C PRO H 40 -3.86 -33.95 31.95
N GLY H 41 -3.49 -33.84 33.23
CA GLY H 41 -2.10 -33.69 33.63
C GLY H 41 -1.57 -32.26 33.48
N LYS H 42 -2.45 -31.33 33.07
CA LYS H 42 -2.04 -29.95 32.83
C LYS H 42 -2.87 -28.96 33.63
N ALA H 43 -2.32 -27.76 33.82
CA ALA H 43 -3.06 -26.66 34.44
C ALA H 43 -4.07 -26.11 33.41
N PRO H 44 -5.13 -25.42 33.83
CA PRO H 44 -6.14 -24.79 32.97
C PRO H 44 -5.57 -23.73 32.05
N LYS H 45 -6.20 -23.52 30.91
CA LYS H 45 -5.89 -22.42 30.00
C LYS H 45 -7.12 -21.53 29.83
N LEU H 46 -6.91 -20.22 29.68
CA LEU H 46 -8.05 -19.32 29.48
C LEU H 46 -8.51 -19.34 28.04
N LEU H 47 -9.81 -19.58 27.85
CA LEU H 47 -10.40 -19.59 26.53
C LEU H 47 -11.18 -18.32 26.27
N ILE H 48 -12.17 -18.08 27.12
CA ILE H 48 -13.07 -16.95 26.95
C ILE H 48 -13.20 -16.15 28.24
N TYR H 49 -13.15 -14.83 28.15
CA TYR H 49 -13.36 -14.01 29.33
C TYR H 49 -14.43 -12.97 29.09
N ALA H 50 -15.04 -12.51 30.17
CA ALA H 50 -16.10 -11.50 30.05
C ALA H 50 -17.21 -11.95 29.09
N ALA H 51 -17.64 -13.21 29.24
CA ALA H 51 -18.72 -13.87 28.49
C ALA H 51 -18.35 -14.22 27.05
N SER H 52 -17.87 -13.26 26.27
CA SER H 52 -17.64 -13.51 24.84
C SER H 52 -16.27 -13.10 24.29
N SER H 53 -15.36 -12.59 25.11
CA SER H 53 -14.07 -12.16 24.57
C SER H 53 -13.11 -13.34 24.46
N LEU H 54 -12.61 -13.63 23.27
CA LEU H 54 -11.73 -14.77 23.11
C LEU H 54 -10.31 -14.35 23.50
N GLN H 55 -9.61 -15.21 24.22
CA GLN H 55 -8.23 -14.90 24.62
C GLN H 55 -7.23 -15.20 23.51
N SER H 56 -6.19 -14.39 23.45
CA SER H 56 -5.13 -14.59 22.47
C SER H 56 -4.49 -15.96 22.66
N GLY H 57 -4.23 -16.67 21.56
CA GLY H 57 -3.62 -17.99 21.62
C GLY H 57 -4.65 -19.10 21.62
N VAL H 58 -5.93 -18.72 21.69
CA VAL H 58 -7.04 -19.68 21.68
C VAL H 58 -7.52 -19.87 20.23
N PRO H 59 -7.63 -21.10 19.74
CA PRO H 59 -8.06 -21.41 18.39
C PRO H 59 -9.38 -20.74 18.05
N SER H 60 -9.53 -20.32 16.80
CA SER H 60 -10.71 -19.62 16.30
C SER H 60 -11.96 -20.47 16.33
N ARG H 61 -11.76 -21.77 16.57
CA ARG H 61 -12.85 -22.72 16.69
C ARG H 61 -13.69 -22.41 17.92
N PHE H 62 -13.09 -21.73 18.89
CA PHE H 62 -13.76 -21.40 20.14
C PHE H 62 -14.46 -20.06 20.08
N SER H 63 -15.69 -20.05 20.58
CA SER H 63 -16.50 -18.86 20.66
C SER H 63 -17.51 -19.04 21.78
N GLY H 64 -18.26 -17.99 22.10
CA GLY H 64 -19.26 -18.12 23.14
C GLY H 64 -19.97 -16.81 23.41
N SER H 65 -21.03 -16.89 24.20
CA SER H 65 -21.83 -15.73 24.54
C SER H 65 -22.75 -16.01 25.72
N GLY H 66 -23.57 -15.03 26.03
CA GLY H 66 -24.56 -15.14 27.09
C GLY H 66 -24.47 -14.00 28.07
N SER H 67 -25.51 -13.85 28.87
CA SER H 67 -25.59 -12.79 29.85
C SER H 67 -26.59 -13.15 30.95
N GLY H 68 -26.51 -12.44 32.06
CA GLY H 68 -27.45 -12.67 33.14
C GLY H 68 -27.14 -13.99 33.81
N THR H 69 -28.01 -14.97 33.62
CA THR H 69 -27.81 -16.26 34.23
C THR H 69 -27.44 -17.39 33.28
N ASP H 70 -27.58 -17.19 31.97
CA ASP H 70 -27.40 -18.32 31.05
C ASP H 70 -26.32 -18.09 29.99
N PHE H 71 -25.24 -18.88 30.08
CA PHE H 71 -24.10 -18.74 29.19
C PHE H 71 -23.76 -20.05 28.48
N THR H 72 -23.22 -19.92 27.25
CA THR H 72 -22.77 -21.11 26.50
C THR H 72 -21.40 -20.94 25.86
N LEU H 73 -20.58 -21.98 25.95
CA LEU H 73 -19.30 -22.08 25.23
C LEU H 73 -19.48 -23.01 24.04
N THR H 74 -18.96 -22.61 22.90
CA THR H 74 -19.08 -23.42 21.70
C THR H 74 -17.75 -23.73 21.03
N ILE H 75 -17.60 -24.98 20.61
CA ILE H 75 -16.47 -25.41 19.79
C ILE H 75 -17.05 -25.76 18.42
N SER H 76 -16.68 -25.04 17.37
CA SER H 76 -17.31 -25.27 16.08
C SER H 76 -17.05 -26.67 15.53
N SER H 77 -15.88 -27.22 15.86
CA SER H 77 -15.48 -28.55 15.42
C SER H 77 -14.49 -29.16 16.40
N LEU H 78 -14.93 -30.13 17.18
CA LEU H 78 -14.09 -30.74 18.21
C LEU H 78 -12.89 -31.44 17.63
N GLN H 79 -11.71 -31.17 18.19
CA GLN H 79 -10.49 -31.86 17.76
C GLN H 79 -10.03 -32.83 18.85
N PRO H 80 -9.19 -33.84 18.56
CA PRO H 80 -8.64 -34.78 19.52
C PRO H 80 -7.96 -34.07 20.70
N GLU H 81 -7.32 -32.92 20.43
CA GLU H 81 -6.63 -32.17 21.47
C GLU H 81 -7.57 -31.39 22.38
N ASP H 82 -8.86 -31.42 22.07
CA ASP H 82 -9.84 -30.71 22.87
C ASP H 82 -10.46 -31.61 23.92
N PHE H 83 -9.91 -32.83 24.04
CA PHE H 83 -10.32 -33.74 25.09
C PHE H 83 -9.85 -33.14 26.40
N ALA H 84 -10.80 -32.66 27.20
CA ALA H 84 -10.45 -31.87 28.38
C ALA H 84 -11.63 -31.67 29.32
N ILE H 85 -11.35 -31.21 30.52
CA ILE H 85 -12.39 -30.80 31.44
C ILE H 85 -12.58 -29.28 31.33
N TYR H 86 -13.79 -28.86 31.04
CA TYR H 86 -14.06 -27.44 30.85
C TYR H 86 -14.75 -26.86 32.06
N TYR H 87 -14.32 -25.67 32.46
CA TYR H 87 -14.92 -25.01 33.61
C TYR H 87 -15.40 -23.60 33.28
N CYS H 88 -16.50 -23.18 33.94
CA CYS H 88 -16.97 -21.80 33.90
C CYS H 88 -16.64 -21.16 35.25
N GLN H 89 -16.29 -19.88 35.24
CA GLN H 89 -15.93 -19.14 36.44
C GLN H 89 -16.66 -17.82 36.57
N GLN H 90 -17.39 -17.63 37.65
CA GLN H 90 -18.04 -16.34 37.82
C GLN H 90 -16.95 -15.33 38.18
N SER H 91 -17.00 -14.14 37.58
CA SER H 91 -16.04 -13.11 37.91
C SER H 91 -16.75 -11.85 38.42
N TYR H 92 -18.06 -11.98 38.62
CA TYR H 92 -18.87 -10.88 39.10
C TYR H 92 -18.54 -10.53 40.54
N VAL H 93 -18.35 -11.55 41.37
CA VAL H 93 -18.10 -11.28 42.78
C VAL H 93 -16.67 -11.64 43.17
N SER H 94 -15.93 -10.60 43.50
CA SER H 94 -14.54 -10.68 43.93
C SER H 94 -14.52 -10.42 45.44
N PRO H 95 -13.56 -10.95 46.19
CA PRO H 95 -12.42 -11.81 45.86
C PRO H 95 -12.69 -13.29 45.70
N THR H 96 -13.88 -13.74 46.09
CA THR H 96 -14.15 -15.17 46.12
C THR H 96 -14.58 -15.71 44.76
N TYR H 97 -13.61 -15.86 43.88
CA TYR H 97 -13.87 -16.37 42.54
C TYR H 97 -14.16 -17.86 42.64
N THR H 98 -15.23 -18.31 42.00
CA THR H 98 -15.59 -19.72 42.05
C THR H 98 -15.83 -20.31 40.67
N PHE H 99 -15.68 -21.63 40.60
CA PHE H 99 -15.87 -22.39 39.37
C PHE H 99 -17.07 -23.30 39.48
N GLY H 100 -17.65 -23.65 38.34
CA GLY H 100 -18.71 -24.64 38.29
C GLY H 100 -18.09 -26.01 38.49
N PRO H 101 -18.90 -27.08 38.52
CA PRO H 101 -18.49 -28.47 38.71
C PRO H 101 -17.64 -29.01 37.57
N GLY H 102 -17.75 -28.40 36.40
CA GLY H 102 -16.99 -28.80 35.23
C GLY H 102 -17.75 -29.74 34.29
N THR H 103 -17.45 -29.64 33.00
CA THR H 103 -18.01 -30.52 31.97
C THR H 103 -16.91 -31.28 31.27
N LYS H 104 -16.93 -32.59 31.37
CA LYS H 104 -15.88 -33.36 30.73
C LYS H 104 -16.24 -33.64 29.30
N VAL H 105 -15.37 -33.26 28.36
CA VAL H 105 -15.64 -33.55 26.96
C VAL H 105 -14.83 -34.74 26.51
N ASP H 106 -15.56 -35.83 26.26
CA ASP H 106 -15.01 -37.10 25.82
C ASP H 106 -15.11 -37.23 24.32
N ILE H 107 -14.30 -38.10 23.75
CA ILE H 107 -14.42 -38.34 22.32
C ILE H 107 -15.37 -39.52 22.12
N LYS H 108 -16.45 -39.29 21.37
CA LYS H 108 -17.47 -40.30 21.19
C LYS H 108 -17.09 -41.42 20.24
N ARG H 109 -17.28 -42.65 20.70
CA ARG H 109 -17.10 -43.84 19.88
C ARG H 109 -18.20 -44.83 20.19
N THR H 110 -19.33 -44.68 19.51
CA THR H 110 -20.54 -45.49 19.71
C THR H 110 -20.75 -45.83 21.20
N VAL H 111 -21.32 -46.99 21.48
CA VAL H 111 -21.52 -47.46 22.85
C VAL H 111 -20.92 -48.85 23.04
N ALA H 112 -20.08 -48.99 24.05
CA ALA H 112 -19.43 -50.26 24.31
C ALA H 112 -19.79 -50.82 25.68
N ALA H 113 -20.41 -52.00 25.71
CA ALA H 113 -20.77 -52.63 26.96
C ALA H 113 -19.49 -53.06 27.69
N PRO H 114 -19.45 -53.03 29.03
CA PRO H 114 -18.36 -53.47 29.86
C PRO H 114 -18.19 -54.97 29.91
N SER H 115 -16.95 -55.39 30.06
CA SER H 115 -16.62 -56.77 30.36
C SER H 115 -16.52 -56.87 31.87
N VAL H 116 -17.39 -57.65 32.49
CA VAL H 116 -17.45 -57.64 33.94
C VAL H 116 -16.98 -58.96 34.54
N PHE H 117 -15.98 -58.87 35.40
CA PHE H 117 -15.46 -60.05 36.09
C PHE H 117 -15.48 -59.82 37.61
N ILE H 118 -15.78 -60.87 38.38
CA ILE H 118 -15.78 -60.71 39.83
C ILE H 118 -14.66 -61.54 40.45
N PHE H 119 -13.92 -60.89 41.35
CA PHE H 119 -12.76 -61.48 42.00
C PHE H 119 -12.93 -61.63 43.51
N PRO H 120 -13.12 -62.86 44.01
CA PRO H 120 -13.24 -63.19 45.42
C PRO H 120 -11.94 -62.76 46.11
N PRO H 121 -11.99 -62.42 47.40
CA PRO H 121 -10.84 -62.03 48.20
C PRO H 121 -9.90 -63.21 48.33
N SER H 122 -8.60 -62.92 48.33
CA SER H 122 -7.58 -63.95 48.47
C SER H 122 -7.48 -64.45 49.89
N ASP H 123 -6.84 -65.61 50.04
CA ASP H 123 -6.63 -66.18 51.36
C ASP H 123 -5.63 -65.34 52.12
N GLU H 124 -4.67 -64.80 51.40
CA GLU H 124 -3.64 -63.98 52.00
C GLU H 124 -4.24 -62.75 52.69
N GLN H 125 -5.31 -62.19 52.12
CA GLN H 125 -5.94 -61.03 52.74
C GLN H 125 -6.87 -61.46 53.88
N LEU H 126 -7.58 -62.57 53.70
CA LEU H 126 -8.50 -63.05 54.71
C LEU H 126 -7.75 -63.42 55.99
N LYS H 127 -6.51 -63.91 55.84
CA LYS H 127 -5.66 -64.25 56.97
C LYS H 127 -5.32 -63.03 57.83
N SER H 128 -5.48 -61.83 57.29
CA SER H 128 -5.19 -60.59 58.00
C SER H 128 -6.47 -59.99 58.60
N GLY H 129 -7.59 -60.68 58.39
CA GLY H 129 -8.88 -60.22 58.90
C GLY H 129 -9.63 -59.25 57.98
N THR H 130 -9.28 -59.22 56.68
CA THR H 130 -9.96 -58.33 55.73
C THR H 130 -10.48 -59.10 54.52
N ALA H 131 -11.64 -58.70 54.01
CA ALA H 131 -12.21 -59.35 52.85
C ALA H 131 -12.67 -58.36 51.78
N SER H 132 -11.76 -57.97 50.89
CA SER H 132 -12.08 -57.03 49.83
C SER H 132 -12.50 -57.77 48.57
N VAL H 133 -13.72 -57.51 48.12
CA VAL H 133 -14.26 -58.16 46.93
C VAL H 133 -14.09 -57.18 45.77
N VAL H 134 -13.47 -57.62 44.68
CA VAL H 134 -13.21 -56.68 43.59
C VAL H 134 -13.99 -57.02 42.32
N CYS H 135 -14.67 -56.02 41.75
CA CYS H 135 -15.44 -56.13 40.51
C CYS H 135 -14.87 -55.18 39.46
N LEU H 136 -14.46 -55.74 38.33
CA LEU H 136 -13.83 -54.89 37.33
C LEU H 136 -14.63 -54.85 36.04
N LEU H 137 -14.92 -53.63 35.62
CA LEU H 137 -15.67 -53.33 34.40
C LEU H 137 -14.70 -52.79 33.35
N ASN H 138 -14.36 -53.58 32.36
CA ASN H 138 -13.34 -53.13 31.41
C ASN H 138 -13.89 -52.76 30.03
N ASN H 139 -13.19 -51.84 29.38
CA ASN H 139 -13.42 -51.49 27.97
C ASN H 139 -14.84 -51.01 27.62
N PHE H 140 -15.39 -50.06 28.38
CA PHE H 140 -16.75 -49.58 28.10
C PHE H 140 -16.84 -48.08 27.80
N TYR H 141 -17.91 -47.69 27.13
CA TYR H 141 -18.17 -46.28 26.84
C TYR H 141 -19.67 -46.07 26.61
N PRO H 142 -20.29 -45.01 27.17
CA PRO H 142 -19.82 -43.86 27.96
C PRO H 142 -19.18 -44.19 29.29
N ARG H 143 -18.46 -43.20 29.83
CA ARG H 143 -17.73 -43.30 31.10
C ARG H 143 -18.60 -43.68 32.29
N GLU H 144 -19.83 -43.19 32.33
CA GLU H 144 -20.68 -43.45 33.48
C GLU H 144 -21.18 -44.89 33.51
N ALA H 145 -21.07 -45.50 34.68
CA ALA H 145 -21.57 -46.85 34.90
C ALA H 145 -21.99 -46.97 36.34
N LYS H 146 -22.93 -47.85 36.63
CA LYS H 146 -23.36 -48.03 38.02
C LYS H 146 -23.07 -49.43 38.51
N VAL H 147 -22.48 -49.51 39.69
CA VAL H 147 -22.20 -50.81 40.28
C VAL H 147 -22.92 -50.98 41.60
N GLN H 148 -23.74 -52.02 41.67
CA GLN H 148 -24.50 -52.34 42.87
C GLN H 148 -23.95 -53.58 43.56
N TRP H 149 -23.34 -53.36 44.70
CA TRP H 149 -22.78 -54.46 45.47
C TRP H 149 -23.83 -55.15 46.28
N LYS H 150 -23.83 -56.47 46.25
CA LYS H 150 -24.80 -57.20 47.04
C LYS H 150 -24.17 -58.33 47.84
N VAL H 151 -24.71 -58.53 49.04
CA VAL H 151 -24.31 -59.64 49.89
C VAL H 151 -25.58 -60.38 50.31
N ASP H 152 -25.68 -61.66 49.94
CA ASP H 152 -26.89 -62.45 50.14
C ASP H 152 -28.08 -61.70 49.53
N ASN H 153 -27.84 -61.10 48.36
CA ASN H 153 -28.81 -60.33 47.59
C ASN H 153 -29.28 -59.03 48.25
N ALA H 154 -28.64 -58.63 49.36
CA ALA H 154 -28.95 -57.37 50.00
C ALA H 154 -28.02 -56.28 49.48
N LEU H 155 -28.59 -55.13 49.11
CA LEU H 155 -27.78 -54.05 48.58
C LEU H 155 -26.90 -53.41 49.65
N GLN H 156 -25.62 -53.24 49.33
CA GLN H 156 -24.65 -52.61 50.21
C GLN H 156 -24.55 -51.12 49.95
N SER H 157 -24.18 -50.37 50.98
CA SER H 157 -23.94 -48.93 50.83
C SER H 157 -22.99 -48.40 51.88
N GLY H 158 -22.08 -47.51 51.47
CA GLY H 158 -21.17 -46.82 52.38
C GLY H 158 -19.92 -47.63 52.72
N ASN H 159 -19.79 -48.81 52.11
CA ASN H 159 -18.66 -49.68 52.39
C ASN H 159 -17.91 -50.09 51.13
N SER H 160 -17.96 -49.24 50.10
CA SER H 160 -17.29 -49.53 48.84
C SER H 160 -16.73 -48.26 48.21
N GLN H 161 -15.73 -48.44 47.36
CA GLN H 161 -15.07 -47.35 46.66
C GLN H 161 -14.93 -47.66 45.18
N GLU H 162 -14.88 -46.62 44.34
CA GLU H 162 -14.70 -46.82 42.92
C GLU H 162 -13.58 -45.94 42.34
N SER H 163 -12.91 -46.46 41.33
CA SER H 163 -11.85 -45.74 40.62
C SER H 163 -11.98 -45.90 39.11
N VAL H 164 -11.97 -44.79 38.40
CA VAL H 164 -12.16 -44.81 36.96
C VAL H 164 -10.95 -44.27 36.22
N THR H 165 -10.52 -45.01 35.19
CA THR H 165 -9.36 -44.68 34.39
C THR H 165 -9.66 -43.54 33.42
N GLU H 166 -8.63 -43.01 32.79
CA GLU H 166 -8.81 -41.96 31.78
C GLU H 166 -9.25 -42.60 30.47
N GLN H 167 -9.92 -41.85 29.61
CA GLN H 167 -10.36 -42.42 28.33
C GLN H 167 -9.15 -42.96 27.58
N ASP H 168 -9.28 -44.18 27.07
CA ASP H 168 -8.22 -44.84 26.33
C ASP H 168 -7.88 -44.05 25.08
N SER H 169 -6.60 -43.97 24.75
CA SER H 169 -6.11 -43.22 23.60
C SER H 169 -6.38 -43.90 22.26
N LYS H 170 -6.71 -45.18 22.27
CA LYS H 170 -6.94 -45.92 21.03
C LYS H 170 -8.37 -46.41 20.87
N ASP H 171 -8.91 -47.05 21.91
CA ASP H 171 -10.24 -47.64 21.80
C ASP H 171 -11.33 -46.69 22.29
N SER H 172 -10.91 -45.53 22.79
CA SER H 172 -11.81 -44.52 23.31
C SER H 172 -12.78 -45.05 24.39
N THR H 173 -12.27 -45.90 25.29
CA THR H 173 -13.08 -46.50 26.35
C THR H 173 -12.54 -46.26 27.75
N TYR H 174 -13.37 -46.61 28.73
CA TYR H 174 -13.08 -46.49 30.14
C TYR H 174 -13.11 -47.82 30.86
N SER H 175 -12.38 -47.90 31.95
CA SER H 175 -12.46 -49.05 32.83
C SER H 175 -12.76 -48.57 34.26
N LEU H 176 -13.56 -49.35 34.98
CA LEU H 176 -13.94 -48.99 36.35
C LEU H 176 -13.63 -50.12 37.33
N SER H 177 -12.93 -49.76 38.39
CA SER H 177 -12.62 -50.70 39.45
C SER H 177 -13.46 -50.40 40.66
N SER H 178 -14.27 -51.36 41.06
CA SER H 178 -15.15 -51.19 42.20
C SER H 178 -14.79 -52.21 43.27
N THR H 179 -14.55 -51.74 44.49
CA THR H 179 -14.17 -52.65 45.56
C THR H 179 -15.10 -52.53 46.77
N LEU H 180 -15.58 -53.67 47.23
CA LEU H 180 -16.41 -53.77 48.43
C LEU H 180 -15.54 -54.27 49.55
N THR H 181 -15.36 -53.47 50.60
CA THR H 181 -14.47 -53.94 51.65
C THR H 181 -15.19 -54.20 52.94
N LEU H 182 -15.20 -55.47 53.32
CA LEU H 182 -15.81 -55.92 54.55
C LEU H 182 -14.69 -56.44 55.43
N SER H 183 -14.88 -56.41 56.75
CA SER H 183 -13.93 -57.08 57.61
C SER H 183 -14.18 -58.57 57.46
N LYS H 184 -13.20 -59.42 57.78
CA LYS H 184 -13.46 -60.85 57.69
C LYS H 184 -14.66 -61.23 58.55
N ALA H 185 -14.77 -60.58 59.70
CA ALA H 185 -15.87 -60.87 60.62
C ALA H 185 -17.23 -60.68 59.95
N ASP H 186 -17.33 -59.73 59.03
CA ASP H 186 -18.58 -59.45 58.35
C ASP H 186 -18.65 -60.12 56.98
N TYR H 187 -17.67 -60.98 56.70
CA TYR H 187 -17.58 -61.73 55.46
C TYR H 187 -18.04 -63.16 55.73
N GLU H 188 -17.66 -63.67 56.89
CA GLU H 188 -17.96 -65.04 57.31
C GLU H 188 -19.41 -65.20 57.75
N LYS H 189 -20.16 -64.10 57.75
CA LYS H 189 -21.57 -64.09 58.11
C LYS H 189 -22.47 -64.30 56.90
N HIS H 190 -21.90 -64.28 55.70
CA HIS H 190 -22.70 -64.35 54.48
C HIS H 190 -22.14 -65.36 53.49
N LYS H 191 -22.99 -65.82 52.56
CA LYS H 191 -22.54 -66.85 51.61
C LYS H 191 -22.40 -66.35 50.18
N VAL H 192 -23.31 -65.49 49.74
CA VAL H 192 -23.31 -65.10 48.34
C VAL H 192 -22.86 -63.67 48.10
N TYR H 193 -21.85 -63.51 47.26
CA TYR H 193 -21.36 -62.18 46.94
C TYR H 193 -21.59 -61.89 45.48
N ALA H 194 -22.02 -60.68 45.17
CA ALA H 194 -22.34 -60.36 43.79
C ALA H 194 -22.07 -58.89 43.43
N CYS H 195 -21.86 -58.66 42.12
CA CYS H 195 -21.66 -57.36 41.51
C CYS H 195 -22.63 -57.17 40.33
N GLU H 196 -23.62 -56.31 40.52
CA GLU H 196 -24.59 -56.02 39.46
C GLU H 196 -24.22 -54.74 38.74
N VAL H 197 -24.06 -54.83 37.42
CA VAL H 197 -23.61 -53.69 36.63
C VAL H 197 -24.66 -53.20 35.63
N THR H 198 -24.89 -51.89 35.68
CA THR H 198 -25.80 -51.21 34.75
C THR H 198 -25.01 -50.26 33.86
N HIS H 199 -25.25 -50.35 32.56
CA HIS H 199 -24.55 -49.53 31.56
C HIS H 199 -25.38 -49.36 30.30
N GLN H 200 -25.13 -48.28 29.57
CA GLN H 200 -25.86 -47.95 28.34
C GLN H 200 -25.73 -49.02 27.24
N GLY H 201 -24.65 -49.79 27.25
CA GLY H 201 -24.42 -50.82 26.26
C GLY H 201 -25.06 -52.15 26.63
N LEU H 202 -25.73 -52.20 27.77
CA LEU H 202 -26.34 -53.43 28.24
C LEU H 202 -27.86 -53.36 28.11
N SER H 203 -28.45 -54.39 27.51
CA SER H 203 -29.91 -54.46 27.33
C SER H 203 -30.60 -54.69 28.67
N SER H 204 -29.84 -55.19 29.63
CA SER H 204 -30.30 -55.44 30.98
C SER H 204 -29.05 -55.48 31.88
N PRO H 205 -29.17 -55.15 33.17
CA PRO H 205 -28.11 -55.25 34.16
C PRO H 205 -27.53 -56.66 34.18
N VAL H 206 -26.22 -56.76 34.36
CA VAL H 206 -25.57 -58.07 34.38
C VAL H 206 -24.98 -58.32 35.75
N THR H 207 -25.17 -59.53 36.28
CA THR H 207 -24.65 -59.82 37.60
C THR H 207 -23.66 -60.98 37.61
N LYS H 208 -22.52 -60.73 38.23
CA LYS H 208 -21.52 -61.77 38.43
C LYS H 208 -21.50 -62.08 39.92
N SER H 209 -21.28 -63.35 40.26
CA SER H 209 -21.32 -63.72 41.66
C SER H 209 -20.46 -64.93 41.98
N PHE H 210 -20.22 -65.13 43.28
CA PHE H 210 -19.50 -66.28 43.78
C PHE H 210 -19.96 -66.65 45.17
N ASN H 211 -19.68 -67.89 45.57
CA ASN H 211 -19.96 -68.33 46.92
C ASN H 211 -18.70 -68.27 47.76
N ARG H 212 -18.87 -67.96 49.04
CA ARG H 212 -17.75 -67.95 49.96
C ARG H 212 -17.23 -69.38 50.19
N GLY H 213 -15.89 -69.56 50.15
CA GLY H 213 -15.25 -70.84 50.36
C GLY H 213 -15.36 -71.73 49.12
N VAL I 1 6.58 -16.19 29.75
CA VAL I 1 5.98 -16.28 31.07
C VAL I 1 6.07 -17.73 31.59
N GLN I 2 6.55 -17.88 32.83
CA GLN I 2 6.64 -19.16 33.53
C GLN I 2 6.31 -19.00 35.02
N LEU I 3 5.62 -20.01 35.55
CA LEU I 3 5.28 -20.09 36.96
C LEU I 3 5.61 -21.48 37.49
N VAL I 4 6.47 -21.56 38.51
CA VAL I 4 6.83 -22.88 39.03
C VAL I 4 6.63 -23.02 40.54
N GLU I 5 5.70 -23.89 40.94
CA GLU I 5 5.41 -24.15 42.34
C GLU I 5 6.39 -25.10 43.01
N SER I 6 6.56 -24.93 44.30
CA SER I 6 7.33 -25.85 45.14
C SER I 6 6.81 -25.85 46.56
N GLY I 7 7.44 -26.66 47.41
CA GLY I 7 7.08 -26.74 48.83
C GLY I 7 6.02 -27.78 49.16
N GLY I 8 5.52 -28.49 48.16
CA GLY I 8 4.50 -29.50 48.41
C GLY I 8 5.14 -30.70 49.10
N GLY I 9 4.33 -31.46 49.82
CA GLY I 9 4.82 -32.63 50.52
C GLY I 9 3.79 -33.15 51.51
N LEU I 10 4.25 -34.01 52.43
CA LEU I 10 3.39 -34.63 53.43
C LEU I 10 3.44 -33.93 54.77
N VAL I 11 2.26 -33.60 55.30
CA VAL I 11 2.11 -32.98 56.61
C VAL I 11 1.03 -33.70 57.41
N GLN I 12 1.16 -33.68 58.73
CA GLN I 12 0.13 -34.23 59.61
C GLN I 12 -0.99 -33.19 59.80
N PRO I 13 -2.21 -33.61 60.12
CA PRO I 13 -3.31 -32.74 60.54
C PRO I 13 -2.85 -31.95 61.74
N GLY I 14 -3.15 -30.65 61.75
CA GLY I 14 -2.74 -29.79 62.84
C GLY I 14 -1.37 -29.16 62.57
N GLY I 15 -0.72 -29.60 61.48
CA GLY I 15 0.59 -29.09 61.11
C GLY I 15 0.47 -27.93 60.13
N SER I 16 1.56 -27.64 59.42
CA SER I 16 1.59 -26.53 58.47
C SER I 16 2.48 -26.83 57.28
N LEU I 17 2.23 -26.13 56.17
CA LEU I 17 3.03 -26.21 54.96
C LEU I 17 3.28 -24.85 54.34
N ARG I 18 4.52 -24.65 53.89
CA ARG I 18 4.92 -23.40 53.25
C ARG I 18 5.19 -23.58 51.78
N LEU I 19 4.37 -22.97 50.94
CA LEU I 19 4.53 -23.10 49.51
C LEU I 19 5.18 -21.88 48.92
N SER I 20 5.80 -22.08 47.77
CA SER I 20 6.43 -20.99 47.04
C SER I 20 6.20 -21.16 45.55
N CYS I 21 6.33 -20.08 44.79
CA CYS I 21 6.24 -20.08 43.34
C CYS I 21 7.23 -19.10 42.71
N ALA I 22 8.04 -19.61 41.79
CA ALA I 22 9.00 -18.80 41.08
C ALA I 22 8.31 -18.06 39.95
N ALA I 23 8.57 -16.76 39.85
CA ALA I 23 7.99 -15.94 38.81
C ALA I 23 9.03 -15.52 37.79
N SER I 24 8.78 -15.83 36.53
CA SER I 24 9.71 -15.44 35.46
C SER I 24 9.00 -15.07 34.17
N GLY I 25 9.60 -14.12 33.43
CA GLY I 25 9.07 -13.72 32.13
C GLY I 25 8.08 -12.56 32.22
N PHE I 26 7.92 -12.00 33.41
CA PHE I 26 7.00 -10.88 33.60
C PHE I 26 7.40 -10.01 34.78
N THR I 27 6.89 -8.79 34.82
CA THR I 27 7.18 -7.90 35.92
C THR I 27 6.32 -8.26 37.12
N PHE I 28 6.82 -9.22 37.89
CA PHE I 28 6.11 -9.77 39.04
C PHE I 28 5.50 -8.70 39.93
N SER I 29 6.24 -7.64 40.20
CA SER I 29 5.79 -6.58 41.11
C SER I 29 4.56 -5.83 40.61
N SER I 30 4.24 -5.95 39.33
CA SER I 30 3.11 -5.25 38.73
C SER I 30 1.82 -6.09 38.65
N TYR I 31 1.88 -7.35 39.08
CA TYR I 31 0.70 -8.19 38.95
C TYR I 31 0.14 -8.70 40.27
N ASP I 32 -1.17 -8.95 40.24
CA ASP I 32 -1.88 -9.56 41.36
C ASP I 32 -1.66 -11.05 41.32
N MET I 33 -1.14 -11.61 42.40
CA MET I 33 -0.80 -13.02 42.44
C MET I 33 -1.80 -13.81 43.24
N HIS I 34 -2.13 -14.99 42.74
CA HIS I 34 -3.15 -15.82 43.37
C HIS I 34 -2.72 -17.26 43.59
N TRP I 35 -3.36 -17.89 44.56
CA TRP I 35 -3.24 -19.32 44.73
C TRP I 35 -4.62 -19.95 44.60
N VAL I 36 -4.65 -21.08 43.92
CA VAL I 36 -5.87 -21.86 43.74
C VAL I 36 -5.52 -23.31 44.08
N ARG I 37 -6.52 -24.14 44.34
CA ARG I 37 -6.22 -25.54 44.59
C ARG I 37 -7.23 -26.44 43.92
N GLN I 38 -6.79 -27.60 43.47
CA GLN I 38 -7.71 -28.54 42.83
C GLN I 38 -7.86 -29.81 43.66
N THR I 39 -9.08 -30.03 44.13
CA THR I 39 -9.37 -31.12 45.03
C THR I 39 -10.20 -32.20 44.36
N THR I 40 -9.75 -33.45 44.47
CA THR I 40 -10.48 -34.53 43.85
C THR I 40 -11.87 -34.63 44.46
N GLY I 41 -12.89 -34.62 43.61
CA GLY I 41 -14.28 -34.71 44.05
C GLY I 41 -14.96 -33.36 44.22
N LYS I 42 -14.19 -32.27 44.22
CA LYS I 42 -14.76 -30.94 44.37
C LYS I 42 -14.51 -30.04 43.18
N GLY I 43 -13.34 -30.19 42.55
CA GLY I 43 -12.96 -29.34 41.43
C GLY I 43 -12.00 -28.24 41.87
N LEU I 44 -11.93 -27.18 41.07
CA LEU I 44 -10.95 -26.13 41.29
C LEU I 44 -11.53 -25.01 42.15
N GLU I 45 -10.83 -24.69 43.24
CA GLU I 45 -11.23 -23.67 44.20
C GLU I 45 -10.19 -22.54 44.28
N TRP I 46 -10.66 -21.33 44.52
CA TRP I 46 -9.75 -20.21 44.78
C TRP I 46 -9.34 -20.24 46.24
N VAL I 47 -8.05 -20.00 46.55
CA VAL I 47 -7.59 -20.02 47.92
C VAL I 47 -7.25 -18.65 48.49
N SER I 48 -6.46 -17.88 47.77
CA SER I 48 -6.03 -16.58 48.27
C SER I 48 -5.47 -15.65 47.20
N THR I 49 -5.38 -14.38 47.54
CA THR I 49 -4.71 -13.42 46.66
C THR I 49 -3.94 -12.36 47.40
N ILE I 50 -2.90 -11.86 46.76
CA ILE I 50 -2.18 -10.71 47.24
C ILE I 50 -2.05 -9.70 46.10
N GLY I 51 -2.43 -8.46 46.36
CA GLY I 51 -2.37 -7.44 45.34
C GLY I 51 -1.04 -6.72 45.33
N THR I 52 -0.87 -5.81 44.38
CA THR I 52 0.36 -5.04 44.26
C THR I 52 0.46 -3.98 45.34
N ALA I 53 -0.66 -3.68 45.97
CA ALA I 53 -0.71 -2.70 47.05
C ALA I 53 -0.40 -3.36 48.39
N GLY I 54 -0.23 -4.68 48.38
CA GLY I 54 0.04 -5.42 49.61
C GLY I 54 -1.25 -5.89 50.28
N ASP I 55 -2.39 -5.67 49.63
CA ASP I 55 -3.67 -6.09 50.17
C ASP I 55 -3.84 -7.58 50.01
N THR I 56 -4.57 -8.23 50.92
CA THR I 56 -4.81 -9.66 50.76
C THR I 56 -6.27 -10.04 50.98
N TYR I 57 -6.70 -11.10 50.30
CA TYR I 57 -8.05 -11.61 50.50
C TYR I 57 -8.07 -13.13 50.57
N TYR I 58 -9.00 -13.65 51.38
CA TYR I 58 -9.21 -15.08 51.58
C TYR I 58 -10.71 -15.39 51.58
N PRO I 59 -11.11 -16.63 51.31
CA PRO I 59 -12.45 -17.16 51.52
C PRO I 59 -12.65 -17.39 53.01
N ASP I 60 -13.90 -17.45 53.47
CA ASP I 60 -14.19 -17.62 54.90
C ASP I 60 -13.55 -18.85 55.55
N SER I 61 -13.41 -19.94 54.80
CA SER I 61 -12.84 -21.18 55.33
C SER I 61 -11.33 -21.12 55.52
N VAL I 62 -10.71 -20.07 54.99
CA VAL I 62 -9.28 -19.85 55.03
C VAL I 62 -8.89 -18.70 55.95
N LYS I 63 -9.74 -17.68 56.02
CA LYS I 63 -9.44 -16.52 56.85
C LYS I 63 -9.01 -16.96 58.24
N GLY I 64 -7.88 -16.44 58.71
CA GLY I 64 -7.38 -16.76 60.04
C GLY I 64 -6.41 -17.95 60.06
N ARG I 65 -6.30 -18.68 58.95
CA ARG I 65 -5.42 -19.84 58.93
C ARG I 65 -4.26 -19.65 57.96
N PHE I 66 -4.53 -19.08 56.79
CA PHE I 66 -3.45 -18.96 55.80
C PHE I 66 -2.99 -17.50 55.66
N THR I 67 -1.69 -17.31 55.46
CA THR I 67 -1.10 -16.00 55.21
C THR I 67 -0.39 -15.97 53.85
N ILE I 68 -0.71 -14.98 53.03
CA ILE I 68 -0.09 -14.86 51.72
C ILE I 68 0.88 -13.69 51.72
N SER I 69 2.02 -13.87 51.08
CA SER I 69 3.02 -12.83 51.01
C SER I 69 3.76 -12.89 49.68
N ARG I 70 4.45 -11.82 49.36
CA ARG I 70 5.21 -11.78 48.12
C ARG I 70 6.50 -11.02 48.31
N GLU I 71 7.58 -11.51 47.71
CA GLU I 71 8.83 -10.79 47.71
C GLU I 71 9.14 -10.30 46.31
N ASP I 72 8.87 -9.03 46.07
CA ASP I 72 9.05 -8.50 44.73
C ASP I 72 10.50 -8.48 44.33
N ALA I 73 11.40 -8.30 45.31
CA ALA I 73 12.82 -8.23 45.04
C ALA I 73 13.38 -9.52 44.47
N LYS I 74 12.69 -10.63 44.72
CA LYS I 74 13.18 -11.94 44.29
C LYS I 74 12.26 -12.57 43.26
N ASN I 75 11.23 -11.83 42.83
CA ASN I 75 10.24 -12.39 41.93
C ASN I 75 9.72 -13.73 42.47
N SER I 76 9.32 -13.74 43.74
CA SER I 76 8.89 -14.99 44.36
C SER I 76 7.65 -14.83 45.25
N LEU I 77 6.67 -15.69 44.99
CA LEU I 77 5.39 -15.71 45.70
C LEU I 77 5.34 -16.79 46.76
N TYR I 78 4.80 -16.46 47.95
CA TYR I 78 4.72 -17.44 49.03
C TYR I 78 3.33 -17.57 49.65
N LEU I 79 3.02 -18.78 50.13
CA LEU I 79 1.79 -18.97 50.88
C LEU I 79 2.05 -19.86 52.10
N GLN I 80 1.83 -19.29 53.28
CA GLN I 80 2.07 -19.99 54.53
C GLN I 80 0.75 -20.50 55.08
N MET I 81 0.55 -21.81 55.04
CA MET I 81 -0.73 -22.34 55.44
C MET I 81 -0.63 -23.08 56.76
N ASN I 82 -1.20 -22.49 57.80
CA ASN I 82 -1.12 -23.08 59.13
C ASN I 82 -2.45 -23.72 59.48
N SER I 83 -2.52 -24.36 60.64
CA SER I 83 -3.77 -24.96 61.09
C SER I 83 -4.41 -25.80 59.99
N LEU I 84 -3.61 -26.67 59.37
CA LEU I 84 -4.10 -27.51 58.27
C LEU I 84 -4.99 -28.63 58.75
N ARG I 85 -5.92 -29.02 57.89
CA ARG I 85 -6.87 -30.09 58.15
C ARG I 85 -6.85 -31.09 57.01
N ALA I 86 -7.37 -32.29 57.23
CA ALA I 86 -7.37 -33.31 56.19
C ALA I 86 -8.05 -32.81 54.92
N GLY I 87 -9.05 -31.93 55.07
CA GLY I 87 -9.81 -31.39 53.96
C GLY I 87 -9.01 -30.41 53.10
N ASP I 88 -7.79 -30.08 53.51
CA ASP I 88 -6.95 -29.18 52.74
C ASP I 88 -6.07 -29.94 51.74
N THR I 89 -6.22 -31.27 51.68
CA THR I 89 -5.46 -32.03 50.69
C THR I 89 -5.92 -31.62 49.30
N ALA I 90 -4.97 -31.19 48.48
CA ALA I 90 -5.27 -30.71 47.13
C ALA I 90 -3.98 -30.43 46.38
N VAL I 91 -4.09 -30.25 45.07
CA VAL I 91 -2.95 -29.73 44.32
C VAL I 91 -3.03 -28.22 44.32
N TYR I 92 -2.00 -27.57 44.82
CA TYR I 92 -2.01 -26.12 44.90
C TYR I 92 -1.22 -25.51 43.76
N TYR I 93 -1.79 -24.47 43.19
CA TYR I 93 -1.21 -23.79 42.05
C TYR I 93 -1.04 -22.30 42.35
N CYS I 94 -0.03 -21.69 41.73
CA CYS I 94 0.14 -20.24 41.70
C CYS I 94 -0.40 -19.76 40.36
N ALA I 95 -0.92 -18.54 40.35
CA ALA I 95 -1.48 -18.01 39.12
C ALA I 95 -1.37 -16.50 39.03
N ARG I 96 -1.40 -16.00 37.80
CA ARG I 96 -1.40 -14.57 37.54
C ARG I 96 -2.75 -14.11 37.07
N GLY I 97 -3.25 -13.07 37.71
CA GLY I 97 -4.49 -12.45 37.28
C GLY I 97 -4.20 -11.30 36.33
N ASP I 98 -5.19 -10.94 35.53
CA ASP I 98 -5.11 -9.77 34.66
C ASP I 98 -6.51 -9.26 34.40
N SER I 99 -6.64 -8.18 33.65
CA SER I 99 -7.97 -7.64 33.40
C SER I 99 -8.09 -6.85 32.11
N SER I 100 -9.33 -6.63 31.70
CA SER I 100 -9.66 -5.79 30.56
C SER I 100 -10.83 -4.90 30.95
N GLY I 101 -10.58 -3.60 31.09
CA GLY I 101 -11.62 -2.72 31.58
C GLY I 101 -11.99 -3.13 33.00
N TYR I 102 -13.25 -3.46 33.20
CA TYR I 102 -13.77 -3.85 34.51
C TYR I 102 -13.88 -5.37 34.70
N TYR I 103 -13.37 -6.14 33.74
CA TYR I 103 -13.48 -7.59 33.80
C TYR I 103 -12.18 -8.26 34.21
N TYR I 104 -12.26 -9.10 35.23
CA TYR I 104 -11.09 -9.81 35.74
C TYR I 104 -11.09 -11.28 35.34
N TYR I 105 -9.91 -11.77 34.99
CA TYR I 105 -9.71 -13.16 34.66
C TYR I 105 -8.34 -13.68 35.09
N PHE I 106 -8.22 -14.99 35.23
CA PHE I 106 -6.94 -15.64 35.47
C PHE I 106 -6.36 -16.01 34.13
N ASP I 107 -5.08 -15.70 33.90
CA ASP I 107 -4.44 -15.99 32.61
C ASP I 107 -3.32 -17.03 32.68
N TYR I 108 -2.54 -17.05 33.76
CA TYR I 108 -1.43 -18.01 33.82
C TYR I 108 -1.44 -18.84 35.08
N TRP I 109 -1.02 -20.10 34.95
CA TRP I 109 -0.91 -21.04 36.06
C TRP I 109 0.39 -21.83 35.96
N GLY I 110 0.92 -22.25 37.10
CA GLY I 110 2.04 -23.18 37.09
C GLY I 110 1.50 -24.60 36.96
N GLN I 111 2.38 -25.61 37.07
CA GLN I 111 1.91 -27.00 36.94
C GLN I 111 1.25 -27.49 38.22
N GLY I 112 1.53 -26.82 39.34
CA GLY I 112 0.94 -27.16 40.62
C GLY I 112 1.79 -28.14 41.42
N THR I 113 1.56 -28.18 42.73
CA THR I 113 2.25 -29.10 43.61
C THR I 113 1.26 -29.79 44.54
N LEU I 114 1.44 -31.08 44.79
CA LEU I 114 0.48 -31.82 45.61
C LEU I 114 0.79 -31.82 47.08
N LEU I 115 -0.18 -31.37 47.86
CA LEU I 115 -0.09 -31.32 49.31
C LEU I 115 -0.98 -32.37 49.93
N THR I 116 -0.38 -33.27 50.71
CA THR I 116 -1.13 -34.34 51.34
C THR I 116 -1.19 -34.18 52.85
N VAL I 117 -2.39 -34.17 53.41
CA VAL I 117 -2.53 -34.05 54.85
C VAL I 117 -3.07 -35.35 55.45
N SER I 118 -2.25 -35.99 56.28
CA SER I 118 -2.61 -37.27 56.90
C SER I 118 -1.71 -37.58 58.08
N SER I 119 -2.28 -38.15 59.13
CA SER I 119 -1.53 -38.52 60.32
C SER I 119 -0.67 -39.75 60.11
N ALA I 120 -0.92 -40.47 59.02
CA ALA I 120 -0.18 -41.69 58.73
C ALA I 120 1.27 -41.39 58.37
N SER I 121 2.17 -42.18 58.93
CA SER I 121 3.57 -42.13 58.56
C SER I 121 3.71 -42.98 57.32
N THR I 122 4.88 -42.99 56.69
CA THR I 122 5.06 -43.79 55.50
C THR I 122 4.85 -45.28 55.79
N LYS I 123 4.04 -45.94 54.96
CA LYS I 123 3.74 -47.36 55.09
C LYS I 123 3.93 -48.08 53.77
N GLY I 124 4.57 -49.25 53.80
CA GLY I 124 4.70 -50.02 52.57
C GLY I 124 3.36 -50.70 52.32
N PRO I 125 3.08 -51.10 51.08
CA PRO I 125 1.86 -51.76 50.64
C PRO I 125 1.74 -53.20 51.07
N SER I 126 0.51 -53.63 51.28
CA SER I 126 0.17 -55.03 51.44
C SER I 126 -0.38 -55.48 50.11
N VAL I 127 0.30 -56.42 49.47
CA VAL I 127 -0.13 -56.80 48.14
C VAL I 127 -0.75 -58.19 48.16
N PHE I 128 -1.94 -58.27 47.58
CA PHE I 128 -2.68 -59.50 47.50
C PHE I 128 -3.01 -59.77 46.03
N PRO I 129 -3.09 -61.03 45.60
CA PRO I 129 -3.50 -61.43 44.28
C PRO I 129 -5.02 -61.36 44.16
N LEU I 130 -5.51 -61.15 42.95
CA LEU I 130 -6.91 -61.35 42.62
C LEU I 130 -6.95 -62.50 41.64
N ALA I 131 -6.95 -63.71 42.21
CA ALA I 131 -6.76 -64.91 41.41
C ALA I 131 -7.91 -65.07 40.43
N PRO I 132 -7.64 -65.61 39.24
CA PRO I 132 -8.62 -65.97 38.24
C PRO I 132 -9.40 -67.20 38.68
N SER I 133 -10.60 -67.32 38.19
CA SER I 133 -11.48 -68.45 38.48
C SER I 133 -12.54 -68.54 37.39
N SER I 134 -13.47 -69.47 37.53
CA SER I 134 -14.55 -69.61 36.56
C SER I 134 -15.47 -68.39 36.55
N LYS I 135 -15.37 -67.56 37.57
CA LYS I 135 -16.19 -66.36 37.69
C LYS I 135 -15.51 -65.11 37.13
N SER I 136 -14.28 -65.29 36.61
CA SER I 136 -13.52 -64.20 36.00
C SER I 136 -13.29 -64.54 34.53
N THR I 137 -14.07 -65.51 34.03
CA THR I 137 -13.98 -65.94 32.64
C THR I 137 -15.34 -65.90 31.95
N SER I 138 -15.39 -65.33 30.74
CA SER I 138 -16.61 -65.28 29.95
C SER I 138 -16.34 -65.23 28.45
N GLY I 139 -16.89 -66.19 27.71
CA GLY I 139 -16.78 -66.18 26.25
C GLY I 139 -15.37 -66.47 25.73
N GLY I 140 -14.56 -67.14 26.53
CA GLY I 140 -13.18 -67.42 26.16
C GLY I 140 -12.21 -66.34 26.65
N THR I 141 -12.75 -65.23 27.15
CA THR I 141 -11.93 -64.13 27.66
C THR I 141 -11.86 -64.21 29.16
N ALA I 142 -10.69 -64.01 29.73
CA ALA I 142 -10.57 -64.09 31.17
C ALA I 142 -9.69 -63.00 31.71
N ALA I 143 -9.84 -62.69 32.98
CA ALA I 143 -8.96 -61.71 33.59
C ALA I 143 -8.42 -62.20 34.91
N LEU I 144 -7.19 -61.77 35.19
CA LEU I 144 -6.53 -62.01 36.48
C LEU I 144 -5.92 -60.70 36.93
N GLY I 145 -5.82 -60.47 38.23
CA GLY I 145 -5.26 -59.20 38.66
C GLY I 145 -4.65 -59.25 40.05
N CYS I 146 -4.48 -58.06 40.65
CA CYS I 146 -3.90 -57.86 41.97
C CYS I 146 -4.53 -56.65 42.67
N LEU I 147 -4.40 -56.63 43.99
CA LEU I 147 -4.91 -55.55 44.83
C LEU I 147 -3.84 -55.07 45.80
N VAL I 148 -3.61 -53.76 45.80
CA VAL I 148 -2.59 -53.16 46.65
C VAL I 148 -3.27 -52.30 47.72
N LYS I 149 -3.08 -52.67 48.98
CA LYS I 149 -3.80 -52.01 50.07
C LYS I 149 -2.91 -51.40 51.16
N ASP I 150 -3.44 -50.35 51.79
CA ASP I 150 -2.85 -49.69 52.96
C ASP I 150 -1.42 -49.16 52.82
N TYR I 151 -1.14 -48.45 51.73
CA TYR I 151 0.19 -47.85 51.58
C TYR I 151 0.09 -46.35 51.73
N PHE I 152 1.19 -45.71 52.07
CA PHE I 152 1.15 -44.28 52.21
C PHE I 152 2.53 -43.64 52.20
N PRO I 153 2.71 -42.49 51.53
CA PRO I 153 1.86 -41.73 50.62
C PRO I 153 1.92 -42.26 49.20
N GLU I 154 1.26 -41.57 48.29
CA GLU I 154 1.36 -41.85 46.86
C GLU I 154 2.76 -41.49 46.37
N PRO I 155 3.17 -41.98 45.19
CA PRO I 155 2.56 -42.95 44.27
C PRO I 155 2.92 -44.41 44.53
N VAL I 156 2.16 -45.31 43.91
CA VAL I 156 2.55 -46.70 43.70
C VAL I 156 2.49 -47.03 42.22
N THR I 157 3.57 -47.58 41.69
CA THR I 157 3.61 -47.99 40.30
C THR I 157 3.29 -49.46 40.19
N VAL I 158 2.30 -49.80 39.36
CA VAL I 158 1.96 -51.21 39.19
C VAL I 158 2.01 -51.59 37.71
N SER I 159 2.75 -52.65 37.43
CA SER I 159 2.90 -53.16 36.06
C SER I 159 2.92 -54.68 36.06
N TRP I 160 2.82 -55.28 34.87
CA TRP I 160 2.82 -56.74 34.80
C TRP I 160 4.07 -57.29 34.11
N ASN I 161 4.63 -58.34 34.72
CA ASN I 161 5.81 -59.03 34.22
C ASN I 161 6.95 -58.07 33.93
N SER I 162 7.16 -57.12 34.84
CA SER I 162 8.21 -56.11 34.78
C SER I 162 8.19 -55.29 33.49
N GLY I 163 7.00 -55.05 32.95
CA GLY I 163 6.87 -54.23 31.75
C GLY I 163 6.73 -55.07 30.48
N ALA I 164 6.94 -56.38 30.61
CA ALA I 164 6.81 -57.27 29.46
C ALA I 164 5.38 -57.25 28.91
N LEU I 165 4.39 -57.10 29.78
CA LEU I 165 3.02 -57.06 29.33
C LEU I 165 2.51 -55.64 29.35
N THR I 166 2.32 -55.07 28.16
CA THR I 166 1.91 -53.68 28.04
C THR I 166 0.50 -53.55 27.49
N SER I 167 0.00 -54.60 26.86
CA SER I 167 -1.33 -54.56 26.27
C SER I 167 -2.30 -55.36 27.13
N GLY I 168 -3.56 -54.93 27.14
CA GLY I 168 -4.57 -55.62 27.92
C GLY I 168 -4.43 -55.29 29.40
N VAL I 169 -3.71 -54.23 29.71
CA VAL I 169 -3.44 -53.87 31.10
C VAL I 169 -4.21 -52.64 31.53
N HIS I 170 -4.95 -52.79 32.61
CA HIS I 170 -5.74 -51.71 33.17
C HIS I 170 -5.32 -51.44 34.61
N THR I 171 -4.56 -50.36 34.81
CA THR I 171 -4.11 -50.00 36.15
C THR I 171 -4.95 -48.82 36.61
N PHE I 172 -5.56 -48.95 37.77
CA PHE I 172 -6.48 -47.95 38.24
C PHE I 172 -5.80 -46.91 39.13
N PRO I 173 -6.31 -45.67 39.15
CA PRO I 173 -5.94 -44.61 40.07
C PRO I 173 -6.18 -45.05 41.49
N ALA I 174 -5.35 -44.57 42.41
CA ALA I 174 -5.51 -44.90 43.82
C ALA I 174 -6.62 -44.09 44.45
N VAL I 175 -7.25 -44.69 45.46
CA VAL I 175 -8.29 -44.03 46.23
C VAL I 175 -7.91 -44.01 47.70
N LEU I 176 -8.04 -42.85 48.33
CA LEU I 176 -7.75 -42.72 49.75
C LEU I 176 -8.83 -43.41 50.57
N GLN I 177 -8.42 -44.27 51.47
CA GLN I 177 -9.32 -45.02 52.32
C GLN I 177 -9.52 -44.31 53.65
N SER I 178 -10.56 -44.68 54.38
CA SER I 178 -10.89 -44.06 55.66
C SER I 178 -9.80 -44.26 56.72
N SER I 179 -8.91 -45.20 56.48
CA SER I 179 -7.79 -45.50 57.37
C SER I 179 -6.69 -44.43 57.29
N GLY I 180 -6.76 -43.59 56.26
CA GLY I 180 -5.75 -42.57 56.03
C GLY I 180 -4.69 -43.05 55.05
N LEU I 181 -4.79 -44.32 54.68
CA LEU I 181 -3.87 -44.95 53.75
C LEU I 181 -4.56 -45.13 52.39
N TYR I 182 -3.78 -45.36 51.34
CA TYR I 182 -4.31 -45.51 49.98
C TYR I 182 -4.39 -46.95 49.50
N SER I 183 -5.27 -47.20 48.54
CA SER I 183 -5.32 -48.50 47.87
C SER I 183 -5.61 -48.35 46.37
N LEU I 184 -5.15 -49.32 45.58
CA LEU I 184 -5.42 -49.36 44.13
C LEU I 184 -5.39 -50.79 43.65
N SER I 185 -5.81 -51.02 42.42
CA SER I 185 -5.75 -52.36 41.85
C SER I 185 -5.34 -52.32 40.38
N SER I 186 -5.00 -53.49 39.86
CA SER I 186 -4.62 -53.63 38.46
C SER I 186 -4.99 -55.00 37.92
N VAL I 187 -5.43 -55.02 36.67
CA VAL I 187 -5.81 -56.27 36.03
C VAL I 187 -5.20 -56.41 34.65
N VAL I 188 -4.88 -57.64 34.28
CA VAL I 188 -4.42 -57.93 32.93
C VAL I 188 -5.39 -58.90 32.27
N THR I 189 -5.81 -58.55 31.07
CA THR I 189 -6.75 -59.35 30.30
C THR I 189 -5.99 -60.43 29.55
N VAL I 190 -6.45 -61.66 29.69
CA VAL I 190 -5.77 -62.77 29.09
C VAL I 190 -6.78 -63.67 28.36
N PRO I 191 -6.35 -64.53 27.44
CA PRO I 191 -7.11 -65.64 26.92
C PRO I 191 -7.37 -66.58 28.07
N SER I 192 -8.54 -67.21 28.13
CA SER I 192 -8.80 -68.14 29.23
C SER I 192 -7.87 -69.34 29.16
N SER I 193 -7.43 -69.67 27.94
CA SER I 193 -6.54 -70.78 27.71
C SER I 193 -5.13 -70.55 28.25
N SER I 194 -4.80 -69.29 28.59
CA SER I 194 -3.47 -68.99 29.09
C SER I 194 -3.41 -69.21 30.60
N LEU I 195 -4.57 -69.39 31.23
CA LEU I 195 -4.59 -69.55 32.67
C LEU I 195 -3.99 -70.89 33.04
N GLY I 196 -3.03 -70.86 33.95
CA GLY I 196 -2.35 -72.09 34.37
C GLY I 196 -1.22 -72.46 33.42
N THR I 197 -0.99 -71.63 32.39
CA THR I 197 0.04 -71.88 31.39
C THR I 197 1.05 -70.75 31.39
N GLN I 198 0.56 -69.54 31.18
CA GLN I 198 1.40 -68.35 31.17
C GLN I 198 1.48 -67.75 32.56
N THR I 199 2.69 -67.46 33.01
CA THR I 199 2.90 -66.82 34.29
C THR I 199 2.64 -65.33 34.25
N TYR I 200 1.88 -64.84 35.23
CA TYR I 200 1.62 -63.43 35.38
C TYR I 200 2.00 -62.98 36.77
N ILE I 201 2.79 -61.93 36.84
CA ILE I 201 3.26 -61.35 38.10
C ILE I 201 2.90 -59.86 38.19
N CYS I 202 2.29 -59.45 39.31
CA CYS I 202 1.95 -58.06 39.58
C CYS I 202 3.15 -57.43 40.29
N ASN I 203 3.78 -56.49 39.63
CA ASN I 203 4.96 -55.83 40.15
C ASN I 203 4.59 -54.50 40.76
N VAL I 204 4.56 -54.46 42.09
CA VAL I 204 4.11 -53.28 42.82
C VAL I 204 5.27 -52.55 43.47
N ASN I 205 5.50 -51.31 43.07
CA ASN I 205 6.63 -50.52 43.59
C ASN I 205 6.19 -49.23 44.27
N HIS I 206 6.29 -49.22 45.60
CA HIS I 206 5.92 -48.04 46.39
C HIS I 206 7.20 -47.27 46.70
N LYS I 207 7.44 -46.21 45.92
CA LYS I 207 8.71 -45.51 46.00
C LYS I 207 9.02 -44.93 47.39
N PRO I 208 8.07 -44.27 48.08
CA PRO I 208 8.25 -43.63 49.37
C PRO I 208 8.75 -44.56 50.49
N SER I 209 8.58 -45.87 50.35
CA SER I 209 9.02 -46.78 51.41
C SER I 209 10.10 -47.74 50.91
N ASN I 210 10.53 -47.54 49.65
CA ASN I 210 11.48 -48.45 49.02
C ASN I 210 11.01 -49.89 49.09
N THR I 211 9.72 -50.12 48.87
CA THR I 211 9.15 -51.46 48.94
C THR I 211 8.67 -51.96 47.59
N LYS I 212 9.16 -53.12 47.19
CA LYS I 212 8.76 -53.71 45.92
C LYS I 212 8.33 -55.16 46.12
N VAL I 213 7.12 -55.47 45.67
CA VAL I 213 6.58 -56.81 45.82
C VAL I 213 6.26 -57.44 44.47
N ASP I 214 6.85 -58.60 44.22
CA ASP I 214 6.58 -59.34 43.00
C ASP I 214 5.56 -60.43 43.29
N LYS I 215 4.30 -60.18 42.97
CA LYS I 215 3.22 -61.09 43.35
C LYS I 215 2.74 -61.97 42.21
N LYS I 216 3.11 -63.24 42.25
CA LYS I 216 2.70 -64.18 41.22
C LYS I 216 1.22 -64.50 41.41
N VAL I 217 0.44 -64.37 40.35
CA VAL I 217 -0.99 -64.60 40.43
C VAL I 217 -1.38 -65.89 39.72
N GLU I 218 -1.96 -66.83 40.48
CA GLU I 218 -2.35 -68.12 39.95
C GLU I 218 -3.81 -68.42 40.32
N PRO I 219 -4.57 -69.26 39.53
CA PRO I 219 -5.95 -69.70 39.81
C PRO I 219 -6.13 -70.19 41.26
C1 NAG J . 37.45 60.86 9.58
C2 NAG J . 38.11 61.94 10.51
C3 NAG J . 37.60 61.72 11.95
C4 NAG J . 36.05 61.87 11.97
C5 NAG J . 35.47 60.81 11.00
C6 NAG J . 33.96 60.92 10.92
C7 NAG J . 40.33 62.49 9.68
C8 NAG J . 41.81 62.30 9.66
N2 NAG J . 39.57 61.76 10.49
O3 NAG J . 38.21 62.68 12.82
O4 NAG J . 35.55 61.62 13.28
O5 NAG J . 36.01 61.00 9.65
O6 NAG J . 33.41 59.93 10.05
O7 NAG J . 39.81 63.32 8.93
C1 NAG J . 34.98 62.85 13.95
C2 NAG J . 34.18 62.40 15.21
C3 NAG J . 33.58 63.66 15.87
C4 NAG J . 34.73 64.62 16.24
C5 NAG J . 35.51 64.99 14.95
C6 NAG J . 36.70 65.89 15.25
C7 NAG J . 33.02 60.26 15.21
C8 NAG J . 31.90 59.36 14.78
N2 NAG J . 33.08 61.52 14.79
O3 NAG J . 32.86 63.30 17.04
O4 NAG J . 34.20 65.80 16.84
O5 NAG J . 36.02 63.77 14.31
O6 NAG J . 37.21 66.48 14.06
O7 NAG J . 33.89 59.81 15.98
C1 NAG K . 37.65 81.02 -27.39
C2 NAG K . 37.22 82.24 -26.50
C3 NAG K . 38.09 83.46 -26.91
C4 NAG K . 39.58 83.10 -26.68
C5 NAG K . 39.92 81.87 -27.54
C6 NAG K . 41.36 81.45 -27.39
C7 NAG K . 34.85 82.02 -26.02
C8 NAG K . 33.41 82.33 -26.30
N2 NAG K . 35.81 82.56 -26.77
O3 NAG K . 37.73 84.59 -26.10
O4 NAG K . 40.40 84.20 -27.12
O5 NAG K . 39.04 80.73 -27.18
O6 NAG K . 41.71 81.19 -26.03
O7 NAG K . 35.14 81.28 -25.08
C1 NAG K . 41.18 84.83 -26.03
C2 NAG K . 42.30 85.72 -26.67
C3 NAG K . 43.13 86.35 -25.52
C4 NAG K . 42.19 87.17 -24.62
C5 NAG K . 41.10 86.24 -24.05
C6 NAG K . 40.10 86.99 -23.18
C7 NAG K . 43.25 85.06 -28.81
C8 NAG K . 44.14 84.19 -29.63
N2 NAG K . 43.17 84.88 -27.49
O3 NAG K . 44.14 87.19 -26.07
O4 NAG K . 42.95 87.75 -23.56
O5 NAG K . 40.35 85.61 -25.15
O6 NAG K . 39.51 88.09 -23.87
O7 NAG K . 42.60 85.96 -29.35
C1 NAG L . 40.84 76.06 -46.50
C2 NAG L . 39.66 75.29 -47.21
C3 NAG L . 40.08 74.99 -48.66
C4 NAG L . 40.40 76.31 -49.39
C5 NAG L . 41.53 77.03 -48.62
C6 NAG L . 41.89 78.36 -49.25
C7 NAG L . 38.52 73.97 -45.51
C8 NAG L . 38.29 72.69 -44.78
N2 NAG L . 39.41 74.04 -46.49
O3 NAG L . 39.00 74.30 -49.32
O4 NAG L . 40.82 76.04 -50.73
O5 NAG L . 41.13 77.27 -47.23
O6 NAG L . 43.10 78.88 -48.72
O7 NAG L . 37.86 74.97 -45.20
C1 NAG L . 39.89 76.56 -51.76
C2 NAG L . 40.56 76.45 -53.17
C3 NAG L . 39.59 77.02 -54.22
C4 NAG L . 38.27 76.22 -54.16
C5 NAG L . 37.67 76.34 -52.75
C6 NAG L . 36.40 75.54 -52.60
C7 NAG L . 42.98 76.66 -53.38
C8 NAG L . 44.23 77.49 -53.37
N2 NAG L . 41.80 77.24 -53.16
O3 NAG L . 40.16 76.92 -55.52
O4 NAG L . 37.36 76.75 -55.12
O5 NAG L . 38.63 75.85 -51.75
O6 NAG L . 35.68 75.90 -51.43
O7 NAG L . 43.05 75.45 -53.60
C1 NAG M . -55.15 4.93 -28.87
C2 NAG M . -54.08 5.23 -27.77
C3 NAG M . -54.67 6.28 -26.79
C4 NAG M . -55.02 7.57 -27.59
C5 NAG M . -56.02 7.18 -28.70
C6 NAG M . -56.36 8.40 -29.56
C7 NAG M . -52.60 3.39 -27.20
C8 NAG M . -52.29 2.13 -26.45
N2 NAG M . -53.77 4.00 -27.04
O3 NAG M . -53.71 6.57 -25.78
O4 NAG M . -55.68 8.51 -26.71
O5 NAG M . -55.47 6.16 -29.57
O6 NAG M . -57.33 8.07 -30.54
O7 NAG M . -51.75 3.86 -27.97
C1 NAG M . -54.85 9.69 -26.34
C2 NAG M . -55.80 10.84 -25.87
C3 NAG M . -54.96 12.07 -25.49
C4 NAG M . -53.97 11.67 -24.37
C5 NAG M . -53.08 10.52 -24.90
C6 NAG M . -52.11 10.04 -23.84
C7 NAG M . -58.02 11.11 -26.82
C8 NAG M . -58.94 11.46 -27.97
N2 NAG M . -56.70 11.18 -26.98
O3 NAG M . -55.82 13.12 -25.08
O4 NAG M . -53.12 12.80 -24.03
O5 NAG M . -53.91 9.38 -25.30
O6 NAG M . -52.76 9.63 -22.64
O7 NAG M . -58.51 10.74 -25.75
C1 BMA M . -53.45 13.42 -22.71
C2 BMA M . -52.23 14.26 -22.24
C3 BMA M . -52.57 14.90 -20.88
C4 BMA M . -53.83 15.77 -21.03
C5 BMA M . -54.99 14.89 -21.53
C6 BMA M . -56.25 15.71 -21.76
O2 BMA M . -51.92 15.28 -23.20
O3 BMA M . -51.47 15.69 -20.41
O4 BMA M . -54.15 16.36 -19.77
O5 BMA M . -54.63 14.26 -22.80
O6 BMA M . -57.35 14.89 -22.11
C1 NAG N . -45.22 33.63 35.41
C2 NAG N . -45.95 32.59 36.33
C3 NAG N . -45.98 31.22 35.62
C4 NAG N . -46.71 31.36 34.27
C5 NAG N . -45.96 32.43 33.42
C6 NAG N . -46.65 32.67 32.09
C7 NAG N . -45.56 33.14 38.67
C8 NAG N . -44.77 33.02 39.94
N2 NAG N . -45.20 32.47 37.59
O3 NAG N . -46.65 30.26 36.43
O4 NAG N . -46.67 30.11 33.57
O5 NAG N . -45.92 33.71 34.14
O6 NAG N . -45.92 33.58 31.29
O7 NAG N . -46.55 33.88 38.64
C1 NAG N . -48.02 29.54 33.30
C2 NAG N . -47.87 28.38 32.25
C3 NAG N . -49.28 27.81 31.96
C4 NAG N . -49.88 27.29 33.28
C5 NAG N . -49.97 28.47 34.28
C6 NAG N . -50.53 28.03 35.62
C7 NAG N . -46.19 28.45 30.49
C8 NAG N . -45.63 29.03 29.23
N2 NAG N . -47.31 28.94 31.01
O3 NAG N . -49.17 26.73 31.02
O4 NAG N . -51.18 26.77 33.03
O5 NAG N . -48.63 29.04 34.51
O6 NAG N . -49.78 26.95 36.18
O7 NAG N . -45.60 27.50 31.04
C1 NAG O . 18.61 52.29 -46.02
C2 NAG O . 18.24 53.36 -47.11
C3 NAG O . 16.78 53.13 -47.56
C4 NAG O . 16.68 51.70 -48.16
C5 NAG O . 17.09 50.69 -47.07
C6 NAG O . 17.06 49.27 -47.60
C7 NAG O . 19.44 55.42 -46.64
C8 NAG O . 19.52 56.79 -46.02
N2 NAG O . 18.34 54.71 -46.50
O3 NAG O . 16.42 54.12 -48.53
O4 NAG O . 15.32 51.44 -48.55
O5 NAG O . 18.46 50.97 -46.61
O6 NAG O . 17.41 48.33 -46.59
O7 NAG O . 20.40 54.98 -47.28
C1 NAG O . 15.14 51.32 -50.05
C2 NAG O . 13.72 50.72 -50.32
C3 NAG O . 13.56 50.59 -51.85
C4 NAG O . 13.70 52.00 -52.47
C5 NAG O . 15.10 52.56 -52.13
C6 NAG O . 15.30 53.96 -52.68
C7 NAG O . 12.77 49.11 -48.77
C8 NAG O . 12.71 47.73 -48.16
N2 NAG O . 13.65 49.38 -49.72
O3 NAG O . 12.26 50.07 -52.16
O4 NAG O . 13.55 51.91 -53.89
O5 NAG O . 15.26 52.62 -50.67
O6 NAG O . 16.66 54.35 -52.64
O7 NAG O . 11.98 49.98 -48.38
C1 NAG P . 60.33 49.73 -51.18
C2 NAG P . 59.94 49.80 -52.70
C3 NAG P . 60.87 50.85 -53.38
C4 NAG P . 60.68 52.22 -52.69
C5 NAG P . 61.02 52.05 -51.19
C6 NAG P . 60.86 53.35 -50.44
C7 NAG P . 59.17 47.60 -53.40
C8 NAG P . 59.41 46.26 -54.00
N2 NAG P . 60.17 48.49 -53.32
O3 NAG P . 60.54 50.94 -54.77
O4 NAG P . 61.59 53.17 -53.27
O5 NAG P . 60.16 51.03 -50.57
O6 NAG P . 59.55 53.90 -50.57
O7 NAG P . 58.06 47.89 -52.97
C1 NAG P . 60.91 54.29 -53.96
C2 NAG P . 61.95 55.44 -54.19
C3 NAG P . 61.23 56.61 -54.90
C4 NAG P . 60.63 56.11 -56.22
C5 NAG P . 59.64 54.96 -55.92
C6 NAG P . 59.03 54.39 -57.19
C7 NAG P . 63.75 55.73 -52.59
C8 NAG P . 64.26 56.19 -51.25
N2 NAG P . 62.47 55.88 -52.90
O3 NAG P . 62.16 57.67 -55.15
O4 NAG P . 59.96 57.18 -56.87
O5 NAG P . 60.33 53.87 -55.21
O6 NAG P . 60.04 53.95 -58.10
O7 NAG P . 64.53 55.22 -53.39
C1 NAG Q . 76.23 47.59 -39.24
C2 NAG Q . 76.45 46.15 -38.67
C3 NAG Q . 77.71 46.17 -37.78
C4 NAG Q . 78.93 46.64 -38.61
C5 NAG Q . 78.61 48.05 -39.15
C6 NAG Q . 79.75 48.58 -40.02
C7 NAG Q . 74.28 45.09 -38.43
C8 NAG Q . 73.09 44.72 -37.61
N2 NAG Q . 75.29 45.75 -37.88
O3 NAG Q . 77.94 44.85 -37.26
O4 NAG Q . 80.09 46.70 -37.77
O5 NAG Q . 77.39 48.02 -39.97
O6 NAG Q . 79.58 49.96 -40.30
O7 NAG Q . 74.32 44.77 -39.63
C1 NAG Q . 81.15 45.73 -38.16
C2 NAG Q . 82.46 46.05 -37.37
C3 NAG Q . 83.54 45.05 -37.83
C4 NAG Q . 83.05 43.61 -37.53
C5 NAG Q . 81.73 43.38 -38.31
C6 NAG Q . 81.16 42.00 -38.03
C7 NAG Q . 82.98 48.35 -36.76
C8 NAG Q . 83.41 49.74 -37.12
N2 NAG Q . 82.88 47.42 -37.71
O3 NAG Q . 84.76 45.29 -37.11
O4 NAG Q . 84.04 42.69 -37.94
O5 NAG Q . 80.74 44.37 -37.91
O6 NAG Q . 80.16 41.65 -38.97
O7 NAG Q . 82.71 48.08 -35.59
C1 NAG R . 22.84 -57.03 -11.19
C2 NAG R . 22.06 -55.72 -11.51
C3 NAG R . 21.51 -55.82 -12.96
C4 NAG R . 22.70 -56.00 -13.93
C5 NAG R . 23.47 -57.28 -13.52
C6 NAG R . 24.70 -57.48 -14.40
C7 NAG R . 20.96 -54.65 -9.62
C8 NAG R . 19.82 -54.50 -8.67
N2 NAG R . 20.94 -55.57 -10.57
O3 NAG R . 20.79 -54.63 -13.27
O4 NAG R . 22.20 -56.22 -15.27
O5 NAG R . 23.92 -57.18 -12.13
O6 NAG R . 25.37 -58.69 -14.07
O7 NAG R . 21.94 -53.89 -9.52
C1 NAG R . 22.41 -55.07 -16.20
C2 NAG R . 22.32 -55.59 -17.66
C3 NAG R . 22.54 -54.41 -18.63
C4 NAG R . 21.44 -53.34 -18.38
C5 NAG R . 21.57 -52.89 -16.89
C6 NAG R . 20.51 -51.86 -16.53
C7 NAG R . 23.08 -57.84 -18.25
C8 NAG R . 24.16 -58.84 -18.45
N2 NAG R . 23.37 -56.59 -17.87
O3 NAG R . 22.48 -54.90 -19.98
O4 NAG R . 21.66 -52.20 -19.23
O5 NAG R . 21.42 -54.03 -15.99
O6 NAG R . 19.20 -52.34 -16.78
O7 NAG R . 21.90 -58.16 -18.45
C1 BMA R . 20.66 -52.09 -20.34
C2 BMA R . 20.68 -50.62 -20.87
C3 BMA R . 19.64 -50.50 -22.01
C4 BMA R . 20.00 -51.52 -23.12
C5 BMA R . 19.99 -52.95 -22.52
C6 BMA R . 20.40 -53.98 -23.54
O2 BMA R . 21.99 -50.29 -21.36
O3 BMA R . 19.63 -49.18 -22.54
O4 BMA R . 19.04 -51.42 -24.17
O5 BMA R . 20.95 -53.01 -21.41
O6 BMA R . 20.29 -55.29 -23.03
C1 NAG S . -23.91 -27.35 -55.78
C2 NAG S . -25.24 -28.09 -55.39
C3 NAG S . -25.11 -28.60 -53.93
C4 NAG S . -23.89 -29.54 -53.81
C5 NAG S . -22.63 -28.75 -54.25
C6 NAG S . -21.39 -29.62 -54.22
C7 NAG S . -27.12 -27.11 -56.56
C8 NAG S . -28.25 -26.13 -56.65
N2 NAG S . -26.36 -27.15 -55.48
O3 NAG S . -26.30 -29.31 -53.56
O4 NAG S . -23.74 -29.95 -52.45
O5 NAG S . -22.79 -28.25 -55.61
O6 NAG S . -20.22 -28.87 -54.53
O7 NAG S . -26.91 -27.88 -57.51
C1 NAG S . -23.84 -31.43 -52.25
C2 NAG S . -23.31 -31.79 -50.82
C3 NAG S . -23.42 -33.31 -50.64
C4 NAG S . -24.88 -33.74 -50.82
C5 NAG S . -25.35 -33.33 -52.24
C6 NAG S . -26.82 -33.69 -52.47
C7 NAG S . -21.51 -30.54 -49.77
C8 NAG S . -20.07 -30.13 -49.68
N2 NAG S . -21.91 -31.37 -50.72
O3 NAG S . -22.97 -33.67 -49.33
O4 NAG S . -24.99 -35.15 -50.67
O5 NAG S . -25.20 -31.89 -52.41
O6 NAG S . -27.67 -33.12 -51.48
O7 NAG S . -22.32 -30.10 -48.94
C1 NAG T . 64.33 20.84 -25.02
C2 NAG T . 65.70 20.53 -25.71
C3 NAG T . 65.88 19.00 -25.78
C4 NAG T . 65.87 18.42 -24.35
C5 NAG T . 64.51 18.80 -23.70
C6 NAG T . 64.45 18.31 -22.26
C7 NAG T . 66.19 22.27 -27.34
C8 NAG T . 66.16 22.81 -28.74
N2 NAG T . 65.68 21.07 -27.08
O3 NAG T . 67.12 18.70 -26.44
O4 NAG T . 65.98 16.99 -24.39
O5 NAG T . 64.34 20.25 -23.69
O6 NAG T . 63.18 18.63 -21.66
O7 NAG T . 66.70 22.94 -26.44
C1 NAG T . 67.29 16.49 -23.84
C2 NAG T . 67.16 14.94 -23.63
C3 NAG T . 68.51 14.43 -23.05
C4 NAG T . 69.64 14.78 -24.04
C5 NAG T . 69.68 16.32 -24.23
C6 NAG T . 70.75 16.73 -25.23
C7 NAG T . 65.02 13.97 -23.01
C8 NAG T . 63.93 13.70 -22.02
N2 NAG T . 66.09 14.67 -22.66
O3 NAG T . 68.45 13.02 -22.86
O4 NAG T . 70.89 14.33 -23.51
O5 NAG T . 68.38 16.78 -24.73
O6 NAG T . 70.99 18.13 -25.18
O7 NAG T . 64.92 13.52 -24.17
C1 NAG U . 72.24 58.69 -8.31
C2 NAG U . 73.62 58.02 -7.98
C3 NAG U . 74.75 59.01 -8.39
C4 NAG U . 74.62 59.31 -9.91
C5 NAG U . 73.23 59.91 -10.17
C6 NAG U . 73.02 60.23 -11.64
C7 NAG U . 73.32 56.62 -6.02
C8 NAG U . 73.39 56.39 -4.54
N2 NAG U . 73.70 57.80 -6.53
O3 NAG U . 76.03 58.44 -8.10
O4 NAG U . 75.61 60.28 -10.27
O5 NAG U . 72.17 58.97 -9.73
O6 NAG U . 73.22 59.10 -12.47
O7 NAG U . 72.94 55.71 -6.76
C1 NAG U . 76.62 59.78 -11.24
C2 NAG U . 77.39 60.99 -11.86
C3 NAG U . 78.41 60.45 -12.88
C4 NAG U . 79.37 59.48 -12.16
C5 NAG U . 78.55 58.32 -11.55
C6 NAG U . 79.42 57.35 -10.78
C7 NAG U . 76.20 63.11 -12.13
C8 NAG U . 75.21 63.97 -12.84
N2 NAG U . 76.42 61.86 -12.54
O3 NAG U . 79.14 61.54 -13.45
O4 NAG U . 80.31 58.97 -13.10
O5 NAG U . 77.55 58.86 -10.62
O6 NAG U . 80.19 58.00 -9.78
O7 NAG U . 76.82 63.55 -11.16
C1 NAG V . 62.07 75.70 -5.71
C2 NAG V . 61.01 75.68 -4.54
C3 NAG V . 60.32 77.06 -4.48
C4 NAG V . 61.39 78.15 -4.25
C5 NAG V . 62.41 78.09 -5.41
C6 NAG V . 63.52 79.11 -5.24
C7 NAG V . 60.15 73.41 -4.34
C8 NAG V . 59.14 72.36 -4.65
N2 NAG V . 60.01 74.65 -4.82
O3 NAG V . 59.35 77.07 -3.42
O4 NAG V . 60.76 79.45 -4.24
O5 NAG V . 63.02 76.75 -5.47
O6 NAG V . 64.29 79.24 -6.43
O7 NAG V . 61.13 73.13 -3.64
C1 NAG V . 60.85 80.13 -2.92
C2 NAG V . 60.38 81.61 -3.08
C3 NAG V . 60.51 82.32 -1.70
C4 NAG V . 59.64 81.55 -0.68
C5 NAG V . 60.12 80.09 -0.60
C6 NAG V . 59.28 79.27 0.35
C7 NAG V . 60.77 82.79 -5.18
C8 NAG V . 61.68 83.47 -6.15
N2 NAG V . 61.26 82.28 -4.05
O3 NAG V . 60.08 83.67 -1.80
O4 NAG V . 59.76 82.18 0.59
O5 NAG V . 60.05 79.46 -1.92
O6 NAG V . 59.90 78.04 0.68
O7 NAG V . 59.55 82.72 -5.42
C1 NAG W . -9.61 5.45 61.46
C2 NAG W . -8.89 4.96 60.16
C3 NAG W . -7.65 4.12 60.58
C4 NAG W . -6.71 5.00 61.44
C5 NAG W . -7.51 5.50 62.67
C6 NAG W . -6.65 6.43 63.52
C7 NAG W . -10.31 4.58 58.23
C8 NAG W . -11.24 3.72 57.43
N2 NAG W . -9.79 4.13 59.38
O3 NAG W . -6.98 3.66 59.41
O4 NAG W . -5.62 4.19 61.95
O5 NAG W . -8.70 6.25 62.25
O6 NAG W . -7.36 6.85 64.69
O7 NAG W . -10.01 5.71 57.82
C1 NAG W . -4.30 4.48 61.30
C2 NAG W . -3.17 3.97 62.25
C3 NAG W . -1.80 4.26 61.60
C4 NAG W . -1.74 3.54 60.23
C5 NAG W . -2.90 4.07 59.36
C6 NAG W . -2.94 3.39 57.99
C7 NAG W . -3.43 4.02 64.67
C8 NAG W . -3.53 4.76 65.96
N2 NAG W . -3.27 4.68 63.53
O3 NAG W . -0.76 3.81 62.47
O4 NAG W . -0.49 3.84 59.56
O5 NAG W . -4.18 3.84 60.02
O6 NAG W . -3.02 1.98 58.11
O7 NAG W . -3.49 2.78 64.67
C1 BMA W . 0.48 2.69 59.55
C2 BMA W . 1.54 2.96 58.44
C3 BMA W . 2.52 1.77 58.41
C4 BMA W . 3.17 1.63 59.80
C5 BMA W . 2.07 1.40 60.86
C6 BMA W . 2.65 1.33 62.26
O2 BMA W . 2.24 4.18 58.70
O3 BMA W . 3.52 1.97 57.41
O4 BMA W . 4.08 0.53 59.79
O5 BMA W . 1.12 2.53 60.83
O6 BMA W . 1.66 1.00 63.21
C1 NAG X . 38.08 -40.84 36.22
C2 NAG X . 37.30 -42.20 36.35
C3 NAG X . 35.78 -41.91 36.33
C4 NAG X . 35.43 -40.96 37.51
C5 NAG X . 36.26 -39.66 37.33
C6 NAG X . 36.02 -38.69 38.47
C7 NAG X . 38.57 -44.00 35.31
C8 NAG X . 38.92 -44.85 34.12
N2 NAG X . 37.64 -43.06 35.20
O3 NAG X . 35.05 -43.14 36.48
O4 NAG X . 34.03 -40.62 37.44
O5 NAG X . 37.70 -39.98 37.30
O6 NAG X . 36.71 -37.46 38.26
O7 NAG X . 39.16 -44.18 36.37
C1 NAG X . 33.27 -41.05 38.66
C2 NAG X . 31.88 -40.34 38.64
C3 NAG X . 31.10 -40.77 39.91
C4 NAG X . 30.96 -42.31 39.90
C5 NAG X . 32.37 -42.94 39.89
C6 NAG X . 32.30 -44.46 39.84
C7 NAG X . 31.58 -38.11 37.72
C8 NAG X . 31.80 -36.63 37.76
N2 NAG X . 32.09 -38.89 38.67
O3 NAG X . 29.81 -40.16 39.92
O4 NAG X . 30.26 -42.72 41.07
O5 NAG X . 33.10 -42.48 38.70
O6 NAG X . 31.53 -44.93 38.74
O7 NAG X . 30.92 -38.61 36.79
C1 NAG Y . -24.62 45.12 12.55
C2 NAG Y . -24.05 44.82 11.12
C3 NAG Y . -24.27 46.06 10.24
C4 NAG Y . -25.79 46.33 10.16
C5 NAG Y . -26.31 46.59 11.59
C6 NAG Y . -27.81 46.83 11.60
C7 NAG Y . -22.14 43.31 11.25
C8 NAG Y . -20.68 43.06 11.40
N2 NAG Y . -22.61 44.56 11.26
O3 NAG Y . -23.76 45.80 8.91
O4 NAG Y . -26.01 47.49 9.34
O5 NAG Y . -26.04 45.42 12.43
O6 NAG Y . -28.28 47.14 12.89
O7 NAG Y . -22.91 42.36 11.12
C1 NAG Z . -24.75 31.78 48.74
C2 NAG Z . -24.50 31.72 50.28
C3 NAG Z . -24.50 30.23 50.72
C4 NAG Z . -25.86 29.62 50.37
C5 NAG Z . -26.09 29.73 48.85
C6 NAG Z . -27.45 29.20 48.45
C7 NAG Z . -22.98 33.14 51.54
C8 NAG Z . -21.61 33.70 51.80
N2 NAG Z . -23.16 32.29 50.55
O3 NAG Z . -24.28 30.14 52.14
O4 NAG Z . -25.87 28.25 50.77
O5 NAG Z . -26.02 31.14 48.45
O6 NAG Z . -27.56 29.07 47.03
O7 NAG Z . -23.93 33.49 52.26
C1 NAG AA . -25.21 16.48 24.47
C2 NAG AA . -24.08 15.81 25.33
C3 NAG AA . -23.44 14.69 24.49
C4 NAG AA . -24.54 13.67 24.11
C5 NAG AA . -25.64 14.41 23.30
C6 NAG AA . -26.78 13.48 22.93
C7 NAG AA . -22.82 17.10 26.95
C8 NAG AA . -21.82 18.15 27.31
N2 NAG AA . -23.09 16.83 25.68
O3 NAG AA . -22.42 14.03 25.24
O4 NAG AA . -23.97 12.64 23.31
O5 NAG AA . -26.20 15.50 24.10
O6 NAG AA . -27.71 14.12 22.08
O7 NAG AA . -23.39 16.47 27.86
C1 NAG BA . 7.71 40.96 32.01
C2 NAG BA . 7.47 42.41 31.45
C3 NAG BA . 8.49 43.36 32.11
C4 NAG BA . 8.25 43.34 33.64
C5 NAG BA . 8.46 41.89 34.14
C6 NAG BA . 8.21 41.78 35.63
C7 NAG BA . 6.70 42.37 29.14
C8 NAG BA . 6.96 42.33 27.66
N2 NAG BA . 7.72 42.37 30.00
O3 NAG BA . 8.29 44.69 31.61
O4 NAG BA . 9.18 44.21 34.27
O5 NAG BA . 7.52 40.98 33.46
O6 NAG BA . 6.88 42.18 35.98
O7 NAG BA . 5.53 42.42 29.56
C1 NAG CA . -36.07 18.50 -32.55
C2 NAG CA . -35.44 19.07 -33.87
C3 NAG CA . -35.58 20.60 -33.85
C4 NAG CA . -37.09 20.94 -33.79
C5 NAG CA . -37.68 20.34 -32.49
C6 NAG CA . -39.17 20.60 -32.38
C7 NAG CA . -33.57 17.78 -34.74
C8 NAG CA . -32.11 17.43 -34.76
N2 NAG CA . -34.01 18.70 -33.90
O3 NAG CA . -35.02 21.15 -35.06
O4 NAG CA . -37.25 22.36 -33.78
O5 NAG CA . -37.47 18.89 -32.49
O6 NAG CA . -39.67 20.16 -31.13
O7 NAG CA . -34.35 17.22 -35.52
C1 NAG DA . 6.98 54.37 9.24
C2 NAG DA . 7.23 55.69 8.43
C3 NAG DA . 8.20 56.58 9.24
C4 NAG DA . 7.56 56.88 10.61
C5 NAG DA . 7.30 55.54 11.34
C6 NAG DA . 6.62 55.77 12.69
C7 NAG DA . 7.39 55.90 6.02
C8 NAG DA . 7.99 55.53 4.70
N2 NAG DA . 7.82 55.33 7.13
O3 NAG DA . 8.43 57.81 8.53
O4 NAG DA . 8.45 57.69 11.38
O5 NAG DA . 6.41 54.70 10.53
O6 NAG DA . 6.48 54.55 13.39
O7 NAG DA . 6.48 56.74 6.06
C1 NAG EA . -15.59 39.72 -19.98
C2 NAG EA . -14.76 39.71 -21.32
C3 NAG EA . -15.42 40.68 -22.32
C4 NAG EA . -16.87 40.22 -22.56
C5 NAG EA . -17.63 40.21 -21.22
C6 NAG EA . -19.06 39.71 -21.39
C7 NAG EA . -12.42 39.30 -20.80
C8 NAG EA . -11.04 39.78 -20.48
N2 NAG EA . -13.40 40.17 -21.02
O3 NAG EA . -14.69 40.68 -23.55
O4 NAG EA . -17.50 41.09 -23.49
O5 NAG EA . -16.95 39.33 -20.27
O6 NAG EA . -19.84 39.96 -20.23
O7 NAG EA . -12.66 38.09 -20.84
C1 NAG FA . -8.36 59.35 -20.49
C2 NAG FA . -9.55 58.79 -19.62
C3 NAG FA . -10.74 58.50 -20.55
C4 NAG FA . -11.13 59.80 -21.28
C5 NAG FA . -9.93 60.30 -22.09
C6 NAG FA . -10.23 61.61 -22.80
C7 NAG FA . -8.81 57.55 -17.68
C8 NAG FA . -8.36 56.28 -17.02
N2 NAG FA . -9.12 57.56 -18.96
O3 NAG FA . -11.84 58.01 -19.78
O4 NAG FA . -12.23 59.53 -22.15
O5 NAG FA . -8.79 60.53 -21.19
O6 NAG FA . -9.16 62.01 -23.65
O7 NAG FA . -8.87 58.59 -17.01
C1 NAG GA . 26.44 67.93 -41.56
C2 NAG GA . 27.69 67.86 -42.51
C3 NAG GA . 27.62 69.05 -43.48
C4 NAG GA . 26.31 68.95 -44.28
C5 NAG GA . 25.12 68.99 -43.30
C6 NAG GA . 23.79 68.85 -44.03
C7 NAG GA . 29.54 66.86 -41.28
C8 NAG GA . 30.76 66.96 -40.43
N2 NAG GA . 28.90 67.96 -41.69
O3 NAG GA . 28.75 69.01 -44.37
O4 NAG GA . 26.23 70.05 -45.20
O5 NAG GA . 25.24 67.88 -42.35
O6 NAG GA . 22.71 69.29 -43.22
O7 NAG GA . 29.10 65.75 -41.60
C1 NAG HA . 32.46 70.82 -9.40
C2 NAG HA . 33.44 72.02 -9.17
C3 NAG HA . 33.66 72.18 -7.65
C4 NAG HA . 32.31 72.42 -6.96
C5 NAG HA . 31.39 71.21 -7.24
C6 NAG HA . 30.02 71.38 -6.62
C7 NAG HA . 35.01 72.23 -11.00
C8 NAG HA . 36.33 71.89 -11.66
N2 NAG HA . 34.72 71.73 -9.81
O3 NAG HA . 34.54 73.29 -7.41
O4 NAG HA . 32.51 72.55 -5.55
O5 NAG HA . 31.21 71.06 -8.70
O6 NAG HA . 29.30 70.15 -6.60
O7 NAG HA . 34.21 72.97 -11.60
C1 NAG IA . 23.47 71.82 -27.12
C2 NAG IA . 22.34 71.32 -26.14
C3 NAG IA . 21.11 70.93 -26.97
C4 NAG IA . 20.64 72.16 -27.78
C5 NAG IA . 21.79 72.60 -28.70
C6 NAG IA . 21.42 73.84 -29.50
C7 NAG IA . 22.65 69.96 -24.14
C8 NAG IA . 23.18 68.74 -23.46
N2 NAG IA . 22.85 70.13 -25.44
O3 NAG IA . 20.05 70.50 -26.11
O4 NAG IA . 19.50 71.80 -28.56
O5 NAG IA . 22.97 72.92 -27.90
O6 NAG IA . 22.47 74.24 -30.36
O7 NAG IA . 22.03 70.82 -23.49
C1 NAG JA . -32.05 10.94 41.70
C2 NAG JA . -33.53 11.35 41.34
C3 NAG JA . -34.14 10.15 40.57
C4 NAG JA . -33.30 9.89 39.30
C5 NAG JA . -31.85 9.59 39.71
C6 NAG JA . -30.95 9.35 38.51
C7 NAG JA . -35.30 12.43 42.57
C8 NAG JA . -36.06 12.72 43.83
N2 NAG JA . -34.27 11.61 42.58
O3 NAG JA . -35.50 10.42 40.21
O4 NAG JA . -33.86 8.77 38.61
O5 NAG JA . -31.29 10.70 40.49
O6 NAG JA . -31.09 10.36 37.53
O7 NAG JA . -35.65 12.97 41.51
C1 NAG KA . 3.56 -9.76 -51.88
C2 NAG KA . 4.81 -9.58 -50.95
C3 NAG KA . 6.08 -9.67 -51.81
C4 NAG KA . 6.11 -11.06 -52.49
C5 NAG KA . 4.84 -11.19 -53.37
C6 NAG KA . 4.78 -12.56 -54.05
C7 NAG KA . 4.30 -8.11 -49.08
C8 NAG KA . 4.21 -6.75 -48.46
N2 NAG KA . 4.73 -8.25 -50.32
O3 NAG KA . 7.24 -9.52 -50.97
O4 NAG KA . 7.28 -11.15 -53.30
O5 NAG KA . 3.64 -11.04 -52.54
O6 NAG KA . 3.66 -12.66 -54.91
O7 NAG KA . 3.96 -9.10 -48.42
C1 NAG LA . -34.78 -5.65 -52.50
C2 NAG LA . -36.20 -5.09 -52.89
C3 NAG LA . -37.18 -5.36 -51.73
C4 NAG LA . -37.23 -6.88 -51.47
C5 NAG LA . -35.81 -7.38 -51.12
C6 NAG LA . -35.79 -8.88 -50.91
C7 NAG LA . -36.64 -3.05 -54.13
C8 NAG LA . -36.53 -1.57 -54.31
N2 NAG LA . -36.08 -3.64 -53.09
O3 NAG LA . -38.49 -4.89 -52.07
O4 NAG LA . -38.13 -7.14 -50.39
O5 NAG LA . -34.90 -7.06 -52.22
O6 NAG LA . -34.56 -9.31 -50.35
O7 NAG LA . -37.26 -3.71 -54.97
C1 NAG MA . -18.55 -14.81 -30.71
C2 NAG MA . -19.48 -13.74 -30.05
C3 NAG MA . -19.08 -13.57 -28.58
C4 NAG MA . -19.23 -14.94 -27.88
C5 NAG MA . -18.32 -15.98 -28.59
C6 NAG MA . -18.46 -17.35 -27.98
C7 NAG MA . -20.34 -11.89 -31.38
C8 NAG MA . -20.15 -10.62 -32.14
N2 NAG MA . -19.31 -12.48 -30.79
O3 NAG MA . -19.93 -12.61 -27.95
O4 NAG MA . -18.85 -14.82 -26.52
O5 NAG MA . -18.69 -16.07 -30.00
O6 NAG MA . -17.51 -18.26 -28.54
O7 NAG MA . -21.46 -12.40 -31.31
C1 NAG NA . -12.65 23.89 -45.07
C2 NAG NA . -11.59 23.90 -46.23
C3 NAG NA . -11.72 25.24 -47.00
C4 NAG NA . -13.15 25.32 -47.58
C5 NAG NA . -14.16 25.27 -46.40
C6 NAG NA . -15.60 25.32 -46.89
C7 NAG NA . -9.57 22.68 -45.64
C8 NAG NA . -8.20 22.61 -45.02
N2 NAG NA . -10.25 23.83 -45.63
O3 NAG NA . -10.77 25.26 -48.08
O4 NAG NA . -13.30 26.55 -48.28
O5 NAG NA . -13.98 24.02 -45.64
O6 NAG NA . -15.90 24.23 -47.76
O7 NAG NA . -10.05 21.68 -46.17
C1 NAG OA . 33.39 -36.41 -16.20
C2 NAG OA . 34.87 -35.94 -16.06
C3 NAG OA . 35.45 -35.71 -17.47
C4 NAG OA . 35.37 -37.03 -18.26
C5 NAG OA . 33.89 -37.48 -18.34
C6 NAG OA . 33.73 -38.79 -19.07
C7 NAG OA . 35.37 -34.66 -14.05
C8 NAG OA . 35.40 -33.37 -13.28
N2 NAG OA . 34.91 -34.69 -15.29
O3 NAG OA . 36.82 -35.29 -17.36
O4 NAG OA . 35.89 -36.84 -19.56
O5 NAG OA . 33.34 -37.63 -16.98
O6 NAG OA . 32.37 -39.13 -19.25
O7 NAG OA . 35.78 -35.70 -13.51
C1 NAG PA . 13.35 21.76 -49.38
C2 NAG PA . 14.63 22.15 -50.20
C3 NAG PA . 14.33 23.45 -50.98
C4 NAG PA . 13.13 23.20 -51.91
C5 NAG PA . 11.91 22.78 -51.05
C6 NAG PA . 10.70 22.47 -51.92
C7 NAG PA . 16.94 21.85 -49.51
C8 NAG PA . 18.06 22.06 -48.54
N2 NAG PA . 15.73 22.35 -49.26
O3 NAG PA . 15.48 23.83 -51.75
O4 NAG PA . 12.83 24.40 -52.62
O5 NAG PA . 12.24 21.57 -50.29
O6 NAG PA . 9.56 22.18 -51.12
O7 NAG PA . 17.14 21.20 -50.54
C1 NAG QA . 32.17 -9.24 -33.17
C2 NAG QA . 33.47 -8.73 -32.45
C3 NAG QA . 34.69 -9.33 -33.16
C4 NAG QA . 34.60 -10.86 -33.10
C5 NAG QA . 33.28 -11.31 -33.80
C6 NAG QA . 33.10 -12.82 -33.72
C7 NAG QA . 33.07 -6.50 -31.55
C8 NAG QA . 33.11 -5.01 -31.66
N2 NAG QA . 33.51 -7.26 -32.55
O3 NAG QA . 35.89 -8.89 -32.51
O4 NAG QA . 35.72 -11.43 -33.76
O5 NAG QA . 32.14 -10.69 -33.14
O6 NAG QA . 32.06 -13.26 -34.59
O7 NAG QA . 32.61 -7.03 -30.53
C1 NAG RA . 40.98 2.28 -48.24
C2 NAG RA . 39.85 1.20 -48.41
C3 NAG RA . 40.47 -0.19 -48.19
C4 NAG RA . 41.60 -0.40 -49.21
C5 NAG RA . 42.66 0.70 -49.02
C6 NAG RA . 43.79 0.58 -50.03
C7 NAG RA . 37.66 2.00 -47.74
C8 NAG RA . 36.61 2.25 -46.71
N2 NAG RA . 38.81 1.45 -47.41
O3 NAG RA . 39.47 -1.20 -48.35
O4 NAG RA . 42.19 -1.68 -49.00
O5 NAG RA . 42.04 2.02 -49.18
O6 NAG RA . 44.82 1.52 -49.77
O7 NAG RA . 37.44 2.33 -48.92
C1 NAG SA . 67.10 32.99 -38.08
C2 NAG SA . 68.07 33.96 -37.32
C3 NAG SA . 69.41 33.99 -38.06
C4 NAG SA . 69.98 32.55 -38.09
C5 NAG SA . 68.97 31.64 -38.82
C6 NAG SA . 69.45 30.20 -38.84
C7 NAG SA . 66.74 35.73 -36.29
C8 NAG SA . 66.12 37.09 -36.30
N2 NAG SA . 67.47 35.31 -37.31
O3 NAG SA . 70.32 34.86 -37.38
O4 NAG SA . 71.23 32.57 -38.78
O5 NAG SA . 67.68 31.68 -38.13
O6 NAG SA . 68.77 29.45 -39.84
O7 NAG SA . 66.55 34.98 -35.32
C1 NAG TA . 39.37 46.05 -49.87
C2 NAG TA . 39.72 47.32 -50.73
C3 NAG TA . 38.40 47.89 -51.32
C4 NAG TA . 37.73 46.81 -52.17
C5 NAG TA . 37.43 45.58 -51.28
C6 NAG TA . 36.79 44.45 -52.06
C7 NAG TA . 41.63 48.48 -49.79
C8 NAG TA . 42.23 49.51 -48.89
N2 NAG TA . 40.32 48.33 -49.85
O3 NAG TA . 38.70 49.04 -52.12
O4 NAG TA . 36.51 47.33 -52.71
O5 NAG TA . 38.68 45.08 -50.70
O6 NAG TA . 36.23 43.48 -51.19
O7 NAG TA . 42.38 47.79 -50.50
C1 NAG UA . 55.08 34.11 -47.40
C2 NAG UA . 53.88 33.13 -47.64
C3 NAG UA . 54.36 31.69 -47.38
C4 NAG UA . 55.54 31.37 -48.33
C5 NAG UA . 56.67 32.38 -48.06
C6 NAG UA . 57.84 32.17 -49.00
C7 NAG UA . 51.55 33.50 -47.02
C8 NAG UA . 50.50 33.84 -46.00
N2 NAG UA . 52.83 33.46 -46.67
O3 NAG UA . 53.30 30.76 -47.61
O4 NAG UA . 56.00 30.05 -48.09
O5 NAG UA . 56.18 33.74 -48.26
O6 NAG UA . 58.89 33.09 -48.74
O7 NAG UA . 51.22 33.26 -48.19
C1 NAG VA . -37.16 -19.08 -33.77
C2 NAG VA . -36.82 -20.45 -34.46
C3 NAG VA . -36.65 -21.49 -33.31
C4 NAG VA . -35.50 -21.03 -32.40
C5 NAG VA . -35.85 -19.63 -31.82
C6 NAG VA . -34.75 -19.09 -30.93
C7 NAG VA . -37.71 -21.62 -36.38
C8 NAG VA . -38.83 -22.01 -37.30
N2 NAG VA . -37.94 -20.84 -35.34
O3 NAG VA . -36.35 -22.79 -33.85
O4 NAG VA . -35.35 -21.96 -31.33
O5 NAG VA . -36.07 -18.67 -32.91
O6 NAG VA . -33.46 -19.19 -31.53
O7 NAG VA . -36.56 -22.04 -36.61
C1 NAG WA . 44.10 -9.73 27.58
C2 NAG WA . 43.43 -8.32 27.48
C3 NAG WA . 44.31 -7.31 28.24
C4 NAG WA . 44.41 -7.77 29.72
C5 NAG WA . 45.03 -9.18 29.75
C6 NAG WA . 45.11 -9.71 31.18
C7 NAG WA . 42.24 -8.05 25.37
C8 NAG WA . 42.19 -7.68 23.93
N2 NAG WA . 43.37 -7.93 26.06
O3 NAG WA . 43.73 -6.00 28.17
O4 NAG WA . 45.23 -6.85 30.44
O5 NAG WA . 44.21 -10.10 28.97
O6 NAG WA . 45.76 -10.97 31.22
O7 NAG WA . 41.22 -8.47 25.92
C1 NAG XA . 42.42 -45.20 12.50
C2 NAG XA . 42.85 -46.48 11.72
C3 NAG XA . 41.58 -47.24 11.27
C4 NAG XA . 40.76 -47.61 12.51
C5 NAG XA . 40.38 -46.31 13.26
C6 NAG XA . 39.60 -46.61 14.53
C7 NAG XA . 44.74 -46.66 10.19
C8 NAG XA . 45.48 -46.23 8.97
N2 NAG XA . 43.61 -46.06 10.54
O3 NAG XA . 41.94 -48.43 10.56
O4 NAG XA . 39.57 -48.29 12.10
O5 NAG XA . 41.59 -45.58 13.63
O6 NAG XA . 39.05 -45.43 15.09
O7 NAG XA . 45.18 -47.59 10.88
C1 NAG YA . 20.52 -27.53 18.09
C2 NAG YA . 20.25 -28.02 16.63
C3 NAG YA . 19.00 -27.29 16.09
C4 NAG YA . 17.80 -27.63 17.03
C5 NAG YA . 18.15 -27.17 18.47
C6 NAG YA . 17.04 -27.50 19.44
C7 NAG YA . 22.09 -28.66 15.18
C8 NAG YA . 23.29 -28.33 14.36
N2 NAG YA . 21.42 -27.70 15.81
O3 NAG YA . 18.70 -27.73 14.76
O4 NAG YA . 16.65 -26.95 16.57
O5 NAG YA . 19.38 -27.83 18.93
O6 NAG YA . 17.31 -26.95 20.72
O7 NAG YA . 21.71 -29.83 15.27
C1 NAG ZA . 49.30 -15.49 -9.59
C2 NAG ZA . 50.47 -14.72 -8.88
C3 NAG ZA . 51.68 -14.69 -9.84
C4 NAG ZA . 52.10 -16.15 -10.15
C5 NAG ZA . 50.90 -16.86 -10.81
C6 NAG ZA . 51.22 -18.32 -11.12
C7 NAG ZA . 49.66 -12.99 -7.38
C8 NAG ZA . 49.20 -11.58 -7.12
N2 NAG ZA . 50.02 -13.35 -8.61
O3 NAG ZA . 52.77 -14.00 -9.20
O4 NAG ZA . 53.20 -16.13 -11.05
O5 NAG ZA . 49.74 -16.84 -9.91
O6 NAG ZA . 51.57 -19.05 -9.95
O7 NAG ZA . 49.71 -13.79 -6.45
C1 NAG AB . 4.05 19.42 48.06
C2 NAG AB . 4.25 20.98 48.04
C3 NAG AB . 5.69 21.29 48.49
C4 NAG AB . 5.88 20.73 49.91
C5 NAG AB . 5.64 19.20 49.88
C6 NAG AB . 5.78 18.58 51.26
C7 NAG AB . 2.95 22.17 46.36
C8 NAG AB . 2.76 22.67 44.96
N2 NAG AB . 4.04 21.47 46.67
O3 NAG AB . 5.90 22.71 48.50
O4 NAG AB . 7.22 20.99 50.35
O5 NAG AB . 4.29 18.92 49.40
O6 NAG AB . 5.68 17.17 51.21
O7 NAG AB . 2.10 22.42 47.22
C1 NAG BB . 55.02 7.73 1.67
C2 NAG BB . 56.05 8.87 2.00
C3 NAG BB . 57.24 8.75 1.02
C4 NAG BB . 57.87 7.35 1.20
C5 NAG BB . 56.80 6.27 0.91
C6 NAG BB . 57.36 4.88 1.11
C7 NAG BB . 55.54 11.13 2.73
C8 NAG BB . 54.84 12.44 2.55
N2 NAG BB . 55.38 10.16 1.83
O3 NAG BB . 58.21 9.76 1.30
O4 NAG BB . 58.96 7.22 0.29
O5 NAG BB . 55.67 6.45 1.81
O6 NAG BB . 56.41 3.88 0.74
O7 NAG BB . 56.25 10.95 3.73
C1 NAG CB . 30.02 21.38 29.36
C2 NAG CB . 29.69 22.88 29.05
C3 NAG CB . 30.23 23.75 30.21
C4 NAG CB . 29.57 23.30 31.52
C5 NAG CB . 29.90 21.80 31.76
C6 NAG CB . 29.23 21.28 33.02
C7 NAG CB . 29.69 23.23 26.65
C8 NAG CB . 30.38 23.60 25.38
N2 NAG CB . 30.35 23.26 27.80
O3 NAG CB . 29.93 25.13 29.96
O4 NAG CB . 30.07 24.08 32.60
O5 NAG CB . 29.42 21.01 30.63
O6 NAG CB . 29.75 20.01 33.39
O7 NAG CB . 28.50 22.87 26.62
C1 NAG DB . 49.18 29.41 26.97
C2 NAG DB . 48.81 28.04 27.65
C3 NAG DB . 48.12 28.34 29.00
C4 NAG DB . 49.10 29.14 29.88
C5 NAG DB . 49.45 30.46 29.16
C6 NAG DB . 50.44 31.29 29.95
C7 NAG DB . 48.29 26.29 26.04
C8 NAG DB . 47.33 25.58 25.15
N2 NAG DB . 47.88 27.32 26.77
O3 NAG DB . 47.79 27.10 29.65
O4 NAG DB . 48.47 29.43 31.12
O5 NAG DB . 50.05 30.16 27.85
O6 NAG DB . 50.67 32.55 29.34
O7 NAG DB . 49.47 25.94 26.09
C1 NAG EB . 54.42 63.74 4.11
C2 NAG EB . 54.19 65.05 3.27
C3 NAG EB . 55.01 66.18 3.91
C4 NAG EB . 54.54 66.36 5.37
C5 NAG EB . 54.75 65.03 6.14
C6 NAG EB . 54.27 65.13 7.57
C7 NAG EB . 53.80 64.43 0.95
C8 NAG EB . 54.28 64.18 -0.44
N2 NAG EB . 54.66 64.81 1.90
O3 NAG EB . 54.82 67.39 3.18
O4 NAG EB . 55.30 67.41 5.98
O5 NAG EB . 54.01 63.97 5.48
O6 NAG EB . 54.82 64.10 8.38
O7 NAG EB . 52.60 64.28 1.23
C1 NAG FB . 67.51 38.20 -11.85
C2 NAG FB . 68.82 38.66 -12.58
C3 NAG FB . 69.45 37.44 -13.28
C4 NAG FB . 69.75 36.36 -12.24
C5 NAG FB . 68.43 35.96 -11.54
C6 NAG FB . 68.64 34.92 -10.46
C7 NAG FB . 68.61 40.95 -13.36
C8 NAG FB . 68.24 41.96 -14.41
N2 NAG FB . 68.47 39.66 -13.60
O3 NAG FB . 70.67 37.83 -13.94
O4 NAG FB . 70.32 35.22 -12.87
O5 NAG FB . 67.83 37.14 -10.92
O6 NAG FB . 67.41 34.32 -10.07
O7 NAG FB . 69.06 41.35 -12.27
C1 NAG GB . 62.18 50.70 2.67
C2 NAG GB . 61.90 49.27 3.26
C3 NAG GB . 61.16 49.43 4.60
C4 NAG GB . 62.02 50.28 5.56
C5 NAG GB . 62.28 51.65 4.92
C6 NAG GB . 63.17 52.51 5.79
C7 NAG GB . 61.25 47.28 2.01
C8 NAG GB . 60.34 46.58 1.04
N2 NAG GB . 61.04 48.55 2.31
O3 NAG GB . 60.90 48.15 5.18
O4 NAG GB . 61.33 50.44 6.80
O5 NAG GB . 62.94 51.47 3.63
O6 NAG GB . 63.40 53.78 5.19
O7 NAG GB . 62.19 46.67 2.53
C1 NAG HB . 19.80 -46.84 17.30
C2 NAG HB . 19.93 -47.00 18.85
C3 NAG HB . 18.50 -46.85 19.43
C4 NAG HB . 17.96 -45.46 19.05
C5 NAG HB . 17.93 -45.33 17.52
C6 NAG HB . 17.43 -43.96 17.06
C7 NAG HB . 21.16 -48.52 20.29
C8 NAG HB . 21.73 -49.87 20.61
N2 NAG HB . 20.48 -48.33 19.16
O3 NAG HB . 18.51 -46.99 20.86
O4 NAG HB . 16.63 -45.33 19.56
O5 NAG HB . 19.28 -45.53 16.96
O6 NAG HB . 18.08 -42.90 17.74
O7 NAG HB . 21.31 -47.58 21.08
#